data_6TAZ
#
_entry.id   6TAZ
#
_entity_poly.entity_id   1
_entity_poly.type   'polypeptide(L)'
_entity_poly.pdbx_seq_one_letter_code
;DPSRRAPTWSPEEEAHLRELYLANKDVEGQDVVEAILAHLNTVPRTRKQIIHHLVQMGLADSVKDFQRKGTHIVLWTGDQ
ELELQRLFEEFRDSDDVLGHIMKNITAKRSRARIVDKLLALGLVAERRELYKKRQKKLASS
;
_entity_poly.pdbx_strand_id   B
#
# COMPACT_ATOMS: atom_id res chain seq x y z
N ASP A 1 -1.86 21.33 16.07
CA ASP A 1 -0.64 22.11 15.74
C ASP A 1 -0.78 22.75 14.36
N PRO A 2 -0.14 23.93 14.16
CA PRO A 2 -0.43 24.85 13.05
C PRO A 2 -0.61 24.21 11.67
N SER A 3 0.46 23.70 11.09
CA SER A 3 0.42 23.24 9.70
C SER A 3 1.16 21.92 9.52
N ARG A 4 0.95 21.01 10.45
CA ARG A 4 1.61 19.72 10.44
C ARG A 4 0.58 18.60 10.40
N ARG A 5 1.01 17.38 10.72
CA ARG A 5 0.12 16.23 10.79
C ARG A 5 -0.87 16.34 11.97
N ALA A 6 -1.71 17.36 11.91
CA ALA A 6 -2.64 17.63 12.99
C ALA A 6 -3.99 17.00 12.74
N PRO A 7 -4.46 16.20 13.69
CA PRO A 7 -5.83 15.73 13.67
C PRO A 7 -6.81 16.71 14.28
N THR A 8 -7.75 17.13 13.49
CA THR A 8 -8.99 17.68 14.00
C THR A 8 -10.12 17.09 13.17
N TRP A 9 -10.67 15.99 13.64
CA TRP A 9 -11.59 15.21 12.83
C TRP A 9 -12.78 14.75 13.65
N SER A 10 -13.78 14.29 12.93
CA SER A 10 -14.96 13.70 13.54
C SER A 10 -15.46 12.61 12.59
N PRO A 11 -16.37 11.73 13.04
CA PRO A 11 -16.97 10.73 12.15
C PRO A 11 -17.57 11.39 10.90
N GLU A 12 -18.05 12.61 11.11
CA GLU A 12 -18.60 13.43 10.03
C GLU A 12 -17.49 13.98 9.13
N GLU A 13 -16.42 14.47 9.75
CA GLU A 13 -15.32 15.07 8.99
C GLU A 13 -14.60 14.03 8.14
N GLU A 14 -14.41 12.83 8.68
CA GLU A 14 -13.75 11.78 7.93
C GLU A 14 -14.72 11.18 6.91
N ALA A 15 -16.02 11.34 7.14
CA ALA A 15 -17.02 11.01 6.13
C ALA A 15 -16.98 12.05 5.01
N HIS A 16 -16.50 13.22 5.38
CA HIS A 16 -16.27 14.31 4.44
C HIS A 16 -14.91 14.12 3.76
N LEU A 17 -14.03 13.37 4.41
CA LEU A 17 -12.75 13.04 3.85
C LEU A 17 -12.94 12.00 2.76
N ARG A 18 -13.72 10.97 3.08
CA ARG A 18 -14.10 9.99 2.10
C ARG A 18 -14.99 10.65 1.07
N GLU A 19 -15.79 11.62 1.52
CA GLU A 19 -16.67 12.38 0.64
C GLU A 19 -15.88 12.92 -0.55
N LEU A 20 -14.83 13.67 -0.26
CA LEU A 20 -13.98 14.27 -1.30
C LEU A 20 -13.24 13.20 -2.10
N TYR A 21 -12.88 12.11 -1.44
CA TYR A 21 -12.13 11.04 -2.09
C TYR A 21 -13.02 10.35 -3.11
N LEU A 22 -14.22 10.00 -2.68
CA LEU A 22 -15.17 9.31 -3.54
C LEU A 22 -15.59 10.19 -4.70
N ALA A 23 -15.61 11.50 -4.46
CA ALA A 23 -16.02 12.46 -5.48
C ALA A 23 -14.93 12.69 -6.50
N ASN A 24 -13.68 12.67 -6.06
CA ASN A 24 -12.55 13.02 -6.93
C ASN A 24 -11.74 11.79 -7.33
N LYS A 25 -12.22 10.60 -6.98
CA LYS A 25 -11.61 9.36 -7.45
C LYS A 25 -12.20 9.00 -8.81
N ASP A 26 -13.29 9.66 -9.16
CA ASP A 26 -14.02 9.38 -10.39
C ASP A 26 -13.24 9.89 -11.59
N VAL A 27 -12.53 11.00 -11.39
CA VAL A 27 -11.67 11.57 -12.42
C VAL A 27 -10.39 10.73 -12.55
N GLU A 28 -9.93 10.53 -13.76
CA GLU A 28 -8.84 9.60 -14.01
C GLU A 28 -7.53 10.32 -14.32
N GLY A 29 -6.43 9.81 -13.78
CA GLY A 29 -5.12 10.36 -14.05
C GLY A 29 -4.88 11.69 -13.36
N GLN A 30 -5.64 11.93 -12.30
CA GLN A 30 -5.53 13.17 -11.56
C GLN A 30 -4.92 12.91 -10.17
N ASP A 31 -4.45 13.96 -9.51
CA ASP A 31 -3.97 13.85 -8.13
C ASP A 31 -5.15 13.86 -7.18
N VAL A 32 -5.62 12.68 -6.80
CA VAL A 32 -6.78 12.58 -5.95
C VAL A 32 -6.47 13.10 -4.54
N VAL A 33 -5.21 12.95 -4.14
CA VAL A 33 -4.78 13.37 -2.82
C VAL A 33 -4.94 14.87 -2.66
N GLU A 34 -4.37 15.63 -3.60
CA GLU A 34 -4.46 17.08 -3.57
C GLU A 34 -5.90 17.55 -3.72
N ALA A 35 -6.68 16.83 -4.50
CA ALA A 35 -8.10 17.17 -4.66
C ALA A 35 -8.76 17.19 -3.28
N ILE A 36 -8.53 16.14 -2.53
CA ILE A 36 -9.06 16.07 -1.17
C ILE A 36 -8.38 17.11 -0.30
N LEU A 37 -7.05 16.96 -0.14
CA LEU A 37 -6.22 17.82 0.70
C LEU A 37 -6.58 19.30 0.58
N ALA A 38 -6.77 19.75 -0.65
CA ALA A 38 -6.88 21.16 -0.94
C ALA A 38 -8.30 21.69 -0.79
N HIS A 39 -9.31 20.83 -0.89
CA HIS A 39 -10.68 21.31 -0.87
C HIS A 39 -11.29 21.33 0.53
N LEU A 40 -10.87 20.44 1.43
CA LEU A 40 -11.41 20.49 2.78
C LEU A 40 -10.49 21.28 3.70
N ASN A 41 -10.61 22.61 3.64
CA ASN A 41 -9.77 23.50 4.44
C ASN A 41 -10.37 23.65 5.84
N THR A 42 -10.88 22.54 6.34
CA THR A 42 -11.53 22.49 7.64
C THR A 42 -10.52 22.13 8.73
N VAL A 43 -9.50 21.38 8.33
CA VAL A 43 -8.52 20.87 9.27
C VAL A 43 -7.11 21.03 8.72
N PRO A 44 -6.21 21.64 9.51
CA PRO A 44 -4.80 21.81 9.13
C PRO A 44 -4.01 20.51 9.33
N ARG A 45 -3.84 19.78 8.25
CA ARG A 45 -3.14 18.50 8.31
C ARG A 45 -2.34 18.24 7.03
N THR A 46 -1.20 17.58 7.18
CA THR A 46 -0.26 17.37 6.10
C THR A 46 -0.79 16.40 5.03
N ARG A 47 -0.01 16.27 3.96
CA ARG A 47 -0.34 15.38 2.84
C ARG A 47 -0.54 13.95 3.31
N LYS A 48 0.30 13.55 4.26
CA LYS A 48 0.26 12.20 4.83
C LYS A 48 -1.09 11.91 5.49
N GLN A 49 -1.78 12.96 5.93
CA GLN A 49 -3.00 12.81 6.71
C GLN A 49 -4.18 12.40 5.85
N ILE A 50 -4.28 12.93 4.64
CA ILE A 50 -5.33 12.49 3.72
C ILE A 50 -5.12 11.02 3.37
N ILE A 51 -3.88 10.69 3.00
CA ILE A 51 -3.52 9.32 2.66
C ILE A 51 -3.80 8.40 3.84
N HIS A 52 -3.32 8.83 5.00
CA HIS A 52 -3.42 8.06 6.22
C HIS A 52 -4.84 7.61 6.51
N HIS A 53 -5.74 8.57 6.68
CA HIS A 53 -7.09 8.26 7.15
C HIS A 53 -7.89 7.50 6.09
N LEU A 54 -7.51 7.66 4.84
CA LEU A 54 -8.25 7.02 3.74
C LEU A 54 -7.90 5.55 3.64
N VAL A 55 -6.63 5.22 3.68
CA VAL A 55 -6.23 3.82 3.64
C VAL A 55 -6.50 3.16 4.99
N GLN A 56 -6.62 3.98 6.02
CA GLN A 56 -6.95 3.48 7.35
C GLN A 56 -8.45 3.20 7.50
N MET A 57 -9.29 3.95 6.77
CA MET A 57 -10.72 3.70 6.82
C MET A 57 -11.10 2.57 5.87
N GLY A 58 -10.10 2.00 5.22
CA GLY A 58 -10.31 0.83 4.38
C GLY A 58 -11.11 1.13 3.13
N LEU A 59 -11.13 2.38 2.72
CA LEU A 59 -11.83 2.74 1.49
C LEU A 59 -10.79 3.03 0.42
N ALA A 60 -9.54 3.07 0.85
CA ALA A 60 -8.41 3.20 -0.07
C ALA A 60 -7.50 1.99 0.04
N ASP A 61 -6.60 1.83 -0.94
CA ASP A 61 -5.74 0.66 -0.99
C ASP A 61 -4.51 0.82 -0.11
N SER A 62 -3.63 1.75 -0.50
CA SER A 62 -2.35 1.89 0.16
C SER A 62 -1.78 3.29 -0.06
N VAL A 63 -0.75 3.61 0.71
CA VAL A 63 -0.02 4.87 0.57
C VAL A 63 0.61 4.94 -0.83
N LYS A 64 1.04 3.78 -1.29
CA LYS A 64 1.69 3.64 -2.59
C LYS A 64 0.83 4.21 -3.71
N ASP A 65 -0.43 3.80 -3.69
CA ASP A 65 -1.37 4.10 -4.78
C ASP A 65 -1.64 5.60 -4.88
N PHE A 66 -1.36 6.32 -3.81
CA PHE A 66 -1.81 7.70 -3.71
C PHE A 66 -0.93 8.66 -4.49
N GLN A 67 0.37 8.63 -4.26
CA GLN A 67 1.20 9.67 -4.85
C GLN A 67 2.70 9.37 -4.87
N ARG A 68 3.14 8.22 -4.36
CA ARG A 68 4.58 8.03 -4.18
C ARG A 68 5.05 6.69 -4.73
N LYS A 69 6.36 6.52 -4.72
CA LYS A 69 6.99 5.28 -5.16
C LYS A 69 6.54 4.12 -4.28
N GLY A 70 6.14 3.04 -4.94
CA GLY A 70 5.61 1.87 -4.26
C GLY A 70 6.49 1.37 -3.13
N THR A 71 5.96 1.46 -1.92
CA THR A 71 6.60 0.86 -0.76
C THR A 71 5.68 -0.17 -0.12
N HIS A 72 6.02 -1.45 -0.26
CA HIS A 72 5.21 -2.54 0.28
C HIS A 72 5.17 -2.51 1.81
N ILE A 73 5.85 -1.52 2.38
CA ILE A 73 6.35 -1.51 3.76
C ILE A 73 5.83 -2.61 4.66
N VAL A 74 6.77 -3.45 5.06
CA VAL A 74 6.58 -4.40 6.13
C VAL A 74 6.10 -3.66 7.36
N LEU A 75 4.98 -4.12 7.90
CA LEU A 75 4.32 -3.49 9.03
C LEU A 75 5.31 -3.16 10.16
N TRP A 76 5.75 -1.92 10.18
CA TRP A 76 6.77 -1.48 11.11
C TRP A 76 6.14 -1.05 12.43
N THR A 77 6.38 -1.84 13.46
CA THR A 77 5.91 -1.53 14.80
C THR A 77 7.09 -1.09 15.66
N GLY A 78 6.79 -0.54 16.83
CA GLY A 78 7.84 -0.04 17.71
C GLY A 78 8.89 -1.08 18.04
N ASP A 79 8.44 -2.29 18.36
CA ASP A 79 9.35 -3.39 18.68
C ASP A 79 10.16 -3.79 17.46
N GLN A 80 9.52 -3.82 16.31
CA GLN A 80 10.17 -4.25 15.08
C GLN A 80 11.24 -3.25 14.66
N GLU A 81 10.93 -1.95 14.83
CA GLU A 81 11.91 -0.91 14.54
C GLU A 81 13.11 -1.07 15.46
N LEU A 82 12.85 -1.53 16.68
CA LEU A 82 13.88 -1.71 17.66
C LEU A 82 14.85 -2.81 17.25
N GLU A 83 14.34 -3.84 16.60
CA GLU A 83 15.20 -4.90 16.07
C GLU A 83 16.27 -4.29 15.20
N LEU A 84 15.80 -3.57 14.19
CA LEU A 84 16.65 -2.95 13.21
C LEU A 84 17.54 -1.89 13.86
N GLN A 85 16.95 -1.08 14.72
CA GLN A 85 17.67 0.01 15.38
C GLN A 85 18.87 -0.52 16.15
N ARG A 86 18.63 -1.48 17.06
CA ARG A 86 19.70 -2.00 17.91
C ARG A 86 20.75 -2.76 17.10
N LEU A 87 20.30 -3.72 16.31
CA LEU A 87 21.24 -4.55 15.54
C LEU A 87 22.11 -3.72 14.63
N PHE A 88 21.52 -2.72 13.98
CA PHE A 88 22.24 -1.83 13.10
C PHE A 88 23.44 -1.21 13.79
N GLU A 89 23.23 -0.67 14.97
CA GLU A 89 24.31 0.03 15.67
C GLU A 89 25.25 -0.95 16.36
N GLU A 90 24.79 -2.18 16.52
CA GLU A 90 25.58 -3.20 17.20
C GLU A 90 26.51 -3.92 16.22
N PHE A 91 26.14 -3.92 14.95
CA PHE A 91 26.96 -4.52 13.92
C PHE A 91 27.35 -3.48 12.88
N ARG A 92 27.26 -2.21 13.26
CA ARG A 92 27.59 -1.11 12.36
C ARG A 92 29.09 -1.08 12.12
N ASP A 93 29.84 -1.52 13.12
CA ASP A 93 31.30 -1.60 13.04
C ASP A 93 31.72 -2.93 12.43
N SER A 94 30.96 -3.39 11.46
CA SER A 94 31.27 -4.62 10.76
C SER A 94 31.47 -4.36 9.28
N ASP A 95 31.80 -5.41 8.53
CA ASP A 95 32.06 -5.28 7.10
C ASP A 95 30.77 -5.15 6.29
N ASP A 96 29.66 -5.52 6.91
CA ASP A 96 28.35 -5.36 6.31
C ASP A 96 27.28 -5.59 7.36
N VAL A 97 26.75 -4.51 7.90
CA VAL A 97 25.80 -4.61 9.00
C VAL A 97 24.47 -5.21 8.53
N LEU A 98 24.04 -4.88 7.31
CA LEU A 98 22.77 -5.40 6.80
C LEU A 98 22.82 -6.90 6.61
N GLY A 99 23.98 -7.41 6.24
CA GLY A 99 24.18 -8.84 6.19
C GLY A 99 23.85 -9.48 7.52
N HIS A 100 24.27 -8.84 8.61
CA HIS A 100 23.98 -9.35 9.94
C HIS A 100 22.53 -9.11 10.30
N ILE A 101 22.00 -7.97 9.85
CA ILE A 101 20.63 -7.58 10.15
C ILE A 101 19.64 -8.66 9.69
N MET A 102 19.91 -9.30 8.56
CA MET A 102 19.03 -10.35 8.05
C MET A 102 19.29 -11.69 8.71
N LYS A 103 20.53 -11.96 9.05
CA LYS A 103 20.90 -13.26 9.60
C LYS A 103 20.47 -13.39 11.07
N ASN A 104 20.57 -12.29 11.80
CA ASN A 104 20.34 -12.32 13.25
C ASN A 104 18.97 -11.75 13.60
N ILE A 105 18.08 -11.69 12.62
CA ILE A 105 16.82 -10.98 12.80
C ILE A 105 15.64 -11.93 12.99
N THR A 106 14.55 -11.34 13.43
CA THR A 106 13.27 -12.00 13.49
C THR A 106 12.52 -11.87 12.15
N ALA A 107 12.52 -10.67 11.56
CA ALA A 107 11.75 -10.41 10.34
C ALA A 107 12.63 -10.45 9.09
N LYS A 108 12.20 -11.21 8.11
CA LYS A 108 12.90 -11.30 6.84
C LYS A 108 12.52 -10.12 5.94
N ARG A 109 13.41 -9.14 5.85
CA ARG A 109 13.15 -7.93 5.08
C ARG A 109 14.12 -7.82 3.90
N SER A 110 13.94 -6.78 3.09
CA SER A 110 14.80 -6.54 1.93
C SER A 110 15.85 -5.48 2.26
N ARG A 111 16.94 -5.47 1.49
CA ARG A 111 18.01 -4.49 1.67
C ARG A 111 17.47 -3.07 1.47
N ALA A 112 16.77 -2.86 0.36
CA ALA A 112 16.19 -1.56 0.04
C ALA A 112 15.19 -1.13 1.10
N ARG A 113 14.50 -2.10 1.65
CA ARG A 113 13.50 -1.85 2.68
C ARG A 113 14.15 -1.41 3.99
N ILE A 114 15.30 -2.00 4.28
CA ILE A 114 16.03 -1.68 5.50
C ILE A 114 16.75 -0.33 5.38
N VAL A 115 17.42 -0.11 4.26
CA VAL A 115 18.20 1.12 4.08
C VAL A 115 17.30 2.35 4.10
N ASP A 116 16.10 2.24 3.53
CA ASP A 116 15.13 3.32 3.55
C ASP A 116 14.71 3.63 4.98
N LYS A 117 14.52 2.57 5.76
CA LYS A 117 14.06 2.74 7.13
C LYS A 117 15.16 3.30 8.03
N LEU A 118 16.42 3.01 7.72
CA LEU A 118 17.52 3.62 8.46
C LEU A 118 17.49 5.13 8.32
N LEU A 119 17.35 5.59 7.08
CA LEU A 119 17.30 7.01 6.77
C LEU A 119 16.12 7.67 7.47
N ALA A 120 15.03 6.92 7.56
CA ALA A 120 13.81 7.43 8.17
C ALA A 120 13.97 7.59 9.67
N LEU A 121 14.66 6.64 10.31
CA LEU A 121 14.97 6.73 11.73
C LEU A 121 16.05 7.77 11.99
N GLY A 122 16.86 8.02 10.98
CA GLY A 122 18.00 8.89 11.14
C GLY A 122 19.19 8.15 11.71
N LEU A 123 19.28 6.86 11.38
CA LEU A 123 20.39 6.04 11.85
C LEU A 123 21.61 6.32 11.02
N VAL A 124 21.37 6.73 9.79
CA VAL A 124 22.42 7.14 8.88
C VAL A 124 21.98 8.35 8.08
N ALA A 125 22.89 8.86 7.26
CA ALA A 125 22.59 9.97 6.38
C ALA A 125 22.65 9.52 4.93
N GLU A 126 23.13 8.30 4.73
CA GLU A 126 23.24 7.72 3.40
C GLU A 126 23.45 6.22 3.51
N ARG A 127 23.47 5.54 2.36
CA ARG A 127 23.60 4.08 2.34
C ARG A 127 25.03 3.61 2.53
N ARG A 128 26.02 4.45 2.25
CA ARG A 128 27.41 4.01 2.31
C ARG A 128 27.88 3.77 3.75
N GLU A 129 27.25 4.47 4.70
CA GLU A 129 27.66 4.36 6.10
C GLU A 129 27.39 2.97 6.64
N LEU A 130 26.41 2.31 6.06
CA LEU A 130 26.02 0.97 6.48
C LEU A 130 26.73 -0.10 5.66
N TYR A 131 27.59 0.35 4.75
CA TYR A 131 28.36 -0.56 3.91
C TYR A 131 29.84 -0.22 4.01
N LYS A 132 30.31 -0.01 5.22
CA LYS A 132 31.69 0.37 5.46
C LYS A 132 32.46 -0.76 6.14
N LYS A 133 33.70 -0.47 6.51
CA LYS A 133 34.56 -1.42 7.20
C LYS A 133 34.40 -1.25 8.70
N ARG A 134 34.99 -2.17 9.47
CA ARG A 134 34.97 -2.07 10.93
C ARG A 134 35.68 -0.81 11.43
N GLN A 135 34.97 0.29 11.37
CA GLN A 135 35.46 1.57 11.86
C GLN A 135 34.92 1.85 13.26
N LYS A 136 35.66 2.62 14.04
CA LYS A 136 35.15 3.10 15.33
C LYS A 136 35.40 4.59 15.47
N LYS A 137 34.64 5.34 14.69
CA LYS A 137 34.67 6.79 14.72
C LYS A 137 33.23 7.28 14.62
N LEU A 138 32.96 8.45 15.15
CA LEU A 138 31.64 9.06 15.04
C LEU A 138 31.13 8.97 13.60
N ALA A 139 30.18 8.07 13.37
CA ALA A 139 29.71 7.78 12.03
C ALA A 139 28.71 8.83 11.57
N SER A 140 29.22 9.95 11.12
CA SER A 140 28.40 10.99 10.55
C SER A 140 28.99 11.45 9.23
N SER A 141 28.60 10.79 8.16
CA SER A 141 29.09 11.14 6.83
C SER A 141 28.36 12.38 6.32
N ASP A 1 5.02 21.10 12.32
CA ASP A 1 4.98 21.97 11.13
C ASP A 1 4.06 23.16 11.36
N PRO A 2 4.39 24.33 10.77
CA PRO A 2 3.58 25.55 10.93
C PRO A 2 2.14 25.39 10.42
N SER A 3 1.99 24.97 9.17
CA SER A 3 0.67 24.83 8.59
C SER A 3 0.15 23.41 8.76
N ARG A 4 1.06 22.45 8.74
CA ARG A 4 0.67 21.05 8.79
C ARG A 4 0.56 20.59 10.24
N ARG A 5 -0.66 20.62 10.76
CA ARG A 5 -0.96 20.11 12.09
C ARG A 5 -1.68 18.78 11.99
N ALA A 6 -1.49 17.93 12.97
CA ALA A 6 -2.28 16.71 13.04
C ALA A 6 -3.21 16.71 14.23
N PRO A 7 -4.49 16.94 13.99
CA PRO A 7 -5.50 16.86 15.01
C PRO A 7 -6.33 15.58 14.89
N THR A 8 -7.21 15.36 15.85
CA THR A 8 -8.14 14.25 15.76
C THR A 8 -9.40 14.69 15.03
N TRP A 9 -9.75 13.96 13.98
CA TRP A 9 -10.86 14.33 13.12
C TRP A 9 -12.19 14.05 13.80
N SER A 10 -13.18 14.89 13.49
CA SER A 10 -14.53 14.63 13.91
C SER A 10 -15.16 13.62 12.95
N PRO A 11 -16.10 12.79 13.42
CA PRO A 11 -16.74 11.74 12.61
C PRO A 11 -17.19 12.24 11.24
N GLU A 12 -17.83 13.40 11.22
CA GLU A 12 -18.36 13.97 9.99
C GLU A 12 -17.24 14.41 9.06
N GLU A 13 -16.07 14.71 9.61
CA GLU A 13 -14.96 15.20 8.80
C GLU A 13 -14.26 14.04 8.09
N GLU A 14 -14.20 12.88 8.75
CA GLU A 14 -13.63 11.70 8.10
C GLU A 14 -14.60 11.12 7.08
N ALA A 15 -15.90 11.33 7.32
CA ALA A 15 -16.91 10.99 6.33
C ALA A 15 -16.78 11.93 5.14
N HIS A 16 -16.46 13.18 5.44
CA HIS A 16 -16.19 14.20 4.45
C HIS A 16 -14.87 13.92 3.74
N LEU A 17 -13.98 13.25 4.44
CA LEU A 17 -12.70 12.86 3.87
C LEU A 17 -12.92 11.86 2.75
N ARG A 18 -13.72 10.83 3.02
CA ARG A 18 -14.07 9.87 2.00
C ARG A 18 -15.06 10.50 1.04
N GLU A 19 -15.87 11.43 1.54
CA GLU A 19 -16.80 12.19 0.72
C GLU A 19 -16.09 12.74 -0.52
N LEU A 20 -14.95 13.38 -0.27
CA LEU A 20 -14.14 13.98 -1.32
C LEU A 20 -13.48 12.91 -2.19
N TYR A 21 -13.04 11.81 -1.56
CA TYR A 21 -12.32 10.75 -2.26
C TYR A 21 -13.25 10.00 -3.20
N LEU A 22 -14.41 9.63 -2.68
CA LEU A 22 -15.39 8.89 -3.45
C LEU A 22 -15.81 9.66 -4.68
N ALA A 23 -15.81 10.98 -4.56
CA ALA A 23 -16.24 11.86 -5.64
C ALA A 23 -15.16 12.03 -6.71
N ASN A 24 -13.91 12.18 -6.30
CA ASN A 24 -12.84 12.56 -7.24
C ASN A 24 -11.90 11.39 -7.53
N LYS A 25 -12.35 10.17 -7.26
CA LYS A 25 -11.52 8.98 -7.43
C LYS A 25 -11.52 8.51 -8.88
N ASP A 26 -12.44 9.03 -9.68
CA ASP A 26 -12.63 8.54 -11.03
C ASP A 26 -12.02 9.49 -12.05
N VAL A 27 -11.18 10.40 -11.57
CA VAL A 27 -10.51 11.37 -12.43
C VAL A 27 -9.02 11.07 -12.48
N GLU A 28 -8.57 10.56 -13.62
CA GLU A 28 -7.16 10.26 -13.80
C GLU A 28 -6.43 11.46 -14.38
N GLY A 29 -5.13 11.52 -14.13
CA GLY A 29 -4.34 12.67 -14.52
C GLY A 29 -4.44 13.77 -13.49
N GLN A 30 -5.08 13.43 -12.39
CA GLN A 30 -5.32 14.35 -11.29
C GLN A 30 -4.84 13.73 -9.99
N ASP A 31 -4.46 14.56 -9.03
CA ASP A 31 -4.14 14.08 -7.70
C ASP A 31 -5.43 13.90 -6.91
N VAL A 32 -5.87 12.66 -6.76
CA VAL A 32 -7.09 12.39 -6.00
C VAL A 32 -6.94 12.94 -4.59
N VAL A 33 -5.72 12.85 -4.06
CA VAL A 33 -5.41 13.32 -2.73
C VAL A 33 -5.61 14.81 -2.65
N GLU A 34 -5.01 15.50 -3.61
CA GLU A 34 -5.00 16.94 -3.65
C GLU A 34 -6.41 17.48 -3.85
N ALA A 35 -7.22 16.72 -4.58
CA ALA A 35 -8.63 17.05 -4.73
C ALA A 35 -9.30 17.10 -3.36
N ILE A 36 -9.05 16.07 -2.58
CA ILE A 36 -9.63 15.96 -1.26
C ILE A 36 -9.09 17.04 -0.33
N LEU A 37 -7.80 16.97 -0.08
CA LEU A 37 -7.17 17.76 0.98
C LEU A 37 -7.19 19.27 0.71
N ALA A 38 -7.37 19.65 -0.54
CA ALA A 38 -7.39 21.06 -0.89
C ALA A 38 -8.79 21.63 -0.79
N HIS A 39 -9.80 20.82 -1.10
CA HIS A 39 -11.18 21.29 -1.08
C HIS A 39 -11.70 21.40 0.35
N LEU A 40 -11.18 20.56 1.24
CA LEU A 40 -11.55 20.64 2.64
C LEU A 40 -10.41 21.21 3.48
N ASN A 41 -10.28 22.53 3.46
CA ASN A 41 -9.27 23.20 4.28
C ASN A 41 -9.85 23.52 5.65
N THR A 42 -10.65 22.58 6.13
CA THR A 42 -11.28 22.67 7.44
C THR A 42 -10.26 22.27 8.52
N VAL A 43 -9.30 21.46 8.10
CA VAL A 43 -8.23 21.00 8.98
C VAL A 43 -6.88 21.30 8.36
N PRO A 44 -6.01 22.04 9.07
CA PRO A 44 -4.64 22.30 8.61
C PRO A 44 -3.73 21.12 8.87
N ARG A 45 -3.44 20.32 7.85
CA ARG A 45 -2.68 19.10 8.05
C ARG A 45 -1.63 18.90 6.96
N THR A 46 -0.86 17.85 7.14
CA THR A 46 0.06 17.40 6.11
C THR A 46 -0.68 16.51 5.12
N ARG A 47 -0.04 16.17 4.01
CA ARG A 47 -0.67 15.33 2.99
C ARG A 47 -0.76 13.89 3.51
N LYS A 48 0.18 13.55 4.40
CA LYS A 48 0.24 12.24 5.03
C LYS A 48 -1.05 11.88 5.75
N GLN A 49 -1.71 12.89 6.32
CA GLN A 49 -2.93 12.68 7.09
C GLN A 49 -4.02 12.11 6.20
N ILE A 50 -4.18 12.76 5.06
CA ILE A 50 -5.26 12.48 4.14
C ILE A 50 -5.18 11.05 3.63
N ILE A 51 -4.03 10.72 3.09
CA ILE A 51 -3.78 9.40 2.53
C ILE A 51 -4.03 8.32 3.56
N HIS A 52 -3.46 8.53 4.74
CA HIS A 52 -3.49 7.53 5.79
C HIS A 52 -4.90 7.29 6.29
N HIS A 53 -5.64 8.34 6.64
CA HIS A 53 -6.98 8.17 7.22
C HIS A 53 -7.92 7.46 6.24
N LEU A 54 -7.61 7.57 4.96
CA LEU A 54 -8.46 6.99 3.93
C LEU A 54 -8.13 5.52 3.72
N VAL A 55 -6.86 5.21 3.54
CA VAL A 55 -6.44 3.83 3.35
C VAL A 55 -6.61 3.04 4.64
N GLN A 56 -6.43 3.70 5.76
CA GLN A 56 -6.62 3.10 7.07
C GLN A 56 -8.10 2.84 7.33
N MET A 57 -8.96 3.63 6.69
CA MET A 57 -10.39 3.48 6.85
C MET A 57 -10.92 2.32 6.00
N GLY A 58 -10.01 1.67 5.29
CA GLY A 58 -10.37 0.47 4.56
C GLY A 58 -11.18 0.75 3.31
N LEU A 59 -11.24 2.01 2.91
CA LEU A 59 -11.92 2.37 1.69
C LEU A 59 -10.92 2.49 0.55
N ALA A 60 -9.66 2.69 0.92
CA ALA A 60 -8.59 2.76 -0.05
C ALA A 60 -7.54 1.70 0.25
N ASP A 61 -6.63 1.49 -0.69
CA ASP A 61 -5.63 0.43 -0.57
C ASP A 61 -4.48 0.84 0.32
N SER A 62 -3.68 1.80 -0.14
CA SER A 62 -2.42 2.15 0.52
C SER A 62 -1.91 3.50 0.01
N VAL A 63 -0.78 3.95 0.56
CA VAL A 63 -0.09 5.12 0.04
C VAL A 63 0.26 4.90 -1.43
N LYS A 64 0.45 3.63 -1.77
CA LYS A 64 0.69 3.20 -3.14
C LYS A 64 -0.49 3.55 -4.06
N ASP A 65 -1.65 3.79 -3.47
CA ASP A 65 -2.85 4.13 -4.22
C ASP A 65 -2.96 5.65 -4.40
N PHE A 66 -2.28 6.40 -3.54
CA PHE A 66 -2.40 7.85 -3.52
C PHE A 66 -1.18 8.56 -4.09
N GLN A 67 0.00 8.17 -3.65
CA GLN A 67 1.19 8.96 -3.91
C GLN A 67 2.31 8.16 -4.56
N ARG A 68 2.42 6.91 -4.22
CA ARG A 68 3.51 6.10 -4.73
C ARG A 68 3.04 5.27 -5.92
N LYS A 69 3.44 5.68 -7.12
CA LYS A 69 3.11 4.93 -8.34
C LYS A 69 3.76 3.56 -8.33
N GLY A 70 4.71 3.38 -7.41
CA GLY A 70 5.30 2.07 -7.20
C GLY A 70 4.36 1.15 -6.48
N THR A 71 3.32 0.70 -7.18
CA THR A 71 2.37 -0.26 -6.64
C THR A 71 3.10 -1.46 -6.08
N HIS A 72 2.54 -2.09 -5.06
CA HIS A 72 3.20 -3.23 -4.46
C HIS A 72 3.38 -4.30 -5.49
N ILE A 73 2.42 -4.43 -6.35
CA ILE A 73 2.45 -5.47 -7.32
C ILE A 73 3.10 -5.00 -8.61
N VAL A 74 4.27 -5.56 -8.79
CA VAL A 74 5.02 -5.51 -10.03
C VAL A 74 4.14 -6.03 -11.16
N LEU A 75 4.34 -5.55 -12.37
CA LEU A 75 3.52 -6.00 -13.51
C LEU A 75 3.67 -7.52 -13.74
N TRP A 76 2.95 -8.29 -12.94
CA TRP A 76 3.03 -9.74 -12.95
C TRP A 76 2.12 -10.32 -14.01
N THR A 77 2.73 -10.83 -15.07
CA THR A 77 2.00 -11.53 -16.10
C THR A 77 2.24 -13.03 -15.94
N GLY A 78 1.53 -13.84 -16.72
CA GLY A 78 1.67 -15.28 -16.63
C GLY A 78 3.11 -15.72 -16.80
N ASP A 79 3.84 -15.04 -17.66
CA ASP A 79 5.24 -15.32 -17.89
C ASP A 79 6.10 -14.86 -16.72
N GLN A 80 5.81 -13.69 -16.16
CA GLN A 80 6.60 -13.17 -15.04
C GLN A 80 6.46 -14.06 -13.82
N GLU A 81 5.24 -14.54 -13.59
CA GLU A 81 4.98 -15.47 -12.49
C GLU A 81 5.73 -16.77 -12.74
N LEU A 82 5.83 -17.14 -14.01
CA LEU A 82 6.52 -18.36 -14.42
C LEU A 82 8.02 -18.23 -14.18
N GLU A 83 8.58 -17.06 -14.50
CA GLU A 83 10.01 -16.81 -14.29
C GLU A 83 10.40 -17.12 -12.86
N LEU A 84 9.77 -16.41 -11.94
CA LEU A 84 10.13 -16.45 -10.55
C LEU A 84 9.76 -17.77 -9.91
N GLN A 85 8.65 -18.37 -10.37
CA GLN A 85 8.21 -19.65 -9.86
C GLN A 85 9.29 -20.70 -10.01
N ARG A 86 9.85 -20.80 -11.22
CA ARG A 86 10.90 -21.77 -11.49
C ARG A 86 12.16 -21.41 -10.72
N LEU A 87 12.54 -20.14 -10.80
CA LEU A 87 13.78 -19.67 -10.22
C LEU A 87 13.79 -19.85 -8.71
N PHE A 88 12.65 -19.60 -8.08
CA PHE A 88 12.51 -19.77 -6.64
C PHE A 88 12.82 -21.20 -6.21
N GLU A 89 12.30 -22.17 -6.94
CA GLU A 89 12.55 -23.57 -6.64
C GLU A 89 14.01 -23.92 -6.91
N GLU A 90 14.60 -23.24 -7.87
CA GLU A 90 15.95 -23.54 -8.32
C GLU A 90 17.01 -23.13 -7.29
N PHE A 91 16.76 -22.04 -6.59
CA PHE A 91 17.72 -21.55 -5.60
C PHE A 91 17.17 -21.68 -4.20
N ARG A 92 16.11 -22.47 -4.05
CA ARG A 92 15.43 -22.60 -2.76
C ARG A 92 16.31 -23.33 -1.74
N ASP A 93 17.14 -24.25 -2.22
CA ASP A 93 18.02 -25.01 -1.34
C ASP A 93 19.39 -24.33 -1.21
N SER A 94 19.41 -23.03 -1.44
CA SER A 94 20.65 -22.26 -1.31
C SER A 94 20.59 -21.48 0.00
N ASP A 95 21.60 -20.66 0.26
CA ASP A 95 21.65 -19.89 1.51
C ASP A 95 20.80 -18.64 1.41
N ASP A 96 20.55 -18.22 0.18
CA ASP A 96 19.65 -17.12 -0.09
C ASP A 96 19.03 -17.28 -1.47
N VAL A 97 17.74 -17.61 -1.50
CA VAL A 97 17.06 -17.87 -2.74
C VAL A 97 16.75 -16.59 -3.51
N LEU A 98 16.30 -15.56 -2.81
CA LEU A 98 15.83 -14.33 -3.46
C LEU A 98 16.99 -13.48 -3.97
N GLY A 99 18.12 -13.52 -3.27
CA GLY A 99 19.30 -12.82 -3.74
C GLY A 99 19.79 -13.38 -5.06
N HIS A 100 19.59 -14.68 -5.24
CA HIS A 100 20.01 -15.34 -6.46
C HIS A 100 18.95 -15.14 -7.54
N ILE A 101 17.71 -15.01 -7.11
CA ILE A 101 16.61 -14.68 -8.01
C ILE A 101 16.88 -13.35 -8.69
N MET A 102 17.11 -12.31 -7.89
CA MET A 102 17.33 -10.97 -8.41
C MET A 102 18.47 -10.93 -9.42
N LYS A 103 19.57 -11.60 -9.10
CA LYS A 103 20.73 -11.58 -9.97
C LYS A 103 20.52 -12.40 -11.24
N ASN A 104 19.61 -13.36 -11.20
CA ASN A 104 19.39 -14.25 -12.33
C ASN A 104 18.02 -14.01 -12.97
N ILE A 105 17.42 -12.86 -12.69
CA ILE A 105 16.10 -12.56 -13.24
C ILE A 105 16.15 -11.31 -14.13
N THR A 106 15.12 -11.17 -14.95
CA THR A 106 15.05 -10.09 -15.90
C THR A 106 14.55 -8.80 -15.25
N ALA A 107 13.63 -8.92 -14.30
CA ALA A 107 13.10 -7.74 -13.62
C ALA A 107 13.57 -7.70 -12.18
N LYS A 108 14.11 -6.57 -11.78
CA LYS A 108 14.51 -6.39 -10.39
C LYS A 108 13.30 -5.97 -9.58
N ARG A 109 12.73 -6.92 -8.86
CA ARG A 109 11.55 -6.69 -8.06
C ARG A 109 11.86 -6.96 -6.59
N SER A 110 11.26 -6.17 -5.73
CA SER A 110 11.58 -6.16 -4.31
C SER A 110 11.24 -7.49 -3.66
N ARG A 111 12.01 -7.88 -2.64
CA ARG A 111 11.84 -9.16 -1.99
C ARG A 111 10.52 -9.24 -1.25
N ALA A 112 10.13 -8.14 -0.62
CA ALA A 112 8.85 -8.08 0.07
C ALA A 112 7.72 -8.31 -0.93
N ARG A 113 7.96 -7.92 -2.17
CA ARG A 113 7.02 -8.15 -3.25
C ARG A 113 7.08 -9.60 -3.72
N ILE A 114 8.31 -10.11 -3.82
CA ILE A 114 8.55 -11.47 -4.27
C ILE A 114 7.89 -12.48 -3.35
N VAL A 115 8.22 -12.39 -2.06
CA VAL A 115 7.71 -13.33 -1.08
C VAL A 115 6.19 -13.24 -0.99
N ASP A 116 5.66 -12.03 -1.14
CA ASP A 116 4.23 -11.82 -1.13
C ASP A 116 3.57 -12.49 -2.33
N LYS A 117 4.28 -12.49 -3.45
CA LYS A 117 3.81 -13.16 -4.65
C LYS A 117 3.82 -14.67 -4.47
N LEU A 118 4.86 -15.17 -3.81
CA LEU A 118 4.96 -16.59 -3.48
C LEU A 118 3.72 -17.05 -2.73
N LEU A 119 3.34 -16.25 -1.75
CA LEU A 119 2.18 -16.54 -0.91
C LEU A 119 0.90 -16.53 -1.74
N ALA A 120 0.90 -15.74 -2.80
CA ALA A 120 -0.27 -15.61 -3.64
C ALA A 120 -0.34 -16.74 -4.67
N LEU A 121 0.84 -17.18 -5.11
CA LEU A 121 0.93 -18.29 -6.04
C LEU A 121 0.67 -19.60 -5.31
N GLY A 122 0.91 -19.59 -4.01
CA GLY A 122 0.78 -20.79 -3.22
C GLY A 122 2.02 -21.65 -3.31
N LEU A 123 3.17 -21.00 -3.43
CA LEU A 123 4.45 -21.70 -3.50
C LEU A 123 4.88 -22.09 -2.10
N VAL A 124 4.42 -21.30 -1.14
CA VAL A 124 4.69 -21.51 0.27
C VAL A 124 3.49 -21.05 1.08
N ALA A 125 3.52 -21.30 2.38
CA ALA A 125 2.45 -20.87 3.26
C ALA A 125 2.94 -19.74 4.16
N GLU A 126 4.24 -19.49 4.11
CA GLU A 126 4.86 -18.47 4.93
C GLU A 126 6.23 -18.11 4.37
N ARG A 127 6.86 -17.08 4.93
CA ARG A 127 8.19 -16.67 4.49
C ARG A 127 9.26 -17.62 5.01
N ARG A 128 8.96 -18.32 6.10
CA ARG A 128 9.91 -19.26 6.71
C ARG A 128 10.34 -20.37 5.75
N GLU A 129 9.45 -20.80 4.86
CA GLU A 129 9.76 -21.92 3.97
C GLU A 129 10.76 -21.52 2.88
N LEU A 130 11.04 -20.23 2.79
CA LEU A 130 11.99 -19.72 1.80
C LEU A 130 13.26 -19.20 2.49
N TYR A 131 13.35 -19.43 3.79
CA TYR A 131 14.56 -19.14 4.55
C TYR A 131 15.03 -20.41 5.23
N LYS A 132 16.30 -20.77 5.01
CA LYS A 132 16.84 -22.03 5.48
C LYS A 132 16.58 -22.26 6.97
N LYS A 133 15.66 -23.17 7.23
CA LYS A 133 15.39 -23.65 8.57
C LYS A 133 15.56 -25.15 8.57
N ARG A 134 15.62 -25.74 9.75
CA ARG A 134 15.68 -27.18 9.84
C ARG A 134 14.26 -27.72 9.93
N GLN A 135 13.62 -27.82 8.77
CA GLN A 135 12.23 -28.26 8.72
C GLN A 135 12.14 -29.76 8.56
N LYS A 136 11.07 -30.31 9.09
CA LYS A 136 10.83 -31.74 9.03
C LYS A 136 9.85 -32.03 7.89
N LYS A 137 9.56 -33.30 7.64
CA LYS A 137 8.61 -33.66 6.59
C LYS A 137 7.19 -33.24 6.97
N LEU A 138 6.85 -32.02 6.58
CA LEU A 138 5.57 -31.45 6.93
C LEU A 138 5.00 -30.72 5.71
N ALA A 139 3.68 -30.65 5.63
CA ALA A 139 3.02 -29.97 4.52
C ALA A 139 3.18 -28.44 4.64
N SER A 140 2.27 -27.69 4.04
CA SER A 140 2.27 -26.24 4.17
C SER A 140 2.12 -25.84 5.64
N SER A 141 3.16 -25.22 6.19
CA SER A 141 3.17 -24.81 7.59
C SER A 141 2.19 -23.67 7.83
N ASP A 1 5.17 17.67 10.90
CA ASP A 1 4.26 18.60 11.62
C ASP A 1 4.08 19.86 10.77
N PRO A 2 2.87 20.10 10.27
CA PRO A 2 2.59 21.19 9.31
C PRO A 2 2.70 22.59 9.92
N SER A 3 2.09 22.78 11.07
CA SER A 3 2.10 24.06 11.74
C SER A 3 2.08 23.84 13.25
N ARG A 4 1.08 23.08 13.69
CA ARG A 4 0.99 22.65 15.07
C ARG A 4 0.53 21.20 15.08
N ARG A 5 0.31 20.65 16.27
CA ARG A 5 -0.19 19.30 16.38
C ARG A 5 -1.58 19.23 15.77
N ALA A 6 -1.72 18.47 14.70
CA ALA A 6 -2.99 18.35 13.99
C ALA A 6 -4.08 17.83 14.90
N PRO A 7 -5.30 18.31 14.70
CA PRO A 7 -6.44 17.99 15.55
C PRO A 7 -7.05 16.63 15.24
N THR A 8 -7.91 16.17 16.12
CA THR A 8 -8.61 14.91 15.93
C THR A 8 -9.81 15.10 15.00
N TRP A 9 -10.13 14.06 14.25
CA TRP A 9 -11.17 14.13 13.23
C TRP A 9 -12.56 14.08 13.83
N SER A 10 -13.42 14.94 13.35
CA SER A 10 -14.83 14.93 13.72
C SER A 10 -15.60 13.96 12.80
N PRO A 11 -16.80 13.51 13.21
CA PRO A 11 -17.62 12.58 12.40
C PRO A 11 -17.86 13.09 10.98
N GLU A 12 -18.10 14.39 10.85
CA GLU A 12 -18.36 15.01 9.56
C GLU A 12 -17.08 15.18 8.76
N GLU A 13 -15.95 15.06 9.45
CA GLU A 13 -14.65 15.29 8.85
C GLU A 13 -14.17 14.02 8.17
N GLU A 14 -14.22 12.91 8.89
CA GLU A 14 -13.84 11.60 8.36
C GLU A 14 -14.69 11.26 7.14
N ALA A 15 -15.96 11.64 7.19
CA ALA A 15 -16.88 11.39 6.08
C ALA A 15 -16.51 12.25 4.88
N HIS A 16 -16.13 13.49 5.13
CA HIS A 16 -15.72 14.42 4.09
C HIS A 16 -14.44 13.93 3.44
N LEU A 17 -13.62 13.25 4.23
CA LEU A 17 -12.39 12.64 3.75
C LEU A 17 -12.69 11.68 2.61
N ARG A 18 -13.56 10.71 2.88
CA ARG A 18 -13.95 9.75 1.88
C ARG A 18 -14.89 10.40 0.88
N GLU A 19 -15.66 11.37 1.35
CA GLU A 19 -16.62 12.09 0.51
C GLU A 19 -15.93 12.62 -0.74
N LEU A 20 -14.79 13.25 -0.51
CA LEU A 20 -14.01 13.86 -1.58
C LEU A 20 -13.27 12.80 -2.38
N TYR A 21 -12.95 11.69 -1.73
CA TYR A 21 -12.26 10.59 -2.39
C TYR A 21 -13.19 9.92 -3.37
N LEU A 22 -14.37 9.59 -2.88
CA LEU A 22 -15.36 8.87 -3.68
C LEU A 22 -15.82 9.72 -4.86
N ALA A 23 -15.66 11.03 -4.73
CA ALA A 23 -16.03 11.96 -5.79
C ALA A 23 -14.99 11.99 -6.90
N ASN A 24 -13.72 11.84 -6.55
CA ASN A 24 -12.65 12.04 -7.52
C ASN A 24 -11.84 10.76 -7.75
N LYS A 25 -12.37 9.62 -7.29
CA LYS A 25 -11.67 8.35 -7.43
C LYS A 25 -11.69 7.85 -8.88
N ASP A 26 -12.54 8.46 -9.69
CA ASP A 26 -12.65 8.09 -11.10
C ASP A 26 -12.29 9.28 -11.97
N VAL A 27 -11.78 10.34 -11.35
CA VAL A 27 -11.44 11.56 -12.05
C VAL A 27 -9.94 11.61 -12.31
N GLU A 28 -9.57 11.44 -13.56
CA GLU A 28 -8.17 11.50 -13.96
C GLU A 28 -7.84 12.86 -14.54
N GLY A 29 -6.57 13.20 -14.50
CA GLY A 29 -6.16 14.54 -14.87
C GLY A 29 -6.08 15.43 -13.64
N GLN A 30 -6.40 14.81 -12.52
CA GLN A 30 -6.35 15.45 -11.23
C GLN A 30 -6.00 14.39 -10.20
N ASP A 31 -5.22 14.76 -9.20
CA ASP A 31 -4.94 13.84 -8.11
C ASP A 31 -6.14 13.73 -7.21
N VAL A 32 -6.59 12.51 -6.96
CA VAL A 32 -7.66 12.29 -6.00
C VAL A 32 -7.21 12.78 -4.63
N VAL A 33 -5.93 12.58 -4.35
CA VAL A 33 -5.31 13.03 -3.12
C VAL A 33 -5.45 14.53 -2.99
N GLU A 34 -4.90 15.24 -3.98
CA GLU A 34 -4.89 16.69 -4.00
C GLU A 34 -6.30 17.23 -3.87
N ALA A 35 -7.25 16.56 -4.50
CA ALA A 35 -8.65 16.95 -4.42
C ALA A 35 -9.11 16.96 -2.98
N ILE A 36 -8.83 15.87 -2.28
CA ILE A 36 -9.22 15.72 -0.89
C ILE A 36 -8.45 16.71 -0.02
N LEU A 37 -7.12 16.66 -0.13
CA LEU A 37 -6.23 17.48 0.70
C LEU A 37 -6.64 18.96 0.67
N ALA A 38 -7.01 19.41 -0.52
CA ALA A 38 -7.25 20.83 -0.76
C ALA A 38 -8.69 21.25 -0.50
N HIS A 39 -9.66 20.47 -0.96
CA HIS A 39 -11.04 20.93 -0.97
C HIS A 39 -11.68 20.89 0.43
N LEU A 40 -11.03 20.25 1.39
CA LEU A 40 -11.46 20.37 2.77
C LEU A 40 -10.53 21.31 3.53
N ASN A 41 -10.76 22.61 3.36
CA ASN A 41 -9.94 23.64 3.98
C ASN A 41 -10.40 23.89 5.42
N THR A 42 -10.70 22.80 6.10
CA THR A 42 -11.21 22.85 7.46
C THR A 42 -10.11 22.46 8.46
N VAL A 43 -8.92 22.18 7.94
CA VAL A 43 -7.87 21.64 8.78
C VAL A 43 -6.47 21.88 8.20
N PRO A 44 -5.55 22.41 9.03
CA PRO A 44 -4.14 22.43 8.73
C PRO A 44 -3.45 21.13 9.15
N ARG A 45 -3.41 20.17 8.25
CA ARG A 45 -2.74 18.89 8.51
C ARG A 45 -1.84 18.53 7.36
N THR A 46 -0.89 17.64 7.60
CA THR A 46 0.00 17.18 6.55
C THR A 46 -0.79 16.31 5.58
N ARG A 47 -0.38 16.33 4.32
CA ARG A 47 -1.08 15.61 3.27
C ARG A 47 -1.07 14.11 3.57
N LYS A 48 -0.06 13.70 4.34
CA LYS A 48 0.11 12.31 4.74
C LYS A 48 -1.08 11.80 5.54
N GLN A 49 -1.71 12.69 6.31
CA GLN A 49 -2.83 12.29 7.16
C GLN A 49 -4.02 11.84 6.32
N ILE A 50 -4.38 12.66 5.34
CA ILE A 50 -5.52 12.36 4.47
C ILE A 50 -5.39 10.96 3.86
N ILE A 51 -4.24 10.72 3.23
CA ILE A 51 -3.96 9.42 2.60
C ILE A 51 -4.12 8.28 3.60
N HIS A 52 -3.49 8.47 4.76
CA HIS A 52 -3.48 7.44 5.78
C HIS A 52 -4.88 7.11 6.27
N HIS A 53 -5.71 8.12 6.49
CA HIS A 53 -7.04 7.90 7.05
C HIS A 53 -7.97 7.25 6.03
N LEU A 54 -7.68 7.45 4.75
CA LEU A 54 -8.43 6.83 3.67
C LEU A 54 -8.13 5.34 3.61
N VAL A 55 -6.85 5.05 3.56
CA VAL A 55 -6.34 3.72 3.49
C VAL A 55 -6.66 2.95 4.78
N GLN A 56 -6.63 3.68 5.89
CA GLN A 56 -6.95 3.12 7.20
C GLN A 56 -8.45 2.87 7.34
N MET A 57 -9.25 3.52 6.51
CA MET A 57 -10.70 3.38 6.60
C MET A 57 -11.19 2.20 5.76
N GLY A 58 -10.25 1.54 5.08
CA GLY A 58 -10.57 0.37 4.30
C GLY A 58 -11.05 0.71 2.90
N LEU A 59 -11.15 2.00 2.61
CA LEU A 59 -11.61 2.44 1.30
C LEU A 59 -10.42 2.60 0.36
N ALA A 60 -9.23 2.54 0.93
CA ALA A 60 -7.99 2.57 0.16
C ALA A 60 -7.03 1.48 0.65
N ASP A 61 -6.14 1.04 -0.22
CA ASP A 61 -5.24 -0.08 0.09
C ASP A 61 -4.03 0.37 0.90
N SER A 62 -3.26 1.30 0.35
CA SER A 62 -2.04 1.76 1.01
C SER A 62 -1.58 3.08 0.42
N VAL A 63 -0.63 3.72 1.11
CA VAL A 63 -0.01 4.95 0.63
C VAL A 63 0.76 4.66 -0.66
N LYS A 64 1.02 3.38 -0.89
CA LYS A 64 1.70 2.91 -2.09
C LYS A 64 0.97 3.40 -3.34
N ASP A 65 -0.33 3.43 -3.21
CA ASP A 65 -1.23 3.72 -4.32
C ASP A 65 -1.42 5.22 -4.45
N PHE A 66 -1.07 5.94 -3.40
CA PHE A 66 -1.22 7.39 -3.37
C PHE A 66 0.08 8.11 -3.68
N GLN A 67 1.16 7.69 -3.01
CA GLN A 67 2.43 8.39 -3.09
C GLN A 67 3.61 7.44 -3.24
N ARG A 68 4.02 6.87 -2.14
CA ARG A 68 5.23 6.06 -2.09
C ARG A 68 4.87 4.58 -1.96
N LYS A 69 5.44 3.74 -2.82
CA LYS A 69 5.13 2.32 -2.80
C LYS A 69 5.61 1.63 -1.53
N GLY A 70 4.70 1.52 -0.58
CA GLY A 70 4.96 0.76 0.63
C GLY A 70 3.85 -0.24 0.86
N THR A 71 4.22 -1.49 1.09
CA THR A 71 3.24 -2.54 1.32
C THR A 71 2.78 -2.55 2.75
N HIS A 72 1.47 -2.40 2.95
CA HIS A 72 0.88 -2.65 4.25
C HIS A 72 1.10 -4.14 4.56
N ILE A 73 0.09 -4.97 4.36
CA ILE A 73 0.25 -6.28 3.78
C ILE A 73 -1.05 -7.03 3.67
N VAL A 74 -1.13 -7.87 2.65
CA VAL A 74 -2.17 -8.86 2.56
C VAL A 74 -1.83 -9.99 3.51
N LEU A 75 -2.75 -10.31 4.42
CA LEU A 75 -2.48 -11.24 5.51
C LEU A 75 -1.80 -12.53 5.03
N TRP A 76 -0.51 -12.61 5.25
CA TRP A 76 0.28 -13.74 4.77
C TRP A 76 0.48 -14.78 5.86
N THR A 77 -0.07 -15.94 5.63
CA THR A 77 0.17 -17.09 6.48
C THR A 77 1.16 -18.02 5.79
N GLY A 78 1.63 -19.04 6.49
CA GLY A 78 2.50 -20.01 5.87
C GLY A 78 1.82 -20.77 4.75
N ASP A 79 0.51 -20.94 4.89
CA ASP A 79 -0.27 -21.67 3.91
C ASP A 79 -0.53 -20.83 2.66
N GLN A 80 -0.92 -19.56 2.85
CA GLN A 80 -1.14 -18.68 1.70
C GLN A 80 0.19 -18.37 1.03
N GLU A 81 1.28 -18.46 1.81
CA GLU A 81 2.62 -18.32 1.28
C GLU A 81 2.89 -19.41 0.24
N LEU A 82 2.55 -20.64 0.62
CA LEU A 82 2.69 -21.78 -0.27
C LEU A 82 1.77 -21.63 -1.48
N GLU A 83 0.55 -21.16 -1.22
CA GLU A 83 -0.42 -20.91 -2.28
C GLU A 83 0.18 -20.01 -3.35
N LEU A 84 0.67 -18.85 -2.92
CA LEU A 84 1.27 -17.88 -3.81
C LEU A 84 2.52 -18.47 -4.46
N GLN A 85 3.29 -19.22 -3.67
CA GLN A 85 4.50 -19.86 -4.16
C GLN A 85 4.20 -20.78 -5.34
N ARG A 86 3.28 -21.72 -5.14
CA ARG A 86 2.92 -22.66 -6.20
C ARG A 86 2.24 -21.97 -7.36
N LEU A 87 1.30 -21.10 -7.04
CA LEU A 87 0.49 -20.42 -8.05
C LEU A 87 1.38 -19.59 -8.97
N PHE A 88 2.32 -18.87 -8.36
CA PHE A 88 3.28 -18.07 -9.11
C PHE A 88 3.98 -18.90 -10.18
N GLU A 89 4.51 -20.05 -9.78
CA GLU A 89 5.22 -20.93 -10.70
C GLU A 89 4.31 -21.40 -11.82
N GLU A 90 3.12 -21.81 -11.44
CA GLU A 90 2.21 -22.46 -12.37
C GLU A 90 1.64 -21.47 -13.38
N PHE A 91 1.71 -20.18 -13.06
CA PHE A 91 1.25 -19.15 -13.98
C PHE A 91 2.40 -18.38 -14.61
N ARG A 92 3.64 -18.82 -14.35
CA ARG A 92 4.80 -18.28 -15.07
C ARG A 92 4.70 -18.74 -16.52
N ASP A 93 3.91 -19.78 -16.70
CA ASP A 93 3.67 -20.40 -17.99
C ASP A 93 2.65 -19.61 -18.80
N SER A 94 2.14 -18.54 -18.21
CA SER A 94 1.14 -17.70 -18.86
C SER A 94 1.77 -16.39 -19.35
N ASP A 95 0.94 -15.51 -19.87
CA ASP A 95 1.39 -14.22 -20.42
C ASP A 95 1.60 -13.20 -19.32
N ASP A 96 0.95 -13.43 -18.19
CA ASP A 96 1.14 -12.59 -17.01
C ASP A 96 0.82 -13.41 -15.79
N VAL A 97 1.85 -13.76 -15.03
CA VAL A 97 1.67 -14.59 -13.86
C VAL A 97 0.79 -13.90 -12.81
N LEU A 98 1.01 -12.61 -12.58
CA LEU A 98 0.27 -11.89 -11.55
C LEU A 98 -1.14 -11.55 -12.02
N GLY A 99 -1.26 -11.22 -13.30
CA GLY A 99 -2.55 -10.96 -13.87
C GLY A 99 -3.44 -12.18 -13.80
N HIS A 100 -2.83 -13.35 -13.90
CA HIS A 100 -3.57 -14.59 -13.82
C HIS A 100 -3.75 -15.00 -12.36
N ILE A 101 -2.84 -14.56 -11.50
CA ILE A 101 -2.99 -14.75 -10.06
C ILE A 101 -4.28 -14.10 -9.60
N MET A 102 -4.43 -12.81 -9.89
CA MET A 102 -5.60 -12.05 -9.44
C MET A 102 -6.90 -12.68 -9.91
N LYS A 103 -6.97 -12.98 -11.20
CA LYS A 103 -8.20 -13.45 -11.81
C LYS A 103 -8.55 -14.87 -11.35
N ASN A 104 -7.57 -15.58 -10.82
CA ASN A 104 -7.79 -16.95 -10.36
C ASN A 104 -7.56 -17.10 -8.87
N ILE A 105 -7.51 -15.99 -8.14
CA ILE A 105 -7.25 -16.06 -6.70
C ILE A 105 -8.48 -15.69 -5.89
N THR A 106 -8.47 -16.14 -4.65
CA THR A 106 -9.57 -15.89 -3.73
C THR A 106 -9.29 -14.64 -2.89
N ALA A 107 -8.02 -14.25 -2.85
CA ALA A 107 -7.58 -13.14 -2.04
C ALA A 107 -7.60 -11.86 -2.86
N LYS A 108 -7.92 -10.75 -2.23
CA LYS A 108 -7.73 -9.48 -2.88
C LYS A 108 -6.27 -9.09 -2.73
N ARG A 109 -5.52 -9.32 -3.78
CA ARG A 109 -4.08 -9.14 -3.75
C ARG A 109 -3.64 -8.30 -4.92
N SER A 110 -3.01 -7.18 -4.64
CA SER A 110 -2.59 -6.25 -5.68
C SER A 110 -1.15 -6.53 -6.10
N ARG A 111 -0.77 -5.98 -7.25
CA ARG A 111 0.52 -6.31 -7.87
C ARG A 111 1.68 -6.03 -6.92
N ALA A 112 1.68 -4.84 -6.32
CA ALA A 112 2.78 -4.38 -5.47
C ALA A 112 3.05 -5.31 -4.29
N ARG A 113 1.99 -5.87 -3.70
CA ARG A 113 2.16 -6.71 -2.53
C ARG A 113 2.43 -8.16 -2.91
N ILE A 114 2.08 -8.53 -4.14
CA ILE A 114 2.41 -9.85 -4.65
C ILE A 114 3.88 -9.92 -4.99
N VAL A 115 4.38 -8.89 -5.67
CA VAL A 115 5.76 -8.86 -6.09
C VAL A 115 6.70 -8.78 -4.89
N ASP A 116 6.26 -8.07 -3.85
CA ASP A 116 7.04 -7.92 -2.63
C ASP A 116 7.17 -9.27 -1.93
N LYS A 117 6.14 -10.10 -2.08
CA LYS A 117 6.15 -11.43 -1.51
C LYS A 117 7.15 -12.34 -2.24
N LEU A 118 7.20 -12.23 -3.57
CA LEU A 118 8.15 -13.02 -4.36
C LEU A 118 9.57 -12.76 -3.91
N LEU A 119 9.88 -11.48 -3.79
CA LEU A 119 11.21 -11.03 -3.39
C LEU A 119 11.56 -11.54 -2.00
N ALA A 120 10.53 -11.70 -1.18
CA ALA A 120 10.71 -12.16 0.18
C ALA A 120 11.06 -13.64 0.20
N LEU A 121 10.41 -14.41 -0.67
CA LEU A 121 10.72 -15.83 -0.81
C LEU A 121 12.02 -16.04 -1.57
N GLY A 122 12.36 -15.05 -2.38
CA GLY A 122 13.52 -15.18 -3.25
C GLY A 122 13.17 -15.90 -4.54
N LEU A 123 11.92 -15.71 -4.99
CA LEU A 123 11.47 -16.34 -6.22
C LEU A 123 12.03 -15.58 -7.40
N VAL A 124 12.25 -14.30 -7.17
CA VAL A 124 12.88 -13.41 -8.14
C VAL A 124 13.76 -12.40 -7.42
N ALA A 125 14.52 -11.64 -8.18
CA ALA A 125 15.40 -10.63 -7.63
C ALA A 125 14.93 -9.23 -8.01
N GLU A 126 13.99 -9.17 -8.93
CA GLU A 126 13.45 -7.90 -9.39
C GLU A 126 12.03 -8.09 -9.91
N ARG A 127 11.34 -6.99 -10.12
CA ARG A 127 9.93 -7.02 -10.51
C ARG A 127 9.76 -7.29 -12.01
N ARG A 128 10.74 -6.93 -12.80
CA ARG A 128 10.64 -7.08 -14.26
C ARG A 128 10.44 -8.53 -14.69
N GLU A 129 11.12 -9.45 -14.01
CA GLU A 129 11.18 -10.85 -14.45
C GLU A 129 9.86 -11.58 -14.26
N LEU A 130 8.90 -10.92 -13.62
CA LEU A 130 7.58 -11.50 -13.42
C LEU A 130 6.57 -10.87 -14.37
N TYR A 131 7.07 -10.19 -15.39
CA TYR A 131 6.24 -9.64 -16.44
C TYR A 131 6.70 -10.20 -17.77
N LYS A 132 5.82 -10.91 -18.47
CA LYS A 132 6.18 -11.51 -19.74
C LYS A 132 6.21 -10.47 -20.84
N LYS A 133 7.40 -9.98 -21.14
CA LYS A 133 7.59 -8.96 -22.15
C LYS A 133 8.80 -9.28 -23.00
N ARG A 134 8.99 -8.54 -24.08
CA ARG A 134 10.19 -8.66 -24.89
C ARG A 134 11.30 -7.86 -24.22
N GLN A 135 11.99 -8.50 -23.30
CA GLN A 135 12.96 -7.83 -22.46
C GLN A 135 14.37 -8.30 -22.78
N LYS A 136 15.31 -7.37 -22.69
CA LYS A 136 16.72 -7.70 -22.88
C LYS A 136 17.40 -7.67 -21.53
N LYS A 137 17.49 -8.85 -20.95
CA LYS A 137 17.97 -9.02 -19.59
C LYS A 137 18.67 -10.35 -19.47
N LEU A 138 19.62 -10.42 -18.54
CA LEU A 138 20.19 -11.69 -18.09
C LEU A 138 19.05 -12.69 -17.81
N ALA A 139 19.37 -13.97 -17.72
CA ALA A 139 18.34 -14.97 -17.47
C ALA A 139 17.65 -14.68 -16.15
N SER A 140 16.34 -14.94 -16.10
CA SER A 140 15.47 -14.45 -15.03
C SER A 140 16.05 -14.68 -13.65
N SER A 141 16.31 -13.57 -12.98
CA SER A 141 16.94 -13.58 -11.68
C SER A 141 15.87 -13.54 -10.59
N ASP A 1 -1.34 31.75 13.98
CA ASP A 1 -0.92 30.74 12.98
C ASP A 1 -2.02 29.70 12.81
N PRO A 2 -2.48 29.48 11.57
CA PRO A 2 -3.51 28.48 11.28
C PRO A 2 -2.96 27.07 11.24
N SER A 3 -1.69 26.95 10.88
CA SER A 3 -1.03 25.67 10.69
C SER A 3 -0.45 25.14 11.99
N ARG A 4 -1.23 25.22 13.04
CA ARG A 4 -0.80 24.80 14.37
C ARG A 4 -1.05 23.30 14.53
N ARG A 5 -0.97 22.82 15.77
CA ARG A 5 -1.19 21.41 16.08
C ARG A 5 -2.44 20.91 15.36
N ALA A 6 -2.25 19.92 14.48
CA ALA A 6 -3.33 19.39 13.68
C ALA A 6 -4.52 19.00 14.54
N PRO A 7 -5.73 19.46 14.16
CA PRO A 7 -6.96 19.16 14.89
C PRO A 7 -7.29 17.68 14.92
N THR A 8 -8.33 17.33 15.66
CA THR A 8 -8.83 15.97 15.69
C THR A 8 -9.96 15.80 14.69
N TRP A 9 -10.23 14.58 14.28
CA TRP A 9 -11.29 14.30 13.32
C TRP A 9 -12.59 14.00 14.04
N SER A 10 -13.66 14.03 13.29
CA SER A 10 -14.97 13.66 13.78
C SER A 10 -15.68 12.83 12.70
N PRO A 11 -16.59 11.93 13.10
CA PRO A 11 -17.36 11.09 12.16
C PRO A 11 -17.85 11.86 10.93
N GLU A 12 -18.35 13.07 11.16
CA GLU A 12 -18.87 13.90 10.07
C GLU A 12 -17.75 14.33 9.11
N GLU A 13 -16.61 14.69 9.67
CA GLU A 13 -15.49 15.20 8.88
C GLU A 13 -14.76 14.05 8.19
N GLU A 14 -14.74 12.89 8.84
CA GLU A 14 -14.13 11.70 8.25
C GLU A 14 -14.95 11.24 7.04
N ALA A 15 -16.26 11.35 7.16
CA ALA A 15 -17.14 11.06 6.04
C ALA A 15 -16.91 12.05 4.91
N HIS A 16 -16.48 13.25 5.27
CA HIS A 16 -16.17 14.31 4.33
C HIS A 16 -14.79 14.06 3.69
N LEU A 17 -13.92 13.40 4.45
CA LEU A 17 -12.60 13.03 3.94
C LEU A 17 -12.76 12.06 2.78
N ARG A 18 -13.60 11.06 2.99
CA ARG A 18 -13.88 10.10 1.94
C ARG A 18 -14.86 10.71 0.96
N GLU A 19 -15.65 11.66 1.42
CA GLU A 19 -16.61 12.36 0.57
C GLU A 19 -15.90 12.90 -0.67
N LEU A 20 -14.83 13.64 -0.43
CA LEU A 20 -14.05 14.24 -1.49
C LEU A 20 -13.25 13.19 -2.26
N TYR A 21 -12.89 12.10 -1.57
CA TYR A 21 -12.16 11.01 -2.20
C TYR A 21 -13.05 10.31 -3.21
N LEU A 22 -14.21 9.89 -2.73
CA LEU A 22 -15.18 9.17 -3.55
C LEU A 22 -15.66 10.03 -4.71
N ALA A 23 -15.57 11.34 -4.55
CA ALA A 23 -16.03 12.27 -5.57
C ALA A 23 -15.02 12.42 -6.71
N ASN A 24 -13.73 12.22 -6.42
CA ASN A 24 -12.70 12.45 -7.43
C ASN A 24 -11.83 11.21 -7.66
N LYS A 25 -12.26 10.07 -7.14
CA LYS A 25 -11.50 8.83 -7.30
C LYS A 25 -11.72 8.23 -8.68
N ASP A 26 -12.74 8.71 -9.36
CA ASP A 26 -13.08 8.22 -10.69
C ASP A 26 -12.54 9.16 -11.76
N VAL A 27 -11.79 10.16 -11.33
CA VAL A 27 -11.23 11.14 -12.24
C VAL A 27 -9.76 10.83 -12.49
N GLU A 28 -9.46 10.34 -13.68
CA GLU A 28 -8.10 9.96 -14.04
C GLU A 28 -7.30 11.20 -14.45
N GLY A 29 -6.03 11.24 -14.07
CA GLY A 29 -5.20 12.37 -14.38
C GLY A 29 -5.41 13.50 -13.39
N GLN A 30 -5.94 13.17 -12.22
CA GLN A 30 -6.15 14.14 -11.17
C GLN A 30 -5.74 13.55 -9.83
N ASP A 31 -4.97 14.30 -9.08
CA ASP A 31 -4.55 13.86 -7.76
C ASP A 31 -5.71 13.92 -6.79
N VAL A 32 -6.40 12.79 -6.61
CA VAL A 32 -7.51 12.73 -5.67
C VAL A 32 -7.01 13.13 -4.28
N VAL A 33 -5.75 12.84 -4.02
CA VAL A 33 -5.09 13.21 -2.78
C VAL A 33 -5.25 14.70 -2.53
N GLU A 34 -4.73 15.47 -3.47
CA GLU A 34 -4.77 16.92 -3.36
C GLU A 34 -6.18 17.42 -3.58
N ALA A 35 -6.98 16.70 -4.35
CA ALA A 35 -8.39 17.04 -4.48
C ALA A 35 -9.02 17.15 -3.10
N ILE A 36 -8.72 16.18 -2.27
CA ILE A 36 -9.27 16.14 -0.93
C ILE A 36 -8.61 17.19 -0.06
N LEU A 37 -7.33 17.03 0.19
CA LEU A 37 -6.62 17.83 1.19
C LEU A 37 -6.55 19.32 0.82
N ALA A 38 -6.73 19.63 -0.45
CA ALA A 38 -6.70 21.02 -0.89
C ALA A 38 -8.09 21.65 -0.85
N HIS A 39 -9.14 20.84 -0.99
CA HIS A 39 -10.50 21.38 -1.04
C HIS A 39 -11.11 21.54 0.35
N LEU A 40 -10.72 20.70 1.30
CA LEU A 40 -11.27 20.83 2.64
C LEU A 40 -10.33 21.61 3.56
N ASN A 41 -10.49 22.93 3.55
CA ASN A 41 -9.69 23.81 4.40
C ASN A 41 -10.32 23.86 5.80
N THR A 42 -10.78 22.71 6.25
CA THR A 42 -11.37 22.57 7.57
C THR A 42 -10.32 22.04 8.54
N VAL A 43 -9.22 21.55 7.97
CA VAL A 43 -8.13 20.96 8.73
C VAL A 43 -6.78 21.30 8.13
N PRO A 44 -5.96 22.10 8.84
CA PRO A 44 -4.57 22.36 8.41
C PRO A 44 -3.70 21.13 8.61
N ARG A 45 -3.54 20.35 7.55
CA ARG A 45 -2.87 19.05 7.65
C ARG A 45 -1.86 18.84 6.54
N THR A 46 -1.18 17.71 6.60
CA THR A 46 -0.15 17.39 5.63
C THR A 46 -0.64 16.26 4.69
N ARG A 47 0.09 16.05 3.59
CA ARG A 47 -0.29 15.06 2.59
C ARG A 47 -0.45 13.68 3.21
N LYS A 48 0.60 13.24 3.91
CA LYS A 48 0.63 11.94 4.57
C LYS A 48 -0.60 11.73 5.47
N GLN A 49 -1.10 12.82 6.03
CA GLN A 49 -2.15 12.77 7.02
C GLN A 49 -3.47 12.34 6.38
N ILE A 50 -3.90 13.06 5.35
CA ILE A 50 -5.13 12.72 4.64
C ILE A 50 -5.05 11.30 4.07
N ILE A 51 -3.94 11.02 3.38
CA ILE A 51 -3.73 9.72 2.75
C ILE A 51 -3.92 8.58 3.76
N HIS A 52 -3.28 8.74 4.92
CA HIS A 52 -3.24 7.71 5.92
C HIS A 52 -4.63 7.32 6.41
N HIS A 53 -5.50 8.30 6.64
CA HIS A 53 -6.81 8.02 7.21
C HIS A 53 -7.72 7.36 6.18
N LEU A 54 -7.41 7.58 4.92
CA LEU A 54 -8.21 7.05 3.82
C LEU A 54 -7.93 5.56 3.63
N VAL A 55 -6.66 5.21 3.54
CA VAL A 55 -6.26 3.82 3.38
C VAL A 55 -6.57 3.02 4.63
N GLN A 56 -6.57 3.73 5.76
CA GLN A 56 -6.92 3.13 7.05
C GLN A 56 -8.43 3.01 7.21
N MET A 57 -9.17 3.74 6.39
CA MET A 57 -10.63 3.71 6.46
C MET A 57 -11.19 2.58 5.60
N GLY A 58 -10.30 1.88 4.91
CA GLY A 58 -10.69 0.70 4.14
C GLY A 58 -11.20 1.05 2.76
N LEU A 59 -11.25 2.33 2.48
CA LEU A 59 -11.74 2.81 1.19
C LEU A 59 -10.61 2.81 0.16
N ALA A 60 -9.38 2.71 0.66
CA ALA A 60 -8.22 2.56 -0.21
C ALA A 60 -7.40 1.36 0.22
N ASP A 61 -6.46 0.94 -0.62
CA ASP A 61 -5.57 -0.17 -0.29
C ASP A 61 -4.43 0.32 0.58
N SER A 62 -3.59 1.17 0.00
CA SER A 62 -2.38 1.60 0.68
C SER A 62 -2.00 3.01 0.27
N VAL A 63 -1.02 3.56 0.98
CA VAL A 63 -0.49 4.88 0.68
C VAL A 63 0.10 4.92 -0.73
N LYS A 64 0.51 3.74 -1.21
CA LYS A 64 1.11 3.59 -2.53
C LYS A 64 0.22 4.19 -3.62
N ASP A 65 -1.08 4.02 -3.44
CA ASP A 65 -2.08 4.47 -4.40
C ASP A 65 -2.10 6.00 -4.49
N PHE A 66 -1.67 6.65 -3.41
CA PHE A 66 -1.61 8.11 -3.37
C PHE A 66 -0.19 8.57 -3.62
N GLN A 67 0.74 7.95 -2.92
CA GLN A 67 2.15 8.29 -2.97
C GLN A 67 3.00 7.06 -2.69
N ARG A 68 3.52 6.45 -3.75
CA ARG A 68 4.39 5.30 -3.60
C ARG A 68 5.73 5.69 -3.00
N LYS A 69 5.76 5.77 -1.68
CA LYS A 69 6.99 5.94 -0.93
C LYS A 69 7.23 4.67 -0.12
N GLY A 70 6.20 4.24 0.57
CA GLY A 70 6.20 2.96 1.24
C GLY A 70 5.28 1.99 0.54
N THR A 71 5.85 0.96 -0.05
CA THR A 71 5.06 0.01 -0.83
C THR A 71 4.29 -0.96 0.04
N HIS A 72 3.03 -1.15 -0.29
CA HIS A 72 2.31 -2.29 0.25
C HIS A 72 3.05 -3.54 -0.14
N ILE A 73 3.49 -4.28 0.84
CA ILE A 73 4.23 -5.48 0.58
C ILE A 73 3.70 -6.65 1.36
N VAL A 74 3.29 -7.66 0.63
CA VAL A 74 2.92 -8.92 1.21
C VAL A 74 4.18 -9.59 1.72
N LEU A 75 4.08 -10.32 2.82
CA LEU A 75 5.26 -10.86 3.53
C LEU A 75 6.20 -11.64 2.60
N TRP A 76 7.15 -10.94 1.99
CA TRP A 76 8.07 -11.57 1.06
C TRP A 76 9.25 -12.17 1.78
N THR A 77 9.27 -13.50 1.81
CA THR A 77 10.37 -14.24 2.38
C THR A 77 11.06 -15.03 1.27
N GLY A 78 12.13 -15.73 1.62
CA GLY A 78 12.76 -16.62 0.68
C GLY A 78 11.82 -17.71 0.23
N ASP A 79 10.92 -18.11 1.14
CA ASP A 79 9.92 -19.12 0.84
C ASP A 79 8.88 -18.58 -0.11
N GLN A 80 8.28 -17.44 0.25
CA GLN A 80 7.22 -16.85 -0.57
C GLN A 80 7.75 -16.39 -1.92
N GLU A 81 9.00 -15.93 -1.94
CA GLU A 81 9.65 -15.53 -3.17
C GLU A 81 9.70 -16.71 -4.13
N LEU A 82 10.01 -17.88 -3.57
CA LEU A 82 10.02 -19.11 -4.34
C LEU A 82 8.61 -19.48 -4.78
N GLU A 83 7.65 -19.35 -3.86
CA GLU A 83 6.24 -19.63 -4.17
C GLU A 83 5.81 -18.90 -5.42
N LEU A 84 6.13 -17.62 -5.47
CA LEU A 84 5.79 -16.79 -6.62
C LEU A 84 6.45 -17.34 -7.87
N GLN A 85 7.76 -17.55 -7.79
CA GLN A 85 8.54 -17.99 -8.93
C GLN A 85 8.00 -19.30 -9.52
N ARG A 86 7.80 -20.29 -8.66
CA ARG A 86 7.35 -21.61 -9.10
C ARG A 86 6.04 -21.51 -9.89
N LEU A 87 5.04 -20.86 -9.31
CA LEU A 87 3.76 -20.69 -9.99
C LEU A 87 3.91 -19.86 -11.24
N PHE A 88 4.75 -18.82 -11.15
CA PHE A 88 5.06 -17.97 -12.29
C PHE A 88 5.56 -18.81 -13.47
N GLU A 89 6.51 -19.70 -13.20
CA GLU A 89 7.06 -20.56 -14.23
C GLU A 89 6.01 -21.54 -14.74
N GLU A 90 5.20 -22.04 -13.83
CA GLU A 90 4.28 -23.13 -14.13
C GLU A 90 3.12 -22.68 -15.01
N PHE A 91 2.65 -21.45 -14.81
CA PHE A 91 1.51 -20.94 -15.54
C PHE A 91 1.92 -19.81 -16.47
N ARG A 92 3.22 -19.73 -16.75
CA ARG A 92 3.78 -18.63 -17.53
C ARG A 92 3.34 -18.70 -19.00
N ASP A 93 3.18 -19.91 -19.49
CA ASP A 93 2.82 -20.17 -20.88
C ASP A 93 1.33 -19.90 -21.15
N SER A 94 0.68 -19.18 -20.28
CA SER A 94 -0.71 -18.81 -20.49
C SER A 94 -0.80 -17.35 -20.91
N ASP A 95 -2.01 -16.89 -21.19
CA ASP A 95 -2.20 -15.50 -21.63
C ASP A 95 -2.04 -14.55 -20.45
N ASP A 96 -2.32 -15.06 -19.26
CA ASP A 96 -2.20 -14.28 -18.04
C ASP A 96 -1.70 -15.15 -16.91
N VAL A 97 -0.41 -15.06 -16.61
CA VAL A 97 0.20 -15.90 -15.59
C VAL A 97 -0.19 -15.44 -14.17
N LEU A 98 -0.35 -14.13 -14.00
CA LEU A 98 -0.56 -13.57 -12.67
C LEU A 98 -1.88 -14.00 -12.04
N GLY A 99 -2.93 -14.09 -12.87
CA GLY A 99 -4.22 -14.52 -12.36
C GLY A 99 -4.17 -15.92 -11.78
N HIS A 100 -3.34 -16.76 -12.37
CA HIS A 100 -3.17 -18.12 -11.91
C HIS A 100 -2.34 -18.14 -10.63
N ILE A 101 -1.51 -17.12 -10.48
CA ILE A 101 -0.66 -16.99 -9.30
C ILE A 101 -1.50 -16.65 -8.08
N MET A 102 -2.13 -15.47 -8.10
CA MET A 102 -2.86 -14.96 -6.95
C MET A 102 -4.06 -15.84 -6.59
N LYS A 103 -4.54 -16.63 -7.54
CA LYS A 103 -5.68 -17.51 -7.29
C LYS A 103 -5.26 -18.85 -6.68
N ASN A 104 -4.08 -19.35 -7.07
CA ASN A 104 -3.64 -20.66 -6.62
C ASN A 104 -2.79 -20.57 -5.35
N ILE A 105 -2.23 -19.41 -5.07
CA ILE A 105 -1.39 -19.25 -3.90
C ILE A 105 -2.21 -18.81 -2.70
N THR A 106 -1.73 -19.17 -1.53
CA THR A 106 -2.44 -18.93 -0.30
C THR A 106 -2.41 -17.45 0.08
N ALA A 107 -1.34 -16.75 -0.29
CA ALA A 107 -1.23 -15.33 0.00
C ALA A 107 -1.89 -14.53 -1.11
N LYS A 108 -2.77 -13.63 -0.73
CA LYS A 108 -3.43 -12.81 -1.73
C LYS A 108 -2.53 -11.64 -2.08
N ARG A 109 -1.86 -11.77 -3.21
CA ARG A 109 -0.93 -10.76 -3.67
C ARG A 109 -1.52 -10.09 -4.90
N SER A 110 -1.50 -8.79 -4.91
CA SER A 110 -2.14 -8.02 -5.98
C SER A 110 -1.19 -7.85 -7.17
N ARG A 111 -1.73 -7.42 -8.30
CA ARG A 111 -1.01 -7.34 -9.56
C ARG A 111 0.24 -6.47 -9.47
N ALA A 112 0.08 -5.24 -9.00
CA ALA A 112 1.18 -4.29 -8.90
C ALA A 112 2.30 -4.83 -8.01
N ARG A 113 1.91 -5.70 -7.07
CA ARG A 113 2.85 -6.25 -6.11
C ARG A 113 3.55 -7.50 -6.69
N ILE A 114 2.83 -8.27 -7.49
CA ILE A 114 3.40 -9.44 -8.14
C ILE A 114 4.34 -9.04 -9.28
N VAL A 115 3.89 -8.12 -10.14
CA VAL A 115 4.70 -7.68 -11.28
C VAL A 115 6.00 -7.04 -10.81
N ASP A 116 5.91 -6.24 -9.75
CA ASP A 116 7.05 -5.53 -9.20
C ASP A 116 8.08 -6.52 -8.67
N LYS A 117 7.61 -7.61 -8.08
CA LYS A 117 8.48 -8.61 -7.49
C LYS A 117 9.23 -9.39 -8.56
N LEU A 118 8.56 -9.70 -9.67
CA LEU A 118 9.23 -10.37 -10.79
C LEU A 118 10.42 -9.55 -11.27
N LEU A 119 10.17 -8.26 -11.45
CA LEU A 119 11.18 -7.33 -11.92
C LEU A 119 12.33 -7.22 -10.93
N ALA A 120 12.01 -7.36 -9.66
CA ALA A 120 13.00 -7.23 -8.60
C ALA A 120 13.75 -8.54 -8.38
N LEU A 121 13.12 -9.64 -8.76
CA LEU A 121 13.70 -10.95 -8.60
C LEU A 121 14.45 -11.36 -9.86
N GLY A 122 14.23 -10.62 -10.93
CA GLY A 122 14.91 -10.90 -12.19
C GLY A 122 14.30 -12.06 -12.93
N LEU A 123 13.00 -12.20 -12.82
CA LEU A 123 12.29 -13.26 -13.53
C LEU A 123 11.97 -12.81 -14.95
N VAL A 124 11.90 -11.50 -15.12
CA VAL A 124 11.59 -10.89 -16.40
C VAL A 124 12.35 -9.58 -16.56
N ALA A 125 12.09 -8.89 -17.66
CA ALA A 125 12.72 -7.62 -17.93
C ALA A 125 11.69 -6.51 -17.97
N GLU A 126 10.42 -6.90 -17.89
CA GLU A 126 9.31 -5.97 -18.03
C GLU A 126 8.00 -6.71 -17.78
N ARG A 127 6.90 -5.96 -17.71
CA ARG A 127 5.58 -6.56 -17.50
C ARG A 127 5.04 -7.16 -18.79
N ARG A 128 5.57 -6.72 -19.92
CA ARG A 128 5.10 -7.19 -21.23
C ARG A 128 5.28 -8.70 -21.35
N GLU A 129 6.36 -9.19 -20.77
CA GLU A 129 6.76 -10.58 -20.94
C GLU A 129 5.95 -11.52 -20.06
N LEU A 130 5.12 -10.97 -19.18
CA LEU A 130 4.36 -11.77 -18.24
C LEU A 130 3.09 -12.29 -18.90
N TYR A 131 2.82 -11.76 -20.08
CA TYR A 131 1.61 -12.05 -20.80
C TYR A 131 1.98 -12.59 -22.18
N LYS A 132 1.37 -13.72 -22.55
CA LYS A 132 1.67 -14.38 -23.82
C LYS A 132 1.73 -13.38 -24.98
N LYS A 133 2.78 -13.47 -25.78
CA LYS A 133 3.04 -12.47 -26.80
C LYS A 133 3.51 -13.11 -28.11
N ARG A 134 3.12 -12.49 -29.22
CA ARG A 134 3.64 -12.84 -30.53
C ARG A 134 4.32 -11.62 -31.12
N GLN A 135 5.59 -11.45 -30.80
CA GLN A 135 6.30 -10.23 -31.16
C GLN A 135 7.62 -10.53 -31.85
N LYS A 136 8.19 -9.50 -32.48
CA LYS A 136 9.51 -9.61 -33.08
C LYS A 136 10.53 -8.91 -32.18
N LYS A 137 10.52 -9.29 -30.92
CA LYS A 137 11.29 -8.64 -29.89
C LYS A 137 11.72 -9.65 -28.83
N LEU A 138 12.88 -9.41 -28.22
CA LEU A 138 13.48 -10.31 -27.23
C LEU A 138 12.45 -10.78 -26.19
N ALA A 139 12.32 -12.09 -26.06
CA ALA A 139 11.39 -12.69 -25.13
C ALA A 139 11.81 -12.46 -23.68
N SER A 140 11.19 -13.19 -22.75
CA SER A 140 11.47 -13.06 -21.32
C SER A 140 12.97 -13.15 -21.05
N SER A 141 13.59 -11.99 -20.83
CA SER A 141 15.00 -11.92 -20.54
C SER A 141 15.22 -11.62 -19.07
N ASP A 1 -2.63 30.98 10.37
CA ASP A 1 -3.51 31.34 11.51
C ASP A 1 -4.10 30.08 12.17
N PRO A 2 -4.85 29.23 11.44
CA PRO A 2 -5.35 27.98 12.02
C PRO A 2 -4.30 26.87 11.95
N SER A 3 -3.13 27.21 11.41
CA SER A 3 -2.05 26.26 11.19
C SER A 3 -1.26 25.98 12.46
N ARG A 4 -1.98 25.94 13.57
CA ARG A 4 -1.42 25.59 14.87
C ARG A 4 -1.53 24.08 15.06
N ARG A 5 -1.43 23.60 16.30
CA ARG A 5 -1.67 22.19 16.61
C ARG A 5 -2.88 21.68 15.82
N ALA A 6 -2.67 20.60 15.06
CA ALA A 6 -3.71 20.05 14.22
C ALA A 6 -4.90 19.57 15.05
N PRO A 7 -6.11 19.90 14.59
CA PRO A 7 -7.34 19.43 15.21
C PRO A 7 -7.48 17.91 15.16
N THR A 8 -8.32 17.37 16.01
CA THR A 8 -8.65 15.96 15.96
C THR A 8 -9.79 15.72 14.99
N TRP A 9 -9.69 14.65 14.22
CA TRP A 9 -10.67 14.36 13.18
C TRP A 9 -12.04 14.09 13.76
N SER A 10 -12.99 14.92 13.38
CA SER A 10 -14.37 14.75 13.78
C SER A 10 -15.04 13.68 12.91
N PRO A 11 -16.11 13.05 13.41
CA PRO A 11 -16.86 12.03 12.65
C PRO A 11 -17.25 12.52 11.25
N GLU A 12 -17.79 13.72 11.17
CA GLU A 12 -18.19 14.32 9.90
C GLU A 12 -16.96 14.61 9.04
N GLU A 13 -15.83 14.88 9.69
CA GLU A 13 -14.62 15.28 9.00
C GLU A 13 -14.01 14.08 8.27
N GLU A 14 -14.02 12.91 8.91
CA GLU A 14 -13.54 11.69 8.27
C GLU A 14 -14.52 11.23 7.19
N ALA A 15 -15.80 11.49 7.41
CA ALA A 15 -16.81 11.18 6.41
C ALA A 15 -16.65 12.09 5.20
N HIS A 16 -16.45 13.37 5.46
CA HIS A 16 -16.15 14.36 4.43
C HIS A 16 -14.85 14.01 3.71
N LEU A 17 -13.98 13.31 4.42
CA LEU A 17 -12.70 12.90 3.86
C LEU A 17 -12.93 11.89 2.76
N ARG A 18 -13.78 10.90 3.03
CA ARG A 18 -14.13 9.93 2.03
C ARG A 18 -15.14 10.53 1.06
N GLU A 19 -15.94 11.47 1.57
CA GLU A 19 -16.92 12.18 0.78
C GLU A 19 -16.28 12.74 -0.49
N LEU A 20 -15.19 13.46 -0.27
CA LEU A 20 -14.44 14.09 -1.35
C LEU A 20 -13.71 13.05 -2.19
N TYR A 21 -13.28 11.96 -1.54
CA TYR A 21 -12.53 10.92 -2.22
C TYR A 21 -13.43 10.17 -3.18
N LEU A 22 -14.56 9.72 -2.67
CA LEU A 22 -15.51 8.93 -3.46
C LEU A 22 -15.96 9.70 -4.69
N ALA A 23 -15.98 11.02 -4.57
CA ALA A 23 -16.39 11.89 -5.67
C ALA A 23 -15.32 11.98 -6.76
N ASN A 24 -14.06 12.21 -6.35
CA ASN A 24 -13.01 12.49 -7.32
C ASN A 24 -12.03 11.32 -7.47
N LYS A 25 -12.42 10.14 -6.99
CA LYS A 25 -11.54 8.97 -7.05
C LYS A 25 -11.48 8.41 -8.47
N ASP A 26 -12.47 8.73 -9.27
CA ASP A 26 -12.57 8.18 -10.62
C ASP A 26 -12.08 9.20 -11.65
N VAL A 27 -11.49 10.27 -11.16
CA VAL A 27 -10.97 11.31 -12.03
C VAL A 27 -9.50 11.04 -12.34
N GLU A 28 -9.24 10.62 -13.56
CA GLU A 28 -7.89 10.30 -13.96
C GLU A 28 -7.22 11.52 -14.59
N GLY A 29 -5.91 11.60 -14.45
CA GLY A 29 -5.18 12.79 -14.85
C GLY A 29 -5.24 13.82 -13.75
N GLN A 30 -5.52 13.35 -12.55
CA GLN A 30 -5.73 14.21 -11.40
C GLN A 30 -5.14 13.56 -10.15
N ASP A 31 -4.72 14.40 -9.20
CA ASP A 31 -4.27 13.93 -7.91
C ASP A 31 -5.44 13.83 -6.97
N VAL A 32 -5.94 12.62 -6.74
CA VAL A 32 -7.12 12.45 -5.91
C VAL A 32 -6.91 13.01 -4.52
N VAL A 33 -5.74 12.75 -3.93
CA VAL A 33 -5.46 13.19 -2.59
C VAL A 33 -5.34 14.70 -2.53
N GLU A 34 -4.77 15.29 -3.58
CA GLU A 34 -4.69 16.75 -3.69
C GLU A 34 -6.10 17.34 -3.63
N ALA A 35 -7.00 16.74 -4.40
CA ALA A 35 -8.39 17.15 -4.40
C ALA A 35 -8.98 17.09 -3.01
N ILE A 36 -8.57 16.09 -2.24
CA ILE A 36 -9.06 15.94 -0.88
C ILE A 36 -8.47 17.02 0.00
N LEU A 37 -7.14 16.97 0.16
CA LEU A 37 -6.42 17.87 1.09
C LEU A 37 -6.84 19.33 0.92
N ALA A 38 -6.99 19.74 -0.33
CA ALA A 38 -7.15 21.14 -0.67
C ALA A 38 -8.60 21.62 -0.65
N HIS A 39 -9.55 20.71 -0.86
CA HIS A 39 -10.95 21.14 -0.92
C HIS A 39 -11.58 21.21 0.46
N LEU A 40 -11.12 20.39 1.39
CA LEU A 40 -11.62 20.47 2.75
C LEU A 40 -10.65 21.25 3.64
N ASN A 41 -10.79 22.57 3.62
CA ASN A 41 -9.90 23.44 4.36
C ASN A 41 -10.33 23.52 5.83
N THR A 42 -10.78 22.39 6.34
CA THR A 42 -11.17 22.27 7.74
C THR A 42 -9.98 21.81 8.56
N VAL A 43 -9.02 21.17 7.88
CA VAL A 43 -7.83 20.69 8.54
C VAL A 43 -6.57 21.29 7.92
N PRO A 44 -5.82 22.09 8.70
CA PRO A 44 -4.48 22.49 8.31
C PRO A 44 -3.53 21.30 8.41
N ARG A 45 -3.44 20.53 7.34
CA ARG A 45 -2.74 19.26 7.38
C ARG A 45 -1.94 19.01 6.12
N THR A 46 -1.23 17.90 6.13
CA THR A 46 -0.37 17.51 5.02
C THR A 46 -1.02 16.38 4.23
N ARG A 47 -0.26 15.83 3.28
CA ARG A 47 -0.79 14.81 2.39
C ARG A 47 -1.00 13.51 3.15
N LYS A 48 0.05 13.09 3.85
CA LYS A 48 0.09 11.81 4.56
C LYS A 48 -1.10 11.64 5.52
N GLN A 49 -1.51 12.73 6.15
CA GLN A 49 -2.62 12.73 7.10
C GLN A 49 -3.89 12.17 6.46
N ILE A 50 -4.34 12.84 5.41
CA ILE A 50 -5.57 12.47 4.73
C ILE A 50 -5.46 11.06 4.14
N ILE A 51 -4.30 10.77 3.54
CA ILE A 51 -4.05 9.45 2.96
C ILE A 51 -4.32 8.34 3.96
N HIS A 52 -3.79 8.53 5.17
CA HIS A 52 -3.89 7.52 6.21
C HIS A 52 -5.32 7.12 6.49
N HIS A 53 -6.20 8.09 6.71
CA HIS A 53 -7.60 7.77 7.06
C HIS A 53 -8.29 7.02 5.94
N LEU A 54 -7.96 7.35 4.70
CA LEU A 54 -8.62 6.76 3.55
C LEU A 54 -8.26 5.28 3.40
N VAL A 55 -6.97 4.99 3.47
CA VAL A 55 -6.50 3.62 3.37
C VAL A 55 -6.85 2.82 4.63
N GLN A 56 -7.07 3.55 5.72
CA GLN A 56 -7.46 2.94 6.98
C GLN A 56 -8.94 2.57 6.99
N MET A 57 -9.74 3.32 6.23
CA MET A 57 -11.17 3.04 6.16
C MET A 57 -11.47 1.95 5.14
N GLY A 58 -10.43 1.42 4.50
CA GLY A 58 -10.60 0.31 3.59
C GLY A 58 -11.19 0.73 2.26
N LEU A 59 -11.36 2.03 2.09
CA LEU A 59 -11.89 2.56 0.85
C LEU A 59 -10.75 2.82 -0.13
N ALA A 60 -9.53 2.79 0.41
CA ALA A 60 -8.33 2.89 -0.39
C ALA A 60 -7.38 1.75 -0.02
N ASP A 61 -6.47 1.41 -0.93
CA ASP A 61 -5.59 0.26 -0.72
C ASP A 61 -4.44 0.59 0.23
N SER A 62 -3.54 1.48 -0.20
CA SER A 62 -2.32 1.74 0.54
C SER A 62 -1.86 3.18 0.35
N VAL A 63 -0.96 3.61 1.22
CA VAL A 63 -0.42 4.96 1.18
C VAL A 63 0.40 5.19 -0.08
N LYS A 64 1.05 4.12 -0.54
CA LYS A 64 1.92 4.16 -1.72
C LYS A 64 1.19 4.69 -2.95
N ASP A 65 -0.11 4.45 -3.01
CA ASP A 65 -0.91 4.83 -4.17
C ASP A 65 -1.12 6.34 -4.21
N PHE A 66 -0.93 6.98 -3.05
CA PHE A 66 -1.11 8.42 -2.94
C PHE A 66 0.25 9.12 -2.88
N GLN A 67 1.12 8.60 -2.03
CA GLN A 67 2.41 9.20 -1.72
C GLN A 67 3.39 8.11 -1.31
N ARG A 68 4.60 8.50 -0.95
CA ARG A 68 5.60 7.51 -0.56
C ARG A 68 6.22 7.89 0.78
N LYS A 69 5.76 7.21 1.82
CA LYS A 69 6.31 7.38 3.15
C LYS A 69 6.28 6.04 3.84
N GLY A 70 5.08 5.53 4.04
CA GLY A 70 4.92 4.17 4.50
C GLY A 70 5.07 3.21 3.33
N THR A 71 5.76 2.11 3.56
CA THR A 71 6.04 1.17 2.49
C THR A 71 4.95 0.13 2.34
N HIS A 72 5.15 -0.77 1.39
CA HIS A 72 4.28 -1.93 1.20
C HIS A 72 4.66 -3.02 2.18
N ILE A 73 5.38 -2.64 3.22
CA ILE A 73 6.02 -3.60 4.08
C ILE A 73 5.06 -4.24 5.07
N VAL A 74 4.85 -5.52 4.81
CA VAL A 74 4.20 -6.43 5.69
C VAL A 74 4.87 -6.39 7.06
N LEU A 75 4.10 -6.52 8.13
CA LEU A 75 4.64 -6.46 9.49
C LEU A 75 5.80 -7.46 9.67
N TRP A 76 7.01 -6.92 9.65
CA TRP A 76 8.21 -7.71 9.85
C TRP A 76 8.57 -7.77 11.33
N THR A 77 8.45 -8.95 11.90
CA THR A 77 8.78 -9.18 13.29
C THR A 77 9.80 -10.29 13.39
N GLY A 78 10.30 -10.56 14.60
CA GLY A 78 11.28 -11.61 14.79
C GLY A 78 10.82 -12.94 14.24
N ASP A 79 9.59 -13.32 14.56
CA ASP A 79 9.00 -14.55 14.05
C ASP A 79 8.94 -14.54 12.52
N GLN A 80 8.29 -13.52 11.98
CA GLN A 80 8.07 -13.41 10.54
C GLN A 80 9.39 -13.41 9.78
N GLU A 81 10.37 -12.69 10.32
CA GLU A 81 11.70 -12.60 9.73
C GLU A 81 12.39 -13.96 9.72
N LEU A 82 12.37 -14.62 10.88
CA LEU A 82 12.99 -15.92 11.05
C LEU A 82 12.31 -16.97 10.16
N GLU A 83 10.98 -16.94 10.10
CA GLU A 83 10.23 -17.91 9.30
C GLU A 83 10.60 -17.79 7.81
N LEU A 84 10.67 -16.56 7.31
CA LEU A 84 11.01 -16.34 5.91
C LEU A 84 12.49 -16.65 5.67
N GLN A 85 13.32 -16.30 6.65
CA GLN A 85 14.76 -16.55 6.58
C GLN A 85 15.02 -18.03 6.32
N ARG A 86 14.58 -18.87 7.25
CA ARG A 86 14.85 -20.30 7.19
C ARG A 86 14.28 -20.92 5.92
N LEU A 87 13.06 -20.53 5.57
CA LEU A 87 12.39 -21.07 4.39
C LEU A 87 13.18 -20.76 3.11
N PHE A 88 13.62 -19.52 2.98
CA PHE A 88 14.40 -19.10 1.82
C PHE A 88 15.65 -19.98 1.67
N GLU A 89 16.23 -20.39 2.77
CA GLU A 89 17.42 -21.24 2.72
C GLU A 89 17.08 -22.68 2.39
N GLU A 90 16.02 -23.21 2.99
CA GLU A 90 15.77 -24.63 2.95
C GLU A 90 14.92 -25.05 1.74
N PHE A 91 14.12 -24.14 1.22
CA PHE A 91 13.34 -24.39 0.01
C PHE A 91 14.08 -23.87 -1.20
N ARG A 92 15.35 -23.54 -1.00
CA ARG A 92 16.16 -22.90 -2.03
C ARG A 92 16.71 -23.92 -3.02
N ASP A 93 16.59 -25.20 -2.69
CA ASP A 93 17.11 -26.25 -3.57
C ASP A 93 16.07 -26.65 -4.61
N SER A 94 14.97 -25.93 -4.65
CA SER A 94 13.96 -26.15 -5.67
C SER A 94 14.02 -25.05 -6.72
N ASP A 95 13.26 -25.21 -7.79
CA ASP A 95 13.36 -24.31 -8.95
C ASP A 95 12.89 -22.89 -8.62
N ASP A 96 11.99 -22.76 -7.65
CA ASP A 96 11.50 -21.45 -7.25
C ASP A 96 11.25 -21.40 -5.75
N VAL A 97 12.15 -20.73 -5.03
CA VAL A 97 12.10 -20.68 -3.57
C VAL A 97 10.82 -20.02 -3.09
N LEU A 98 10.60 -18.82 -3.59
CA LEU A 98 9.52 -17.97 -3.10
C LEU A 98 8.15 -18.59 -3.34
N GLY A 99 8.05 -19.45 -4.34
CA GLY A 99 6.80 -20.13 -4.62
C GLY A 99 6.43 -21.11 -3.52
N HIS A 100 7.41 -21.89 -3.09
CA HIS A 100 7.20 -22.85 -2.02
C HIS A 100 7.13 -22.10 -0.70
N ILE A 101 7.81 -20.97 -0.65
CA ILE A 101 7.75 -20.08 0.50
C ILE A 101 6.31 -19.65 0.75
N MET A 102 5.68 -19.06 -0.26
CA MET A 102 4.32 -18.56 -0.13
C MET A 102 3.34 -19.67 0.23
N LYS A 103 3.56 -20.84 -0.33
CA LYS A 103 2.65 -21.97 -0.12
C LYS A 103 2.86 -22.61 1.25
N ASN A 104 4.01 -22.35 1.87
CA ASN A 104 4.30 -22.93 3.18
C ASN A 104 4.09 -21.90 4.29
N ILE A 105 4.24 -20.62 3.98
CA ILE A 105 4.26 -19.60 5.01
C ILE A 105 2.86 -19.05 5.29
N THR A 106 2.66 -18.65 6.53
CA THR A 106 1.39 -18.14 6.99
C THR A 106 1.12 -16.73 6.43
N ALA A 107 2.19 -15.99 6.15
CA ALA A 107 2.04 -14.63 5.65
C ALA A 107 2.02 -14.61 4.13
N LYS A 108 1.01 -13.97 3.58
CA LYS A 108 0.93 -13.83 2.13
C LYS A 108 1.64 -12.56 1.70
N ARG A 109 2.83 -12.75 1.18
CA ARG A 109 3.68 -11.65 0.76
C ARG A 109 3.93 -11.75 -0.73
N SER A 110 4.03 -10.62 -1.40
CA SER A 110 4.29 -10.60 -2.82
C SER A 110 5.79 -10.71 -3.08
N ARG A 111 6.15 -11.09 -4.30
CA ARG A 111 7.56 -11.22 -4.68
C ARG A 111 8.29 -9.92 -4.45
N ALA A 112 7.65 -8.81 -4.79
CA ALA A 112 8.23 -7.49 -4.63
C ALA A 112 8.59 -7.22 -3.17
N ARG A 113 7.76 -7.69 -2.26
CA ARG A 113 8.00 -7.45 -0.83
C ARG A 113 9.14 -8.31 -0.33
N ILE A 114 9.18 -9.56 -0.80
CA ILE A 114 10.14 -10.52 -0.29
C ILE A 114 11.54 -10.24 -0.80
N VAL A 115 11.69 -10.10 -2.12
CA VAL A 115 12.99 -9.90 -2.72
C VAL A 115 13.61 -8.60 -2.24
N ASP A 116 12.78 -7.57 -2.06
CA ASP A 116 13.22 -6.29 -1.51
C ASP A 116 13.83 -6.47 -0.13
N LYS A 117 13.20 -7.31 0.66
CA LYS A 117 13.63 -7.49 2.04
C LYS A 117 14.84 -8.42 2.15
N LEU A 118 14.96 -9.37 1.23
CA LEU A 118 16.15 -10.24 1.22
C LEU A 118 17.41 -9.43 0.98
N LEU A 119 17.33 -8.48 0.06
CA LEU A 119 18.45 -7.61 -0.25
C LEU A 119 18.74 -6.67 0.91
N ALA A 120 17.70 -6.39 1.68
CA ALA A 120 17.81 -5.47 2.79
C ALA A 120 18.35 -6.17 4.04
N LEU A 121 17.82 -7.36 4.32
CA LEU A 121 18.30 -8.18 5.43
C LEU A 121 19.73 -8.62 5.19
N GLY A 122 20.11 -8.66 3.92
CA GLY A 122 21.41 -9.19 3.57
C GLY A 122 21.40 -10.71 3.59
N LEU A 123 20.26 -11.29 3.24
CA LEU A 123 20.13 -12.74 3.17
C LEU A 123 20.65 -13.21 1.83
N VAL A 124 20.75 -12.27 0.90
CA VAL A 124 21.30 -12.53 -0.39
C VAL A 124 21.99 -11.28 -0.93
N ALA A 125 22.54 -11.42 -2.09
CA ALA A 125 23.25 -10.33 -2.74
C ALA A 125 22.59 -9.96 -4.06
N GLU A 126 21.59 -10.76 -4.45
CA GLU A 126 21.02 -10.67 -5.79
C GLU A 126 19.80 -11.57 -5.88
N ARG A 127 18.82 -11.17 -6.69
CA ARG A 127 17.57 -11.92 -6.78
C ARG A 127 17.76 -13.27 -7.47
N ARG A 128 18.71 -13.33 -8.38
CA ARG A 128 18.98 -14.55 -9.15
C ARG A 128 19.48 -15.70 -8.27
N GLU A 129 19.72 -15.44 -7.00
CA GLU A 129 20.15 -16.47 -6.07
C GLU A 129 18.96 -17.12 -5.38
N LEU A 130 17.86 -16.38 -5.33
CA LEU A 130 16.61 -16.89 -4.77
C LEU A 130 15.73 -17.43 -5.89
N TYR A 131 16.32 -17.53 -7.07
CA TYR A 131 15.68 -18.16 -8.21
C TYR A 131 16.63 -19.16 -8.83
N LYS A 132 16.32 -20.44 -8.72
CA LYS A 132 17.14 -21.48 -9.30
C LYS A 132 17.08 -21.37 -10.83
N LYS A 133 18.07 -20.70 -11.39
CA LYS A 133 18.06 -20.32 -12.78
C LYS A 133 19.37 -20.71 -13.45
N ARG A 134 19.35 -20.87 -14.76
CA ARG A 134 20.57 -21.18 -15.48
C ARG A 134 21.17 -19.90 -16.05
N GLN A 135 22.06 -19.30 -15.27
CA GLN A 135 22.70 -18.05 -15.68
C GLN A 135 23.77 -18.33 -16.73
N LYS A 136 23.88 -17.41 -17.69
CA LYS A 136 24.87 -17.54 -18.75
C LYS A 136 26.17 -16.90 -18.26
N LYS A 137 26.91 -16.27 -19.16
CA LYS A 137 27.97 -15.36 -18.74
C LYS A 137 27.31 -14.30 -17.85
N LEU A 138 28.03 -13.83 -16.84
CA LEU A 138 27.46 -12.98 -15.79
C LEU A 138 26.56 -11.87 -16.36
N ALA A 139 25.27 -12.08 -16.21
CA ALA A 139 24.27 -11.15 -16.68
C ALA A 139 23.37 -10.75 -15.52
N SER A 140 22.50 -9.78 -15.74
CA SER A 140 21.58 -9.39 -14.70
C SER A 140 20.34 -10.28 -14.73
N SER A 141 20.45 -11.44 -14.12
CA SER A 141 19.32 -12.32 -13.95
C SER A 141 18.62 -11.98 -12.64
N ASP A 1 4.74 21.47 11.69
CA ASP A 1 3.37 21.55 11.15
C ASP A 1 3.33 22.47 9.93
N PRO A 2 2.44 22.19 8.96
CA PRO A 2 2.29 23.02 7.76
C PRO A 2 1.73 24.40 8.10
N SER A 3 0.75 24.43 8.98
CA SER A 3 0.15 25.68 9.44
C SER A 3 -0.03 25.60 10.96
N ARG A 4 -0.71 24.55 11.38
CA ARG A 4 -0.81 24.20 12.80
C ARG A 4 -0.91 22.68 12.90
N ARG A 5 -0.68 22.14 14.10
CA ARG A 5 -0.74 20.70 14.30
C ARG A 5 -2.16 20.19 14.06
N ALA A 6 -2.27 18.90 13.76
CA ALA A 6 -3.55 18.32 13.39
C ALA A 6 -4.43 18.04 14.60
N PRO A 7 -5.65 18.58 14.60
CA PRO A 7 -6.70 18.21 15.54
C PRO A 7 -7.24 16.81 15.27
N THR A 8 -8.26 16.42 16.02
CA THR A 8 -8.94 15.17 15.79
C THR A 8 -10.11 15.39 14.84
N TRP A 9 -10.23 14.57 13.81
CA TRP A 9 -11.29 14.71 12.83
C TRP A 9 -12.65 14.37 13.45
N SER A 10 -13.68 15.08 13.00
CA SER A 10 -15.04 14.79 13.44
C SER A 10 -15.65 13.71 12.54
N PRO A 11 -16.60 12.91 13.05
CA PRO A 11 -17.26 11.84 12.28
C PRO A 11 -17.78 12.32 10.92
N GLU A 12 -18.49 13.45 10.94
CA GLU A 12 -19.01 14.05 9.72
C GLU A 12 -17.87 14.51 8.80
N GLU A 13 -16.80 14.96 9.44
CA GLU A 13 -15.64 15.50 8.75
C GLU A 13 -14.86 14.37 8.06
N GLU A 14 -14.78 13.22 8.72
CA GLU A 14 -14.16 12.05 8.13
C GLU A 14 -15.03 11.50 7.00
N ALA A 15 -16.34 11.74 7.10
CA ALA A 15 -17.26 11.38 6.04
C ALA A 15 -17.02 12.26 4.81
N HIS A 16 -16.51 13.47 5.07
CA HIS A 16 -16.15 14.41 4.03
C HIS A 16 -14.75 14.09 3.49
N LEU A 17 -13.94 13.48 4.34
CA LEU A 17 -12.62 13.01 3.95
C LEU A 17 -12.76 11.93 2.87
N ARG A 18 -13.60 10.94 3.15
CA ARG A 18 -13.90 9.92 2.16
C ARG A 18 -14.76 10.52 1.05
N GLU A 19 -15.60 11.50 1.42
CA GLU A 19 -16.49 12.16 0.47
C GLU A 19 -15.71 12.61 -0.77
N LEU A 20 -14.69 13.41 -0.54
CA LEU A 20 -13.85 13.93 -1.58
C LEU A 20 -13.16 12.81 -2.37
N TYR A 21 -12.74 11.78 -1.65
CA TYR A 21 -12.00 10.69 -2.27
C TYR A 21 -12.92 9.87 -3.18
N LEU A 22 -14.11 9.61 -2.71
CA LEU A 22 -15.07 8.77 -3.42
C LEU A 22 -15.58 9.50 -4.68
N ALA A 23 -15.44 10.81 -4.69
CA ALA A 23 -15.86 11.60 -5.83
C ALA A 23 -14.74 11.75 -6.86
N ASN A 24 -13.53 12.04 -6.39
CA ASN A 24 -12.43 12.34 -7.28
C ASN A 24 -11.75 11.08 -7.82
N LYS A 25 -12.09 9.92 -7.25
CA LYS A 25 -11.57 8.65 -7.77
C LYS A 25 -12.12 8.37 -9.17
N ASP A 26 -13.24 9.01 -9.47
CA ASP A 26 -13.92 8.84 -10.76
C ASP A 26 -13.39 9.84 -11.79
N VAL A 27 -12.59 10.78 -11.31
CA VAL A 27 -12.05 11.82 -12.15
C VAL A 27 -10.70 11.41 -12.71
N GLU A 28 -10.57 11.46 -14.01
CA GLU A 28 -9.37 10.99 -14.68
C GLU A 28 -8.41 12.13 -14.95
N GLY A 29 -7.15 11.93 -14.62
CA GLY A 29 -6.13 12.95 -14.83
C GLY A 29 -5.93 13.82 -13.60
N GLN A 30 -7.00 14.04 -12.86
CA GLN A 30 -6.92 14.84 -11.64
C GLN A 30 -6.35 13.98 -10.51
N ASP A 31 -5.28 14.48 -9.90
CA ASP A 31 -4.60 13.77 -8.81
C ASP A 31 -5.54 13.58 -7.63
N VAL A 32 -5.96 12.36 -7.36
CA VAL A 32 -6.97 12.11 -6.36
C VAL A 32 -6.47 12.56 -4.98
N VAL A 33 -5.20 12.29 -4.68
CA VAL A 33 -4.66 12.57 -3.37
C VAL A 33 -4.61 14.06 -3.17
N GLU A 34 -4.25 14.77 -4.22
CA GLU A 34 -4.14 16.21 -4.17
C GLU A 34 -5.51 16.81 -4.00
N ALA A 35 -6.50 16.24 -4.69
CA ALA A 35 -7.88 16.74 -4.60
C ALA A 35 -8.35 16.74 -3.15
N ILE A 36 -8.03 15.67 -2.44
CA ILE A 36 -8.49 15.51 -1.08
C ILE A 36 -7.78 16.51 -0.17
N LEU A 37 -6.46 16.46 -0.17
CA LEU A 37 -5.66 17.31 0.70
C LEU A 37 -5.80 18.80 0.36
N ALA A 38 -6.27 19.08 -0.84
CA ALA A 38 -6.41 20.44 -1.33
C ALA A 38 -7.67 21.13 -0.81
N HIS A 39 -8.81 20.49 -0.98
CA HIS A 39 -10.09 21.16 -0.75
C HIS A 39 -10.48 21.16 0.72
N LEU A 40 -9.95 20.20 1.47
CA LEU A 40 -10.28 20.10 2.89
C LEU A 40 -9.55 21.14 3.72
N ASN A 41 -10.10 22.34 3.77
CA ASN A 41 -9.60 23.36 4.67
C ASN A 41 -10.54 23.50 5.84
N THR A 42 -11.05 22.35 6.28
CA THR A 42 -11.92 22.26 7.43
C THR A 42 -11.10 21.88 8.66
N VAL A 43 -9.93 21.34 8.40
CA VAL A 43 -9.07 20.83 9.45
C VAL A 43 -7.60 20.96 9.03
N PRO A 44 -6.79 21.63 9.85
CA PRO A 44 -5.36 21.78 9.57
C PRO A 44 -4.58 20.50 9.88
N ARG A 45 -3.94 19.95 8.86
CA ARG A 45 -3.14 18.74 9.02
C ARG A 45 -2.09 18.67 7.94
N THR A 46 -1.15 17.76 8.10
CA THR A 46 -0.19 17.48 7.06
C THR A 46 -0.86 16.62 5.98
N ARG A 47 -0.35 16.71 4.76
CA ARG A 47 -0.92 15.97 3.62
C ARG A 47 -0.86 14.46 3.87
N LYS A 48 0.10 14.07 4.71
CA LYS A 48 0.27 12.69 5.11
C LYS A 48 -1.02 12.11 5.71
N GLN A 49 -1.72 12.92 6.50
CA GLN A 49 -2.92 12.46 7.19
C GLN A 49 -4.03 12.11 6.22
N ILE A 50 -4.11 12.83 5.11
CA ILE A 50 -5.13 12.54 4.10
C ILE A 50 -4.94 11.14 3.56
N ILE A 51 -3.76 10.90 2.99
CA ILE A 51 -3.40 9.60 2.46
C ILE A 51 -3.57 8.52 3.53
N HIS A 52 -3.13 8.85 4.73
CA HIS A 52 -3.19 7.91 5.84
C HIS A 52 -4.62 7.59 6.25
N HIS A 53 -5.43 8.60 6.52
CA HIS A 53 -6.79 8.38 7.00
C HIS A 53 -7.63 7.57 6.00
N LEU A 54 -7.36 7.78 4.73
CA LEU A 54 -8.09 7.08 3.67
C LEU A 54 -7.83 5.58 3.71
N VAL A 55 -6.56 5.20 3.77
CA VAL A 55 -6.21 3.78 3.82
C VAL A 55 -6.45 3.22 5.22
N GLN A 56 -6.44 4.10 6.21
CA GLN A 56 -6.70 3.73 7.59
C GLN A 56 -8.15 3.29 7.77
N MET A 57 -9.05 3.89 7.02
CA MET A 57 -10.45 3.54 7.12
C MET A 57 -10.82 2.45 6.12
N GLY A 58 -9.80 1.84 5.53
CA GLY A 58 -9.99 0.69 4.67
C GLY A 58 -10.73 1.02 3.38
N LEU A 59 -10.93 2.30 3.13
CA LEU A 59 -11.65 2.72 1.94
C LEU A 59 -10.67 2.93 0.79
N ALA A 60 -9.41 3.09 1.15
CA ALA A 60 -8.34 3.14 0.17
C ALA A 60 -7.49 1.89 0.26
N ASP A 61 -6.74 1.59 -0.78
CA ASP A 61 -5.88 0.42 -0.77
C ASP A 61 -4.69 0.63 0.15
N SER A 62 -3.80 1.54 -0.24
CA SER A 62 -2.57 1.77 0.51
C SER A 62 -1.90 3.07 0.11
N VAL A 63 -0.81 3.38 0.81
CA VAL A 63 0.02 4.55 0.54
C VAL A 63 0.61 4.48 -0.87
N LYS A 64 0.73 3.25 -1.38
CA LYS A 64 1.32 2.97 -2.67
C LYS A 64 0.56 3.63 -3.82
N ASP A 65 -0.75 3.79 -3.63
CA ASP A 65 -1.59 4.37 -4.68
C ASP A 65 -1.53 5.89 -4.64
N PHE A 66 -1.10 6.42 -3.50
CA PHE A 66 -1.15 7.87 -3.27
C PHE A 66 0.21 8.54 -3.47
N GLN A 67 1.26 7.96 -2.89
CA GLN A 67 2.56 8.63 -2.85
C GLN A 67 3.73 7.70 -3.09
N ARG A 68 3.75 6.60 -2.37
CA ARG A 68 4.92 5.74 -2.35
C ARG A 68 4.86 4.78 -3.51
N LYS A 69 6.00 4.58 -4.16
CA LYS A 69 6.10 3.55 -5.17
C LYS A 69 5.64 2.22 -4.59
N GLY A 70 4.72 1.59 -5.31
CA GLY A 70 4.25 0.26 -4.95
C GLY A 70 5.37 -0.60 -4.41
N THR A 71 5.22 -0.98 -3.15
CA THR A 71 6.25 -1.64 -2.39
C THR A 71 6.81 -2.86 -3.12
N HIS A 72 8.13 -2.92 -3.21
CA HIS A 72 8.82 -4.05 -3.85
C HIS A 72 8.73 -5.27 -2.95
N ILE A 73 8.28 -5.02 -1.71
CA ILE A 73 8.43 -5.90 -0.55
C ILE A 73 8.85 -7.33 -0.85
N VAL A 74 9.87 -7.73 -0.10
CA VAL A 74 10.45 -9.05 -0.20
C VAL A 74 9.37 -10.11 -0.02
N LEU A 75 9.58 -11.26 -0.63
CA LEU A 75 8.62 -12.35 -0.57
C LEU A 75 8.17 -12.69 0.86
N TRP A 76 7.08 -12.05 1.29
CA TRP A 76 6.44 -12.41 2.54
C TRP A 76 5.40 -13.50 2.29
N THR A 77 5.71 -14.70 2.76
CA THR A 77 4.79 -15.82 2.66
C THR A 77 4.09 -16.03 3.98
N GLY A 78 2.95 -16.73 3.96
CA GLY A 78 2.17 -16.94 5.16
C GLY A 78 2.97 -17.55 6.30
N ASP A 79 3.86 -18.49 5.97
CA ASP A 79 4.62 -19.19 6.99
C ASP A 79 5.72 -18.30 7.57
N GLN A 80 6.42 -17.56 6.72
CA GLN A 80 7.54 -16.74 7.20
C GLN A 80 7.01 -15.44 7.80
N GLU A 81 5.82 -15.02 7.36
CA GLU A 81 5.18 -13.85 7.92
C GLU A 81 4.77 -14.13 9.37
N LEU A 82 4.19 -15.31 9.59
CA LEU A 82 3.84 -15.76 10.93
C LEU A 82 5.11 -15.91 11.77
N GLU A 83 6.16 -16.44 11.15
CA GLU A 83 7.45 -16.62 11.80
C GLU A 83 7.96 -15.29 12.35
N LEU A 84 7.93 -14.26 11.51
CA LEU A 84 8.38 -12.94 11.91
C LEU A 84 7.37 -12.28 12.85
N GLN A 85 6.09 -12.61 12.67
CA GLN A 85 5.04 -12.13 13.57
C GLN A 85 5.37 -12.53 14.99
N ARG A 86 5.49 -13.84 15.21
CA ARG A 86 5.85 -14.37 16.52
C ARG A 86 7.17 -13.78 16.99
N LEU A 87 8.14 -13.74 16.09
CA LEU A 87 9.49 -13.31 16.40
C LEU A 87 9.48 -11.88 16.96
N PHE A 88 8.81 -10.99 16.25
CA PHE A 88 8.71 -9.60 16.65
C PHE A 88 8.10 -9.48 18.04
N GLU A 89 7.02 -10.19 18.27
CA GLU A 89 6.34 -10.14 19.54
C GLU A 89 7.21 -10.72 20.66
N GLU A 90 8.01 -11.71 20.32
CA GLU A 90 8.78 -12.43 21.30
C GLU A 90 10.09 -11.73 21.65
N PHE A 91 10.62 -10.93 20.74
CA PHE A 91 11.90 -10.26 20.98
C PHE A 91 11.73 -8.77 21.22
N ARG A 92 10.50 -8.28 21.15
CA ARG A 92 10.22 -6.88 21.45
C ARG A 92 10.33 -6.65 22.96
N ASP A 93 10.45 -7.75 23.69
CA ASP A 93 10.75 -7.74 25.12
C ASP A 93 12.07 -7.03 25.40
N SER A 94 12.90 -6.90 24.36
CA SER A 94 14.18 -6.22 24.47
C SER A 94 14.08 -4.83 23.84
N ASP A 95 15.17 -4.08 23.88
CA ASP A 95 15.17 -2.71 23.36
C ASP A 95 15.10 -2.72 21.83
N ASP A 96 15.97 -3.49 21.21
CA ASP A 96 16.01 -3.56 19.76
C ASP A 96 15.57 -4.94 19.29
N VAL A 97 14.34 -5.01 18.81
CA VAL A 97 13.76 -6.27 18.40
C VAL A 97 14.30 -6.72 17.03
N LEU A 98 14.58 -5.78 16.14
CA LEU A 98 14.95 -6.10 14.77
C LEU A 98 16.36 -6.69 14.67
N GLY A 99 17.24 -6.25 15.55
CA GLY A 99 18.57 -6.84 15.62
C GLY A 99 18.50 -8.32 15.92
N HIS A 100 17.60 -8.69 16.81
CA HIS A 100 17.40 -10.09 17.17
C HIS A 100 16.59 -10.79 16.09
N ILE A 101 15.73 -10.02 15.43
CA ILE A 101 14.99 -10.52 14.28
C ILE A 101 15.96 -11.02 13.23
N MET A 102 16.83 -10.13 12.75
CA MET A 102 17.78 -10.45 11.69
C MET A 102 18.62 -11.67 12.03
N LYS A 103 18.98 -11.81 13.29
CA LYS A 103 19.88 -12.87 13.72
C LYS A 103 19.12 -14.15 14.06
N ASN A 104 17.81 -14.09 14.15
CA ASN A 104 17.02 -15.27 14.50
C ASN A 104 16.09 -15.71 13.37
N ILE A 105 15.86 -14.83 12.40
CA ILE A 105 14.94 -15.13 11.31
C ILE A 105 15.68 -15.75 10.13
N THR A 106 14.94 -16.48 9.32
CA THR A 106 15.49 -17.15 8.18
C THR A 106 15.70 -16.18 7.00
N ALA A 107 14.72 -15.32 6.75
CA ALA A 107 14.81 -14.39 5.63
C ALA A 107 15.56 -13.14 6.04
N LYS A 108 16.58 -12.80 5.28
CA LYS A 108 17.37 -11.61 5.57
C LYS A 108 16.81 -10.41 4.83
N ARG A 109 16.10 -9.59 5.58
CA ARG A 109 15.46 -8.41 5.03
C ARG A 109 16.23 -7.16 5.39
N SER A 110 15.71 -6.02 4.98
CA SER A 110 16.20 -4.75 5.48
C SER A 110 15.26 -4.23 6.56
N ARG A 111 15.80 -3.51 7.53
CA ARG A 111 15.02 -3.10 8.70
C ARG A 111 13.90 -2.13 8.33
N ALA A 112 14.15 -1.25 7.36
CA ALA A 112 13.18 -0.24 6.94
C ALA A 112 11.87 -0.88 6.47
N ARG A 113 11.98 -1.98 5.76
CA ARG A 113 10.80 -2.64 5.22
C ARG A 113 10.20 -3.61 6.22
N ILE A 114 10.98 -4.02 7.22
CA ILE A 114 10.45 -4.86 8.27
C ILE A 114 9.49 -4.05 9.13
N VAL A 115 9.97 -2.89 9.57
CA VAL A 115 9.20 -2.01 10.43
C VAL A 115 7.92 -1.54 9.73
N ASP A 116 8.03 -1.28 8.44
CA ASP A 116 6.91 -0.78 7.66
C ASP A 116 5.90 -1.89 7.41
N LYS A 117 6.40 -3.12 7.29
CA LYS A 117 5.53 -4.27 7.07
C LYS A 117 4.76 -4.60 8.35
N LEU A 118 5.34 -4.27 9.52
CA LEU A 118 4.62 -4.41 10.79
C LEU A 118 3.33 -3.61 10.76
N LEU A 119 3.45 -2.38 10.30
CA LEU A 119 2.30 -1.49 10.16
C LEU A 119 1.23 -2.12 9.28
N ALA A 120 1.69 -2.84 8.27
CA ALA A 120 0.78 -3.48 7.32
C ALA A 120 0.09 -4.68 7.94
N LEU A 121 0.81 -5.43 8.77
CA LEU A 121 0.23 -6.55 9.50
C LEU A 121 -0.70 -6.06 10.60
N GLY A 122 -0.46 -4.85 11.06
CA GLY A 122 -1.15 -4.34 12.22
C GLY A 122 -0.54 -4.87 13.50
N LEU A 123 0.76 -5.14 13.46
CA LEU A 123 1.49 -5.60 14.63
C LEU A 123 1.75 -4.42 15.55
N VAL A 124 1.71 -3.24 14.95
CA VAL A 124 1.84 -1.99 15.68
C VAL A 124 1.02 -0.91 15.00
N ALA A 125 1.02 0.26 15.58
CA ALA A 125 0.33 1.42 15.02
C ALA A 125 1.33 2.51 14.68
N GLU A 126 2.56 2.28 15.12
CA GLU A 126 3.64 3.25 14.99
C GLU A 126 4.97 2.52 15.07
N ARG A 127 5.99 3.09 14.44
CA ARG A 127 7.34 2.52 14.50
C ARG A 127 7.98 2.79 15.85
N ARG A 128 7.45 3.80 16.52
CA ARG A 128 7.92 4.23 17.83
C ARG A 128 8.00 3.06 18.83
N GLU A 129 7.08 2.11 18.72
CA GLU A 129 7.02 1.00 19.65
C GLU A 129 8.14 -0.01 19.43
N LEU A 130 8.54 -0.17 18.17
CA LEU A 130 9.55 -1.14 17.81
C LEU A 130 10.94 -0.53 17.83
N TYR A 131 11.05 0.57 18.55
CA TYR A 131 12.30 1.29 18.70
C TYR A 131 12.63 1.38 20.18
N LYS A 132 13.90 1.10 20.48
CA LYS A 132 14.46 0.87 21.84
C LYS A 132 13.81 1.67 23.00
N LYS A 133 14.62 2.32 23.84
CA LYS A 133 14.11 2.87 25.10
C LYS A 133 12.81 3.64 24.91
N ARG A 134 11.91 3.42 25.85
CA ARG A 134 10.53 3.82 25.69
C ARG A 134 10.37 5.31 25.94
N GLN A 135 10.67 6.04 24.89
CA GLN A 135 10.42 7.48 24.80
C GLN A 135 9.07 7.88 25.42
N LYS A 136 9.09 8.32 26.66
CA LYS A 136 7.92 8.96 27.25
C LYS A 136 8.09 10.45 27.10
N LYS A 137 8.33 10.83 25.86
CA LYS A 137 8.65 12.19 25.46
C LYS A 137 8.11 12.38 24.05
N LEU A 138 7.64 13.57 23.72
CA LEU A 138 7.13 13.83 22.37
C LEU A 138 8.24 13.78 21.34
N ALA A 139 8.62 12.56 20.95
CA ALA A 139 9.64 12.35 19.96
C ALA A 139 9.08 11.60 18.77
N SER A 140 9.43 12.04 17.58
CA SER A 140 9.01 11.34 16.40
C SER A 140 10.04 10.27 16.05
N SER A 141 9.96 9.14 16.73
CA SER A 141 10.77 8.00 16.39
C SER A 141 9.95 7.00 15.56
N ASP A 1 3.08 21.23 5.24
CA ASP A 1 1.68 21.57 5.55
C ASP A 1 1.60 22.98 6.12
N PRO A 2 0.40 23.58 6.15
CA PRO A 2 0.21 24.95 6.65
C PRO A 2 0.82 25.21 8.03
N SER A 3 0.62 24.32 8.99
CA SER A 3 1.05 24.60 10.36
C SER A 3 1.45 23.35 11.13
N ARG A 4 0.57 22.36 11.19
CA ARG A 4 0.74 21.24 12.10
C ARG A 4 0.36 19.91 11.47
N ARG A 5 1.16 18.88 11.72
CA ARG A 5 0.80 17.52 11.33
C ARG A 5 -0.20 16.95 12.35
N ALA A 6 -1.37 17.57 12.40
CA ALA A 6 -2.32 17.32 13.46
C ALA A 6 -3.56 16.60 12.96
N PRO A 7 -4.10 15.68 13.76
CA PRO A 7 -5.44 15.21 13.58
C PRO A 7 -6.44 15.96 14.44
N THR A 8 -7.38 16.60 13.78
CA THR A 8 -8.61 17.04 14.42
C THR A 8 -9.76 16.67 13.49
N TRP A 9 -10.34 15.51 13.73
CA TRP A 9 -11.31 14.97 12.80
C TRP A 9 -12.53 14.47 13.54
N SER A 10 -13.69 14.92 13.11
CA SER A 10 -14.95 14.41 13.63
C SER A 10 -15.38 13.22 12.81
N PRO A 11 -16.35 12.42 13.30
CA PRO A 11 -16.96 11.36 12.51
C PRO A 11 -17.44 11.87 11.15
N GLU A 12 -17.88 13.12 11.14
CA GLU A 12 -18.30 13.78 9.91
C GLU A 12 -17.11 14.15 9.03
N GLU A 13 -16.01 14.56 9.65
CA GLU A 13 -14.86 15.05 8.89
C GLU A 13 -14.20 13.93 8.10
N GLU A 14 -14.04 12.77 8.70
CA GLU A 14 -13.46 11.64 7.99
C GLU A 14 -14.46 11.07 6.99
N ALA A 15 -15.75 11.27 7.26
CA ALA A 15 -16.79 10.94 6.29
C ALA A 15 -16.74 11.92 5.12
N HIS A 16 -16.23 13.10 5.41
CA HIS A 16 -16.02 14.16 4.43
C HIS A 16 -14.71 13.93 3.68
N LEU A 17 -13.77 13.27 4.34
CA LEU A 17 -12.50 12.93 3.73
C LEU A 17 -12.73 11.88 2.65
N ARG A 18 -13.53 10.86 2.98
CA ARG A 18 -13.90 9.85 2.01
C ARG A 18 -14.87 10.47 1.03
N GLU A 19 -15.69 11.39 1.55
CA GLU A 19 -16.65 12.12 0.73
C GLU A 19 -15.97 12.72 -0.50
N LEU A 20 -14.87 13.41 -0.23
CA LEU A 20 -14.10 14.07 -1.28
C LEU A 20 -13.40 13.06 -2.19
N TYR A 21 -13.00 11.93 -1.61
CA TYR A 21 -12.28 10.89 -2.34
C TYR A 21 -13.20 10.24 -3.35
N LEU A 22 -14.35 9.84 -2.87
CA LEU A 22 -15.35 9.16 -3.69
C LEU A 22 -15.86 10.06 -4.81
N ALA A 23 -15.79 11.37 -4.58
CA ALA A 23 -16.34 12.34 -5.51
C ALA A 23 -15.39 12.62 -6.68
N ASN A 24 -14.09 12.50 -6.45
CA ASN A 24 -13.11 12.87 -7.47
C ASN A 24 -12.23 11.70 -7.87
N LYS A 25 -12.71 10.48 -7.65
CA LYS A 25 -11.94 9.29 -8.00
C LYS A 25 -12.15 8.90 -9.47
N ASP A 26 -13.16 9.49 -10.09
CA ASP A 26 -13.51 9.17 -11.48
C ASP A 26 -12.93 10.22 -12.42
N VAL A 27 -11.89 10.89 -11.98
CA VAL A 27 -11.28 11.97 -12.74
C VAL A 27 -9.89 11.55 -13.18
N GLU A 28 -9.75 11.29 -14.46
CA GLU A 28 -8.49 10.82 -15.00
C GLU A 28 -7.60 11.97 -15.41
N GLY A 29 -6.31 11.79 -15.18
CA GLY A 29 -5.37 12.87 -15.39
C GLY A 29 -5.35 13.79 -14.21
N GLN A 30 -5.69 13.23 -13.05
CA GLN A 30 -5.87 14.00 -11.84
C GLN A 30 -5.39 13.21 -10.62
N ASP A 31 -4.97 13.92 -9.60
CA ASP A 31 -4.63 13.32 -8.32
C ASP A 31 -5.82 13.42 -7.39
N VAL A 32 -6.49 12.30 -7.14
CA VAL A 32 -7.63 12.30 -6.24
C VAL A 32 -7.20 12.80 -4.87
N VAL A 33 -5.96 12.49 -4.54
CA VAL A 33 -5.33 12.96 -3.31
C VAL A 33 -5.40 14.47 -3.24
N GLU A 34 -4.82 15.10 -4.25
CA GLU A 34 -4.70 16.55 -4.30
C GLU A 34 -6.08 17.20 -4.27
N ALA A 35 -7.05 16.53 -4.90
CA ALA A 35 -8.42 17.00 -4.88
C ALA A 35 -8.92 17.11 -3.45
N ILE A 36 -8.64 16.07 -2.68
CA ILE A 36 -9.03 16.05 -1.29
C ILE A 36 -8.21 17.04 -0.48
N LEU A 37 -6.89 16.89 -0.56
CA LEU A 37 -5.94 17.70 0.24
C LEU A 37 -6.32 19.18 0.26
N ALA A 38 -6.70 19.69 -0.92
CA ALA A 38 -6.92 21.12 -1.10
C ALA A 38 -8.33 21.57 -0.71
N HIS A 39 -9.32 20.71 -0.95
CA HIS A 39 -10.71 21.15 -0.82
C HIS A 39 -11.16 21.27 0.62
N LEU A 40 -10.61 20.46 1.51
CA LEU A 40 -11.05 20.52 2.90
C LEU A 40 -10.06 21.33 3.76
N ASN A 41 -10.24 22.65 3.72
CA ASN A 41 -9.46 23.55 4.56
C ASN A 41 -10.10 23.65 5.94
N THR A 42 -10.55 22.51 6.43
CA THR A 42 -11.29 22.41 7.68
C THR A 42 -10.35 22.03 8.82
N VAL A 43 -9.30 21.28 8.48
CA VAL A 43 -8.40 20.72 9.47
C VAL A 43 -6.94 20.99 9.09
N PRO A 44 -6.14 21.51 10.04
CA PRO A 44 -4.72 21.75 9.81
C PRO A 44 -3.89 20.49 9.97
N ARG A 45 -3.52 19.90 8.85
CA ARG A 45 -2.76 18.66 8.85
C ARG A 45 -1.98 18.51 7.55
N THR A 46 -1.08 17.55 7.50
CA THR A 46 -0.25 17.34 6.33
C THR A 46 -1.03 16.64 5.22
N ARG A 47 -0.39 16.45 4.08
CA ARG A 47 -1.03 15.76 2.98
C ARG A 47 -1.09 14.26 3.28
N LYS A 48 -0.11 13.81 4.05
CA LYS A 48 -0.04 12.44 4.52
C LYS A 48 -1.25 12.10 5.39
N GLN A 49 -1.68 13.08 6.18
CA GLN A 49 -2.79 12.89 7.10
C GLN A 49 -4.08 12.53 6.35
N ILE A 50 -4.28 13.16 5.19
CA ILE A 50 -5.44 12.85 4.35
C ILE A 50 -5.38 11.40 3.91
N ILE A 51 -4.26 11.03 3.30
CA ILE A 51 -4.07 9.69 2.76
C ILE A 51 -4.19 8.63 3.84
N HIS A 52 -3.56 8.87 4.97
CA HIS A 52 -3.51 7.90 6.05
C HIS A 52 -4.90 7.56 6.57
N HIS A 53 -5.78 8.55 6.68
CA HIS A 53 -7.13 8.29 7.17
C HIS A 53 -7.94 7.49 6.16
N LEU A 54 -7.61 7.66 4.89
CA LEU A 54 -8.33 7.01 3.80
C LEU A 54 -7.96 5.53 3.73
N VAL A 55 -6.66 5.25 3.75
CA VAL A 55 -6.18 3.89 3.67
C VAL A 55 -6.47 3.14 4.97
N GLN A 56 -6.48 3.89 6.07
CA GLN A 56 -6.81 3.33 7.37
C GLN A 56 -8.32 3.12 7.50
N MET A 57 -9.09 3.76 6.65
CA MET A 57 -10.54 3.64 6.71
C MET A 57 -10.99 2.39 5.97
N GLY A 58 -10.06 1.79 5.24
CA GLY A 58 -10.37 0.57 4.52
C GLY A 58 -10.94 0.83 3.15
N LEU A 59 -11.05 2.10 2.78
CA LEU A 59 -11.58 2.48 1.48
C LEU A 59 -10.45 2.52 0.45
N ALA A 60 -9.23 2.41 0.94
CA ALA A 60 -8.05 2.28 0.08
C ALA A 60 -7.17 1.15 0.58
N ASP A 61 -6.23 0.72 -0.26
CA ASP A 61 -5.29 -0.33 0.13
C ASP A 61 -4.23 0.21 1.07
N SER A 62 -3.41 1.11 0.55
CA SER A 62 -2.31 1.65 1.32
C SER A 62 -1.87 3.00 0.77
N VAL A 63 -0.95 3.65 1.48
CA VAL A 63 -0.47 4.97 1.12
C VAL A 63 0.26 4.96 -0.21
N LYS A 64 0.87 3.82 -0.53
CA LYS A 64 1.66 3.66 -1.74
C LYS A 64 0.79 3.84 -2.98
N ASP A 65 -0.47 3.51 -2.81
CA ASP A 65 -1.45 3.65 -3.89
C ASP A 65 -1.71 5.12 -4.22
N PHE A 66 -1.37 5.98 -3.27
CA PHE A 66 -1.48 7.42 -3.47
C PHE A 66 -0.09 7.99 -3.74
N GLN A 67 0.85 7.57 -2.91
CA GLN A 67 2.23 8.01 -2.98
C GLN A 67 3.16 6.83 -2.85
N ARG A 68 3.47 6.20 -3.98
CA ARG A 68 4.35 5.03 -4.01
C ARG A 68 5.79 5.42 -3.67
N LYS A 69 6.04 5.47 -2.37
CA LYS A 69 7.36 5.76 -1.84
C LYS A 69 7.47 5.16 -0.44
N GLY A 70 6.47 5.48 0.38
CA GLY A 70 6.45 4.98 1.73
C GLY A 70 5.82 3.60 1.83
N THR A 71 6.53 2.60 1.36
CA THR A 71 6.06 1.24 1.47
C THR A 71 6.33 0.70 2.86
N HIS A 72 5.32 0.05 3.41
CA HIS A 72 5.39 -0.60 4.72
C HIS A 72 6.31 -1.83 4.67
N ILE A 73 7.51 -1.69 4.13
CA ILE A 73 8.38 -2.84 4.03
C ILE A 73 8.73 -3.37 5.39
N VAL A 74 8.31 -4.60 5.57
CA VAL A 74 8.62 -5.37 6.73
C VAL A 74 10.11 -5.42 6.90
N LEU A 75 10.56 -5.19 8.12
CA LEU A 75 11.97 -5.21 8.46
C LEU A 75 12.63 -6.47 7.90
N TRP A 76 13.22 -6.32 6.73
CA TRP A 76 13.84 -7.43 6.04
C TRP A 76 15.34 -7.48 6.34
N THR A 77 15.73 -8.45 7.14
CA THR A 77 17.11 -8.64 7.52
C THR A 77 17.55 -10.05 7.12
N GLY A 78 18.81 -10.38 7.32
CA GLY A 78 19.27 -11.73 7.01
C GLY A 78 18.55 -12.76 7.86
N ASP A 79 18.40 -12.43 9.15
CA ASP A 79 17.69 -13.29 10.09
C ASP A 79 16.21 -13.41 9.70
N GLN A 80 15.59 -12.26 9.45
CA GLN A 80 14.17 -12.20 9.10
C GLN A 80 13.91 -12.93 7.79
N GLU A 81 14.89 -12.87 6.90
CA GLU A 81 14.79 -13.47 5.58
C GLU A 81 15.03 -14.98 5.66
N LEU A 82 15.99 -15.40 6.49
CA LEU A 82 16.20 -16.81 6.72
C LEU A 82 14.95 -17.43 7.34
N GLU A 83 14.35 -16.68 8.26
CA GLU A 83 13.09 -17.08 8.86
C GLU A 83 12.04 -17.32 7.79
N LEU A 84 11.96 -16.40 6.83
CA LEU A 84 11.06 -16.55 5.70
C LEU A 84 11.40 -17.80 4.89
N GLN A 85 12.68 -17.96 4.58
CA GLN A 85 13.14 -19.07 3.75
C GLN A 85 12.70 -20.40 4.35
N ARG A 86 13.06 -20.65 5.61
CA ARG A 86 12.65 -21.88 6.27
C ARG A 86 11.14 -22.00 6.35
N LEU A 87 10.51 -20.95 6.84
CA LEU A 87 9.06 -20.90 7.04
C LEU A 87 8.32 -21.27 5.76
N PHE A 88 8.73 -20.65 4.66
CA PHE A 88 8.12 -20.87 3.37
C PHE A 88 8.28 -22.32 2.92
N GLU A 89 9.53 -22.76 2.79
CA GLU A 89 9.85 -24.10 2.30
C GLU A 89 9.15 -25.17 3.12
N GLU A 90 9.14 -24.97 4.42
CA GLU A 90 8.61 -25.93 5.35
C GLU A 90 7.08 -26.01 5.28
N PHE A 91 6.43 -24.99 4.74
CA PHE A 91 4.96 -25.00 4.65
C PHE A 91 4.45 -24.93 3.21
N ARG A 92 5.34 -25.15 2.23
CA ARG A 92 4.94 -25.08 0.81
C ARG A 92 3.89 -26.12 0.49
N ASP A 93 3.92 -27.20 1.24
CA ASP A 93 3.00 -28.32 1.04
C ASP A 93 1.54 -27.94 1.34
N SER A 94 1.30 -26.66 1.60
CA SER A 94 -0.06 -26.16 1.73
C SER A 94 -0.44 -25.37 0.48
N ASP A 95 -1.69 -25.47 0.04
CA ASP A 95 -2.15 -24.79 -1.17
C ASP A 95 -2.12 -23.28 -1.00
N ASP A 96 -1.99 -22.84 0.25
CA ASP A 96 -1.74 -21.44 0.56
C ASP A 96 -0.68 -21.38 1.67
N VAL A 97 0.59 -21.38 1.27
CA VAL A 97 1.69 -21.36 2.22
C VAL A 97 1.78 -20.01 2.92
N LEU A 98 1.41 -18.95 2.23
CA LEU A 98 1.53 -17.60 2.77
C LEU A 98 0.64 -17.41 3.97
N GLY A 99 -0.51 -18.07 3.98
CA GLY A 99 -1.37 -18.05 5.14
C GLY A 99 -0.66 -18.56 6.37
N HIS A 100 0.05 -19.68 6.20
CA HIS A 100 0.81 -20.26 7.28
C HIS A 100 2.00 -19.38 7.62
N ILE A 101 2.56 -18.76 6.59
CA ILE A 101 3.71 -17.88 6.74
C ILE A 101 3.43 -16.71 7.68
N MET A 102 2.51 -15.83 7.28
CA MET A 102 2.29 -14.59 8.03
C MET A 102 1.72 -14.86 9.42
N LYS A 103 1.14 -16.03 9.61
CA LYS A 103 0.60 -16.39 10.92
C LYS A 103 1.67 -17.01 11.82
N ASN A 104 2.57 -17.80 11.24
CA ASN A 104 3.57 -18.53 12.03
C ASN A 104 4.88 -17.76 12.14
N ILE A 105 4.99 -16.64 11.45
CA ILE A 105 6.21 -15.85 11.49
C ILE A 105 6.14 -14.80 12.59
N THR A 106 7.29 -14.50 13.16
CA THR A 106 7.43 -13.55 14.25
C THR A 106 7.00 -12.14 13.84
N ALA A 107 7.03 -11.87 12.54
CA ALA A 107 6.69 -10.55 12.02
C ALA A 107 5.41 -10.60 11.23
N LYS A 108 4.47 -9.72 11.55
CA LYS A 108 3.20 -9.72 10.85
C LYS A 108 3.36 -9.06 9.49
N ARG A 109 3.44 -9.88 8.46
CA ARG A 109 3.64 -9.38 7.11
C ARG A 109 2.36 -9.48 6.34
N SER A 110 2.28 -8.72 5.27
CA SER A 110 1.19 -8.84 4.32
C SER A 110 1.63 -9.68 3.13
N ARG A 111 0.66 -10.13 2.33
CA ARG A 111 0.93 -11.02 1.20
C ARG A 111 1.91 -10.39 0.23
N ALA A 112 1.71 -9.12 -0.08
CA ALA A 112 2.54 -8.41 -1.04
C ALA A 112 3.99 -8.36 -0.58
N ARG A 113 4.21 -8.46 0.72
CA ARG A 113 5.57 -8.41 1.28
C ARG A 113 6.24 -9.75 1.16
N ILE A 114 5.45 -10.79 1.25
CA ILE A 114 5.98 -12.13 1.27
C ILE A 114 6.23 -12.62 -0.15
N VAL A 115 5.28 -12.34 -1.05
CA VAL A 115 5.41 -12.75 -2.45
C VAL A 115 6.59 -12.05 -3.09
N ASP A 116 6.80 -10.79 -2.74
CA ASP A 116 7.91 -10.01 -3.29
C ASP A 116 9.25 -10.62 -2.93
N LYS A 117 9.44 -10.96 -1.65
CA LYS A 117 10.73 -11.43 -1.21
C LYS A 117 11.04 -12.82 -1.74
N LEU A 118 10.02 -13.64 -1.99
CA LEU A 118 10.23 -14.96 -2.55
C LEU A 118 10.94 -14.88 -3.89
N LEU A 119 10.47 -13.98 -4.73
CA LEU A 119 11.05 -13.77 -6.06
C LEU A 119 12.47 -13.28 -5.95
N ALA A 120 12.74 -12.52 -4.90
CA ALA A 120 14.05 -11.94 -4.69
C ALA A 120 15.06 -13.01 -4.26
N LEU A 121 14.61 -13.91 -3.39
CA LEU A 121 15.42 -15.05 -2.99
C LEU A 121 15.49 -16.07 -4.13
N GLY A 122 14.49 -16.03 -5.00
CA GLY A 122 14.38 -17.01 -6.05
C GLY A 122 13.84 -18.33 -5.53
N LEU A 123 13.00 -18.24 -4.49
CA LEU A 123 12.39 -19.41 -3.89
C LEU A 123 11.29 -19.92 -4.80
N VAL A 124 10.84 -19.02 -5.66
CA VAL A 124 9.83 -19.33 -6.66
C VAL A 124 10.16 -18.62 -7.96
N ALA A 125 9.43 -18.97 -9.01
CA ALA A 125 9.61 -18.33 -10.30
C ALA A 125 8.54 -17.26 -10.50
N GLU A 126 7.45 -17.41 -9.76
CA GLU A 126 6.33 -16.49 -9.83
C GLU A 126 5.37 -16.79 -8.68
N ARG A 127 4.29 -16.03 -8.59
CA ARG A 127 3.32 -16.18 -7.50
C ARG A 127 2.50 -17.45 -7.61
N ARG A 128 2.39 -18.01 -8.81
CA ARG A 128 1.70 -19.30 -8.99
C ARG A 128 2.33 -20.39 -8.12
N GLU A 129 3.66 -20.36 -8.01
CA GLU A 129 4.41 -21.43 -7.37
C GLU A 129 4.22 -21.45 -5.86
N LEU A 130 3.69 -20.38 -5.30
CA LEU A 130 3.51 -20.30 -3.86
C LEU A 130 2.09 -20.72 -3.47
N TYR A 131 1.33 -21.13 -4.46
CA TYR A 131 0.00 -21.69 -4.24
C TYR A 131 -0.05 -23.03 -4.96
N LYS A 132 0.29 -24.09 -4.25
CA LYS A 132 0.58 -25.38 -4.89
C LYS A 132 -0.67 -26.13 -5.33
N LYS A 133 -1.45 -25.53 -6.20
CA LYS A 133 -2.40 -26.31 -6.97
C LYS A 133 -2.57 -25.76 -8.37
N ARG A 134 -1.51 -25.92 -9.13
CA ARG A 134 -1.55 -25.92 -10.57
C ARG A 134 -0.51 -26.91 -10.99
N GLN A 135 -0.82 -28.16 -10.75
CA GLN A 135 0.14 -29.22 -11.02
C GLN A 135 -0.38 -30.15 -12.10
N LYS A 136 -0.09 -29.78 -13.34
CA LYS A 136 -0.47 -30.56 -14.50
C LYS A 136 0.72 -30.66 -15.45
N LYS A 137 0.50 -31.23 -16.62
CA LYS A 137 1.57 -31.37 -17.61
C LYS A 137 1.95 -30.01 -18.24
N LEU A 138 2.78 -29.27 -17.56
CA LEU A 138 3.31 -28.04 -18.11
C LEU A 138 4.75 -27.81 -17.68
N ALA A 139 5.39 -26.82 -18.30
CA ALA A 139 6.76 -26.46 -17.96
C ALA A 139 6.77 -25.62 -16.68
N SER A 140 7.95 -25.12 -16.31
CA SER A 140 8.08 -24.27 -15.14
C SER A 140 7.26 -23.00 -15.32
N SER A 141 6.61 -22.57 -14.24
CA SER A 141 5.75 -21.41 -14.26
C SER A 141 6.51 -20.15 -14.67
N ASP A 1 -0.91 29.43 9.51
CA ASP A 1 -1.59 28.86 10.70
C ASP A 1 -2.25 27.50 10.43
N PRO A 2 -2.99 27.31 9.30
CA PRO A 2 -3.70 26.05 9.01
C PRO A 2 -2.79 24.84 8.73
N SER A 3 -1.61 24.83 9.33
CA SER A 3 -0.70 23.69 9.22
C SER A 3 0.09 23.52 10.52
N ARG A 4 -0.50 23.99 11.61
CA ARG A 4 0.09 23.85 12.94
C ARG A 4 -0.34 22.54 13.58
N ARG A 5 -0.16 22.43 14.90
CA ARG A 5 -0.57 21.25 15.66
C ARG A 5 -1.96 20.79 15.26
N ALA A 6 -2.02 19.62 14.64
CA ALA A 6 -3.27 19.10 14.12
C ALA A 6 -4.19 18.64 15.23
N PRO A 7 -5.50 18.78 15.00
CA PRO A 7 -6.52 18.27 15.91
C PRO A 7 -6.96 16.87 15.51
N THR A 8 -7.92 16.34 16.24
CA THR A 8 -8.47 15.04 15.94
C THR A 8 -9.70 15.15 15.06
N TRP A 9 -9.82 14.26 14.10
CA TRP A 9 -10.95 14.26 13.19
C TRP A 9 -12.20 13.74 13.88
N SER A 10 -13.34 13.96 13.25
CA SER A 10 -14.61 13.49 13.77
C SER A 10 -15.42 12.87 12.64
N PRO A 11 -16.34 11.93 12.96
CA PRO A 11 -17.12 11.17 11.96
C PRO A 11 -17.62 12.03 10.79
N GLU A 12 -18.15 13.20 11.11
CA GLU A 12 -18.66 14.11 10.08
C GLU A 12 -17.57 14.48 9.08
N GLU A 13 -16.43 14.89 9.59
CA GLU A 13 -15.34 15.37 8.76
C GLU A 13 -14.63 14.20 8.08
N GLU A 14 -14.60 13.06 8.75
CA GLU A 14 -14.00 11.85 8.19
C GLU A 14 -14.89 11.31 7.05
N ALA A 15 -16.20 11.49 7.21
CA ALA A 15 -17.15 11.16 6.15
C ALA A 15 -16.95 12.09 4.97
N HIS A 16 -16.59 13.33 5.28
CA HIS A 16 -16.29 14.34 4.29
C HIS A 16 -14.92 14.05 3.65
N LEU A 17 -14.06 13.39 4.40
CA LEU A 17 -12.74 13.00 3.89
C LEU A 17 -12.90 11.96 2.79
N ARG A 18 -13.72 10.95 3.06
CA ARG A 18 -14.02 9.94 2.06
C ARG A 18 -14.92 10.56 1.01
N GLU A 19 -15.69 11.56 1.43
CA GLU A 19 -16.61 12.27 0.55
C GLU A 19 -15.86 12.79 -0.67
N LEU A 20 -14.77 13.49 -0.41
CA LEU A 20 -13.97 14.09 -1.46
C LEU A 20 -13.12 13.04 -2.18
N TYR A 21 -12.81 11.96 -1.47
CA TYR A 21 -12.01 10.88 -2.06
C TYR A 21 -12.84 10.13 -3.07
N LEU A 22 -14.04 9.72 -2.67
CA LEU A 22 -14.92 8.96 -3.53
C LEU A 22 -15.31 9.77 -4.76
N ALA A 23 -15.28 11.09 -4.60
CA ALA A 23 -15.60 12.00 -5.69
C ALA A 23 -14.53 11.98 -6.77
N ASN A 24 -13.28 12.22 -6.39
CA ASN A 24 -12.21 12.40 -7.36
C ASN A 24 -11.42 11.12 -7.62
N LYS A 25 -11.81 10.00 -7.01
CA LYS A 25 -11.11 8.75 -7.25
C LYS A 25 -11.53 8.15 -8.60
N ASP A 26 -12.60 8.69 -9.16
CA ASP A 26 -13.11 8.25 -10.45
C ASP A 26 -12.51 9.11 -11.58
N VAL A 27 -11.53 9.92 -11.22
CA VAL A 27 -10.92 10.84 -12.16
C VAL A 27 -9.52 10.39 -12.53
N GLU A 28 -9.37 9.89 -13.74
CA GLU A 28 -8.08 9.47 -14.25
C GLU A 28 -7.27 10.67 -14.71
N GLY A 29 -5.95 10.59 -14.58
CA GLY A 29 -5.11 11.69 -14.99
C GLY A 29 -5.00 12.77 -13.92
N GLN A 30 -5.57 12.48 -12.76
CA GLN A 30 -5.57 13.43 -11.66
C GLN A 30 -5.12 12.77 -10.36
N ASP A 31 -4.57 13.56 -9.47
CA ASP A 31 -4.25 13.13 -8.13
C ASP A 31 -5.45 13.30 -7.22
N VAL A 32 -5.98 12.21 -6.72
CA VAL A 32 -7.12 12.29 -5.81
C VAL A 32 -6.69 12.96 -4.50
N VAL A 33 -5.45 12.72 -4.09
CA VAL A 33 -4.94 13.26 -2.83
C VAL A 33 -5.01 14.79 -2.81
N GLU A 34 -4.49 15.45 -3.84
CA GLU A 34 -4.48 16.91 -3.89
C GLU A 34 -5.89 17.47 -3.98
N ALA A 35 -6.80 16.72 -4.58
CA ALA A 35 -8.19 17.12 -4.65
C ALA A 35 -8.78 17.20 -3.25
N ILE A 36 -8.52 16.17 -2.47
CA ILE A 36 -9.09 16.06 -1.14
C ILE A 36 -8.46 17.09 -0.20
N LEU A 37 -7.16 16.97 0.01
CA LEU A 37 -6.46 17.77 1.02
C LEU A 37 -6.62 19.27 0.80
N ALA A 38 -6.83 19.66 -0.44
CA ALA A 38 -6.92 21.07 -0.79
C ALA A 38 -8.34 21.60 -0.66
N HIS A 39 -9.32 20.81 -1.10
CA HIS A 39 -10.71 21.29 -1.10
C HIS A 39 -11.29 21.27 0.32
N LEU A 40 -10.84 20.36 1.17
CA LEU A 40 -11.24 20.42 2.56
C LEU A 40 -10.12 20.98 3.43
N ASN A 41 -10.01 22.29 3.42
CA ASN A 41 -9.02 22.98 4.25
C ASN A 41 -9.63 23.29 5.61
N THR A 42 -10.39 22.33 6.10
CA THR A 42 -11.12 22.44 7.35
C THR A 42 -10.25 21.98 8.53
N VAL A 43 -9.33 21.07 8.25
CA VAL A 43 -8.45 20.56 9.28
C VAL A 43 -7.02 20.99 9.01
N PRO A 44 -6.34 21.63 9.97
CA PRO A 44 -4.92 21.93 9.84
C PRO A 44 -4.07 20.69 10.07
N ARG A 45 -3.58 20.09 9.00
CA ARG A 45 -2.83 18.85 9.10
C ARG A 45 -1.78 18.78 8.01
N THR A 46 -0.95 17.74 8.07
CA THR A 46 0.00 17.46 7.01
C THR A 46 -0.71 16.68 5.91
N ARG A 47 -0.13 16.67 4.72
CA ARG A 47 -0.77 16.06 3.56
C ARG A 47 -0.83 14.54 3.73
N LYS A 48 0.14 14.02 4.49
CA LYS A 48 0.21 12.61 4.82
C LYS A 48 -1.08 12.11 5.49
N GLN A 49 -1.74 12.99 6.25
CA GLN A 49 -2.95 12.60 6.98
C GLN A 49 -4.07 12.21 6.04
N ILE A 50 -4.27 13.00 5.00
CA ILE A 50 -5.35 12.75 4.07
C ILE A 50 -5.18 11.40 3.40
N ILE A 51 -3.96 11.17 2.90
CA ILE A 51 -3.63 9.90 2.26
C ILE A 51 -3.85 8.74 3.23
N HIS A 52 -3.35 8.93 4.43
CA HIS A 52 -3.33 7.88 5.43
C HIS A 52 -4.70 7.61 6.03
N HIS A 53 -5.41 8.65 6.45
CA HIS A 53 -6.71 8.48 7.11
C HIS A 53 -7.66 7.65 6.24
N LEU A 54 -7.55 7.81 4.93
CA LEU A 54 -8.43 7.13 4.00
C LEU A 54 -8.09 5.65 3.88
N VAL A 55 -6.81 5.32 3.72
CA VAL A 55 -6.40 3.93 3.63
C VAL A 55 -6.49 3.26 5.00
N GLN A 56 -6.45 4.09 6.04
CA GLN A 56 -6.63 3.62 7.41
C GLN A 56 -8.07 3.21 7.68
N MET A 57 -8.99 3.78 6.91
CA MET A 57 -10.40 3.43 7.06
C MET A 57 -10.77 2.28 6.13
N GLY A 58 -9.77 1.76 5.41
CA GLY A 58 -9.98 0.62 4.54
C GLY A 58 -10.86 0.93 3.36
N LEU A 59 -11.07 2.22 3.10
CA LEU A 59 -11.87 2.64 1.95
C LEU A 59 -10.97 2.97 0.78
N ALA A 60 -9.71 3.23 1.09
CA ALA A 60 -8.69 3.41 0.09
C ALA A 60 -7.70 2.25 0.17
N ASP A 61 -7.11 1.90 -0.95
CA ASP A 61 -6.23 0.73 -1.03
C ASP A 61 -4.95 0.93 -0.23
N SER A 62 -4.12 1.85 -0.68
CA SER A 62 -2.81 2.07 -0.09
C SER A 62 -2.36 3.49 -0.35
N VAL A 63 -1.21 3.87 0.20
CA VAL A 63 -0.61 5.16 -0.06
C VAL A 63 -0.25 5.27 -1.54
N LYS A 64 0.02 4.11 -2.14
CA LYS A 64 0.35 4.03 -3.56
C LYS A 64 -0.81 4.53 -4.43
N ASP A 65 -2.03 4.48 -3.89
CA ASP A 65 -3.22 4.93 -4.60
C ASP A 65 -3.15 6.44 -4.82
N PHE A 66 -2.61 7.12 -3.82
CA PHE A 66 -2.49 8.57 -3.85
C PHE A 66 -1.15 8.97 -4.43
N GLN A 67 -0.10 8.32 -3.95
CA GLN A 67 1.25 8.71 -4.28
C GLN A 67 2.20 7.51 -4.25
N ARG A 68 2.45 6.91 -5.42
CA ARG A 68 3.45 5.85 -5.54
C ARG A 68 4.86 6.41 -5.38
N LYS A 69 5.28 6.59 -4.14
CA LYS A 69 6.66 6.96 -3.85
C LYS A 69 7.22 6.08 -2.73
N GLY A 70 6.37 5.66 -1.79
CA GLY A 70 6.80 4.78 -0.74
C GLY A 70 6.68 3.32 -1.12
N THR A 71 6.83 3.04 -2.41
CA THR A 71 6.81 1.68 -2.91
C THR A 71 8.06 0.94 -2.45
N HIS A 72 8.04 -0.39 -2.54
CA HIS A 72 9.27 -1.14 -2.35
C HIS A 72 10.15 -0.97 -3.58
N ILE A 73 9.49 -0.96 -4.74
CA ILE A 73 10.11 -1.13 -6.06
C ILE A 73 11.61 -0.99 -6.11
N VAL A 74 12.23 -2.03 -6.66
CA VAL A 74 13.65 -2.10 -6.81
C VAL A 74 14.15 -0.89 -7.58
N LEU A 75 15.37 -0.47 -7.27
CA LEU A 75 15.99 0.67 -7.91
C LEU A 75 15.92 0.60 -9.45
N TRP A 76 14.87 1.20 -10.01
CA TRP A 76 14.73 1.25 -11.46
C TRP A 76 15.34 2.53 -12.01
N THR A 77 16.44 2.39 -12.71
CA THR A 77 17.10 3.52 -13.34
C THR A 77 16.89 3.45 -14.85
N GLY A 78 17.15 4.57 -15.54
CA GLY A 78 16.94 4.64 -16.98
C GLY A 78 17.65 3.52 -17.73
N ASP A 79 18.90 3.26 -17.35
CA ASP A 79 19.68 2.21 -18.00
C ASP A 79 19.07 0.85 -17.75
N GLN A 80 18.61 0.62 -16.52
CA GLN A 80 18.04 -0.67 -16.15
C GLN A 80 16.69 -0.88 -16.85
N GLU A 81 15.97 0.21 -17.08
CA GLU A 81 14.73 0.14 -17.85
C GLU A 81 15.02 -0.31 -19.27
N LEU A 82 16.15 0.14 -19.80
CA LEU A 82 16.61 -0.30 -21.10
C LEU A 82 17.05 -1.76 -21.06
N GLU A 83 17.76 -2.11 -20.00
CA GLU A 83 18.20 -3.50 -19.79
C GLU A 83 17.01 -4.42 -19.77
N LEU A 84 15.95 -4.01 -19.08
CA LEU A 84 14.71 -4.76 -19.07
C LEU A 84 14.19 -4.94 -20.48
N GLN A 85 14.07 -3.82 -21.19
CA GLN A 85 13.55 -3.81 -22.55
C GLN A 85 14.38 -4.71 -23.47
N ARG A 86 15.71 -4.55 -23.43
CA ARG A 86 16.58 -5.31 -24.32
C ARG A 86 16.48 -6.81 -24.05
N LEU A 87 16.63 -7.21 -22.79
CA LEU A 87 16.54 -8.64 -22.43
C LEU A 87 15.15 -9.19 -22.75
N PHE A 88 14.13 -8.41 -22.46
CA PHE A 88 12.75 -8.79 -22.73
C PHE A 88 12.55 -9.22 -24.18
N GLU A 89 13.15 -8.49 -25.10
CA GLU A 89 13.05 -8.82 -26.51
C GLU A 89 14.02 -9.94 -26.87
N GLU A 90 15.20 -9.91 -26.26
CA GLU A 90 16.25 -10.86 -26.58
C GLU A 90 15.85 -12.28 -26.19
N PHE A 91 15.22 -12.42 -25.03
CA PHE A 91 14.80 -13.72 -24.54
C PHE A 91 13.33 -13.95 -24.82
N ARG A 92 12.74 -13.12 -25.68
CA ARG A 92 11.31 -13.22 -25.97
C ARG A 92 10.98 -14.48 -26.76
N ASP A 93 11.95 -14.95 -27.52
CA ASP A 93 11.73 -16.12 -28.36
C ASP A 93 12.00 -17.41 -27.58
N SER A 94 12.11 -17.30 -26.26
CA SER A 94 12.31 -18.48 -25.43
C SER A 94 11.01 -18.84 -24.72
N ASP A 95 11.04 -19.86 -23.88
CA ASP A 95 9.84 -20.33 -23.20
C ASP A 95 9.31 -19.31 -22.20
N ASP A 96 10.23 -18.68 -21.48
CA ASP A 96 9.87 -17.72 -20.44
C ASP A 96 10.84 -16.55 -20.47
N VAL A 97 10.33 -15.36 -20.75
CA VAL A 97 11.18 -14.18 -20.84
C VAL A 97 11.69 -13.76 -19.46
N LEU A 98 10.75 -13.58 -18.53
CA LEU A 98 11.07 -13.06 -17.21
C LEU A 98 12.06 -13.92 -16.48
N GLY A 99 11.92 -15.22 -16.60
CA GLY A 99 12.83 -16.14 -15.96
C GLY A 99 14.26 -15.88 -16.38
N HIS A 100 14.45 -15.57 -17.65
CA HIS A 100 15.77 -15.32 -18.18
C HIS A 100 16.21 -13.90 -17.86
N ILE A 101 15.24 -13.01 -17.71
CA ILE A 101 15.51 -11.63 -17.33
C ILE A 101 16.20 -11.58 -15.97
N MET A 102 15.52 -12.07 -14.95
CA MET A 102 16.03 -11.98 -13.58
C MET A 102 17.32 -12.80 -13.40
N LYS A 103 17.48 -13.85 -14.19
CA LYS A 103 18.69 -14.67 -14.11
C LYS A 103 19.90 -13.95 -14.68
N ASN A 104 19.72 -13.25 -15.80
CA ASN A 104 20.84 -12.68 -16.53
C ASN A 104 21.10 -11.21 -16.15
N ILE A 105 20.17 -10.57 -15.46
CA ILE A 105 20.35 -9.17 -15.12
C ILE A 105 21.04 -9.03 -13.77
N THR A 106 21.82 -7.97 -13.65
CA THR A 106 22.66 -7.72 -12.50
C THR A 106 21.82 -7.40 -11.25
N ALA A 107 20.58 -6.96 -11.44
CA ALA A 107 19.70 -6.69 -10.34
C ALA A 107 18.71 -7.83 -10.18
N LYS A 108 18.62 -8.37 -8.97
CA LYS A 108 17.69 -9.45 -8.71
C LYS A 108 16.28 -8.89 -8.65
N ARG A 109 15.55 -9.07 -9.73
CA ARG A 109 14.23 -8.50 -9.86
C ARG A 109 13.19 -9.60 -9.96
N SER A 110 12.26 -9.57 -9.03
CA SER A 110 11.23 -10.60 -8.93
C SER A 110 10.23 -10.50 -10.06
N ARG A 111 9.58 -11.62 -10.35
CA ARG A 111 8.68 -11.77 -11.49
C ARG A 111 7.58 -10.71 -11.46
N ALA A 112 6.97 -10.55 -10.30
CA ALA A 112 5.82 -9.65 -10.15
C ALA A 112 6.17 -8.21 -10.48
N ARG A 113 7.38 -7.79 -10.13
CA ARG A 113 7.78 -6.41 -10.36
C ARG A 113 8.25 -6.21 -11.78
N ILE A 114 8.71 -7.28 -12.41
CA ILE A 114 9.12 -7.23 -13.81
C ILE A 114 7.88 -7.11 -14.69
N VAL A 115 6.87 -7.91 -14.37
CA VAL A 115 5.59 -7.88 -15.07
C VAL A 115 4.99 -6.49 -15.06
N ASP A 116 4.85 -5.92 -13.87
CA ASP A 116 4.22 -4.61 -13.69
C ASP A 116 4.97 -3.55 -14.48
N LYS A 117 6.30 -3.66 -14.49
CA LYS A 117 7.14 -2.67 -15.13
C LYS A 117 7.04 -2.79 -16.65
N LEU A 118 6.84 -4.00 -17.16
CA LEU A 118 6.59 -4.20 -18.59
C LEU A 118 5.33 -3.47 -19.01
N LEU A 119 4.26 -3.74 -18.28
CA LEU A 119 2.95 -3.16 -18.55
C LEU A 119 3.02 -1.64 -18.51
N ALA A 120 3.87 -1.14 -17.62
CA ALA A 120 4.03 0.28 -17.43
C ALA A 120 4.73 0.92 -18.63
N LEU A 121 5.76 0.24 -19.15
CA LEU A 121 6.44 0.69 -20.36
C LEU A 121 5.54 0.53 -21.58
N GLY A 122 4.60 -0.39 -21.48
CA GLY A 122 3.81 -0.74 -22.62
C GLY A 122 4.57 -1.70 -23.53
N LEU A 123 5.44 -2.50 -22.93
CA LEU A 123 6.22 -3.48 -23.68
C LEU A 123 5.31 -4.64 -24.08
N VAL A 124 4.27 -4.80 -23.29
CA VAL A 124 3.25 -5.80 -23.54
C VAL A 124 1.88 -5.24 -23.21
N ALA A 125 0.86 -6.01 -23.54
CA ALA A 125 -0.50 -5.62 -23.24
C ALA A 125 -1.15 -6.61 -22.27
N GLU A 126 -0.42 -7.68 -22.01
CA GLU A 126 -0.91 -8.77 -21.19
C GLU A 126 0.26 -9.61 -20.70
N ARG A 127 0.03 -10.42 -19.68
CA ARG A 127 1.09 -11.26 -19.11
C ARG A 127 1.33 -12.48 -19.99
N ARG A 128 0.35 -12.80 -20.81
CA ARG A 128 0.49 -13.90 -21.77
C ARG A 128 1.66 -13.66 -22.70
N GLU A 129 1.89 -12.41 -23.05
CA GLU A 129 2.91 -12.05 -24.04
C GLU A 129 4.32 -12.14 -23.47
N LEU A 130 4.43 -12.39 -22.17
CA LEU A 130 5.73 -12.50 -21.54
C LEU A 130 6.21 -13.95 -21.63
N TYR A 131 5.40 -14.75 -22.31
CA TYR A 131 5.67 -16.16 -22.53
C TYR A 131 5.38 -16.47 -24.00
N LYS A 132 6.32 -17.10 -24.69
CA LYS A 132 6.11 -17.38 -26.11
C LYS A 132 4.95 -18.35 -26.32
N LYS A 133 3.82 -17.79 -26.73
CA LYS A 133 2.60 -18.56 -26.95
C LYS A 133 2.06 -18.25 -28.34
N ARG A 134 1.19 -19.11 -28.86
CA ARG A 134 0.67 -18.93 -30.21
C ARG A 134 -0.85 -18.94 -30.18
N GLN A 135 -1.40 -17.82 -29.80
CA GLN A 135 -2.85 -17.65 -29.76
C GLN A 135 -3.29 -16.65 -30.83
N LYS A 136 -4.52 -16.82 -31.32
CA LYS A 136 -5.10 -15.90 -32.29
C LYS A 136 -6.12 -15.01 -31.59
N LYS A 137 -7.11 -14.51 -32.31
CA LYS A 137 -8.12 -13.65 -31.70
C LYS A 137 -8.97 -14.41 -30.67
N LEU A 138 -8.49 -14.50 -29.46
CA LEU A 138 -9.24 -15.13 -28.40
C LEU A 138 -9.04 -14.40 -27.08
N ALA A 139 -9.82 -14.75 -26.07
CA ALA A 139 -9.77 -14.07 -24.78
C ALA A 139 -8.40 -14.23 -24.12
N SER A 140 -8.21 -13.56 -22.99
CA SER A 140 -6.94 -13.61 -22.28
C SER A 140 -6.66 -15.04 -21.80
N SER A 141 -5.84 -15.76 -22.56
CA SER A 141 -5.54 -17.15 -22.26
C SER A 141 -4.19 -17.50 -22.85
N ASP A 1 4.34 20.35 14.10
CA ASP A 1 2.98 20.22 13.54
C ASP A 1 2.96 20.56 12.05
N PRO A 2 1.98 20.02 11.31
CA PRO A 2 1.83 20.26 9.86
C PRO A 2 1.92 21.74 9.48
N SER A 3 0.92 22.50 9.89
CA SER A 3 0.91 23.94 9.68
C SER A 3 0.67 24.60 11.03
N ARG A 4 -0.37 24.13 11.71
CA ARG A 4 -0.66 24.55 13.07
C ARG A 4 -0.88 23.31 13.91
N ARG A 5 -1.10 23.49 15.21
CA ARG A 5 -1.39 22.39 16.11
C ARG A 5 -2.54 21.55 15.55
N ALA A 6 -2.27 20.29 15.26
CA ALA A 6 -3.26 19.43 14.62
C ALA A 6 -4.40 19.08 15.55
N PRO A 7 -5.64 19.21 15.04
CA PRO A 7 -6.84 18.88 15.78
C PRO A 7 -7.30 17.44 15.54
N THR A 8 -8.41 17.08 16.14
CA THR A 8 -8.98 15.75 15.95
C THR A 8 -10.00 15.73 14.82
N TRP A 9 -10.24 14.54 14.27
CA TRP A 9 -11.22 14.39 13.20
C TRP A 9 -12.60 14.09 13.77
N SER A 10 -13.51 15.03 13.60
CA SER A 10 -14.90 14.82 13.98
C SER A 10 -15.52 13.83 13.01
N PRO A 11 -16.49 13.00 13.46
CA PRO A 11 -17.16 12.00 12.62
C PRO A 11 -17.54 12.53 11.23
N GLU A 12 -18.19 13.70 11.21
CA GLU A 12 -18.58 14.34 9.96
C GLU A 12 -17.37 14.59 9.07
N GLU A 13 -16.25 14.97 9.68
CA GLU A 13 -15.04 15.29 8.93
C GLU A 13 -14.43 14.02 8.35
N GLU A 14 -14.52 12.92 9.09
CA GLU A 14 -14.07 11.62 8.60
C GLU A 14 -14.91 11.20 7.40
N ALA A 15 -16.23 11.38 7.53
CA ALA A 15 -17.16 11.07 6.46
C ALA A 15 -16.95 12.03 5.29
N HIS A 16 -16.51 13.23 5.59
CA HIS A 16 -16.19 14.24 4.60
C HIS A 16 -14.88 13.91 3.89
N LEU A 17 -13.98 13.27 4.61
CA LEU A 17 -12.70 12.88 4.04
C LEU A 17 -12.92 11.82 2.98
N ARG A 18 -13.81 10.87 3.28
CA ARG A 18 -14.17 9.86 2.33
C ARG A 18 -15.11 10.46 1.32
N GLU A 19 -15.92 11.41 1.78
CA GLU A 19 -16.89 12.09 0.94
C GLU A 19 -16.21 12.63 -0.32
N LEU A 20 -15.20 13.45 -0.11
CA LEU A 20 -14.46 14.08 -1.19
C LEU A 20 -13.67 13.04 -1.99
N TYR A 21 -13.22 11.98 -1.31
CA TYR A 21 -12.45 10.95 -1.96
C TYR A 21 -13.34 10.17 -2.93
N LEU A 22 -14.51 9.80 -2.46
CA LEU A 22 -15.45 9.05 -3.27
C LEU A 22 -15.83 9.84 -4.53
N ALA A 23 -15.70 11.15 -4.45
CA ALA A 23 -16.03 12.04 -5.56
C ALA A 23 -14.93 12.12 -6.63
N ASN A 24 -13.66 11.99 -6.23
CA ASN A 24 -12.56 12.17 -7.17
C ASN A 24 -11.58 11.00 -7.17
N LYS A 25 -12.01 9.85 -6.64
CA LYS A 25 -11.12 8.71 -6.45
C LYS A 25 -10.73 8.04 -7.76
N ASP A 26 -11.66 8.01 -8.69
CA ASP A 26 -11.45 7.30 -9.94
C ASP A 26 -11.14 8.24 -11.09
N VAL A 27 -10.82 9.48 -10.75
CA VAL A 27 -10.36 10.44 -11.73
C VAL A 27 -8.86 10.32 -11.89
N GLU A 28 -8.45 9.75 -13.00
CA GLU A 28 -7.04 9.48 -13.23
C GLU A 28 -6.41 10.63 -14.00
N GLY A 29 -5.14 10.87 -13.73
CA GLY A 29 -4.46 12.01 -14.31
C GLY A 29 -4.53 13.20 -13.39
N GLN A 30 -5.33 13.06 -12.35
CA GLN A 30 -5.50 14.09 -11.34
C GLN A 30 -4.99 13.61 -10.00
N ASP A 31 -4.49 14.56 -9.20
CA ASP A 31 -4.14 14.29 -7.82
C ASP A 31 -5.38 14.04 -7.00
N VAL A 32 -5.62 12.79 -6.62
CA VAL A 32 -6.78 12.49 -5.82
C VAL A 32 -6.61 13.09 -4.43
N VAL A 33 -5.41 12.97 -3.87
CA VAL A 33 -5.18 13.40 -2.50
C VAL A 33 -5.29 14.92 -2.41
N GLU A 34 -4.74 15.60 -3.40
CA GLU A 34 -4.76 17.05 -3.40
C GLU A 34 -6.17 17.55 -3.62
N ALA A 35 -6.95 16.81 -4.38
CA ALA A 35 -8.36 17.10 -4.55
C ALA A 35 -9.06 17.06 -3.19
N ILE A 36 -8.71 16.08 -2.38
CA ILE A 36 -9.34 15.91 -1.09
C ILE A 36 -8.86 17.00 -0.12
N LEU A 37 -7.57 16.98 0.19
CA LEU A 37 -7.02 17.82 1.25
C LEU A 37 -7.15 19.31 0.97
N ALA A 38 -7.22 19.67 -0.30
CA ALA A 38 -7.31 21.08 -0.68
C ALA A 38 -8.75 21.59 -0.60
N HIS A 39 -9.71 20.78 -0.99
CA HIS A 39 -11.10 21.23 -1.01
C HIS A 39 -11.67 21.30 0.39
N LEU A 40 -11.18 20.44 1.29
CA LEU A 40 -11.56 20.54 2.68
C LEU A 40 -10.48 21.27 3.47
N ASN A 41 -10.49 22.60 3.38
CA ASN A 41 -9.53 23.43 4.10
C ASN A 41 -9.99 23.64 5.53
N THR A 42 -10.54 22.58 6.09
CA THR A 42 -11.06 22.58 7.45
C THR A 42 -9.98 22.07 8.41
N VAL A 43 -9.02 21.34 7.86
CA VAL A 43 -7.94 20.78 8.65
C VAL A 43 -6.58 21.12 8.06
N PRO A 44 -5.79 21.94 8.78
CA PRO A 44 -4.43 22.26 8.36
C PRO A 44 -3.47 21.11 8.69
N ARG A 45 -3.33 20.19 7.75
CA ARG A 45 -2.55 18.99 7.97
C ARG A 45 -1.60 18.71 6.83
N THR A 46 -0.82 17.66 6.99
CA THR A 46 0.11 17.24 5.95
C THR A 46 -0.63 16.48 4.87
N ARG A 47 0.05 16.23 3.76
CA ARG A 47 -0.55 15.49 2.67
C ARG A 47 -0.65 14.02 3.06
N LYS A 48 0.20 13.62 3.99
CA LYS A 48 0.28 12.25 4.48
C LYS A 48 -0.97 11.87 5.28
N GLN A 49 -1.47 12.82 6.07
CA GLN A 49 -2.58 12.55 6.98
C GLN A 49 -3.84 12.14 6.24
N ILE A 50 -4.18 12.88 5.19
CA ILE A 50 -5.37 12.56 4.41
C ILE A 50 -5.24 11.19 3.75
N ILE A 51 -4.09 10.95 3.10
CA ILE A 51 -3.83 9.66 2.45
C ILE A 51 -4.07 8.52 3.44
N HIS A 52 -3.51 8.69 4.63
CA HIS A 52 -3.50 7.64 5.63
C HIS A 52 -4.89 7.27 6.13
N HIS A 53 -5.70 8.25 6.52
CA HIS A 53 -7.03 7.94 7.07
C HIS A 53 -7.90 7.21 6.05
N LEU A 54 -7.65 7.46 4.79
CA LEU A 54 -8.49 6.92 3.72
C LEU A 54 -8.11 5.48 3.39
N VAL A 55 -6.82 5.21 3.27
CA VAL A 55 -6.36 3.85 3.00
C VAL A 55 -6.54 2.98 4.23
N GLN A 56 -6.53 3.61 5.39
CA GLN A 56 -6.75 2.92 6.65
C GLN A 56 -8.24 2.67 6.89
N MET A 57 -9.08 3.42 6.18
CA MET A 57 -10.51 3.27 6.35
C MET A 57 -11.03 2.11 5.50
N GLY A 58 -10.15 1.58 4.67
CA GLY A 58 -10.51 0.44 3.85
C GLY A 58 -11.19 0.83 2.55
N LEU A 59 -11.37 2.12 2.36
CA LEU A 59 -12.02 2.62 1.15
C LEU A 59 -11.00 2.80 0.04
N ALA A 60 -9.75 2.96 0.43
CA ALA A 60 -8.66 3.05 -0.55
C ALA A 60 -7.76 1.84 -0.45
N ASP A 61 -6.97 1.63 -1.47
CA ASP A 61 -6.04 0.49 -1.50
C ASP A 61 -4.89 0.72 -0.53
N SER A 62 -4.07 1.71 -0.84
CA SER A 62 -2.88 1.98 -0.05
C SER A 62 -2.34 3.37 -0.36
N VAL A 63 -1.27 3.75 0.34
CA VAL A 63 -0.66 5.05 0.19
C VAL A 63 -0.25 5.30 -1.25
N LYS A 64 0.21 4.25 -1.91
CA LYS A 64 0.75 4.35 -3.26
C LYS A 64 -0.32 4.77 -4.27
N ASP A 65 -1.58 4.63 -3.90
CA ASP A 65 -2.68 5.01 -4.78
C ASP A 65 -2.80 6.54 -4.85
N PHE A 66 -2.47 7.19 -3.74
CA PHE A 66 -2.46 8.65 -3.67
C PHE A 66 -1.08 9.15 -4.06
N GLN A 67 -0.09 8.55 -3.43
CA GLN A 67 1.30 8.91 -3.62
C GLN A 67 2.14 7.64 -3.56
N ARG A 68 2.76 7.26 -4.67
CA ARG A 68 3.60 6.09 -4.72
C ARG A 68 4.82 6.28 -3.85
N LYS A 69 4.65 6.04 -2.56
CA LYS A 69 5.73 6.09 -1.62
C LYS A 69 6.54 4.82 -1.78
N GLY A 70 7.64 4.96 -2.53
CA GLY A 70 8.53 3.85 -2.79
C GLY A 70 8.59 2.85 -1.64
N THR A 71 8.11 1.65 -1.90
CA THR A 71 7.87 0.69 -0.85
C THR A 71 9.10 0.33 -0.06
N HIS A 72 8.94 0.37 1.25
CA HIS A 72 9.99 -0.02 2.19
C HIS A 72 10.12 -1.54 2.24
N ILE A 73 9.85 -2.21 1.12
CA ILE A 73 9.81 -3.65 1.11
C ILE A 73 11.18 -4.25 1.37
N VAL A 74 11.27 -4.88 2.51
CA VAL A 74 12.29 -5.87 2.76
C VAL A 74 12.21 -6.90 1.65
N LEU A 75 13.30 -7.11 0.93
CA LEU A 75 13.28 -7.85 -0.34
C LEU A 75 12.53 -9.16 -0.22
N TRP A 76 11.72 -9.45 -1.23
CA TRP A 76 10.90 -10.64 -1.24
C TRP A 76 11.15 -11.46 -2.51
N THR A 77 11.13 -12.76 -2.35
CA THR A 77 11.18 -13.67 -3.48
C THR A 77 9.99 -14.62 -3.41
N GLY A 78 9.65 -15.28 -4.50
CA GLY A 78 8.56 -16.23 -4.49
C GLY A 78 8.80 -17.35 -3.50
N ASP A 79 10.07 -17.72 -3.35
CA ASP A 79 10.47 -18.75 -2.40
C ASP A 79 10.37 -18.21 -0.98
N GLN A 80 10.58 -16.91 -0.82
CA GLN A 80 10.48 -16.28 0.49
C GLN A 80 9.02 -16.13 0.89
N GLU A 81 8.16 -15.87 -0.11
CA GLU A 81 6.74 -15.71 0.13
C GLU A 81 6.14 -16.97 0.72
N LEU A 82 6.63 -18.12 0.29
CA LEU A 82 6.18 -19.38 0.84
C LEU A 82 6.93 -19.72 2.11
N GLU A 83 8.14 -19.17 2.24
CA GLU A 83 8.96 -19.41 3.42
C GLU A 83 8.30 -18.82 4.66
N LEU A 84 8.03 -17.52 4.62
CA LEU A 84 7.38 -16.85 5.74
C LEU A 84 5.93 -17.32 5.86
N GLN A 85 5.37 -17.76 4.74
CA GLN A 85 4.02 -18.31 4.71
C GLN A 85 3.92 -19.53 5.62
N ARG A 86 4.82 -20.49 5.41
CA ARG A 86 4.82 -21.72 6.19
C ARG A 86 5.36 -21.46 7.59
N LEU A 87 6.40 -20.63 7.68
CA LEU A 87 6.98 -20.22 8.97
C LEU A 87 5.88 -19.65 9.87
N PHE A 88 5.03 -18.83 9.27
CA PHE A 88 3.87 -18.27 9.93
C PHE A 88 2.97 -19.37 10.51
N GLU A 89 2.48 -20.27 9.67
CA GLU A 89 1.58 -21.33 10.13
C GLU A 89 2.23 -22.17 11.23
N GLU A 90 3.46 -22.58 10.97
CA GLU A 90 4.21 -23.43 11.87
C GLU A 90 4.27 -22.88 13.29
N PHE A 91 4.40 -21.57 13.42
CA PHE A 91 4.59 -20.96 14.72
C PHE A 91 3.33 -20.26 15.24
N ARG A 92 2.19 -20.48 14.59
CA ARG A 92 0.90 -20.01 15.11
C ARG A 92 0.52 -20.86 16.32
N ASP A 93 1.26 -21.95 16.46
CA ASP A 93 1.12 -22.86 17.58
C ASP A 93 1.61 -22.18 18.86
N SER A 94 2.36 -21.10 18.68
CA SER A 94 2.90 -20.35 19.80
C SER A 94 2.11 -19.05 19.99
N ASP A 95 2.34 -18.39 21.13
CA ASP A 95 1.61 -17.17 21.46
C ASP A 95 1.99 -16.03 20.51
N ASP A 96 3.28 -15.84 20.31
CA ASP A 96 3.75 -14.81 19.39
C ASP A 96 4.44 -15.46 18.21
N VAL A 97 3.71 -15.57 17.10
CA VAL A 97 4.25 -16.20 15.91
C VAL A 97 5.38 -15.37 15.33
N LEU A 98 5.22 -14.05 15.34
CA LEU A 98 6.20 -13.16 14.73
C LEU A 98 7.49 -13.15 15.55
N GLY A 99 7.35 -13.35 16.85
CA GLY A 99 8.52 -13.47 17.70
C GLY A 99 9.39 -14.64 17.29
N HIS A 100 8.76 -15.77 17.05
CA HIS A 100 9.48 -16.95 16.59
C HIS A 100 9.90 -16.78 15.15
N ILE A 101 9.05 -16.11 14.37
CA ILE A 101 9.37 -15.80 12.97
C ILE A 101 10.74 -15.14 12.87
N MET A 102 10.90 -14.00 13.53
CA MET A 102 12.13 -13.24 13.45
C MET A 102 13.34 -14.05 13.89
N LYS A 103 13.17 -14.83 14.94
CA LYS A 103 14.28 -15.57 15.51
C LYS A 103 14.61 -16.82 14.69
N ASN A 104 13.62 -17.34 13.97
CA ASN A 104 13.79 -18.59 13.26
C ASN A 104 13.82 -18.39 11.74
N ILE A 105 13.79 -17.14 11.29
CA ILE A 105 13.88 -16.88 9.86
C ILE A 105 15.22 -16.26 9.49
N THR A 106 15.56 -16.40 8.22
CA THR A 106 16.82 -15.91 7.69
C THR A 106 16.78 -14.40 7.47
N ALA A 107 15.57 -13.85 7.38
CA ALA A 107 15.41 -12.43 7.07
C ALA A 107 15.17 -11.63 8.34
N LYS A 108 15.95 -10.58 8.54
CA LYS A 108 15.79 -9.74 9.71
C LYS A 108 14.95 -8.53 9.34
N ARG A 109 13.69 -8.56 9.74
CA ARG A 109 12.76 -7.50 9.35
C ARG A 109 11.86 -7.08 10.50
N SER A 110 10.95 -6.15 10.20
CA SER A 110 10.09 -5.55 11.22
C SER A 110 8.73 -6.23 11.27
N ARG A 111 7.99 -5.98 12.35
CA ARG A 111 6.65 -6.50 12.54
C ARG A 111 5.71 -5.95 11.48
N ALA A 112 5.80 -4.64 11.25
CA ALA A 112 4.89 -3.94 10.35
C ALA A 112 4.96 -4.51 8.94
N ARG A 113 6.11 -5.03 8.55
CA ARG A 113 6.28 -5.59 7.22
C ARG A 113 5.77 -7.02 7.13
N ILE A 114 5.87 -7.75 8.23
CA ILE A 114 5.39 -9.13 8.25
C ILE A 114 3.87 -9.17 8.32
N VAL A 115 3.31 -8.39 9.23
CA VAL A 115 1.86 -8.34 9.40
C VAL A 115 1.19 -7.84 8.12
N ASP A 116 1.86 -6.92 7.45
CA ASP A 116 1.34 -6.31 6.22
C ASP A 116 1.38 -7.31 5.07
N LYS A 117 2.40 -8.17 5.08
CA LYS A 117 2.57 -9.17 4.04
C LYS A 117 1.49 -10.26 4.17
N LEU A 118 1.17 -10.62 5.41
CA LEU A 118 0.16 -11.65 5.67
C LEU A 118 -1.19 -11.26 5.08
N LEU A 119 -1.58 -10.02 5.34
CA LEU A 119 -2.87 -9.52 4.89
C LEU A 119 -2.92 -9.42 3.37
N ALA A 120 -1.75 -9.23 2.78
CA ALA A 120 -1.63 -9.10 1.34
C ALA A 120 -1.77 -10.45 0.67
N LEU A 121 -1.27 -11.48 1.34
CA LEU A 121 -1.47 -12.86 0.92
C LEU A 121 -2.85 -13.35 1.31
N GLY A 122 -3.41 -12.73 2.34
CA GLY A 122 -4.63 -13.22 2.91
C GLY A 122 -4.40 -14.44 3.77
N LEU A 123 -3.25 -14.47 4.44
CA LEU A 123 -2.91 -15.55 5.35
C LEU A 123 -3.74 -15.39 6.61
N VAL A 124 -4.18 -14.17 6.82
CA VAL A 124 -5.08 -13.80 7.89
C VAL A 124 -5.99 -12.69 7.41
N ALA A 125 -6.89 -12.26 8.26
CA ALA A 125 -7.82 -11.19 7.91
C ALA A 125 -7.60 -9.97 8.80
N GLU A 126 -6.76 -10.15 9.82
CA GLU A 126 -6.52 -9.10 10.79
C GLU A 126 -5.22 -9.37 11.55
N ARG A 127 -4.69 -8.35 12.20
CA ARG A 127 -3.47 -8.49 12.97
C ARG A 127 -3.72 -9.14 14.32
N ARG A 128 -4.97 -9.08 14.79
CA ARG A 128 -5.33 -9.59 16.11
C ARG A 128 -5.04 -11.10 16.20
N GLU A 129 -5.13 -11.76 15.06
CA GLU A 129 -5.00 -13.20 14.99
C GLU A 129 -3.54 -13.63 14.94
N LEU A 130 -2.64 -12.67 14.81
CA LEU A 130 -1.22 -12.98 14.74
C LEU A 130 -0.61 -12.95 16.14
N TYR A 131 -1.37 -12.43 17.09
CA TYR A 131 -0.93 -12.36 18.48
C TYR A 131 -1.94 -13.08 19.37
N LYS A 132 -1.90 -14.40 19.35
CA LYS A 132 -2.90 -15.20 20.01
C LYS A 132 -2.28 -16.26 20.90
N LYS A 133 -3.10 -17.19 21.33
CA LYS A 133 -2.62 -18.43 21.91
C LYS A 133 -3.06 -19.58 21.05
N ARG A 134 -2.63 -20.77 21.40
CA ARG A 134 -3.15 -21.96 20.77
C ARG A 134 -4.66 -22.07 21.05
N GLN A 135 -5.43 -21.36 20.25
CA GLN A 135 -6.88 -21.36 20.35
C GLN A 135 -7.48 -22.74 20.04
N LYS A 136 -8.78 -22.86 20.31
CA LYS A 136 -9.55 -24.03 19.90
C LYS A 136 -9.51 -24.17 18.38
N LYS A 137 -10.01 -25.28 17.86
CA LYS A 137 -9.98 -25.51 16.42
C LYS A 137 -11.00 -24.62 15.69
N LEU A 138 -10.58 -23.41 15.37
CA LEU A 138 -11.43 -22.50 14.62
C LEU A 138 -10.61 -21.81 13.55
N ALA A 139 -11.28 -21.12 12.66
CA ALA A 139 -10.60 -20.37 11.61
C ALA A 139 -10.49 -18.92 12.02
N SER A 140 -9.30 -18.34 11.84
CA SER A 140 -9.14 -16.90 12.06
C SER A 140 -10.06 -16.17 11.10
N SER A 141 -11.13 -15.61 11.65
CA SER A 141 -12.26 -15.21 10.86
C SER A 141 -12.40 -13.69 10.83
N ASP A 1 5.88 24.03 9.00
CA ASP A 1 5.26 25.31 9.40
C ASP A 1 4.49 25.13 10.71
N PRO A 2 4.30 26.20 11.49
CA PRO A 2 3.61 26.14 12.77
C PRO A 2 2.10 26.37 12.66
N SER A 3 1.57 26.30 11.45
CA SER A 3 0.15 26.52 11.24
C SER A 3 -0.61 25.20 11.35
N ARG A 4 0.14 24.11 11.46
CA ARG A 4 -0.46 22.79 11.48
C ARG A 4 -0.86 22.41 12.89
N ARG A 5 -2.13 22.62 13.21
CA ARG A 5 -2.69 22.18 14.47
C ARG A 5 -3.42 20.87 14.24
N ALA A 6 -2.90 19.80 14.79
CA ALA A 6 -3.48 18.49 14.59
C ALA A 6 -4.46 18.14 15.69
N PRO A 7 -5.75 18.20 15.40
CA PRO A 7 -6.78 17.79 16.32
C PRO A 7 -7.33 16.40 15.99
N THR A 8 -8.32 15.97 16.75
CA THR A 8 -8.94 14.68 16.53
C THR A 8 -9.99 14.76 15.43
N TRP A 9 -10.28 13.63 14.84
CA TRP A 9 -11.23 13.58 13.72
C TRP A 9 -12.64 13.33 14.21
N SER A 10 -13.55 14.14 13.71
CA SER A 10 -14.97 13.96 13.99
C SER A 10 -15.57 13.04 12.93
N PRO A 11 -16.70 12.38 13.23
CA PRO A 11 -17.40 11.54 12.25
C PRO A 11 -17.77 12.32 11.00
N GLU A 12 -17.82 13.64 11.14
CA GLU A 12 -18.17 14.53 10.05
C GLU A 12 -16.94 14.81 9.18
N GLU A 13 -15.84 15.12 9.85
CA GLU A 13 -14.59 15.44 9.17
C GLU A 13 -14.06 14.22 8.42
N GLU A 14 -14.18 13.04 9.04
CA GLU A 14 -13.74 11.80 8.41
C GLU A 14 -14.61 11.45 7.20
N ALA A 15 -15.91 11.71 7.31
CA ALA A 15 -16.82 11.45 6.21
C ALA A 15 -16.48 12.30 5.00
N HIS A 16 -16.05 13.53 5.28
CA HIS A 16 -15.62 14.47 4.26
C HIS A 16 -14.40 13.94 3.51
N LEU A 17 -13.57 13.15 4.20
CA LEU A 17 -12.44 12.49 3.57
C LEU A 17 -12.91 11.60 2.42
N ARG A 18 -13.74 10.62 2.76
CA ARG A 18 -14.30 9.73 1.75
C ARG A 18 -15.22 10.50 0.83
N GLU A 19 -15.87 11.53 1.37
CA GLU A 19 -16.75 12.40 0.59
C GLU A 19 -16.02 12.90 -0.66
N LEU A 20 -14.90 13.56 -0.42
CA LEU A 20 -14.10 14.15 -1.48
C LEU A 20 -13.37 13.08 -2.30
N TYR A 21 -13.07 11.96 -1.66
CA TYR A 21 -12.33 10.90 -2.32
C TYR A 21 -13.20 10.18 -3.32
N LEU A 22 -14.37 9.75 -2.87
CA LEU A 22 -15.30 9.03 -3.72
C LEU A 22 -15.71 9.87 -4.92
N ALA A 23 -15.65 11.19 -4.74
CA ALA A 23 -15.95 12.11 -5.82
C ALA A 23 -14.82 12.15 -6.86
N ASN A 24 -13.61 12.46 -6.42
CA ASN A 24 -12.50 12.70 -7.34
C ASN A 24 -11.78 11.41 -7.75
N LYS A 25 -12.10 10.30 -7.12
CA LYS A 25 -11.46 9.02 -7.48
C LYS A 25 -11.96 8.56 -8.84
N ASP A 26 -13.04 9.18 -9.32
CA ASP A 26 -13.60 8.85 -10.62
C ASP A 26 -12.73 9.44 -11.72
N VAL A 27 -11.87 10.38 -11.34
CA VAL A 27 -10.99 11.05 -12.28
C VAL A 27 -9.67 10.30 -12.39
N GLU A 28 -9.44 9.70 -13.53
CA GLU A 28 -8.26 8.87 -13.75
C GLU A 28 -7.07 9.73 -14.17
N GLY A 29 -5.96 9.57 -13.46
CA GLY A 29 -4.75 10.30 -13.81
C GLY A 29 -4.62 11.59 -13.02
N GLN A 30 -5.56 11.83 -12.12
CA GLN A 30 -5.54 13.02 -11.29
C GLN A 30 -5.06 12.70 -9.88
N ASP A 31 -4.36 13.65 -9.28
CA ASP A 31 -4.03 13.58 -7.86
C ASP A 31 -5.30 13.64 -7.04
N VAL A 32 -5.83 12.49 -6.67
CA VAL A 32 -7.01 12.46 -5.81
C VAL A 32 -6.61 12.96 -4.43
N VAL A 33 -5.37 12.67 -4.07
CA VAL A 33 -4.80 13.08 -2.80
C VAL A 33 -4.93 14.58 -2.63
N GLU A 34 -4.49 15.33 -3.62
CA GLU A 34 -4.47 16.77 -3.53
C GLU A 34 -5.88 17.32 -3.58
N ALA A 35 -6.69 16.78 -4.48
CA ALA A 35 -8.08 17.17 -4.62
C ALA A 35 -8.78 17.21 -3.27
N ILE A 36 -8.55 16.18 -2.48
CA ILE A 36 -9.18 16.05 -1.19
C ILE A 36 -8.60 17.05 -0.19
N LEU A 37 -7.31 16.90 0.11
CA LEU A 37 -6.65 17.69 1.14
C LEU A 37 -6.67 19.19 0.82
N ALA A 38 -6.87 19.53 -0.44
CA ALA A 38 -6.91 20.92 -0.87
C ALA A 38 -8.26 21.56 -0.58
N HIS A 39 -9.34 20.81 -0.81
CA HIS A 39 -10.68 21.33 -0.60
C HIS A 39 -11.01 21.28 0.88
N LEU A 40 -10.30 20.43 1.60
CA LEU A 40 -10.45 20.34 3.05
C LEU A 40 -9.75 21.50 3.74
N ASN A 41 -10.41 22.64 3.78
CA ASN A 41 -9.86 23.79 4.47
C ASN A 41 -10.62 24.02 5.76
N THR A 42 -10.96 22.92 6.41
CA THR A 42 -11.62 22.97 7.70
C THR A 42 -10.64 22.63 8.81
N VAL A 43 -9.56 21.96 8.43
CA VAL A 43 -8.61 21.46 9.39
C VAL A 43 -7.17 21.62 8.89
N PRO A 44 -6.29 22.21 9.70
CA PRO A 44 -4.87 22.32 9.37
C PRO A 44 -4.16 20.97 9.46
N ARG A 45 -4.17 20.24 8.37
CA ARG A 45 -3.53 18.93 8.30
C ARG A 45 -2.29 18.99 7.42
N THR A 46 -1.52 17.93 7.43
CA THR A 46 -0.49 17.73 6.43
C THR A 46 -1.04 16.80 5.35
N ARG A 47 -0.36 16.72 4.21
CA ARG A 47 -0.83 15.89 3.12
C ARG A 47 -0.84 14.43 3.56
N LYS A 48 0.15 14.06 4.38
CA LYS A 48 0.29 12.72 4.90
C LYS A 48 -1.00 12.23 5.56
N GLN A 49 -1.66 13.13 6.28
CA GLN A 49 -2.81 12.76 7.09
C GLN A 49 -3.98 12.28 6.24
N ILE A 50 -4.33 13.05 5.21
CA ILE A 50 -5.48 12.72 4.38
C ILE A 50 -5.31 11.36 3.71
N ILE A 51 -4.17 11.16 3.05
CA ILE A 51 -3.87 9.89 2.39
C ILE A 51 -3.98 8.74 3.39
N HIS A 52 -3.36 8.92 4.54
CA HIS A 52 -3.28 7.88 5.54
C HIS A 52 -4.66 7.48 6.08
N HIS A 53 -5.46 8.46 6.49
CA HIS A 53 -6.77 8.16 7.09
C HIS A 53 -7.69 7.44 6.11
N LEU A 54 -7.43 7.61 4.82
CA LEU A 54 -8.28 7.04 3.77
C LEU A 54 -7.91 5.59 3.51
N VAL A 55 -6.64 5.32 3.31
CA VAL A 55 -6.18 3.97 3.03
C VAL A 55 -6.29 3.11 4.30
N GLN A 56 -6.25 3.78 5.44
CA GLN A 56 -6.42 3.12 6.72
C GLN A 56 -7.90 2.93 7.04
N MET A 57 -8.77 3.67 6.34
CA MET A 57 -10.20 3.51 6.53
C MET A 57 -10.70 2.29 5.74
N GLY A 58 -9.82 1.73 4.92
CA GLY A 58 -10.14 0.53 4.19
C GLY A 58 -10.85 0.79 2.88
N LEU A 59 -11.13 2.06 2.60
CA LEU A 59 -11.81 2.43 1.37
C LEU A 59 -10.81 2.57 0.23
N ALA A 60 -9.56 2.85 0.56
CA ALA A 60 -8.51 2.92 -0.44
C ALA A 60 -7.57 1.74 -0.34
N ASP A 61 -6.88 1.44 -1.44
CA ASP A 61 -5.94 0.32 -1.50
C ASP A 61 -4.81 0.52 -0.52
N SER A 62 -3.98 1.53 -0.78
CA SER A 62 -2.81 1.79 0.02
C SER A 62 -2.28 3.19 -0.23
N VAL A 63 -1.23 3.55 0.50
CA VAL A 63 -0.57 4.85 0.35
C VAL A 63 -0.19 5.09 -1.10
N LYS A 64 0.16 4.00 -1.78
CA LYS A 64 0.71 4.07 -3.12
C LYS A 64 -0.35 4.47 -4.15
N ASP A 65 -1.62 4.45 -3.75
CA ASP A 65 -2.72 4.85 -4.62
C ASP A 65 -2.77 6.37 -4.70
N PHE A 66 -2.16 6.99 -3.72
CA PHE A 66 -2.08 8.45 -3.63
C PHE A 66 -0.66 8.90 -3.91
N GLN A 67 0.28 8.25 -3.25
CA GLN A 67 1.69 8.52 -3.41
C GLN A 67 2.43 7.19 -3.48
N ARG A 68 2.98 6.85 -4.64
CA ARG A 68 3.68 5.60 -4.79
C ARG A 68 4.98 5.61 -4.00
N LYS A 69 4.85 5.32 -2.73
CA LYS A 69 5.99 5.09 -1.88
C LYS A 69 6.54 3.71 -2.19
N GLY A 70 7.61 3.69 -3.00
CA GLY A 70 8.27 2.45 -3.36
C GLY A 70 8.34 1.49 -2.21
N THR A 71 7.65 0.37 -2.36
CA THR A 71 7.45 -0.57 -1.27
C THR A 71 8.73 -1.13 -0.71
N HIS A 72 8.69 -1.37 0.58
CA HIS A 72 9.66 -2.22 1.22
C HIS A 72 9.63 -3.56 0.48
N ILE A 73 10.68 -3.89 -0.18
CA ILE A 73 10.76 -5.15 -0.86
C ILE A 73 11.95 -5.92 -0.36
N VAL A 74 11.66 -7.00 0.32
CA VAL A 74 12.68 -7.91 0.76
C VAL A 74 13.38 -8.45 -0.47
N LEU A 75 14.69 -8.40 -0.47
CA LEU A 75 15.52 -8.61 -1.67
C LEU A 75 15.12 -9.86 -2.46
N TRP A 76 14.20 -9.69 -3.39
CA TRP A 76 13.70 -10.79 -4.17
C TRP A 76 14.62 -11.06 -5.35
N THR A 77 15.35 -12.16 -5.26
CA THR A 77 16.22 -12.60 -6.32
C THR A 77 15.72 -13.93 -6.85
N GLY A 78 16.37 -14.48 -7.86
CA GLY A 78 16.04 -15.82 -8.31
C GLY A 78 16.17 -16.82 -7.18
N ASP A 79 17.13 -16.54 -6.29
CA ASP A 79 17.34 -17.35 -5.11
C ASP A 79 16.11 -17.32 -4.21
N GLN A 80 15.75 -16.13 -3.72
CA GLN A 80 14.64 -16.01 -2.79
C GLN A 80 13.32 -16.41 -3.46
N GLU A 81 13.26 -16.23 -4.77
CA GLU A 81 12.09 -16.58 -5.55
C GLU A 81 11.78 -18.07 -5.42
N LEU A 82 12.80 -18.91 -5.60
CA LEU A 82 12.60 -20.35 -5.48
C LEU A 82 12.51 -20.76 -4.02
N GLU A 83 13.11 -19.99 -3.12
CA GLU A 83 13.01 -20.26 -1.69
C GLU A 83 11.55 -20.17 -1.26
N LEU A 84 10.87 -19.12 -1.72
CA LEU A 84 9.46 -18.96 -1.44
C LEU A 84 8.66 -20.08 -2.08
N GLN A 85 8.96 -20.36 -3.35
CA GLN A 85 8.28 -21.39 -4.10
C GLN A 85 8.32 -22.73 -3.36
N ARG A 86 9.52 -23.13 -2.97
CA ARG A 86 9.72 -24.41 -2.30
C ARG A 86 8.91 -24.47 -1.00
N LEU A 87 9.07 -23.46 -0.14
CA LEU A 87 8.40 -23.45 1.15
C LEU A 87 6.89 -23.41 0.99
N PHE A 88 6.43 -22.67 -0.01
CA PHE A 88 5.02 -22.61 -0.35
C PHE A 88 4.46 -24.01 -0.55
N GLU A 89 5.17 -24.82 -1.30
CA GLU A 89 4.74 -26.18 -1.59
C GLU A 89 5.05 -27.12 -0.43
N GLU A 90 6.14 -26.84 0.28
CA GLU A 90 6.62 -27.72 1.33
C GLU A 90 5.72 -27.68 2.58
N PHE A 91 5.15 -26.52 2.86
CA PHE A 91 4.27 -26.38 4.01
C PHE A 91 2.84 -26.11 3.58
N ARG A 92 2.57 -26.37 2.30
CA ARG A 92 1.27 -26.07 1.70
C ARG A 92 0.15 -26.91 2.30
N ASP A 93 0.51 -28.04 2.89
CA ASP A 93 -0.47 -28.93 3.49
C ASP A 93 -0.97 -28.40 4.83
N SER A 94 -0.46 -27.24 5.22
CA SER A 94 -0.90 -26.59 6.44
C SER A 94 -1.79 -25.40 6.07
N ASP A 95 -2.77 -25.11 6.92
CA ASP A 95 -3.79 -24.09 6.62
C ASP A 95 -3.15 -22.72 6.41
N ASP A 96 -2.22 -22.36 7.29
CA ASP A 96 -1.48 -21.12 7.14
C ASP A 96 -0.05 -21.44 6.71
N VAL A 97 0.12 -21.73 5.42
CA VAL A 97 1.42 -22.06 4.89
C VAL A 97 2.38 -20.87 5.00
N LEU A 98 1.85 -19.66 4.84
CA LEU A 98 2.66 -18.46 4.93
C LEU A 98 3.31 -18.31 6.30
N GLY A 99 2.56 -18.67 7.33
CA GLY A 99 3.09 -18.64 8.68
C GLY A 99 4.36 -19.45 8.80
N HIS A 100 4.37 -20.61 8.16
CA HIS A 100 5.53 -21.49 8.21
C HIS A 100 6.62 -20.98 7.28
N ILE A 101 6.21 -20.38 6.17
CA ILE A 101 7.14 -19.79 5.21
C ILE A 101 8.02 -18.74 5.89
N MET A 102 7.38 -17.68 6.37
CA MET A 102 8.10 -16.55 6.95
C MET A 102 8.76 -16.93 8.27
N LYS A 103 8.35 -18.05 8.84
CA LYS A 103 8.94 -18.52 10.09
C LYS A 103 10.25 -19.25 9.83
N ASN A 104 10.24 -20.19 8.88
CA ASN A 104 11.37 -21.10 8.69
C ASN A 104 12.34 -20.62 7.63
N ILE A 105 12.06 -19.48 6.99
CA ILE A 105 12.98 -18.95 5.99
C ILE A 105 13.96 -17.98 6.64
N THR A 106 15.10 -17.80 5.99
CA THR A 106 16.17 -16.99 6.51
C THR A 106 15.80 -15.51 6.60
N ALA A 107 14.98 -15.03 5.67
CA ALA A 107 14.54 -13.65 5.69
C ALA A 107 13.17 -13.56 6.32
N LYS A 108 13.04 -12.71 7.32
CA LYS A 108 11.74 -12.50 7.96
C LYS A 108 10.92 -11.56 7.11
N ARG A 109 10.01 -12.13 6.36
CA ARG A 109 9.19 -11.37 5.44
C ARG A 109 7.83 -11.13 6.06
N SER A 110 7.11 -10.19 5.50
CA SER A 110 5.75 -9.92 5.90
C SER A 110 4.78 -10.60 4.94
N ARG A 111 3.51 -10.63 5.31
CA ARG A 111 2.50 -11.33 4.52
C ARG A 111 2.31 -10.65 3.17
N ALA A 112 2.28 -9.33 3.17
CA ALA A 112 2.12 -8.57 1.94
C ALA A 112 3.24 -8.85 0.95
N ARG A 113 4.41 -9.22 1.48
CA ARG A 113 5.56 -9.50 0.65
C ARG A 113 5.53 -10.90 0.09
N ILE A 114 4.97 -11.81 0.86
CA ILE A 114 4.93 -13.19 0.45
C ILE A 114 3.76 -13.45 -0.49
N VAL A 115 2.59 -12.90 -0.15
CA VAL A 115 1.41 -13.10 -0.97
C VAL A 115 1.59 -12.47 -2.35
N ASP A 116 2.21 -11.30 -2.38
CA ASP A 116 2.41 -10.55 -3.61
C ASP A 116 3.36 -11.28 -4.56
N LYS A 117 4.45 -11.80 -4.02
CA LYS A 117 5.42 -12.51 -4.83
C LYS A 117 4.80 -13.82 -5.34
N LEU A 118 3.91 -14.39 -4.54
CA LEU A 118 3.22 -15.61 -4.90
C LEU A 118 2.32 -15.39 -6.11
N LEU A 119 1.63 -14.25 -6.13
CA LEU A 119 0.74 -13.91 -7.23
C LEU A 119 1.55 -13.69 -8.50
N ALA A 120 2.81 -13.33 -8.31
CA ALA A 120 3.70 -13.01 -9.43
C ALA A 120 4.17 -14.28 -10.11
N LEU A 121 4.57 -15.26 -9.30
CA LEU A 121 4.88 -16.59 -9.81
C LEU A 121 3.63 -17.20 -10.40
N GLY A 122 2.49 -16.74 -9.91
CA GLY A 122 1.22 -17.28 -10.31
C GLY A 122 1.03 -18.68 -9.78
N LEU A 123 1.57 -18.89 -8.59
CA LEU A 123 1.33 -20.12 -7.85
C LEU A 123 -0.11 -20.15 -7.41
N VAL A 124 -0.67 -18.95 -7.34
CA VAL A 124 -2.06 -18.74 -7.03
C VAL A 124 -2.62 -17.65 -7.95
N ALA A 125 -3.93 -17.50 -7.94
CA ALA A 125 -4.60 -16.49 -8.74
C ALA A 125 -5.07 -15.34 -7.85
N GLU A 126 -4.92 -15.52 -6.55
CA GLU A 126 -5.41 -14.56 -5.57
C GLU A 126 -4.87 -14.93 -4.20
N ARG A 127 -5.13 -14.08 -3.22
CA ARG A 127 -4.61 -14.29 -1.87
C ARG A 127 -5.43 -15.33 -1.09
N ARG A 128 -6.66 -15.55 -1.51
CA ARG A 128 -7.57 -16.45 -0.81
C ARG A 128 -7.10 -17.91 -0.84
N GLU A 129 -6.46 -18.31 -1.94
CA GLU A 129 -6.08 -19.71 -2.13
C GLU A 129 -5.00 -20.14 -1.16
N LEU A 130 -4.10 -19.23 -0.83
CA LEU A 130 -2.94 -19.55 -0.02
C LEU A 130 -3.26 -19.55 1.48
N TYR A 131 -4.54 -19.59 1.80
CA TYR A 131 -4.97 -19.71 3.18
C TYR A 131 -6.01 -20.83 3.29
N LYS A 132 -5.70 -21.96 2.68
CA LYS A 132 -6.59 -23.12 2.68
C LYS A 132 -5.83 -24.39 3.04
N LYS A 133 -6.56 -25.51 3.06
CA LYS A 133 -5.97 -26.81 3.32
C LYS A 133 -5.43 -27.42 2.03
N ARG A 134 -4.76 -28.55 2.15
CA ARG A 134 -4.25 -29.27 0.98
C ARG A 134 -5.40 -29.78 0.08
N GLN A 135 -5.93 -28.88 -0.74
CA GLN A 135 -6.84 -29.26 -1.80
C GLN A 135 -6.17 -29.05 -3.15
N LYS A 136 -6.81 -29.53 -4.21
CA LYS A 136 -6.33 -29.34 -5.59
C LYS A 136 -5.92 -27.90 -5.84
N LYS A 137 -4.90 -27.71 -6.67
CA LYS A 137 -4.54 -26.38 -7.11
C LYS A 137 -5.61 -25.94 -8.10
N LEU A 138 -6.54 -25.13 -7.61
CA LEU A 138 -7.68 -24.69 -8.40
C LEU A 138 -7.24 -23.83 -9.58
N ALA A 139 -8.18 -23.58 -10.48
CA ALA A 139 -7.94 -22.67 -11.60
C ALA A 139 -7.90 -21.22 -11.09
N SER A 140 -8.22 -20.27 -11.96
CA SER A 140 -8.30 -18.89 -11.53
C SER A 140 -9.40 -18.73 -10.49
N SER A 141 -9.01 -18.63 -9.23
CA SER A 141 -9.96 -18.47 -8.15
C SER A 141 -10.41 -17.01 -8.08
N ASP A 1 -1.82 25.19 1.94
CA ASP A 1 -3.20 25.67 2.17
C ASP A 1 -3.80 25.08 3.45
N PRO A 2 -3.94 23.74 3.55
CA PRO A 2 -4.63 23.12 4.68
C PRO A 2 -3.75 22.96 5.91
N SER A 3 -2.66 23.73 5.97
CA SER A 3 -1.70 23.61 7.05
C SER A 3 -1.89 24.71 8.09
N ARG A 4 -3.06 25.34 8.08
CA ARG A 4 -3.35 26.39 9.04
C ARG A 4 -3.97 25.79 10.30
N ARG A 5 -4.26 26.64 11.29
CA ARG A 5 -4.91 26.17 12.51
C ARG A 5 -6.33 25.74 12.19
N ALA A 6 -6.50 24.46 11.97
CA ALA A 6 -7.80 23.89 11.70
C ALA A 6 -8.22 23.00 12.86
N PRO A 7 -9.54 22.85 13.09
CA PRO A 7 -10.07 21.93 14.12
C PRO A 7 -9.68 20.46 13.88
N THR A 8 -10.10 19.61 14.79
CA THR A 8 -9.79 18.18 14.72
C THR A 8 -10.84 17.42 13.94
N TRP A 9 -10.47 16.24 13.48
CA TRP A 9 -11.39 15.40 12.74
C TRP A 9 -12.62 15.07 13.57
N SER A 10 -13.76 15.62 13.19
CA SER A 10 -15.03 15.16 13.70
C SER A 10 -15.38 13.86 12.99
N PRO A 11 -16.15 12.96 13.62
CA PRO A 11 -16.60 11.72 12.96
C PRO A 11 -17.21 11.96 11.59
N GLU A 12 -17.90 13.10 11.45
CA GLU A 12 -18.51 13.48 10.20
C GLU A 12 -17.46 13.98 9.21
N GLU A 13 -16.34 14.45 9.73
CA GLU A 13 -15.26 14.97 8.90
C GLU A 13 -14.55 13.81 8.20
N GLU A 14 -14.54 12.66 8.86
CA GLU A 14 -14.00 11.44 8.27
C GLU A 14 -14.90 11.00 7.11
N ALA A 15 -16.20 11.16 7.30
CA ALA A 15 -17.17 10.86 6.25
C ALA A 15 -17.05 11.88 5.11
N HIS A 16 -16.70 13.11 5.47
CA HIS A 16 -16.46 14.18 4.51
C HIS A 16 -15.09 13.98 3.85
N LEU A 17 -14.24 13.20 4.50
CA LEU A 17 -12.91 12.93 3.99
C LEU A 17 -13.03 11.94 2.83
N ARG A 18 -13.80 10.88 3.05
CA ARG A 18 -14.12 9.96 1.97
C ARG A 18 -15.04 10.65 0.99
N GLU A 19 -15.83 11.59 1.51
CA GLU A 19 -16.81 12.32 0.71
C GLU A 19 -16.15 12.98 -0.50
N LEU A 20 -15.02 13.64 -0.24
CA LEU A 20 -14.28 14.34 -1.27
C LEU A 20 -13.50 13.35 -2.13
N TYR A 21 -13.09 12.23 -1.51
CA TYR A 21 -12.33 11.21 -2.22
C TYR A 21 -13.22 10.52 -3.24
N LEU A 22 -14.37 10.07 -2.77
CA LEU A 22 -15.31 9.33 -3.62
C LEU A 22 -15.78 10.19 -4.79
N ALA A 23 -15.85 11.50 -4.56
CA ALA A 23 -16.32 12.43 -5.56
C ALA A 23 -15.26 12.72 -6.63
N ASN A 24 -13.99 12.54 -6.29
CA ASN A 24 -12.91 12.86 -7.22
C ASN A 24 -12.00 11.66 -7.49
N LYS A 25 -12.48 10.47 -7.17
CA LYS A 25 -11.70 9.26 -7.39
C LYS A 25 -11.88 8.74 -8.81
N ASP A 26 -12.89 9.25 -9.49
CA ASP A 26 -13.26 8.75 -10.81
C ASP A 26 -12.76 9.66 -11.92
N VAL A 27 -12.12 10.76 -11.56
CA VAL A 27 -11.53 11.64 -12.54
C VAL A 27 -10.08 11.23 -12.81
N GLU A 28 -9.86 10.70 -14.00
CA GLU A 28 -8.54 10.22 -14.38
C GLU A 28 -7.72 11.34 -15.02
N GLY A 29 -6.41 11.27 -14.83
CA GLY A 29 -5.55 12.33 -15.29
C GLY A 29 -5.43 13.43 -14.26
N GLN A 30 -5.98 13.14 -13.08
CA GLN A 30 -6.01 14.08 -11.98
C GLN A 30 -5.34 13.47 -10.75
N ASP A 31 -4.92 14.32 -9.82
CA ASP A 31 -4.40 13.85 -8.54
C ASP A 31 -5.52 13.83 -7.51
N VAL A 32 -5.88 12.65 -7.04
CA VAL A 32 -7.03 12.50 -6.17
C VAL A 32 -6.76 13.09 -4.78
N VAL A 33 -5.52 13.00 -4.33
CA VAL A 33 -5.17 13.46 -2.99
C VAL A 33 -5.07 14.98 -2.99
N GLU A 34 -4.55 15.52 -4.08
CA GLU A 34 -4.46 16.96 -4.26
C GLU A 34 -5.86 17.57 -4.28
N ALA A 35 -6.83 16.78 -4.71
CA ALA A 35 -8.22 17.21 -4.72
C ALA A 35 -8.73 17.36 -3.30
N ILE A 36 -8.54 16.32 -2.52
CA ILE A 36 -9.00 16.31 -1.14
C ILE A 36 -8.22 17.31 -0.31
N LEU A 37 -6.90 17.17 -0.34
CA LEU A 37 -5.98 18.04 0.42
C LEU A 37 -6.37 19.51 0.33
N ALA A 38 -6.72 19.94 -0.87
CA ALA A 38 -6.88 21.35 -1.16
C ALA A 38 -8.30 21.88 -0.90
N HIS A 39 -9.31 21.03 -1.02
CA HIS A 39 -10.69 21.53 -1.03
C HIS A 39 -11.28 21.67 0.36
N LEU A 40 -10.83 20.87 1.32
CA LEU A 40 -11.42 20.93 2.64
C LEU A 40 -10.37 21.30 3.71
N ASN A 41 -10.32 22.58 4.06
CA ASN A 41 -9.36 23.10 5.03
C ASN A 41 -9.94 23.04 6.43
N THR A 42 -10.63 21.94 6.72
CA THR A 42 -11.34 21.74 7.97
C THR A 42 -10.42 21.30 9.11
N VAL A 43 -9.36 20.59 8.76
CA VAL A 43 -8.41 20.07 9.75
C VAL A 43 -6.99 20.19 9.17
N PRO A 44 -5.95 20.46 10.01
CA PRO A 44 -4.59 20.78 9.52
C PRO A 44 -3.93 19.58 8.86
N ARG A 45 -3.85 19.60 7.54
CA ARG A 45 -3.40 18.43 6.82
C ARG A 45 -1.98 18.56 6.32
N THR A 46 -1.24 17.50 6.52
CA THR A 46 -0.10 17.19 5.70
C THR A 46 -0.61 16.33 4.56
N ARG A 47 0.22 16.05 3.57
CA ARG A 47 -0.18 15.14 2.48
C ARG A 47 -0.55 13.78 3.07
N LYS A 48 0.25 13.36 4.04
CA LYS A 48 0.06 12.11 4.75
C LYS A 48 -1.30 12.04 5.47
N GLN A 49 -1.77 13.19 5.95
CA GLN A 49 -3.02 13.26 6.74
C GLN A 49 -4.18 12.57 6.03
N ILE A 50 -4.56 13.07 4.87
CA ILE A 50 -5.69 12.50 4.15
C ILE A 50 -5.39 11.07 3.70
N ILE A 51 -4.19 10.86 3.16
CA ILE A 51 -3.79 9.55 2.66
C ILE A 51 -4.01 8.47 3.71
N HIS A 52 -3.53 8.74 4.91
CA HIS A 52 -3.58 7.77 5.99
C HIS A 52 -5.01 7.41 6.35
N HIS A 53 -5.86 8.40 6.57
CA HIS A 53 -7.22 8.13 7.04
C HIS A 53 -8.04 7.40 5.98
N LEU A 54 -7.64 7.52 4.73
CA LEU A 54 -8.35 6.87 3.62
C LEU A 54 -8.03 5.38 3.59
N VAL A 55 -6.74 5.06 3.64
CA VAL A 55 -6.32 3.67 3.62
C VAL A 55 -6.69 2.99 4.93
N GLN A 56 -6.68 3.77 6.01
CA GLN A 56 -7.05 3.30 7.32
C GLN A 56 -8.56 3.12 7.42
N MET A 57 -9.29 3.76 6.52
CA MET A 57 -10.75 3.69 6.51
C MET A 57 -11.21 2.44 5.74
N GLY A 58 -10.24 1.74 5.16
CA GLY A 58 -10.55 0.50 4.46
C GLY A 58 -11.09 0.73 3.06
N LEU A 59 -11.17 2.00 2.66
CA LEU A 59 -11.69 2.34 1.35
C LEU A 59 -10.57 2.46 0.34
N ALA A 60 -9.34 2.58 0.84
CA ALA A 60 -8.16 2.63 -0.03
C ALA A 60 -7.19 1.51 0.31
N ASP A 61 -6.31 1.20 -0.63
CA ASP A 61 -5.35 0.11 -0.47
C ASP A 61 -4.24 0.45 0.50
N SER A 62 -3.38 1.38 0.10
CA SER A 62 -2.19 1.70 0.89
C SER A 62 -1.69 3.09 0.58
N VAL A 63 -0.85 3.60 1.47
CA VAL A 63 -0.21 4.89 1.29
C VAL A 63 0.77 4.80 0.12
N LYS A 64 1.16 3.58 -0.19
CA LYS A 64 1.97 3.25 -1.36
C LYS A 64 1.49 3.96 -2.60
N ASP A 65 0.20 3.85 -2.85
CA ASP A 65 -0.37 4.28 -4.12
C ASP A 65 -0.75 5.74 -4.10
N PHE A 66 -0.62 6.38 -2.94
CA PHE A 66 -0.86 7.81 -2.86
C PHE A 66 0.44 8.58 -3.01
N GLN A 67 1.46 8.20 -2.23
CA GLN A 67 2.75 8.88 -2.31
C GLN A 67 3.90 8.00 -1.83
N ARG A 68 4.33 8.22 -0.60
CA ARG A 68 5.42 7.43 -0.02
C ARG A 68 5.36 7.40 1.51
N LYS A 69 4.51 6.57 2.09
CA LYS A 69 4.53 6.36 3.54
C LYS A 69 3.87 5.04 3.90
N GLY A 70 3.99 4.07 3.03
CA GLY A 70 3.40 2.78 3.25
C GLY A 70 3.88 1.81 2.20
N THR A 71 5.18 1.74 2.07
CA THR A 71 5.82 0.98 1.01
C THR A 71 5.69 -0.52 1.20
N HIS A 72 5.95 -1.23 0.12
CA HIS A 72 5.99 -2.69 0.15
C HIS A 72 7.39 -3.13 0.58
N ILE A 73 8.21 -2.14 0.90
CA ILE A 73 9.61 -2.35 1.18
C ILE A 73 9.81 -3.19 2.42
N VAL A 74 10.63 -4.21 2.26
CA VAL A 74 11.13 -5.01 3.36
C VAL A 74 11.82 -4.10 4.37
N LEU A 75 11.65 -4.37 5.67
CA LEU A 75 12.27 -3.55 6.70
C LEU A 75 13.80 -3.49 6.50
N TRP A 76 14.25 -2.45 5.82
CA TRP A 76 15.66 -2.28 5.54
C TRP A 76 16.36 -1.68 6.74
N THR A 77 17.17 -2.49 7.38
CA THR A 77 17.96 -2.07 8.52
C THR A 77 19.41 -1.79 8.09
N GLY A 78 20.23 -1.33 9.03
CA GLY A 78 21.60 -0.99 8.72
C GLY A 78 22.38 -2.16 8.17
N ASP A 79 22.18 -3.34 8.76
CA ASP A 79 22.86 -4.54 8.31
C ASP A 79 22.41 -4.92 6.90
N GLN A 80 21.11 -4.93 6.66
CA GLN A 80 20.57 -5.30 5.35
C GLN A 80 21.05 -4.33 4.28
N GLU A 81 21.10 -3.06 4.63
CA GLU A 81 21.53 -2.04 3.71
C GLU A 81 23.00 -2.23 3.38
N LEU A 82 23.77 -2.59 4.39
CA LEU A 82 25.18 -2.89 4.21
C LEU A 82 25.36 -4.15 3.36
N GLU A 83 24.55 -5.17 3.64
CA GLU A 83 24.61 -6.44 2.91
C GLU A 83 24.43 -6.23 1.42
N LEU A 84 23.28 -5.68 1.05
CA LEU A 84 22.86 -5.65 -0.34
C LEU A 84 23.58 -4.56 -1.12
N GLN A 85 24.03 -3.52 -0.44
CA GLN A 85 24.77 -2.46 -1.10
C GLN A 85 26.06 -3.01 -1.69
N ARG A 86 26.75 -3.83 -0.91
CA ARG A 86 28.02 -4.42 -1.35
C ARG A 86 27.76 -5.57 -2.30
N LEU A 87 26.79 -6.41 -1.94
CA LEU A 87 26.47 -7.59 -2.72
C LEU A 87 26.09 -7.19 -4.14
N PHE A 88 25.30 -6.13 -4.24
CA PHE A 88 24.91 -5.57 -5.53
C PHE A 88 26.13 -5.21 -6.35
N GLU A 89 27.06 -4.48 -5.75
CA GLU A 89 28.27 -4.04 -6.45
C GLU A 89 29.06 -5.22 -6.98
N GLU A 90 29.09 -6.29 -6.20
CA GLU A 90 29.93 -7.43 -6.49
C GLU A 90 29.36 -8.27 -7.63
N PHE A 91 28.04 -8.46 -7.64
CA PHE A 91 27.42 -9.37 -8.60
C PHE A 91 26.98 -8.65 -9.88
N ARG A 92 27.43 -7.42 -10.09
CA ARG A 92 27.14 -6.71 -11.34
C ARG A 92 27.90 -7.38 -12.48
N ASP A 93 28.87 -8.18 -12.09
CA ASP A 93 29.72 -8.91 -13.02
C ASP A 93 28.94 -10.01 -13.73
N SER A 94 27.79 -10.39 -13.17
CA SER A 94 26.97 -11.44 -13.77
C SER A 94 25.77 -10.84 -14.47
N ASP A 95 25.21 -11.59 -15.43
CA ASP A 95 24.16 -11.07 -16.32
C ASP A 95 22.92 -10.64 -15.55
N ASP A 96 22.64 -11.30 -14.43
CA ASP A 96 21.51 -10.93 -13.59
C ASP A 96 21.96 -10.80 -12.15
N VAL A 97 22.17 -9.56 -11.72
CA VAL A 97 22.70 -9.30 -10.39
C VAL A 97 21.70 -9.72 -9.30
N LEU A 98 20.44 -9.37 -9.47
CA LEU A 98 19.44 -9.61 -8.43
C LEU A 98 19.17 -11.09 -8.24
N GLY A 99 19.30 -11.85 -9.32
CA GLY A 99 19.16 -13.29 -9.23
C GLY A 99 20.19 -13.89 -8.31
N HIS A 100 21.42 -13.41 -8.45
CA HIS A 100 22.52 -13.87 -7.61
C HIS A 100 22.38 -13.30 -6.21
N ILE A 101 21.73 -12.15 -6.12
CA ILE A 101 21.43 -11.53 -4.83
C ILE A 101 20.60 -12.47 -3.97
N MET A 102 19.40 -12.80 -4.45
CA MET A 102 18.44 -13.59 -3.68
C MET A 102 19.04 -14.92 -3.26
N LYS A 103 19.84 -15.51 -4.14
CA LYS A 103 20.44 -16.81 -3.87
C LYS A 103 21.55 -16.70 -2.82
N ASN A 104 22.31 -15.62 -2.87
CA ASN A 104 23.48 -15.47 -2.01
C ASN A 104 23.12 -14.84 -0.67
N ILE A 105 22.05 -14.02 -0.64
CA ILE A 105 21.69 -13.32 0.58
C ILE A 105 20.67 -14.13 1.40
N THR A 106 20.64 -13.84 2.68
CA THR A 106 19.83 -14.57 3.62
C THR A 106 18.34 -14.26 3.49
N ALA A 107 18.02 -13.02 3.13
CA ALA A 107 16.63 -12.59 3.04
C ALA A 107 16.16 -12.61 1.59
N LYS A 108 15.02 -13.24 1.34
CA LYS A 108 14.44 -13.22 0.01
C LYS A 108 13.72 -11.90 -0.22
N ARG A 109 14.37 -11.00 -0.95
CA ARG A 109 13.83 -9.69 -1.20
C ARG A 109 13.44 -9.57 -2.66
N SER A 110 12.16 -9.31 -2.92
CA SER A 110 11.62 -9.26 -4.27
C SER A 110 12.33 -8.21 -5.13
N ARG A 111 12.25 -8.39 -6.44
CA ARG A 111 12.92 -7.51 -7.39
C ARG A 111 12.53 -6.05 -7.17
N ALA A 112 11.24 -5.81 -7.02
CA ALA A 112 10.72 -4.46 -6.84
C ALA A 112 11.23 -3.83 -5.56
N ARG A 113 11.59 -4.66 -4.59
CA ARG A 113 12.11 -4.16 -3.32
C ARG A 113 13.55 -3.69 -3.52
N ILE A 114 14.34 -4.57 -4.12
CA ILE A 114 15.75 -4.31 -4.36
C ILE A 114 15.95 -3.08 -5.25
N VAL A 115 15.32 -3.07 -6.42
CA VAL A 115 15.55 -2.00 -7.39
C VAL A 115 15.06 -0.66 -6.85
N ASP A 116 13.95 -0.66 -6.12
CA ASP A 116 13.42 0.57 -5.55
C ASP A 116 14.34 1.11 -4.48
N LYS A 117 15.03 0.22 -3.77
CA LYS A 117 15.94 0.65 -2.71
C LYS A 117 17.27 1.11 -3.31
N LEU A 118 17.67 0.48 -4.41
CA LEU A 118 18.88 0.87 -5.12
C LEU A 118 18.78 2.31 -5.59
N LEU A 119 17.66 2.63 -6.21
CA LEU A 119 17.40 3.98 -6.69
C LEU A 119 17.35 4.96 -5.54
N ALA A 120 16.86 4.47 -4.40
CA ALA A 120 16.69 5.29 -3.21
C ALA A 120 18.03 5.53 -2.53
N LEU A 121 18.93 4.56 -2.65
CA LEU A 121 20.29 4.71 -2.15
C LEU A 121 21.13 5.53 -3.11
N GLY A 122 20.71 5.54 -4.36
CA GLY A 122 21.48 6.19 -5.40
C GLY A 122 22.63 5.33 -5.84
N LEU A 123 22.41 4.02 -5.85
CA LEU A 123 23.43 3.07 -6.27
C LEU A 123 23.46 3.02 -7.79
N VAL A 124 22.31 3.33 -8.37
CA VAL A 124 22.16 3.40 -9.81
C VAL A 124 21.26 4.57 -10.16
N ALA A 125 21.33 4.98 -11.41
CA ALA A 125 20.51 6.07 -11.89
C ALA A 125 19.24 5.54 -12.54
N GLU A 126 19.19 4.23 -12.70
CA GLU A 126 18.10 3.57 -13.41
C GLU A 126 18.25 2.06 -13.33
N ARG A 127 17.26 1.33 -13.84
CA ARG A 127 17.24 -0.12 -13.74
C ARG A 127 18.19 -0.79 -14.75
N ARG A 128 18.46 -0.13 -15.88
CA ARG A 128 19.27 -0.75 -16.93
C ARG A 128 20.68 -1.06 -16.41
N GLU A 129 21.12 -0.27 -15.43
CA GLU A 129 22.47 -0.37 -14.90
C GLU A 129 22.67 -1.68 -14.13
N LEU A 130 21.59 -2.21 -13.60
CA LEU A 130 21.65 -3.42 -12.80
C LEU A 130 21.24 -4.64 -13.61
N TYR A 131 21.22 -4.50 -14.93
CA TYR A 131 20.97 -5.63 -15.80
C TYR A 131 22.12 -5.78 -16.79
N LYS A 132 23.05 -6.66 -16.44
CA LYS A 132 24.25 -6.89 -17.25
C LYS A 132 23.90 -7.74 -18.47
N LYS A 133 23.13 -7.15 -19.36
CA LYS A 133 22.69 -7.82 -20.58
C LYS A 133 23.40 -7.21 -21.78
N ARG A 134 23.21 -7.83 -22.93
CA ARG A 134 23.73 -7.29 -24.17
C ARG A 134 23.05 -5.95 -24.49
N GLN A 135 23.61 -4.89 -23.94
CA GLN A 135 23.17 -3.54 -24.21
C GLN A 135 24.39 -2.67 -24.49
N LYS A 136 24.17 -1.44 -24.95
CA LYS A 136 25.26 -0.48 -25.10
C LYS A 136 25.92 -0.23 -23.74
N LYS A 137 26.94 0.63 -23.70
CA LYS A 137 27.66 0.85 -22.45
C LYS A 137 26.72 1.44 -21.39
N LEU A 138 26.98 1.06 -20.14
CA LEU A 138 26.22 1.53 -19.00
C LEU A 138 26.13 3.05 -18.96
N ALA A 139 25.08 3.55 -18.36
CA ALA A 139 24.85 4.99 -18.27
C ALA A 139 25.68 5.58 -17.12
N SER A 140 25.30 6.74 -16.64
CA SER A 140 25.99 7.33 -15.52
C SER A 140 25.30 6.93 -14.22
N SER A 141 25.64 5.75 -13.74
CA SER A 141 25.13 5.25 -12.48
C SER A 141 25.93 5.86 -11.33
N ASP A 1 3.34 23.76 10.64
CA ASP A 1 3.67 25.15 10.26
C ASP A 1 2.54 26.08 10.69
N PRO A 2 2.74 27.42 10.60
CA PRO A 2 1.71 28.43 10.88
C PRO A 2 0.30 28.05 10.44
N SER A 3 0.16 27.52 9.23
CA SER A 3 -1.15 27.16 8.71
C SER A 3 -1.56 25.78 9.16
N ARG A 4 -0.63 24.84 9.09
CA ARG A 4 -0.92 23.45 9.38
C ARG A 4 -0.74 23.13 10.86
N ARG A 5 -1.87 23.11 11.55
CA ARG A 5 -1.95 22.57 12.89
C ARG A 5 -2.25 21.09 12.78
N ALA A 6 -1.74 20.27 13.69
CA ALA A 6 -1.95 18.84 13.59
C ALA A 6 -3.43 18.47 13.71
N PRO A 7 -3.84 17.42 13.00
CA PRO A 7 -5.24 17.00 12.83
C PRO A 7 -6.10 17.02 14.10
N THR A 8 -7.25 17.67 13.99
CA THR A 8 -8.29 17.59 15.00
C THR A 8 -9.60 17.21 14.31
N TRP A 9 -9.92 15.92 14.32
CA TRP A 9 -11.02 15.41 13.50
C TRP A 9 -12.33 15.29 14.25
N SER A 10 -13.41 15.38 13.48
CA SER A 10 -14.76 15.19 13.98
C SER A 10 -15.48 14.16 13.10
N PRO A 11 -16.60 13.57 13.58
CA PRO A 11 -17.33 12.51 12.87
C PRO A 11 -17.61 12.83 11.41
N GLU A 12 -18.27 13.97 11.16
CA GLU A 12 -18.62 14.39 9.80
C GLU A 12 -17.36 14.61 8.98
N GLU A 13 -16.37 15.17 9.63
CA GLU A 13 -15.15 15.60 8.98
C GLU A 13 -14.44 14.42 8.28
N GLU A 14 -14.35 13.28 8.98
CA GLU A 14 -13.72 12.10 8.39
C GLU A 14 -14.63 11.45 7.34
N ALA A 15 -15.93 11.67 7.46
CA ALA A 15 -16.88 11.20 6.45
C ALA A 15 -16.71 12.02 5.18
N HIS A 16 -16.50 13.32 5.36
CA HIS A 16 -16.20 14.24 4.28
C HIS A 16 -14.84 13.93 3.67
N LEU A 17 -13.96 13.33 4.47
CA LEU A 17 -12.63 12.97 4.01
C LEU A 17 -12.74 11.91 2.92
N ARG A 18 -13.53 10.87 3.19
CA ARG A 18 -13.78 9.85 2.22
C ARG A 18 -14.76 10.37 1.18
N GLU A 19 -15.63 11.27 1.61
CA GLU A 19 -16.62 11.87 0.72
C GLU A 19 -15.93 12.44 -0.52
N LEU A 20 -14.94 13.27 -0.28
CA LEU A 20 -14.20 13.94 -1.33
C LEU A 20 -13.35 12.94 -2.13
N TYR A 21 -12.88 11.89 -1.46
CA TYR A 21 -12.07 10.87 -2.10
C TYR A 21 -12.91 10.09 -3.09
N LEU A 22 -14.07 9.65 -2.63
CA LEU A 22 -14.98 8.85 -3.44
C LEU A 22 -15.39 9.62 -4.71
N ALA A 23 -15.33 10.93 -4.65
CA ALA A 23 -15.66 11.77 -5.80
C ALA A 23 -14.50 11.85 -6.79
N ASN A 24 -13.32 12.21 -6.30
CA ASN A 24 -12.20 12.52 -7.18
C ASN A 24 -11.33 11.32 -7.50
N LYS A 25 -11.63 10.17 -6.90
CA LYS A 25 -10.88 8.94 -7.17
C LYS A 25 -11.01 8.53 -8.64
N ASP A 26 -12.10 8.98 -9.25
CA ASP A 26 -12.40 8.64 -10.64
C ASP A 26 -11.52 9.41 -11.60
N VAL A 27 -11.00 10.54 -11.13
CA VAL A 27 -10.17 11.40 -11.97
C VAL A 27 -8.77 10.84 -12.09
N GLU A 28 -8.45 10.30 -13.25
CA GLU A 28 -7.16 9.67 -13.46
C GLU A 28 -6.13 10.71 -13.90
N GLY A 29 -4.92 10.58 -13.40
CA GLY A 29 -3.87 11.53 -13.72
C GLY A 29 -3.87 12.70 -12.75
N GLN A 30 -4.79 12.67 -11.80
CA GLN A 30 -4.88 13.71 -10.80
C GLN A 30 -4.42 13.20 -9.44
N ASP A 31 -3.79 14.09 -8.69
CA ASP A 31 -3.53 13.85 -7.27
C ASP A 31 -4.85 13.88 -6.52
N VAL A 32 -5.36 12.71 -6.16
CA VAL A 32 -6.66 12.65 -5.50
C VAL A 32 -6.56 13.20 -4.08
N VAL A 33 -5.37 13.12 -3.49
CA VAL A 33 -5.15 13.60 -2.14
C VAL A 33 -5.39 15.09 -2.09
N GLU A 34 -4.72 15.82 -2.99
CA GLU A 34 -4.88 17.26 -3.07
C GLU A 34 -6.33 17.62 -3.37
N ALA A 35 -7.01 16.79 -4.14
CA ALA A 35 -8.42 16.98 -4.39
C ALA A 35 -9.17 17.01 -3.07
N ILE A 36 -8.85 16.06 -2.21
CA ILE A 36 -9.50 15.95 -0.91
C ILE A 36 -9.06 17.08 0.01
N LEU A 37 -7.77 17.09 0.33
CA LEU A 37 -7.25 17.97 1.38
C LEU A 37 -7.36 19.46 1.03
N ALA A 38 -7.42 19.77 -0.25
CA ALA A 38 -7.50 21.16 -0.68
C ALA A 38 -8.94 21.66 -0.77
N HIS A 39 -9.86 20.78 -1.14
CA HIS A 39 -11.25 21.19 -1.30
C HIS A 39 -11.93 21.38 0.04
N LEU A 40 -11.50 20.64 1.05
CA LEU A 40 -11.98 20.87 2.40
C LEU A 40 -11.00 21.74 3.18
N ASN A 41 -11.51 22.82 3.75
CA ASN A 41 -10.68 23.69 4.57
C ASN A 41 -11.08 23.55 6.04
N THR A 42 -11.41 22.33 6.40
CA THR A 42 -11.88 22.04 7.74
C THR A 42 -10.71 21.73 8.67
N VAL A 43 -9.68 21.11 8.13
CA VAL A 43 -8.54 20.70 8.94
C VAL A 43 -7.23 20.86 8.16
N PRO A 44 -6.20 21.45 8.81
CA PRO A 44 -4.85 21.49 8.24
C PRO A 44 -4.15 20.15 8.35
N ARG A 45 -3.74 19.58 7.23
CA ARG A 45 -3.11 18.26 7.24
C ARG A 45 -1.87 18.24 6.38
N THR A 46 -1.25 17.07 6.39
CA THR A 46 -0.17 16.74 5.49
C THR A 46 -0.75 15.79 4.43
N ARG A 47 -0.11 15.69 3.27
CA ARG A 47 -0.55 14.74 2.25
C ARG A 47 -0.61 13.34 2.84
N LYS A 48 0.40 13.03 3.64
CA LYS A 48 0.50 11.76 4.34
C LYS A 48 -0.73 11.53 5.23
N GLN A 49 -1.06 12.52 6.03
CA GLN A 49 -2.14 12.44 7.00
C GLN A 49 -3.48 12.11 6.35
N ILE A 50 -3.74 12.70 5.20
CA ILE A 50 -4.97 12.47 4.49
C ILE A 50 -5.03 11.04 4.00
N ILE A 51 -3.98 10.63 3.30
CA ILE A 51 -3.89 9.29 2.75
C ILE A 51 -4.06 8.27 3.86
N HIS A 52 -3.41 8.55 4.98
CA HIS A 52 -3.40 7.66 6.11
C HIS A 52 -4.80 7.31 6.61
N HIS A 53 -5.62 8.30 6.92
CA HIS A 53 -6.98 8.02 7.41
C HIS A 53 -7.78 7.21 6.41
N LEU A 54 -7.51 7.42 5.14
CA LEU A 54 -8.31 6.86 4.08
C LEU A 54 -7.90 5.42 3.75
N VAL A 55 -6.60 5.18 3.62
CA VAL A 55 -6.12 3.83 3.37
C VAL A 55 -6.29 2.97 4.62
N GLN A 56 -6.32 3.63 5.77
CA GLN A 56 -6.53 2.95 7.04
C GLN A 56 -8.01 2.68 7.28
N MET A 57 -8.88 3.40 6.56
CA MET A 57 -10.31 3.21 6.71
C MET A 57 -10.80 2.06 5.84
N GLY A 58 -9.88 1.48 5.07
CA GLY A 58 -10.20 0.34 4.25
C GLY A 58 -10.88 0.72 2.94
N LEU A 59 -11.12 2.01 2.76
CA LEU A 59 -11.77 2.49 1.55
C LEU A 59 -10.74 2.67 0.43
N ALA A 60 -9.48 2.72 0.83
CA ALA A 60 -8.37 2.76 -0.11
C ALA A 60 -7.31 1.75 0.31
N ASP A 61 -6.50 1.31 -0.65
CA ASP A 61 -5.48 0.31 -0.35
C ASP A 61 -4.21 0.96 0.17
N SER A 62 -3.57 1.77 -0.66
CA SER A 62 -2.28 2.34 -0.31
C SER A 62 -2.07 3.71 -0.96
N VAL A 63 -0.94 4.33 -0.65
CA VAL A 63 -0.53 5.62 -1.21
C VAL A 63 -0.51 5.56 -2.74
N LYS A 64 -0.29 4.34 -3.24
CA LYS A 64 -0.26 4.09 -4.68
C LYS A 64 -1.56 4.57 -5.34
N ASP A 65 -2.65 4.39 -4.63
CA ASP A 65 -3.97 4.71 -5.15
C ASP A 65 -4.26 6.21 -5.01
N PHE A 66 -3.37 6.92 -4.34
CA PHE A 66 -3.62 8.32 -4.03
C PHE A 66 -2.81 9.27 -4.88
N GLN A 67 -1.52 9.04 -4.96
CA GLN A 67 -0.64 10.03 -5.54
C GLN A 67 0.67 9.41 -5.98
N ARG A 68 0.65 8.11 -6.26
CA ARG A 68 1.86 7.38 -6.57
C ARG A 68 1.71 6.52 -7.81
N LYS A 69 2.79 6.40 -8.55
CA LYS A 69 2.93 5.37 -9.56
C LYS A 69 3.84 4.29 -8.99
N GLY A 70 4.39 4.60 -7.82
CA GLY A 70 5.28 3.68 -7.13
C GLY A 70 4.55 2.76 -6.19
N THR A 71 4.84 1.48 -6.30
CA THR A 71 4.21 0.47 -5.46
C THR A 71 5.25 -0.30 -4.67
N HIS A 72 4.79 -1.16 -3.77
CA HIS A 72 5.65 -2.15 -3.17
C HIS A 72 6.19 -3.03 -4.29
N ILE A 73 7.47 -3.01 -4.51
CA ILE A 73 8.02 -3.66 -5.67
C ILE A 73 9.09 -4.66 -5.32
N VAL A 74 8.91 -5.86 -5.83
CA VAL A 74 9.91 -6.89 -5.74
C VAL A 74 11.00 -6.58 -6.76
N LEU A 75 12.24 -6.97 -6.47
CA LEU A 75 13.37 -6.63 -7.32
C LEU A 75 13.12 -7.01 -8.79
N TRP A 76 12.65 -6.06 -9.58
CA TRP A 76 12.38 -6.31 -10.99
C TRP A 76 13.57 -5.90 -11.83
N THR A 77 14.24 -6.90 -12.36
CA THR A 77 15.35 -6.67 -13.28
C THR A 77 14.88 -6.96 -14.70
N GLY A 78 15.74 -6.72 -15.68
CA GLY A 78 15.44 -7.12 -17.03
C GLY A 78 15.23 -8.61 -17.13
N ASP A 79 16.06 -9.35 -16.40
CA ASP A 79 15.96 -10.80 -16.31
C ASP A 79 14.60 -11.21 -15.75
N GLN A 80 14.31 -10.74 -14.54
CA GLN A 80 13.08 -11.13 -13.84
C GLN A 80 11.84 -10.78 -14.66
N GLU A 81 11.84 -9.60 -15.25
CA GLU A 81 10.69 -9.13 -16.01
C GLU A 81 10.48 -9.97 -17.26
N LEU A 82 11.58 -10.26 -17.95
CA LEU A 82 11.53 -11.10 -19.15
C LEU A 82 11.18 -12.54 -18.78
N GLU A 83 11.71 -13.00 -17.66
CA GLU A 83 11.51 -14.37 -17.22
C GLU A 83 10.03 -14.64 -16.98
N LEU A 84 9.37 -13.72 -16.27
CA LEU A 84 7.95 -13.86 -16.03
C LEU A 84 7.19 -13.72 -17.34
N GLN A 85 7.67 -12.83 -18.21
CA GLN A 85 7.07 -12.61 -19.51
C GLN A 85 6.97 -13.93 -20.28
N ARG A 86 8.09 -14.63 -20.38
CA ARG A 86 8.14 -15.90 -21.09
C ARG A 86 7.33 -16.97 -20.38
N LEU A 87 7.35 -16.95 -19.05
CA LEU A 87 6.66 -17.95 -18.24
C LEU A 87 5.14 -17.76 -18.34
N PHE A 88 4.71 -16.50 -18.22
CA PHE A 88 3.32 -16.12 -18.38
C PHE A 88 2.69 -16.76 -19.61
N GLU A 89 3.39 -16.69 -20.74
CA GLU A 89 2.89 -17.26 -21.99
C GLU A 89 2.75 -18.77 -21.89
N GLU A 90 3.77 -19.39 -21.32
CA GLU A 90 3.91 -20.83 -21.34
C GLU A 90 2.92 -21.53 -20.44
N PHE A 91 2.73 -21.00 -19.24
CA PHE A 91 1.80 -21.60 -18.28
C PHE A 91 0.44 -20.91 -18.29
N ARG A 92 0.18 -20.17 -19.37
CA ARG A 92 -1.06 -19.42 -19.50
C ARG A 92 -2.21 -20.36 -19.85
N ASP A 93 -1.85 -21.60 -20.20
CA ASP A 93 -2.82 -22.64 -20.52
C ASP A 93 -3.50 -23.14 -19.24
N SER A 94 -3.20 -22.49 -18.14
CA SER A 94 -3.78 -22.83 -16.85
C SER A 94 -4.87 -21.83 -16.51
N ASP A 95 -5.76 -22.19 -15.60
CA ASP A 95 -6.85 -21.31 -15.21
C ASP A 95 -6.29 -20.08 -14.51
N ASP A 96 -5.40 -20.31 -13.56
CA ASP A 96 -4.62 -19.23 -12.94
C ASP A 96 -3.20 -19.27 -13.47
N VAL A 97 -2.88 -18.42 -14.44
CA VAL A 97 -1.52 -18.38 -14.98
C VAL A 97 -0.55 -17.93 -13.89
N LEU A 98 -0.98 -16.95 -13.09
CA LEU A 98 -0.14 -16.43 -12.02
C LEU A 98 0.23 -17.54 -11.05
N GLY A 99 -0.74 -18.41 -10.74
CA GLY A 99 -0.52 -19.48 -9.82
C GLY A 99 0.68 -20.35 -10.18
N HIS A 100 0.80 -20.69 -11.46
CA HIS A 100 1.90 -21.52 -11.91
C HIS A 100 3.15 -20.67 -12.10
N ILE A 101 2.95 -19.39 -12.35
CA ILE A 101 4.05 -18.44 -12.39
C ILE A 101 4.74 -18.39 -11.04
N MET A 102 3.97 -18.09 -9.99
CA MET A 102 4.52 -17.90 -8.64
C MET A 102 5.11 -19.20 -8.13
N LYS A 103 4.57 -20.31 -8.63
CA LYS A 103 4.97 -21.64 -8.19
C LYS A 103 6.34 -22.04 -8.77
N ASN A 104 6.53 -21.77 -10.05
CA ASN A 104 7.69 -22.30 -10.78
C ASN A 104 8.75 -21.23 -11.04
N ILE A 105 8.51 -20.01 -10.59
CA ILE A 105 9.45 -18.93 -10.84
C ILE A 105 10.46 -18.81 -9.71
N THR A 106 11.58 -18.19 -10.01
CA THR A 106 12.69 -18.06 -9.08
C THR A 106 12.37 -17.09 -7.95
N ALA A 107 11.65 -16.00 -8.26
CA ALA A 107 11.32 -15.00 -7.27
C ALA A 107 9.92 -15.22 -6.74
N LYS A 108 9.80 -15.28 -5.43
CA LYS A 108 8.51 -15.52 -4.82
C LYS A 108 7.84 -14.18 -4.57
N ARG A 109 6.82 -13.89 -5.37
CA ARG A 109 6.17 -12.59 -5.33
C ARG A 109 4.66 -12.78 -5.30
N SER A 110 3.93 -11.70 -5.05
CA SER A 110 2.48 -11.77 -4.91
C SER A 110 1.79 -11.48 -6.23
N ARG A 111 0.53 -11.87 -6.34
CA ARG A 111 -0.23 -11.74 -7.57
C ARG A 111 -0.52 -10.30 -7.93
N ALA A 112 -0.92 -9.50 -6.95
CA ALA A 112 -1.24 -8.10 -7.18
C ALA A 112 -0.04 -7.38 -7.81
N ARG A 113 1.14 -7.86 -7.46
CA ARG A 113 2.38 -7.29 -7.96
C ARG A 113 2.64 -7.81 -9.39
N ILE A 114 2.27 -9.06 -9.62
CA ILE A 114 2.43 -9.69 -10.93
C ILE A 114 1.44 -9.10 -11.93
N VAL A 115 0.21 -8.95 -11.46
CA VAL A 115 -0.87 -8.41 -12.27
C VAL A 115 -0.51 -7.06 -12.90
N ASP A 116 -0.08 -6.12 -12.07
CA ASP A 116 0.33 -4.80 -12.56
C ASP A 116 1.48 -4.93 -13.56
N LYS A 117 2.36 -5.89 -13.29
CA LYS A 117 3.51 -6.14 -14.14
C LYS A 117 3.07 -6.58 -15.54
N LEU A 118 2.01 -7.36 -15.63
CA LEU A 118 1.47 -7.76 -16.93
C LEU A 118 0.96 -6.56 -17.70
N LEU A 119 0.23 -5.71 -16.99
CA LEU A 119 -0.36 -4.49 -17.57
C LEU A 119 0.74 -3.55 -18.05
N ALA A 120 1.85 -3.59 -17.35
CA ALA A 120 2.98 -2.73 -17.65
C ALA A 120 3.70 -3.19 -18.91
N LEU A 121 3.84 -4.51 -19.06
CA LEU A 121 4.43 -5.09 -20.26
C LEU A 121 3.45 -5.04 -21.43
N GLY A 122 2.18 -5.01 -21.12
CA GLY A 122 1.16 -5.12 -22.14
C GLY A 122 0.94 -6.55 -22.55
N LEU A 123 1.12 -7.47 -21.60
CA LEU A 123 0.88 -8.88 -21.83
C LEU A 123 -0.62 -9.13 -21.83
N VAL A 124 -1.32 -8.24 -21.16
CA VAL A 124 -2.76 -8.25 -21.10
C VAL A 124 -3.28 -6.83 -21.24
N ALA A 125 -4.59 -6.69 -21.32
CA ALA A 125 -5.21 -5.38 -21.45
C ALA A 125 -6.03 -5.05 -20.22
N GLU A 126 -6.17 -6.04 -19.34
CA GLU A 126 -7.00 -5.93 -18.16
C GLU A 126 -6.77 -7.12 -17.25
N ARG A 127 -7.38 -7.12 -16.08
CA ARG A 127 -7.21 -8.22 -15.13
C ARG A 127 -8.07 -9.42 -15.52
N ARG A 128 -9.09 -9.17 -16.32
CA ARG A 128 -10.01 -10.22 -16.76
C ARG A 128 -9.26 -11.32 -17.51
N GLU A 129 -8.23 -10.92 -18.24
CA GLU A 129 -7.53 -11.79 -19.17
C GLU A 129 -6.45 -12.62 -18.49
N LEU A 130 -6.21 -12.38 -17.22
CA LEU A 130 -5.15 -13.09 -16.50
C LEU A 130 -5.65 -14.43 -16.03
N TYR A 131 -6.95 -14.59 -16.10
CA TYR A 131 -7.61 -15.81 -15.68
C TYR A 131 -8.40 -16.34 -16.87
N LYS A 132 -7.97 -17.47 -17.42
CA LYS A 132 -8.48 -17.93 -18.70
C LYS A 132 -10.01 -18.04 -18.66
N LYS A 133 -10.64 -17.42 -19.64
CA LYS A 133 -12.08 -17.38 -19.73
C LYS A 133 -12.52 -17.95 -21.07
N ARG A 134 -13.80 -18.24 -21.22
CA ARG A 134 -14.31 -18.65 -22.51
C ARG A 134 -14.47 -17.43 -23.40
N GLN A 135 -13.42 -17.16 -24.15
CA GLN A 135 -13.35 -15.99 -25.03
C GLN A 135 -14.35 -16.12 -26.17
N LYS A 136 -14.53 -15.02 -26.90
CA LYS A 136 -15.37 -15.02 -28.10
C LYS A 136 -14.72 -15.87 -29.20
N LYS A 137 -15.29 -15.85 -30.40
CA LYS A 137 -14.71 -16.62 -31.49
C LYS A 137 -13.42 -15.95 -31.99
N LEU A 138 -12.34 -16.15 -31.31
CA LEU A 138 -11.08 -15.62 -31.76
C LEU A 138 -9.96 -16.56 -31.40
N ALA A 139 -8.78 -16.34 -31.96
CA ALA A 139 -7.60 -17.09 -31.58
C ALA A 139 -7.26 -16.81 -30.11
N SER A 140 -6.83 -17.85 -29.40
CA SER A 140 -6.42 -17.71 -28.01
C SER A 140 -5.39 -16.59 -27.89
N SER A 141 -5.63 -15.66 -26.98
CA SER A 141 -4.84 -14.45 -26.91
C SER A 141 -4.91 -13.87 -25.51
N ASP A 1 -1.06 31.92 13.80
CA ASP A 1 -0.78 30.82 12.84
C ASP A 1 -1.90 29.80 12.86
N PRO A 2 -2.53 29.54 11.70
CA PRO A 2 -3.58 28.53 11.57
C PRO A 2 -3.02 27.11 11.59
N SER A 3 -1.74 26.99 11.24
CA SER A 3 -1.09 25.70 11.05
C SER A 3 -0.60 25.10 12.37
N ARG A 4 -1.42 25.16 13.41
CA ARG A 4 -1.08 24.57 14.69
C ARG A 4 -1.78 23.21 14.83
N ARG A 5 -1.81 22.68 16.06
CA ARG A 5 -2.42 21.38 16.35
C ARG A 5 -3.74 21.19 15.60
N ALA A 6 -3.71 20.31 14.61
CA ALA A 6 -4.89 20.01 13.81
C ALA A 6 -5.94 19.30 14.64
N PRO A 7 -7.20 19.72 14.49
CA PRO A 7 -8.33 19.13 15.21
C PRO A 7 -8.41 17.61 15.09
N THR A 8 -8.88 16.97 16.14
CA THR A 8 -9.16 15.55 16.12
C THR A 8 -10.31 15.28 15.15
N TRP A 9 -10.11 14.32 14.25
CA TRP A 9 -11.08 14.03 13.20
C TRP A 9 -12.46 13.76 13.79
N SER A 10 -13.40 14.59 13.38
CA SER A 10 -14.76 14.52 13.88
C SER A 10 -15.62 13.71 12.91
N PRO A 11 -16.80 13.22 13.36
CA PRO A 11 -17.68 12.35 12.55
C PRO A 11 -17.85 12.83 11.11
N GLU A 12 -18.30 14.07 10.94
CA GLU A 12 -18.57 14.62 9.61
C GLU A 12 -17.28 14.84 8.86
N GLU A 13 -16.21 15.10 9.59
CA GLU A 13 -14.91 15.41 8.99
C GLU A 13 -14.30 14.16 8.37
N GLU A 14 -14.41 13.03 9.08
CA GLU A 14 -13.94 11.75 8.55
C GLU A 14 -14.80 11.33 7.36
N ALA A 15 -16.08 11.62 7.42
CA ALA A 15 -17.00 11.31 6.33
C ALA A 15 -16.70 12.17 5.11
N HIS A 16 -16.46 13.45 5.35
CA HIS A 16 -16.06 14.39 4.32
C HIS A 16 -14.75 13.96 3.67
N LEU A 17 -13.91 13.28 4.45
CA LEU A 17 -12.65 12.76 3.96
C LEU A 17 -12.90 11.73 2.85
N ARG A 18 -13.76 10.76 3.14
CA ARG A 18 -14.13 9.78 2.14
C ARG A 18 -15.00 10.46 1.09
N GLU A 19 -15.82 11.41 1.54
CA GLU A 19 -16.74 12.13 0.66
C GLU A 19 -16.01 12.65 -0.57
N LEU A 20 -14.91 13.33 -0.32
CA LEU A 20 -14.12 13.94 -1.37
C LEU A 20 -13.42 12.89 -2.22
N TYR A 21 -12.99 11.80 -1.59
CA TYR A 21 -12.30 10.74 -2.30
C TYR A 21 -13.26 10.02 -3.24
N LEU A 22 -14.38 9.61 -2.68
CA LEU A 22 -15.39 8.84 -3.41
C LEU A 22 -15.90 9.61 -4.62
N ALA A 23 -15.80 10.93 -4.57
CA ALA A 23 -16.27 11.76 -5.67
C ALA A 23 -15.21 11.91 -6.77
N ASN A 24 -14.02 12.38 -6.40
CA ASN A 24 -13.00 12.75 -7.37
C ASN A 24 -12.10 11.57 -7.74
N LYS A 25 -12.44 10.39 -7.26
CA LYS A 25 -11.61 9.20 -7.53
C LYS A 25 -11.68 8.78 -8.98
N ASP A 26 -12.72 9.23 -9.69
CA ASP A 26 -12.93 8.82 -11.08
C ASP A 26 -12.34 9.82 -12.05
N VAL A 27 -11.65 10.82 -11.52
CA VAL A 27 -11.03 11.84 -12.35
C VAL A 27 -9.63 11.39 -12.73
N GLU A 28 -9.40 11.24 -14.02
CA GLU A 28 -8.16 10.69 -14.52
C GLU A 28 -7.13 11.77 -14.82
N GLY A 29 -5.88 11.50 -14.44
CA GLY A 29 -4.80 12.44 -14.67
C GLY A 29 -4.74 13.47 -13.58
N GLN A 30 -5.51 13.24 -12.53
CA GLN A 30 -5.64 14.16 -11.43
C GLN A 30 -5.18 13.50 -10.14
N ASP A 31 -4.66 14.30 -9.23
CA ASP A 31 -4.32 13.83 -7.89
C ASP A 31 -5.56 13.83 -7.02
N VAL A 32 -6.13 12.66 -6.79
CA VAL A 32 -7.31 12.56 -5.94
C VAL A 32 -6.96 13.04 -4.55
N VAL A 33 -5.71 12.82 -4.17
CA VAL A 33 -5.18 13.27 -2.89
C VAL A 33 -5.29 14.77 -2.80
N GLU A 34 -4.69 15.47 -3.77
CA GLU A 34 -4.67 16.93 -3.80
C GLU A 34 -6.10 17.46 -3.72
N ALA A 35 -7.01 16.77 -4.42
CA ALA A 35 -8.41 17.15 -4.41
C ALA A 35 -8.95 17.11 -2.99
N ILE A 36 -8.71 16.01 -2.30
CA ILE A 36 -9.19 15.84 -0.94
C ILE A 36 -8.52 16.83 0.01
N LEU A 37 -7.18 16.80 0.03
CA LEU A 37 -6.40 17.64 0.97
C LEU A 37 -6.87 19.09 0.94
N ALA A 38 -7.11 19.59 -0.26
CA ALA A 38 -7.36 21.01 -0.47
C ALA A 38 -8.83 21.40 -0.34
N HIS A 39 -9.74 20.52 -0.77
CA HIS A 39 -11.15 20.88 -0.81
C HIS A 39 -11.81 20.82 0.57
N LEU A 40 -11.10 20.25 1.54
CA LEU A 40 -11.56 20.34 2.93
C LEU A 40 -10.59 21.16 3.78
N ASN A 41 -10.71 22.47 3.68
CA ASN A 41 -9.86 23.37 4.46
C ASN A 41 -10.40 23.53 5.87
N THR A 42 -10.88 22.43 6.40
CA THR A 42 -11.38 22.37 7.76
C THR A 42 -10.26 21.89 8.69
N VAL A 43 -9.18 21.42 8.07
CA VAL A 43 -8.04 20.90 8.80
C VAL A 43 -6.72 21.39 8.20
N PRO A 44 -5.87 22.01 9.02
CA PRO A 44 -4.50 22.33 8.62
C PRO A 44 -3.63 21.08 8.66
N ARG A 45 -3.58 20.36 7.55
CA ARG A 45 -2.89 19.08 7.51
C ARG A 45 -2.06 18.92 6.26
N THR A 46 -1.25 17.88 6.24
CA THR A 46 -0.36 17.62 5.13
C THR A 46 -0.85 16.41 4.35
N ARG A 47 -0.05 15.97 3.37
CA ARG A 47 -0.42 14.91 2.46
C ARG A 47 -0.66 13.61 3.21
N LYS A 48 0.31 13.26 4.05
CA LYS A 48 0.31 12.00 4.79
C LYS A 48 -0.97 11.81 5.60
N GLN A 49 -1.46 12.90 6.18
CA GLN A 49 -2.62 12.86 7.07
C GLN A 49 -3.84 12.27 6.38
N ILE A 50 -4.29 12.93 5.32
CA ILE A 50 -5.49 12.53 4.61
C ILE A 50 -5.36 11.11 4.07
N ILE A 51 -4.23 10.85 3.41
CA ILE A 51 -3.96 9.56 2.78
C ILE A 51 -4.13 8.42 3.78
N HIS A 52 -3.45 8.56 4.91
CA HIS A 52 -3.42 7.51 5.90
C HIS A 52 -4.81 7.11 6.36
N HIS A 53 -5.68 8.08 6.62
CA HIS A 53 -7.02 7.76 7.13
C HIS A 53 -7.88 7.12 6.05
N LEU A 54 -7.54 7.36 4.80
CA LEU A 54 -8.27 6.79 3.68
C LEU A 54 -7.95 5.31 3.53
N VAL A 55 -6.67 5.01 3.55
CA VAL A 55 -6.21 3.63 3.42
C VAL A 55 -6.48 2.86 4.71
N GLN A 56 -6.53 3.60 5.81
CA GLN A 56 -6.82 3.01 7.11
C GLN A 56 -8.32 2.78 7.28
N MET A 57 -9.13 3.55 6.57
CA MET A 57 -10.57 3.43 6.67
C MET A 57 -11.07 2.24 5.85
N GLY A 58 -10.17 1.67 5.07
CA GLY A 58 -10.52 0.50 4.29
C GLY A 58 -11.13 0.83 2.95
N LEU A 59 -11.27 2.12 2.69
CA LEU A 59 -11.86 2.58 1.43
C LEU A 59 -10.77 2.69 0.36
N ALA A 60 -9.54 2.79 0.82
CA ALA A 60 -8.38 2.80 -0.06
C ALA A 60 -7.46 1.65 0.31
N ASP A 61 -6.47 1.39 -0.53
CA ASP A 61 -5.56 0.27 -0.28
C ASP A 61 -4.39 0.69 0.59
N SER A 62 -3.53 1.56 0.07
CA SER A 62 -2.33 1.93 0.79
C SER A 62 -1.74 3.24 0.28
N VAL A 63 -0.71 3.71 0.97
CA VAL A 63 -0.01 4.94 0.62
C VAL A 63 0.63 4.81 -0.76
N LYS A 64 0.90 3.57 -1.14
CA LYS A 64 1.53 3.28 -2.42
C LYS A 64 0.69 3.76 -3.59
N ASP A 65 -0.60 3.87 -3.38
CA ASP A 65 -1.52 4.29 -4.42
C ASP A 65 -1.67 5.81 -4.45
N PHE A 66 -1.11 6.46 -3.44
CA PHE A 66 -1.24 7.91 -3.28
C PHE A 66 0.08 8.63 -3.46
N GLN A 67 1.13 8.12 -2.83
CA GLN A 67 2.42 8.80 -2.80
C GLN A 67 3.50 8.03 -3.56
N ARG A 68 4.01 6.98 -2.93
CA ARG A 68 5.11 6.21 -3.51
C ARG A 68 4.79 4.73 -3.48
N LYS A 69 5.29 3.98 -4.45
CA LYS A 69 5.11 2.53 -4.47
C LYS A 69 6.10 1.88 -3.51
N GLY A 70 5.93 2.18 -2.24
CA GLY A 70 6.77 1.63 -1.22
C GLY A 70 6.08 1.66 0.11
N THR A 71 6.26 0.61 0.89
CA THR A 71 5.58 0.48 2.16
C THR A 71 6.28 1.27 3.24
N HIS A 72 5.91 1.00 4.48
CA HIS A 72 6.57 1.59 5.63
C HIS A 72 7.95 0.95 5.84
N ILE A 73 8.25 -0.07 5.00
CA ILE A 73 9.23 -1.13 5.27
C ILE A 73 10.16 -0.86 6.44
N VAL A 74 10.08 -1.77 7.40
CA VAL A 74 10.96 -1.79 8.54
C VAL A 74 12.40 -1.81 8.09
N LEU A 75 13.25 -1.11 8.81
CA LEU A 75 14.65 -0.96 8.48
C LEU A 75 15.34 -2.30 8.15
N TRP A 76 15.45 -2.59 6.86
CA TRP A 76 16.13 -3.80 6.41
C TRP A 76 17.52 -3.46 5.91
N THR A 77 18.52 -3.86 6.67
CA THR A 77 19.91 -3.64 6.33
C THR A 77 20.58 -4.95 5.94
N GLY A 78 21.86 -4.90 5.63
CA GLY A 78 22.59 -6.12 5.30
C GLY A 78 22.58 -7.12 6.45
N ASP A 79 22.72 -6.60 7.66
CA ASP A 79 22.71 -7.44 8.86
C ASP A 79 21.29 -7.79 9.28
N GLN A 80 20.38 -6.82 9.23
CA GLN A 80 18.98 -7.04 9.59
C GLN A 80 18.38 -8.12 8.70
N GLU A 81 18.85 -8.17 7.45
CA GLU A 81 18.45 -9.18 6.49
C GLU A 81 18.91 -10.56 6.96
N LEU A 82 20.21 -10.67 7.28
CA LEU A 82 20.80 -11.93 7.71
C LEU A 82 20.13 -12.44 8.98
N GLU A 83 19.85 -11.52 9.90
CA GLU A 83 19.21 -11.85 11.16
C GLU A 83 17.85 -12.50 10.92
N LEU A 84 17.20 -12.12 9.82
CA LEU A 84 15.94 -12.74 9.44
C LEU A 84 16.19 -14.14 8.88
N GLN A 85 17.18 -14.26 8.00
CA GLN A 85 17.49 -15.52 7.34
C GLN A 85 17.80 -16.62 8.36
N ARG A 86 18.77 -16.38 9.23
CA ARG A 86 19.17 -17.36 10.24
C ARG A 86 17.98 -17.75 11.09
N LEU A 87 17.28 -16.72 11.55
CA LEU A 87 16.07 -16.86 12.36
C LEU A 87 15.07 -17.80 11.68
N PHE A 88 14.76 -17.49 10.42
CA PHE A 88 13.84 -18.25 9.61
C PHE A 88 14.27 -19.71 9.45
N GLU A 89 15.37 -19.95 8.75
CA GLU A 89 15.75 -21.30 8.34
C GLU A 89 15.96 -22.22 9.54
N GLU A 90 16.52 -21.67 10.60
CA GLU A 90 16.94 -22.47 11.73
C GLU A 90 15.78 -22.83 12.65
N PHE A 91 14.68 -22.10 12.59
CA PHE A 91 13.54 -22.38 13.46
C PHE A 91 12.27 -22.70 12.68
N ARG A 92 12.38 -22.82 11.36
CA ARG A 92 11.18 -22.96 10.52
C ARG A 92 10.58 -24.36 10.58
N ASP A 93 11.31 -25.31 11.17
CA ASP A 93 10.80 -26.68 11.28
C ASP A 93 9.67 -26.73 12.31
N SER A 94 9.71 -25.81 13.25
CA SER A 94 8.69 -25.70 14.27
C SER A 94 7.82 -24.49 13.99
N ASP A 95 6.80 -24.28 14.82
CA ASP A 95 5.96 -23.09 14.72
C ASP A 95 6.79 -21.84 14.97
N ASP A 96 7.89 -22.02 15.68
CA ASP A 96 8.61 -20.89 16.21
C ASP A 96 9.66 -20.36 15.24
N VAL A 97 9.33 -20.23 13.96
CA VAL A 97 10.09 -19.31 13.13
C VAL A 97 9.46 -17.93 13.20
N LEU A 98 8.24 -17.84 12.69
CA LEU A 98 7.58 -16.57 12.42
C LEU A 98 7.15 -15.91 13.72
N GLY A 99 6.48 -16.68 14.56
CA GLY A 99 6.09 -16.19 15.87
C GLY A 99 7.29 -15.78 16.70
N HIS A 100 8.34 -16.59 16.67
CA HIS A 100 9.53 -16.32 17.46
C HIS A 100 10.30 -15.13 16.93
N ILE A 101 10.04 -14.74 15.68
CA ILE A 101 10.56 -13.49 15.18
C ILE A 101 10.01 -12.35 16.02
N MET A 102 8.71 -12.18 15.93
CA MET A 102 8.03 -11.07 16.56
C MET A 102 8.06 -11.16 18.08
N LYS A 103 8.42 -12.33 18.59
CA LYS A 103 8.61 -12.51 20.02
C LYS A 103 10.07 -12.31 20.43
N ASN A 104 10.99 -13.00 19.76
CA ASN A 104 12.34 -13.16 20.28
C ASN A 104 13.44 -12.47 19.45
N ILE A 105 13.11 -11.86 18.32
CA ILE A 105 14.15 -11.15 17.58
C ILE A 105 14.18 -9.70 18.00
N THR A 106 15.32 -9.07 17.79
CA THR A 106 15.56 -7.69 18.17
C THR A 106 14.52 -6.74 17.59
N ALA A 107 13.97 -7.08 16.43
CA ALA A 107 13.04 -6.20 15.75
C ALA A 107 11.62 -6.73 15.85
N LYS A 108 10.70 -5.90 16.31
CA LYS A 108 9.33 -6.31 16.39
C LYS A 108 8.64 -6.05 15.06
N ARG A 109 8.50 -7.11 14.30
CA ARG A 109 7.95 -7.02 12.96
C ARG A 109 6.58 -7.69 12.94
N SER A 110 5.76 -7.29 12.00
CA SER A 110 4.44 -7.89 11.84
C SER A 110 4.50 -8.95 10.75
N ARG A 111 3.49 -9.80 10.68
CA ARG A 111 3.49 -10.96 9.81
C ARG A 111 3.71 -10.59 8.35
N ALA A 112 2.91 -9.68 7.83
CA ALA A 112 2.93 -9.34 6.41
C ALA A 112 4.32 -8.91 5.92
N ARG A 113 5.00 -8.10 6.71
CA ARG A 113 6.29 -7.55 6.29
C ARG A 113 7.38 -8.62 6.34
N ILE A 114 7.20 -9.59 7.23
CA ILE A 114 8.13 -10.71 7.33
C ILE A 114 7.93 -11.64 6.15
N VAL A 115 6.67 -11.97 5.91
CA VAL A 115 6.28 -12.84 4.83
C VAL A 115 6.76 -12.28 3.49
N ASP A 116 6.48 -11.00 3.25
CA ASP A 116 6.90 -10.33 2.02
C ASP A 116 8.40 -10.42 1.84
N LYS A 117 9.13 -10.40 2.95
CA LYS A 117 10.59 -10.41 2.88
C LYS A 117 11.10 -11.79 2.50
N LEU A 118 10.45 -12.85 2.98
CA LEU A 118 10.83 -14.20 2.60
C LEU A 118 10.67 -14.39 1.11
N LEU A 119 9.56 -13.89 0.60
CA LEU A 119 9.25 -13.99 -0.82
C LEU A 119 10.24 -13.19 -1.65
N ALA A 120 10.85 -12.21 -1.01
CA ALA A 120 11.81 -11.34 -1.68
C ALA A 120 13.20 -11.98 -1.68
N LEU A 121 13.59 -12.53 -0.53
CA LEU A 121 14.83 -13.30 -0.44
C LEU A 121 14.69 -14.61 -1.19
N GLY A 122 13.46 -15.05 -1.34
CA GLY A 122 13.19 -16.33 -1.92
C GLY A 122 13.52 -17.46 -0.98
N LEU A 123 13.27 -17.22 0.31
CA LEU A 123 13.46 -18.23 1.33
C LEU A 123 12.32 -19.21 1.28
N VAL A 124 11.21 -18.73 0.74
CA VAL A 124 10.04 -19.55 0.47
C VAL A 124 9.49 -19.19 -0.90
N ALA A 125 8.61 -20.04 -1.40
CA ALA A 125 7.97 -19.79 -2.68
C ALA A 125 6.52 -19.42 -2.46
N GLU A 126 6.08 -19.54 -1.22
CA GLU A 126 4.70 -19.33 -0.85
C GLU A 126 4.59 -19.19 0.65
N ARG A 127 3.38 -18.89 1.14
CA ARG A 127 3.16 -18.67 2.56
C ARG A 127 3.08 -19.97 3.35
N ARG A 128 2.69 -21.05 2.69
CA ARG A 128 2.57 -22.36 3.33
C ARG A 128 3.85 -22.77 4.06
N GLU A 129 4.99 -22.43 3.48
CA GLU A 129 6.28 -22.89 3.99
C GLU A 129 6.68 -22.23 5.30
N LEU A 130 5.97 -21.17 5.67
CA LEU A 130 6.30 -20.42 6.89
C LEU A 130 5.21 -20.61 7.95
N TYR A 131 4.38 -21.61 7.76
CA TYR A 131 3.32 -21.94 8.72
C TYR A 131 3.48 -23.37 9.18
N LYS A 132 3.45 -23.58 10.49
CA LYS A 132 3.59 -24.91 11.08
C LYS A 132 2.70 -25.94 10.37
N LYS A 133 3.31 -26.67 9.46
CA LYS A 133 2.62 -27.70 8.72
C LYS A 133 3.41 -28.99 8.85
N ARG A 134 2.90 -29.92 9.64
CA ARG A 134 3.62 -31.15 9.90
C ARG A 134 3.51 -32.09 8.71
N GLN A 135 4.34 -31.81 7.72
CA GLN A 135 4.40 -32.62 6.53
C GLN A 135 5.66 -33.46 6.56
N LYS A 136 5.70 -34.50 5.74
CA LYS A 136 6.87 -35.35 5.65
C LYS A 136 7.98 -34.59 4.91
N LYS A 137 9.16 -35.21 4.81
CA LYS A 137 10.36 -34.53 4.29
C LYS A 137 10.16 -33.94 2.89
N LEU A 138 9.71 -32.69 2.84
CA LEU A 138 9.51 -32.01 1.58
C LEU A 138 9.97 -30.56 1.68
N ALA A 139 10.64 -30.10 0.64
CA ALA A 139 11.10 -28.72 0.58
C ALA A 139 10.01 -27.82 0.01
N SER A 140 10.35 -26.56 -0.27
CA SER A 140 9.40 -25.64 -0.86
C SER A 140 9.08 -26.03 -2.29
N SER A 141 7.95 -26.69 -2.47
CA SER A 141 7.55 -27.21 -3.76
C SER A 141 6.04 -27.15 -3.90
N ASP A 1 2.50 19.97 11.92
CA ASP A 1 1.88 20.23 10.60
C ASP A 1 2.17 21.67 10.16
N PRO A 2 2.05 21.96 8.84
CA PRO A 2 2.53 23.22 8.22
C PRO A 2 2.15 24.50 8.96
N SER A 3 0.87 24.83 8.98
CA SER A 3 0.42 26.12 9.49
C SER A 3 0.41 26.15 11.02
N ARG A 4 -0.32 25.23 11.61
CA ARG A 4 -0.50 25.21 13.05
C ARG A 4 -0.73 23.79 13.53
N ARG A 5 -1.17 23.66 14.78
CA ARG A 5 -1.58 22.36 15.28
C ARG A 5 -2.87 21.93 14.60
N ALA A 6 -2.89 20.71 14.11
CA ALA A 6 -4.07 20.18 13.45
C ALA A 6 -5.18 19.94 14.46
N PRO A 7 -6.44 20.01 14.00
CA PRO A 7 -7.60 19.76 14.84
C PRO A 7 -7.88 18.27 14.99
N THR A 8 -8.92 17.94 15.72
CA THR A 8 -9.30 16.55 15.91
C THR A 8 -10.43 16.16 14.97
N TRP A 9 -10.25 15.04 14.28
CA TRP A 9 -11.24 14.56 13.33
C TRP A 9 -12.50 14.11 14.02
N SER A 10 -13.62 14.35 13.37
CA SER A 10 -14.91 13.89 13.85
C SER A 10 -15.57 13.04 12.77
N PRO A 11 -16.46 12.11 13.16
CA PRO A 11 -17.18 11.25 12.21
C PRO A 11 -17.73 12.00 11.00
N GLU A 12 -18.18 13.24 11.22
CA GLU A 12 -18.65 14.08 10.12
C GLU A 12 -17.51 14.38 9.14
N GLU A 13 -16.43 14.92 9.67
CA GLU A 13 -15.32 15.36 8.84
C GLU A 13 -14.61 14.17 8.20
N GLU A 14 -14.61 13.03 8.88
CA GLU A 14 -14.01 11.82 8.35
C GLU A 14 -14.87 11.25 7.22
N ALA A 15 -16.18 11.41 7.34
CA ALA A 15 -17.09 11.02 6.27
C ALA A 15 -16.93 11.95 5.07
N HIS A 16 -16.60 13.20 5.39
CA HIS A 16 -16.30 14.22 4.40
C HIS A 16 -14.93 13.94 3.77
N LEU A 17 -14.07 13.25 4.51
CA LEU A 17 -12.77 12.87 4.00
C LEU A 17 -12.92 11.83 2.90
N ARG A 18 -13.70 10.79 3.18
CA ARG A 18 -14.03 9.82 2.16
C ARG A 18 -14.92 10.46 1.11
N GLU A 19 -15.76 11.40 1.55
CA GLU A 19 -16.61 12.17 0.64
C GLU A 19 -15.78 12.75 -0.50
N LEU A 20 -14.65 13.34 -0.14
CA LEU A 20 -13.74 13.93 -1.11
C LEU A 20 -13.13 12.87 -2.04
N TYR A 21 -12.73 11.75 -1.46
CA TYR A 21 -12.03 10.70 -2.19
C TYR A 21 -12.96 10.01 -3.17
N LEU A 22 -14.14 9.66 -2.68
CA LEU A 22 -15.11 8.92 -3.46
C LEU A 22 -15.59 9.74 -4.65
N ALA A 23 -15.52 11.07 -4.53
CA ALA A 23 -15.92 11.96 -5.61
C ALA A 23 -14.79 12.14 -6.63
N ASN A 24 -13.58 12.35 -6.14
CA ASN A 24 -12.46 12.70 -7.02
C ASN A 24 -11.67 11.47 -7.47
N LYS A 25 -12.17 10.28 -7.16
CA LYS A 25 -11.59 9.05 -7.69
C LYS A 25 -12.17 8.77 -9.07
N ASP A 26 -13.23 9.50 -9.40
CA ASP A 26 -13.93 9.33 -10.66
C ASP A 26 -13.22 10.10 -11.77
N VAL A 27 -12.42 11.07 -11.37
CA VAL A 27 -11.72 11.93 -12.32
C VAL A 27 -10.37 11.32 -12.71
N GLU A 28 -10.04 11.41 -13.98
CA GLU A 28 -8.79 10.89 -14.47
C GLU A 28 -7.89 12.00 -14.97
N GLY A 29 -6.60 11.90 -14.68
CA GLY A 29 -5.66 12.93 -15.07
C GLY A 29 -5.49 13.95 -13.96
N GLN A 30 -6.10 13.67 -12.82
CA GLN A 30 -6.07 14.57 -11.69
C GLN A 30 -5.59 13.85 -10.43
N ASP A 31 -4.93 14.60 -9.56
CA ASP A 31 -4.53 14.11 -8.25
C ASP A 31 -5.76 13.93 -7.37
N VAL A 32 -6.09 12.69 -7.03
CA VAL A 32 -7.18 12.47 -6.10
C VAL A 32 -6.76 12.93 -4.70
N VAL A 33 -5.53 12.61 -4.33
CA VAL A 33 -4.97 12.95 -3.04
C VAL A 33 -5.01 14.44 -2.83
N GLU A 34 -4.34 15.15 -3.72
CA GLU A 34 -4.18 16.58 -3.60
C GLU A 34 -5.51 17.28 -3.78
N ALA A 35 -6.44 16.62 -4.47
CA ALA A 35 -7.81 17.11 -4.57
C ALA A 35 -8.41 17.16 -3.18
N ILE A 36 -8.30 16.05 -2.48
CA ILE A 36 -8.79 15.94 -1.14
C ILE A 36 -8.12 16.94 -0.22
N LEU A 37 -6.78 16.90 -0.20
CA LEU A 37 -6.00 17.79 0.67
C LEU A 37 -6.38 19.25 0.45
N ALA A 38 -6.80 19.56 -0.77
CA ALA A 38 -7.05 20.94 -1.19
C ALA A 38 -8.47 21.40 -0.90
N HIS A 39 -9.45 20.54 -1.16
CA HIS A 39 -10.85 20.94 -1.05
C HIS A 39 -11.24 21.05 0.41
N LEU A 40 -10.60 20.25 1.24
CA LEU A 40 -10.86 20.28 2.67
C LEU A 40 -10.14 21.45 3.32
N ASN A 41 -10.74 22.62 3.24
CA ASN A 41 -10.20 23.78 3.91
C ASN A 41 -10.75 23.85 5.33
N THR A 42 -10.90 22.67 5.91
CA THR A 42 -11.37 22.52 7.28
C THR A 42 -10.22 22.04 8.18
N VAL A 43 -9.29 21.28 7.61
CA VAL A 43 -8.21 20.67 8.36
C VAL A 43 -6.84 21.04 7.82
N PRO A 44 -6.13 21.94 8.52
CA PRO A 44 -4.73 22.25 8.20
C PRO A 44 -3.80 21.12 8.63
N ARG A 45 -3.59 20.16 7.74
CA ARG A 45 -2.77 18.99 8.02
C ARG A 45 -1.81 18.75 6.87
N THR A 46 -0.92 17.77 7.01
CA THR A 46 0.00 17.47 5.95
C THR A 46 -0.64 16.49 4.94
N ARG A 47 0.08 16.20 3.87
CA ARG A 47 -0.47 15.40 2.77
C ARG A 47 -0.74 13.98 3.25
N LYS A 48 0.19 13.46 4.03
CA LYS A 48 0.10 12.11 4.61
C LYS A 48 -1.16 11.94 5.47
N GLN A 49 -1.56 13.00 6.15
CA GLN A 49 -2.65 12.92 7.11
C GLN A 49 -3.95 12.47 6.46
N ILE A 50 -4.31 13.08 5.34
CA ILE A 50 -5.49 12.67 4.60
C ILE A 50 -5.35 11.23 4.13
N ILE A 51 -4.20 10.95 3.51
CA ILE A 51 -3.90 9.63 2.95
C ILE A 51 -4.11 8.53 3.98
N HIS A 52 -3.63 8.77 5.18
CA HIS A 52 -3.65 7.77 6.23
C HIS A 52 -5.06 7.36 6.61
N HIS A 53 -5.96 8.33 6.81
CA HIS A 53 -7.32 8.01 7.23
C HIS A 53 -8.08 7.26 6.14
N LEU A 54 -7.63 7.44 4.90
CA LEU A 54 -8.31 6.83 3.76
C LEU A 54 -7.98 5.34 3.68
N VAL A 55 -6.70 5.02 3.70
CA VAL A 55 -6.26 3.63 3.58
C VAL A 55 -6.55 2.88 4.88
N GLN A 56 -6.63 3.63 5.98
CA GLN A 56 -6.95 3.06 7.27
C GLN A 56 -8.45 2.84 7.43
N MET A 57 -9.24 3.52 6.59
CA MET A 57 -10.70 3.38 6.67
C MET A 57 -11.16 2.23 5.79
N GLY A 58 -10.22 1.60 5.09
CA GLY A 58 -10.54 0.46 4.27
C GLY A 58 -11.15 0.83 2.94
N LEU A 59 -11.20 2.12 2.64
CA LEU A 59 -11.74 2.59 1.38
C LEU A 59 -10.63 2.71 0.35
N ALA A 60 -9.40 2.81 0.84
CA ALA A 60 -8.23 2.82 -0.02
C ALA A 60 -7.40 1.58 0.25
N ASP A 61 -6.52 1.26 -0.68
CA ASP A 61 -5.68 0.08 -0.55
C ASP A 61 -4.53 0.34 0.41
N SER A 62 -3.65 1.26 0.03
CA SER A 62 -2.51 1.57 0.85
C SER A 62 -1.97 2.96 0.57
N VAL A 63 -0.97 3.36 1.34
CA VAL A 63 -0.32 4.64 1.17
C VAL A 63 0.42 4.71 -0.17
N LYS A 64 0.89 3.56 -0.63
CA LYS A 64 1.67 3.46 -1.86
C LYS A 64 0.91 4.05 -3.04
N ASP A 65 -0.38 3.78 -3.07
CA ASP A 65 -1.25 4.20 -4.16
C ASP A 65 -1.31 5.71 -4.25
N PHE A 66 -1.03 6.36 -3.12
CA PHE A 66 -1.00 7.80 -3.04
C PHE A 66 0.44 8.31 -3.15
N GLN A 67 1.30 7.68 -2.36
CA GLN A 67 2.69 8.04 -2.28
C GLN A 67 3.55 6.79 -2.07
N ARG A 68 4.23 6.38 -3.13
CA ARG A 68 5.16 5.26 -3.07
C ARG A 68 6.35 5.57 -2.17
N LYS A 69 6.15 5.37 -0.88
CA LYS A 69 7.23 5.45 0.10
C LYS A 69 7.00 4.44 1.20
N GLY A 70 5.82 4.52 1.82
CA GLY A 70 5.43 3.55 2.81
C GLY A 70 5.22 2.19 2.19
N THR A 71 6.21 1.32 2.33
CA THR A 71 6.16 -0.03 1.78
C THR A 71 4.95 -0.79 2.29
N HIS A 72 4.45 -1.73 1.48
CA HIS A 72 3.36 -2.60 1.91
C HIS A 72 3.93 -3.58 2.93
N ILE A 73 5.24 -3.71 2.90
CA ILE A 73 5.94 -4.62 3.76
C ILE A 73 5.78 -4.23 5.22
N VAL A 74 5.18 -5.16 5.95
CA VAL A 74 5.18 -5.13 7.40
C VAL A 74 6.61 -5.05 7.91
N LEU A 75 6.85 -4.25 8.93
CA LEU A 75 8.18 -4.09 9.50
C LEU A 75 8.83 -5.45 9.79
N TRP A 76 9.68 -5.89 8.87
CA TRP A 76 10.36 -7.17 9.00
C TRP A 76 11.70 -7.01 9.70
N THR A 77 11.78 -7.52 10.91
CA THR A 77 13.03 -7.53 11.63
C THR A 77 13.74 -8.86 11.40
N GLY A 78 15.00 -8.94 11.78
CA GLY A 78 15.75 -10.16 11.60
C GLY A 78 15.10 -11.34 12.31
N ASP A 79 14.46 -11.03 13.44
CA ASP A 79 13.71 -12.03 14.19
C ASP A 79 12.56 -12.56 13.35
N GLN A 80 11.75 -11.64 12.84
CA GLN A 80 10.59 -11.99 12.02
C GLN A 80 11.01 -12.77 10.78
N GLU A 81 12.10 -12.35 10.15
CA GLU A 81 12.61 -13.03 8.97
C GLU A 81 12.94 -14.46 9.31
N LEU A 82 13.63 -14.66 10.42
CA LEU A 82 13.99 -15.99 10.89
C LEU A 82 12.75 -16.81 11.24
N GLU A 83 11.72 -16.15 11.77
CA GLU A 83 10.47 -16.81 12.10
C GLU A 83 9.88 -17.52 10.90
N LEU A 84 9.60 -16.77 9.87
CA LEU A 84 8.86 -17.28 8.72
C LEU A 84 9.80 -18.06 7.79
N GLN A 85 11.08 -17.71 7.80
CA GLN A 85 12.09 -18.42 7.01
C GLN A 85 12.01 -19.92 7.31
N ARG A 86 12.27 -20.26 8.56
CA ARG A 86 12.28 -21.64 8.99
C ARG A 86 10.88 -22.25 8.90
N LEU A 87 9.87 -21.47 9.27
CA LEU A 87 8.50 -21.93 9.31
C LEU A 87 8.01 -22.30 7.91
N PHE A 88 8.40 -21.48 6.92
CA PHE A 88 8.07 -21.71 5.53
C PHE A 88 8.58 -23.07 5.07
N GLU A 89 9.80 -23.42 5.46
CA GLU A 89 10.36 -24.71 5.09
C GLU A 89 9.66 -25.84 5.83
N GLU A 90 9.32 -25.59 7.08
CA GLU A 90 8.72 -26.60 7.93
C GLU A 90 7.40 -27.12 7.35
N PHE A 91 6.53 -26.19 6.98
CA PHE A 91 5.21 -26.57 6.47
C PHE A 91 5.16 -26.50 4.94
N ARG A 92 6.33 -26.40 4.33
CA ARG A 92 6.44 -26.36 2.86
C ARG A 92 6.05 -27.71 2.26
N ASP A 93 6.02 -28.71 3.11
CA ASP A 93 5.70 -30.06 2.69
C ASP A 93 4.19 -30.30 2.65
N SER A 94 3.42 -29.25 2.86
CA SER A 94 1.98 -29.34 2.78
C SER A 94 1.47 -28.58 1.56
N ASP A 95 0.17 -28.67 1.30
CA ASP A 95 -0.44 -28.03 0.14
C ASP A 95 -0.31 -26.52 0.21
N ASP A 96 -0.64 -25.97 1.37
CA ASP A 96 -0.56 -24.52 1.58
C ASP A 96 0.27 -24.23 2.81
N VAL A 97 1.52 -23.85 2.59
CA VAL A 97 2.44 -23.58 3.69
C VAL A 97 2.05 -22.28 4.40
N LEU A 98 1.60 -21.28 3.64
CA LEU A 98 1.32 -19.97 4.22
C LEU A 98 0.12 -20.03 5.16
N GLY A 99 -0.82 -20.91 4.86
CA GLY A 99 -1.96 -21.10 5.75
C GLY A 99 -1.52 -21.61 7.10
N HIS A 100 -0.54 -22.50 7.08
CA HIS A 100 -0.01 -23.08 8.30
C HIS A 100 0.95 -22.09 8.96
N ILE A 101 1.57 -21.27 8.13
CA ILE A 101 2.40 -20.17 8.61
C ILE A 101 1.57 -19.24 9.48
N MET A 102 0.49 -18.72 8.92
CA MET A 102 -0.35 -17.75 9.62
C MET A 102 -0.83 -18.27 10.98
N LYS A 103 -1.17 -19.55 11.03
CA LYS A 103 -1.65 -20.15 12.28
C LYS A 103 -0.52 -20.37 13.28
N ASN A 104 0.71 -20.49 12.79
CA ASN A 104 1.85 -20.76 13.67
C ASN A 104 2.75 -19.54 13.87
N ILE A 105 2.46 -18.45 13.16
CA ILE A 105 3.28 -17.26 13.25
C ILE A 105 2.69 -16.24 14.22
N THR A 106 3.56 -15.49 14.85
CA THR A 106 3.19 -14.53 15.86
C THR A 106 2.38 -13.36 15.26
N ALA A 107 2.72 -12.97 14.03
CA ALA A 107 2.05 -11.87 13.37
C ALA A 107 1.25 -12.36 12.18
N LYS A 108 -0.02 -11.98 12.10
CA LYS A 108 -0.83 -12.35 10.95
C LYS A 108 -0.46 -11.47 9.78
N ARG A 109 0.33 -12.02 8.88
CA ARG A 109 0.84 -11.26 7.74
C ARG A 109 0.17 -11.75 6.47
N SER A 110 -0.44 -10.83 5.75
CA SER A 110 -1.18 -11.14 4.54
C SER A 110 -0.30 -11.88 3.52
N ARG A 111 -0.94 -12.63 2.64
CA ARG A 111 -0.25 -13.47 1.67
C ARG A 111 0.73 -12.66 0.81
N ALA A 112 0.26 -11.53 0.29
CA ALA A 112 1.04 -10.72 -0.63
C ALA A 112 2.33 -10.21 0.01
N ARG A 113 2.33 -10.01 1.32
CA ARG A 113 3.51 -9.50 1.98
C ARG A 113 4.45 -10.64 2.38
N ILE A 114 3.90 -11.82 2.63
CA ILE A 114 4.72 -13.00 2.88
C ILE A 114 5.42 -13.44 1.59
N VAL A 115 4.64 -13.66 0.54
CA VAL A 115 5.17 -14.21 -0.71
C VAL A 115 6.24 -13.31 -1.31
N ASP A 116 6.07 -12.00 -1.20
CA ASP A 116 7.05 -11.07 -1.73
C ASP A 116 8.30 -11.05 -0.86
N LYS A 117 8.13 -11.31 0.43
CA LYS A 117 9.25 -11.32 1.36
C LYS A 117 10.16 -12.52 1.06
N LEU A 118 9.55 -13.65 0.71
CA LEU A 118 10.30 -14.85 0.33
C LEU A 118 11.19 -14.59 -0.87
N LEU A 119 10.66 -13.88 -1.85
CA LEU A 119 11.41 -13.54 -3.06
C LEU A 119 12.52 -12.57 -2.73
N ALA A 120 12.30 -11.80 -1.68
CA ALA A 120 13.27 -10.81 -1.23
C ALA A 120 14.44 -11.49 -0.53
N LEU A 121 14.11 -12.48 0.31
CA LEU A 121 15.12 -13.32 0.95
C LEU A 121 15.83 -14.20 -0.06
N GLY A 122 15.14 -14.48 -1.16
CA GLY A 122 15.66 -15.42 -2.12
C GLY A 122 15.44 -16.84 -1.65
N LEU A 123 14.32 -17.07 -0.97
CA LEU A 123 13.98 -18.40 -0.47
C LEU A 123 13.42 -19.25 -1.60
N VAL A 124 12.76 -18.58 -2.53
CA VAL A 124 12.13 -19.26 -3.66
C VAL A 124 12.43 -18.55 -4.96
N ALA A 125 12.12 -19.25 -6.05
CA ALA A 125 12.28 -18.70 -7.39
C ALA A 125 11.11 -17.82 -7.75
N GLU A 126 9.97 -18.18 -7.22
CA GLU A 126 8.70 -17.57 -7.57
C GLU A 126 7.65 -18.04 -6.59
N ARG A 127 6.43 -17.55 -6.73
CA ARG A 127 5.34 -17.94 -5.83
C ARG A 127 5.00 -19.42 -5.99
N ARG A 128 5.35 -19.97 -7.14
CA ARG A 128 5.07 -21.37 -7.45
C ARG A 128 5.71 -22.32 -6.43
N GLU A 129 6.93 -21.98 -6.01
CA GLU A 129 7.75 -22.87 -5.22
C GLU A 129 7.23 -23.03 -3.78
N LEU A 130 6.25 -22.21 -3.41
CA LEU A 130 5.67 -22.27 -2.07
C LEU A 130 4.27 -22.87 -2.10
N TYR A 131 3.89 -23.46 -3.23
CA TYR A 131 2.62 -24.15 -3.35
C TYR A 131 2.83 -25.51 -4.00
N LYS A 132 2.71 -26.56 -3.21
CA LYS A 132 2.97 -27.90 -3.71
C LYS A 132 1.90 -28.35 -4.71
N LYS A 133 2.35 -28.49 -5.94
CA LYS A 133 1.52 -28.98 -7.02
C LYS A 133 2.26 -30.07 -7.75
N ARG A 134 1.60 -30.75 -8.67
CA ARG A 134 2.28 -31.72 -9.53
C ARG A 134 3.30 -31.00 -10.45
N GLN A 135 4.45 -30.72 -9.88
CA GLN A 135 5.51 -30.01 -10.58
C GLN A 135 6.30 -30.95 -11.48
N LYS A 136 7.15 -30.36 -12.32
CA LYS A 136 8.07 -31.12 -13.15
C LYS A 136 9.38 -31.32 -12.38
N LYS A 137 10.46 -31.68 -13.08
CA LYS A 137 11.77 -31.77 -12.46
C LYS A 137 12.13 -30.44 -11.81
N LEU A 138 12.60 -30.49 -10.57
CA LEU A 138 12.93 -29.28 -9.84
C LEU A 138 14.19 -28.64 -10.38
N ALA A 139 14.05 -27.90 -11.47
CA ALA A 139 15.13 -27.12 -12.01
C ALA A 139 14.82 -25.64 -11.83
N SER A 140 14.24 -25.34 -10.68
CA SER A 140 13.89 -24.00 -10.28
C SER A 140 14.41 -23.74 -8.89
N SER A 141 14.41 -22.47 -8.48
CA SER A 141 14.98 -22.07 -7.20
C SER A 141 16.49 -22.28 -7.22
N ASP A 1 2.52 19.20 13.80
CA ASP A 1 1.53 20.30 13.86
C ASP A 1 2.01 21.49 13.03
N PRO A 2 1.39 21.70 11.84
CA PRO A 2 1.81 22.75 10.90
C PRO A 2 1.63 24.16 11.47
N SER A 3 0.39 24.59 11.64
CA SER A 3 0.10 25.91 12.15
C SER A 3 -0.22 25.83 13.64
N ARG A 4 -1.19 25.01 13.98
CA ARG A 4 -1.52 24.71 15.35
C ARG A 4 -1.61 23.20 15.50
N ARG A 5 -2.10 22.71 16.63
CA ARG A 5 -2.26 21.28 16.81
C ARG A 5 -3.22 20.72 15.77
N ALA A 6 -2.89 19.54 15.27
CA ALA A 6 -3.73 18.81 14.34
C ALA A 6 -5.15 18.69 14.87
N PRO A 7 -6.12 19.24 14.15
CA PRO A 7 -7.54 19.08 14.48
C PRO A 7 -7.95 17.62 14.47
N THR A 8 -8.61 17.19 15.53
CA THR A 8 -9.11 15.84 15.60
C THR A 8 -10.29 15.68 14.66
N TRP A 9 -10.20 14.72 13.76
CA TRP A 9 -11.24 14.49 12.77
C TRP A 9 -12.52 14.02 13.44
N SER A 10 -13.59 14.78 13.25
CA SER A 10 -14.90 14.40 13.76
C SER A 10 -15.52 13.36 12.84
N PRO A 11 -16.50 12.57 13.33
CA PRO A 11 -17.21 11.58 12.50
C PRO A 11 -17.75 12.19 11.21
N GLU A 12 -18.16 13.45 11.31
CA GLU A 12 -18.71 14.16 10.17
C GLU A 12 -17.60 14.57 9.21
N GLU A 13 -16.42 14.82 9.75
CA GLU A 13 -15.28 15.23 8.93
C GLU A 13 -14.66 14.02 8.24
N GLU A 14 -14.64 12.88 8.93
CA GLU A 14 -14.13 11.65 8.35
C GLU A 14 -14.99 11.21 7.17
N ALA A 15 -16.30 11.40 7.30
CA ALA A 15 -17.22 11.11 6.21
C ALA A 15 -16.99 12.08 5.05
N HIS A 16 -16.60 13.30 5.39
CA HIS A 16 -16.26 14.32 4.41
C HIS A 16 -14.90 14.03 3.77
N LEU A 17 -14.06 13.32 4.51
CA LEU A 17 -12.75 12.92 4.01
C LEU A 17 -12.93 11.91 2.90
N ARG A 18 -13.77 10.91 3.13
CA ARG A 18 -14.10 9.96 2.09
C ARG A 18 -15.01 10.61 1.07
N GLU A 19 -15.82 11.56 1.53
CA GLU A 19 -16.71 12.32 0.65
C GLU A 19 -15.95 12.84 -0.57
N LEU A 20 -14.84 13.49 -0.30
CA LEU A 20 -14.03 14.10 -1.34
C LEU A 20 -13.27 13.04 -2.13
N TYR A 21 -12.96 11.92 -1.49
CA TYR A 21 -12.27 10.83 -2.15
C TYR A 21 -13.20 10.17 -3.15
N LEU A 22 -14.39 9.84 -2.67
CA LEU A 22 -15.38 9.15 -3.49
C LEU A 22 -15.81 10.02 -4.66
N ALA A 23 -15.57 11.32 -4.54
CA ALA A 23 -15.91 12.26 -5.59
C ALA A 23 -14.86 12.27 -6.71
N ASN A 24 -13.57 12.25 -6.35
CA ASN A 24 -12.51 12.40 -7.34
C ASN A 24 -11.74 11.10 -7.58
N LYS A 25 -12.14 10.03 -6.93
CA LYS A 25 -11.43 8.74 -7.04
C LYS A 25 -11.46 8.22 -8.48
N ASP A 26 -12.56 8.44 -9.16
CA ASP A 26 -12.73 7.92 -10.51
C ASP A 26 -12.32 8.96 -11.56
N VAL A 27 -11.69 10.03 -11.11
CA VAL A 27 -11.13 11.02 -12.02
C VAL A 27 -9.70 10.62 -12.35
N GLU A 28 -9.51 10.13 -13.57
CA GLU A 28 -8.22 9.60 -13.97
C GLU A 28 -7.28 10.70 -14.40
N GLY A 29 -6.03 10.59 -14.00
CA GLY A 29 -5.03 11.57 -14.39
C GLY A 29 -4.86 12.69 -13.37
N GLN A 30 -5.84 12.86 -12.50
CA GLN A 30 -5.78 13.90 -11.50
C GLN A 30 -5.29 13.34 -10.16
N ASP A 31 -4.57 14.18 -9.42
CA ASP A 31 -4.25 13.87 -8.03
C ASP A 31 -5.52 13.79 -7.22
N VAL A 32 -5.99 12.58 -6.95
CA VAL A 32 -7.19 12.40 -6.16
C VAL A 32 -7.00 13.01 -4.77
N VAL A 33 -5.79 12.87 -4.24
CA VAL A 33 -5.53 13.30 -2.89
C VAL A 33 -5.50 14.81 -2.78
N GLU A 34 -4.92 15.48 -3.78
CA GLU A 34 -4.85 16.93 -3.76
C GLU A 34 -6.24 17.53 -3.94
N ALA A 35 -7.11 16.77 -4.56
CA ALA A 35 -8.51 17.16 -4.61
C ALA A 35 -9.07 17.15 -3.19
N ILE A 36 -8.75 16.12 -2.46
CA ILE A 36 -9.25 15.94 -1.10
C ILE A 36 -8.61 16.92 -0.14
N LEU A 37 -7.30 16.78 0.06
CA LEU A 37 -6.59 17.50 1.11
C LEU A 37 -6.57 19.01 0.89
N ALA A 38 -6.79 19.45 -0.33
CA ALA A 38 -6.78 20.86 -0.63
C ALA A 38 -8.17 21.49 -0.48
N HIS A 39 -9.21 20.71 -0.74
CA HIS A 39 -10.57 21.26 -0.73
C HIS A 39 -11.12 21.37 0.69
N LEU A 40 -10.70 20.48 1.58
CA LEU A 40 -11.17 20.54 2.96
C LEU A 40 -10.26 21.43 3.81
N ASN A 41 -10.55 22.73 3.80
CA ASN A 41 -9.77 23.68 4.58
C ASN A 41 -10.27 23.73 6.02
N THR A 42 -10.63 22.56 6.51
CA THR A 42 -11.12 22.41 7.87
C THR A 42 -10.02 21.80 8.74
N VAL A 43 -8.99 21.29 8.07
CA VAL A 43 -7.87 20.65 8.77
C VAL A 43 -6.54 21.15 8.24
N PRO A 44 -5.88 22.08 8.95
CA PRO A 44 -4.50 22.45 8.65
C PRO A 44 -3.55 21.34 9.10
N ARG A 45 -3.31 20.40 8.21
CA ARG A 45 -2.49 19.24 8.52
C ARG A 45 -1.56 18.93 7.37
N THR A 46 -0.64 18.01 7.60
CA THR A 46 0.26 17.58 6.54
C THR A 46 -0.49 16.68 5.56
N ARG A 47 0.00 16.61 4.33
CA ARG A 47 -0.71 15.93 3.25
C ARG A 47 -0.85 14.43 3.54
N LYS A 48 0.14 13.90 4.25
CA LYS A 48 0.17 12.49 4.62
C LYS A 48 -1.07 12.06 5.40
N GLN A 49 -1.63 12.98 6.18
CA GLN A 49 -2.73 12.65 7.08
C GLN A 49 -4.00 12.30 6.34
N ILE A 50 -4.28 13.03 5.26
CA ILE A 50 -5.45 12.74 4.44
C ILE A 50 -5.30 11.39 3.76
N ILE A 51 -4.13 11.18 3.16
CA ILE A 51 -3.80 9.91 2.51
C ILE A 51 -4.03 8.75 3.48
N HIS A 52 -3.47 8.89 4.65
CA HIS A 52 -3.44 7.83 5.64
C HIS A 52 -4.83 7.39 6.06
N HIS A 53 -5.67 8.33 6.48
CA HIS A 53 -6.99 7.97 7.01
C HIS A 53 -7.84 7.24 5.97
N LEU A 54 -7.64 7.59 4.71
CA LEU A 54 -8.41 7.00 3.63
C LEU A 54 -8.07 5.53 3.44
N VAL A 55 -6.78 5.22 3.43
CA VAL A 55 -6.34 3.84 3.28
C VAL A 55 -6.55 3.10 4.59
N GLN A 56 -6.65 3.85 5.68
CA GLN A 56 -6.95 3.31 6.98
C GLN A 56 -8.39 2.86 7.08
N MET A 57 -9.28 3.58 6.42
CA MET A 57 -10.70 3.24 6.43
C MET A 57 -11.02 2.16 5.40
N GLY A 58 -9.98 1.62 4.77
CA GLY A 58 -10.14 0.51 3.84
C GLY A 58 -10.85 0.91 2.56
N LEU A 59 -11.13 2.20 2.42
CA LEU A 59 -11.82 2.70 1.24
C LEU A 59 -10.82 2.91 0.12
N ALA A 60 -9.55 2.98 0.50
CA ALA A 60 -8.46 3.06 -0.46
C ALA A 60 -7.59 1.82 -0.39
N ASP A 61 -6.68 1.68 -1.34
CA ASP A 61 -5.77 0.53 -1.36
C ASP A 61 -4.68 0.70 -0.31
N SER A 62 -3.82 1.68 -0.55
CA SER A 62 -2.70 1.95 0.33
C SER A 62 -2.11 3.32 0.00
N VAL A 63 -1.13 3.74 0.79
CA VAL A 63 -0.47 5.01 0.55
C VAL A 63 0.24 5.00 -0.79
N LYS A 64 0.63 3.81 -1.23
CA LYS A 64 1.38 3.64 -2.45
C LYS A 64 0.55 3.98 -3.68
N ASP A 65 -0.77 3.87 -3.55
CA ASP A 65 -1.67 4.18 -4.65
C ASP A 65 -1.77 5.69 -4.83
N PHE A 66 -1.64 6.40 -3.72
CA PHE A 66 -1.63 7.86 -3.75
C PHE A 66 -0.25 8.34 -4.15
N GLN A 67 0.74 7.75 -3.50
CA GLN A 67 2.11 8.16 -3.63
C GLN A 67 3.02 6.94 -3.45
N ARG A 68 3.44 6.34 -4.56
CA ARG A 68 4.30 5.17 -4.47
C ARG A 68 5.72 5.56 -4.11
N LYS A 69 5.89 5.81 -2.82
CA LYS A 69 7.20 6.04 -2.20
C LYS A 69 7.10 5.66 -0.73
N GLY A 70 6.04 4.93 -0.39
CA GLY A 70 5.72 4.67 0.99
C GLY A 70 5.84 3.21 1.34
N THR A 71 6.89 2.56 0.85
CA THR A 71 7.15 1.19 1.22
C THR A 71 7.86 1.15 2.56
N HIS A 72 7.08 1.03 3.62
CA HIS A 72 7.62 0.77 4.94
C HIS A 72 8.47 -0.49 4.82
N ILE A 73 9.61 -0.51 5.45
CA ILE A 73 10.56 -1.53 5.12
C ILE A 73 11.24 -2.15 6.32
N VAL A 74 11.52 -3.43 6.19
CA VAL A 74 12.22 -4.20 7.20
C VAL A 74 13.67 -3.79 7.20
N LEU A 75 14.32 -3.87 8.33
CA LEU A 75 15.70 -3.45 8.42
C LEU A 75 16.58 -4.22 7.43
N TRP A 76 16.88 -3.57 6.31
CA TRP A 76 17.72 -4.16 5.31
C TRP A 76 19.14 -3.63 5.41
N THR A 77 20.06 -4.47 5.83
CA THR A 77 21.46 -4.12 5.84
C THR A 77 22.15 -4.82 4.68
N GLY A 78 23.45 -4.60 4.51
CA GLY A 78 24.18 -5.23 3.43
C GLY A 78 24.06 -6.74 3.47
N ASP A 79 24.23 -7.31 4.66
CA ASP A 79 24.15 -8.75 4.84
C ASP A 79 22.71 -9.23 4.73
N GLN A 80 21.78 -8.45 5.30
CA GLN A 80 20.37 -8.81 5.31
C GLN A 80 19.81 -8.80 3.88
N GLU A 81 20.26 -7.86 3.06
CA GLU A 81 19.80 -7.77 1.69
C GLU A 81 20.36 -8.91 0.86
N LEU A 82 21.60 -9.29 1.15
CA LEU A 82 22.23 -10.43 0.50
C LEU A 82 21.43 -11.69 0.79
N GLU A 83 20.93 -11.78 2.01
CA GLU A 83 20.10 -12.89 2.43
C GLU A 83 18.94 -13.10 1.47
N LEU A 84 18.23 -12.02 1.17
CA LEU A 84 17.12 -12.07 0.22
C LEU A 84 17.61 -12.53 -1.14
N GLN A 85 18.69 -11.91 -1.61
CA GLN A 85 19.25 -12.22 -2.92
C GLN A 85 19.54 -13.70 -3.06
N ARG A 86 20.20 -14.27 -2.05
CA ARG A 86 20.56 -15.69 -2.09
C ARG A 86 19.32 -16.56 -2.01
N LEU A 87 18.46 -16.28 -1.05
CA LEU A 87 17.28 -17.11 -0.80
C LEU A 87 16.33 -17.10 -2.00
N PHE A 88 16.16 -15.92 -2.60
CA PHE A 88 15.37 -15.76 -3.82
C PHE A 88 15.80 -16.75 -4.92
N GLU A 89 17.10 -16.84 -5.15
CA GLU A 89 17.64 -17.72 -6.19
C GLU A 89 17.47 -19.18 -5.82
N GLU A 90 17.35 -19.42 -4.54
CA GLU A 90 17.26 -20.77 -4.00
C GLU A 90 15.86 -21.36 -4.19
N PHE A 91 14.84 -20.53 -4.04
CA PHE A 91 13.45 -21.02 -4.11
C PHE A 91 12.77 -20.60 -5.40
N ARG A 92 13.49 -19.95 -6.30
CA ARG A 92 12.88 -19.44 -7.53
C ARG A 92 12.58 -20.56 -8.51
N ASP A 93 13.09 -21.76 -8.24
CA ASP A 93 12.80 -22.93 -9.06
C ASP A 93 11.39 -23.43 -8.82
N SER A 94 10.67 -22.76 -7.93
CA SER A 94 9.29 -23.10 -7.64
C SER A 94 8.36 -22.05 -8.28
N ASP A 95 7.06 -22.27 -8.19
CA ASP A 95 6.09 -21.37 -8.82
C ASP A 95 5.91 -20.09 -8.00
N ASP A 96 6.02 -20.21 -6.68
CA ASP A 96 5.90 -19.06 -5.81
C ASP A 96 7.14 -18.94 -4.94
N VAL A 97 8.07 -18.12 -5.35
CA VAL A 97 9.33 -17.98 -4.64
C VAL A 97 9.15 -17.15 -3.37
N LEU A 98 8.31 -16.14 -3.44
CA LEU A 98 8.18 -15.17 -2.37
C LEU A 98 7.61 -15.79 -1.09
N GLY A 99 6.61 -16.64 -1.25
CA GLY A 99 6.01 -17.28 -0.09
C GLY A 99 6.98 -18.18 0.65
N HIS A 100 7.90 -18.77 -0.11
CA HIS A 100 8.90 -19.66 0.46
C HIS A 100 9.96 -18.83 1.18
N ILE A 101 10.19 -17.63 0.67
CA ILE A 101 11.06 -16.66 1.32
C ILE A 101 10.52 -16.35 2.71
N MET A 102 9.24 -15.96 2.76
CA MET A 102 8.61 -15.50 3.99
C MET A 102 8.47 -16.63 4.99
N LYS A 103 8.20 -17.82 4.49
CA LYS A 103 7.89 -18.95 5.35
C LYS A 103 9.16 -19.58 5.93
N ASN A 104 10.31 -19.29 5.30
CA ASN A 104 11.57 -19.89 5.73
C ASN A 104 12.57 -18.83 6.20
N ILE A 105 12.10 -17.60 6.37
CA ILE A 105 12.99 -16.49 6.66
C ILE A 105 13.06 -16.18 8.15
N THR A 106 14.14 -15.50 8.53
CA THR A 106 14.38 -15.11 9.91
C THR A 106 13.57 -13.87 10.30
N ALA A 107 13.20 -13.08 9.31
CA ALA A 107 12.54 -11.80 9.55
C ALA A 107 11.05 -11.90 9.30
N LYS A 108 10.32 -10.86 9.68
CA LYS A 108 8.92 -10.76 9.33
C LYS A 108 8.79 -9.98 8.03
N ARG A 109 8.57 -10.71 6.95
CA ARG A 109 8.53 -10.11 5.64
C ARG A 109 7.14 -10.21 5.04
N SER A 110 6.56 -9.08 4.69
CA SER A 110 5.37 -9.08 3.87
C SER A 110 5.77 -8.85 2.43
N ARG A 111 4.98 -9.38 1.49
CA ARG A 111 5.37 -9.39 0.08
C ARG A 111 5.58 -7.99 -0.47
N ALA A 112 4.79 -7.04 0.03
CA ALA A 112 4.92 -5.64 -0.38
C ALA A 112 6.34 -5.14 -0.19
N ARG A 113 6.99 -5.57 0.89
CA ARG A 113 8.33 -5.10 1.21
C ARG A 113 9.37 -5.91 0.47
N ILE A 114 9.03 -7.16 0.19
CA ILE A 114 9.95 -8.06 -0.49
C ILE A 114 10.11 -7.66 -1.95
N VAL A 115 8.97 -7.42 -2.61
CA VAL A 115 9.00 -7.08 -4.02
C VAL A 115 9.67 -5.73 -4.22
N ASP A 116 9.45 -4.81 -3.29
CA ASP A 116 10.12 -3.52 -3.32
C ASP A 116 11.63 -3.69 -3.36
N LYS A 117 12.13 -4.58 -2.51
CA LYS A 117 13.55 -4.84 -2.46
C LYS A 117 14.02 -5.64 -3.68
N LEU A 118 13.22 -6.58 -4.13
CA LEU A 118 13.58 -7.42 -5.27
C LEU A 118 13.77 -6.57 -6.52
N LEU A 119 12.82 -5.67 -6.76
CA LEU A 119 12.87 -4.79 -7.92
C LEU A 119 13.96 -3.74 -7.75
N ALA A 120 14.37 -3.55 -6.52
CA ALA A 120 15.39 -2.56 -6.21
C ALA A 120 16.78 -3.15 -6.45
N LEU A 121 16.92 -4.45 -6.16
CA LEU A 121 18.08 -5.21 -6.58
C LEU A 121 18.05 -5.39 -8.08
N GLY A 122 16.84 -5.33 -8.62
CA GLY A 122 16.63 -5.52 -10.04
C GLY A 122 16.73 -6.98 -10.42
N LEU A 123 16.30 -7.84 -9.52
CA LEU A 123 16.27 -9.27 -9.78
C LEU A 123 15.13 -9.58 -10.72
N VAL A 124 14.14 -8.70 -10.67
CA VAL A 124 12.98 -8.73 -11.54
C VAL A 124 12.59 -7.33 -11.93
N ALA A 125 11.79 -7.18 -12.97
CA ALA A 125 11.31 -5.88 -13.38
C ALA A 125 9.88 -5.67 -12.93
N GLU A 126 9.23 -6.75 -12.51
CA GLU A 126 7.86 -6.70 -12.08
C GLU A 126 7.58 -7.82 -11.08
N ARG A 127 6.40 -7.80 -10.49
CA ARG A 127 6.01 -8.79 -9.48
C ARG A 127 5.57 -10.10 -10.14
N ARG A 128 5.17 -10.00 -11.39
CA ARG A 128 4.66 -11.15 -12.14
C ARG A 128 5.64 -12.33 -12.17
N GLU A 129 6.93 -12.04 -12.29
CA GLU A 129 7.94 -13.09 -12.46
C GLU A 129 8.20 -13.88 -11.17
N LEU A 130 7.80 -13.31 -10.04
CA LEU A 130 8.03 -13.96 -8.75
C LEU A 130 6.83 -14.82 -8.37
N TYR A 131 5.76 -14.69 -9.14
CA TYR A 131 4.57 -15.53 -8.99
C TYR A 131 4.33 -16.22 -10.31
N LYS A 132 5.40 -16.76 -10.86
CA LYS A 132 5.40 -17.26 -12.22
C LYS A 132 5.81 -18.72 -12.27
N LYS A 133 5.27 -19.45 -13.22
CA LYS A 133 5.72 -20.81 -13.48
C LYS A 133 7.07 -20.76 -14.17
N ARG A 134 7.88 -21.78 -13.97
CA ARG A 134 9.22 -21.81 -14.55
C ARG A 134 9.16 -22.17 -16.02
N GLN A 135 8.96 -21.15 -16.84
CA GLN A 135 8.98 -21.31 -18.29
C GLN A 135 10.40 -21.44 -18.78
N LYS A 136 10.61 -22.31 -19.74
CA LYS A 136 11.92 -22.42 -20.37
C LYS A 136 11.89 -21.68 -21.69
N LYS A 137 11.89 -20.36 -21.58
CA LYS A 137 11.75 -19.49 -22.73
C LYS A 137 12.51 -18.19 -22.47
N LEU A 138 13.08 -17.61 -23.52
CA LEU A 138 13.80 -16.34 -23.39
C LEU A 138 12.84 -15.18 -23.19
N ALA A 139 12.58 -14.84 -21.94
CA ALA A 139 11.71 -13.73 -21.62
C ALA A 139 12.41 -12.73 -20.72
N SER A 140 12.17 -11.45 -20.96
CA SER A 140 12.69 -10.41 -20.10
C SER A 140 11.55 -9.50 -19.66
N SER A 141 10.87 -9.90 -18.59
CA SER A 141 9.71 -9.18 -18.11
C SER A 141 10.15 -8.08 -17.15
N ASP A 1 0.13 31.02 11.45
CA ASP A 1 0.05 29.64 10.91
C ASP A 1 -1.07 28.86 11.60
N PRO A 2 -2.07 28.39 10.85
CA PRO A 2 -3.14 27.55 11.39
C PRO A 2 -2.69 26.10 11.58
N SER A 3 -1.46 25.82 11.16
CA SER A 3 -0.89 24.48 11.19
C SER A 3 -0.44 24.09 12.61
N ARG A 4 -1.30 24.35 13.58
CA ARG A 4 -1.06 23.97 14.96
C ARG A 4 -1.53 22.53 15.16
N ARG A 5 -1.73 22.11 16.41
CA ARG A 5 -2.25 20.78 16.71
C ARG A 5 -3.36 20.39 15.72
N ALA A 6 -3.04 19.42 14.88
CA ALA A 6 -3.95 18.96 13.85
C ALA A 6 -5.29 18.54 14.45
N PRO A 7 -6.37 19.18 14.00
CA PRO A 7 -7.72 18.89 14.51
C PRO A 7 -8.07 17.41 14.42
N THR A 8 -8.39 16.82 15.56
CA THR A 8 -8.88 15.45 15.59
C THR A 8 -10.17 15.35 14.79
N TRP A 9 -10.12 14.61 13.69
CA TRP A 9 -11.23 14.53 12.75
C TRP A 9 -12.52 14.14 13.45
N SER A 10 -13.55 14.95 13.25
CA SER A 10 -14.87 14.63 13.74
C SER A 10 -15.49 13.56 12.84
N PRO A 11 -16.51 12.83 13.32
CA PRO A 11 -17.19 11.79 12.53
C PRO A 11 -17.62 12.29 11.15
N GLU A 12 -18.18 13.50 11.13
CA GLU A 12 -18.64 14.12 9.90
C GLU A 12 -17.45 14.49 9.01
N GLU A 13 -16.32 14.75 9.64
CA GLU A 13 -15.13 15.20 8.93
C GLU A 13 -14.49 14.05 8.16
N GLU A 14 -14.39 12.89 8.79
CA GLU A 14 -13.88 11.70 8.10
C GLU A 14 -14.88 11.24 7.04
N ALA A 15 -16.15 11.52 7.28
CA ALA A 15 -17.19 11.25 6.30
C ALA A 15 -16.98 12.11 5.06
N HIS A 16 -16.53 13.33 5.28
CA HIS A 16 -16.20 14.26 4.20
C HIS A 16 -14.87 13.88 3.57
N LEU A 17 -13.99 13.30 4.38
CA LEU A 17 -12.69 12.86 3.91
C LEU A 17 -12.89 11.74 2.88
N ARG A 18 -13.72 10.77 3.23
CA ARG A 18 -14.09 9.72 2.29
C ARG A 18 -14.97 10.30 1.20
N GLU A 19 -15.83 11.25 1.59
CA GLU A 19 -16.77 11.88 0.67
C GLU A 19 -16.05 12.34 -0.60
N LEU A 20 -15.02 13.14 -0.39
CA LEU A 20 -14.24 13.69 -1.47
C LEU A 20 -13.47 12.62 -2.23
N TYR A 21 -13.01 11.61 -1.51
CA TYR A 21 -12.18 10.58 -2.12
C TYR A 21 -13.03 9.70 -3.04
N LEU A 22 -14.23 9.41 -2.60
CA LEU A 22 -15.15 8.59 -3.39
C LEU A 22 -15.53 9.31 -4.67
N ALA A 23 -15.44 10.63 -4.65
CA ALA A 23 -15.75 11.43 -5.83
C ALA A 23 -14.55 11.53 -6.78
N ASN A 24 -13.41 12.01 -6.28
CA ASN A 24 -12.28 12.32 -7.15
C ASN A 24 -11.47 11.08 -7.54
N LYS A 25 -11.85 9.90 -7.03
CA LYS A 25 -11.17 8.67 -7.42
C LYS A 25 -11.43 8.33 -8.88
N ASP A 26 -12.51 8.88 -9.43
CA ASP A 26 -12.87 8.63 -10.81
C ASP A 26 -12.41 9.78 -11.71
N VAL A 27 -11.72 10.74 -11.13
CA VAL A 27 -11.17 11.84 -11.88
C VAL A 27 -9.70 11.56 -12.19
N GLU A 28 -9.42 11.25 -13.44
CA GLU A 28 -8.07 10.95 -13.86
C GLU A 28 -7.46 12.14 -14.57
N GLY A 29 -6.15 12.28 -14.44
CA GLY A 29 -5.49 13.47 -14.91
C GLY A 29 -5.38 14.49 -13.79
N GLN A 30 -5.87 14.09 -12.63
CA GLN A 30 -5.80 14.92 -11.44
C GLN A 30 -5.23 14.10 -10.30
N ASP A 31 -4.53 14.78 -9.39
CA ASP A 31 -4.07 14.17 -8.17
C ASP A 31 -5.26 13.87 -7.26
N VAL A 32 -5.38 12.65 -6.76
CA VAL A 32 -6.52 12.33 -5.92
C VAL A 32 -6.31 12.84 -4.49
N VAL A 33 -5.13 12.62 -3.93
CA VAL A 33 -4.89 12.96 -2.53
C VAL A 33 -4.85 14.47 -2.35
N GLU A 34 -4.18 15.15 -3.27
CA GLU A 34 -4.11 16.59 -3.22
C GLU A 34 -5.51 17.15 -3.38
N ALA A 35 -6.30 16.53 -4.26
CA ALA A 35 -7.69 16.91 -4.44
C ALA A 35 -8.44 16.86 -3.12
N ILE A 36 -8.31 15.74 -2.42
CA ILE A 36 -9.01 15.55 -1.16
C ILE A 36 -8.64 16.64 -0.18
N LEU A 37 -7.36 16.69 0.19
CA LEU A 37 -6.89 17.64 1.20
C LEU A 37 -7.01 19.09 0.75
N ALA A 38 -7.10 19.29 -0.56
CA ALA A 38 -7.29 20.62 -1.12
C ALA A 38 -8.68 21.16 -0.81
N HIS A 39 -9.69 20.32 -1.03
CA HIS A 39 -11.07 20.76 -0.87
C HIS A 39 -11.47 20.71 0.60
N LEU A 40 -10.76 19.92 1.39
CA LEU A 40 -10.96 19.93 2.83
C LEU A 40 -10.29 21.16 3.44
N ASN A 41 -10.98 22.30 3.37
CA ASN A 41 -10.46 23.51 3.96
C ASN A 41 -10.89 23.59 5.42
N THR A 42 -10.94 22.43 6.05
CA THR A 42 -11.33 22.31 7.44
C THR A 42 -10.12 21.97 8.32
N VAL A 43 -9.08 21.44 7.70
CA VAL A 43 -7.90 20.97 8.43
C VAL A 43 -6.60 21.43 7.79
N PRO A 44 -5.81 22.25 8.50
CA PRO A 44 -4.43 22.57 8.12
C PRO A 44 -3.50 21.40 8.42
N ARG A 45 -3.35 20.51 7.45
CA ARG A 45 -2.59 19.28 7.66
C ARG A 45 -1.74 18.96 6.45
N THR A 46 -0.90 17.94 6.57
CA THR A 46 -0.02 17.55 5.49
C THR A 46 -0.62 16.39 4.68
N ARG A 47 -0.02 16.11 3.53
CA ARG A 47 -0.49 15.08 2.61
C ARG A 47 -0.58 13.72 3.29
N LYS A 48 0.46 13.40 4.06
CA LYS A 48 0.58 12.10 4.73
C LYS A 48 -0.66 11.78 5.58
N GLN A 49 -1.26 12.81 6.16
CA GLN A 49 -2.32 12.62 7.13
C GLN A 49 -3.63 12.21 6.47
N ILE A 50 -3.94 12.81 5.32
CA ILE A 50 -5.14 12.44 4.57
C ILE A 50 -5.00 11.04 4.00
N ILE A 51 -3.82 10.78 3.40
CA ILE A 51 -3.51 9.48 2.81
C ILE A 51 -3.83 8.35 3.78
N HIS A 52 -3.39 8.53 5.01
CA HIS A 52 -3.47 7.50 6.02
C HIS A 52 -4.91 7.15 6.39
N HIS A 53 -5.72 8.14 6.76
CA HIS A 53 -7.07 7.87 7.27
C HIS A 53 -7.92 7.11 6.26
N LEU A 54 -7.74 7.43 5.00
CA LEU A 54 -8.54 6.84 3.94
C LEU A 54 -8.23 5.34 3.79
N VAL A 55 -6.96 4.99 3.82
CA VAL A 55 -6.57 3.59 3.72
C VAL A 55 -6.76 2.90 5.06
N GLN A 56 -6.72 3.69 6.13
CA GLN A 56 -6.98 3.20 7.47
C GLN A 56 -8.45 2.86 7.65
N MET A 57 -9.32 3.59 6.96
CA MET A 57 -10.75 3.31 7.00
C MET A 57 -11.11 2.20 6.03
N GLY A 58 -10.10 1.63 5.38
CA GLY A 58 -10.31 0.49 4.52
C GLY A 58 -11.10 0.82 3.27
N LEU A 59 -11.30 2.11 3.04
CA LEU A 59 -12.04 2.55 1.87
C LEU A 59 -11.07 2.81 0.73
N ALA A 60 -9.79 2.93 1.07
CA ALA A 60 -8.74 3.08 0.08
C ALA A 60 -7.75 1.93 0.17
N ASP A 61 -7.09 1.65 -0.94
CA ASP A 61 -6.16 0.52 -1.03
C ASP A 61 -4.97 0.70 -0.10
N SER A 62 -4.11 1.65 -0.44
CA SER A 62 -2.88 1.90 0.29
C SER A 62 -2.39 3.31 0.01
N VAL A 63 -1.33 3.71 0.70
CA VAL A 63 -0.77 5.03 0.53
C VAL A 63 -0.10 5.19 -0.84
N LYS A 64 0.28 4.06 -1.39
CA LYS A 64 0.84 3.96 -2.75
C LYS A 64 0.02 4.77 -3.73
N ASP A 65 -1.27 4.54 -3.65
CA ASP A 65 -2.24 5.05 -4.60
C ASP A 65 -2.44 6.55 -4.41
N PHE A 66 -1.83 7.10 -3.37
CA PHE A 66 -1.90 8.53 -3.11
C PHE A 66 -0.57 9.21 -3.41
N GLN A 67 0.52 8.67 -2.84
CA GLN A 67 1.81 9.37 -2.91
C GLN A 67 3.04 8.48 -2.81
N ARG A 68 2.89 7.28 -2.29
CA ARG A 68 4.07 6.43 -2.07
C ARG A 68 4.56 5.87 -3.39
N LYS A 69 5.51 6.60 -3.98
CA LYS A 69 6.12 6.22 -5.25
C LYS A 69 7.03 5.02 -5.03
N GLY A 70 7.28 4.72 -3.75
CA GLY A 70 7.91 3.47 -3.38
C GLY A 70 6.95 2.30 -3.57
N THR A 71 6.39 2.23 -4.76
CA THR A 71 5.37 1.25 -5.05
C THR A 71 5.98 -0.06 -5.51
N HIS A 72 5.61 -1.13 -4.85
CA HIS A 72 6.02 -2.45 -5.26
C HIS A 72 5.08 -2.98 -6.34
N ILE A 73 4.26 -2.08 -6.89
CA ILE A 73 3.29 -2.47 -7.90
C ILE A 73 4.00 -2.88 -9.18
N VAL A 74 3.80 -4.12 -9.51
CA VAL A 74 4.19 -4.66 -10.79
C VAL A 74 3.15 -4.20 -11.79
N LEU A 75 3.57 -3.85 -13.00
CA LEU A 75 2.70 -3.22 -14.00
C LEU A 75 1.37 -3.96 -14.18
N TRP A 76 0.36 -3.54 -13.44
CA TRP A 76 -0.92 -4.24 -13.44
C TRP A 76 -1.87 -3.65 -14.48
N THR A 77 -2.09 -4.41 -15.53
CA THR A 77 -3.03 -4.03 -16.57
C THR A 77 -4.28 -4.89 -16.46
N GLY A 78 -5.35 -4.49 -17.14
CA GLY A 78 -6.58 -5.27 -17.11
C GLY A 78 -6.35 -6.71 -17.55
N ASP A 79 -5.38 -6.92 -18.42
CA ASP A 79 -5.03 -8.25 -18.87
C ASP A 79 -4.21 -8.99 -17.81
N GLN A 80 -3.21 -8.32 -17.24
CA GLN A 80 -2.35 -8.98 -16.26
C GLN A 80 -3.13 -9.27 -14.97
N GLU A 81 -4.02 -8.36 -14.59
CA GLU A 81 -4.84 -8.56 -13.40
C GLU A 81 -5.78 -9.75 -13.59
N LEU A 82 -6.30 -9.89 -14.81
CA LEU A 82 -7.11 -11.05 -15.16
C LEU A 82 -6.24 -12.31 -15.23
N GLU A 83 -5.02 -12.13 -15.70
CA GLU A 83 -4.07 -13.23 -15.83
C GLU A 83 -3.77 -13.82 -14.45
N LEU A 84 -3.65 -12.94 -13.46
CA LEU A 84 -3.42 -13.39 -12.09
C LEU A 84 -4.61 -14.20 -11.59
N GLN A 85 -5.81 -13.78 -11.98
CA GLN A 85 -7.02 -14.48 -11.60
C GLN A 85 -7.01 -15.91 -12.15
N ARG A 86 -6.85 -16.02 -13.47
CA ARG A 86 -6.80 -17.33 -14.13
C ARG A 86 -5.70 -18.20 -13.53
N LEU A 87 -4.57 -17.59 -13.29
CA LEU A 87 -3.40 -18.26 -12.72
C LEU A 87 -3.69 -18.76 -11.29
N PHE A 88 -4.24 -17.87 -10.47
CA PHE A 88 -4.53 -18.15 -9.06
C PHE A 88 -5.56 -19.28 -8.90
N GLU A 89 -6.60 -19.25 -9.71
CA GLU A 89 -7.66 -20.26 -9.62
C GLU A 89 -7.11 -21.65 -9.91
N GLU A 90 -6.20 -21.71 -10.86
CA GLU A 90 -5.66 -22.97 -11.33
C GLU A 90 -4.60 -23.54 -10.39
N PHE A 91 -3.83 -22.67 -9.75
CA PHE A 91 -2.76 -23.14 -8.87
C PHE A 91 -3.23 -23.32 -7.43
N ARG A 92 -4.46 -22.89 -7.12
CA ARG A 92 -5.01 -23.11 -5.79
C ARG A 92 -5.43 -24.56 -5.62
N ASP A 93 -5.46 -25.27 -6.73
CA ASP A 93 -5.70 -26.71 -6.69
C ASP A 93 -4.43 -27.45 -6.31
N SER A 94 -3.36 -26.69 -6.10
CA SER A 94 -2.07 -27.23 -5.68
C SER A 94 -1.82 -26.95 -4.20
N ASP A 95 -0.58 -27.11 -3.76
CA ASP A 95 -0.22 -26.96 -2.36
C ASP A 95 0.03 -25.50 -1.98
N ASP A 96 0.84 -24.80 -2.75
CA ASP A 96 1.09 -23.38 -2.52
C ASP A 96 0.76 -22.62 -3.79
N VAL A 97 -0.43 -22.03 -3.83
CA VAL A 97 -0.90 -21.35 -5.02
C VAL A 97 0.07 -20.25 -5.47
N LEU A 98 0.58 -19.47 -4.53
CA LEU A 98 1.38 -18.30 -4.89
C LEU A 98 2.78 -18.68 -5.30
N GLY A 99 3.39 -19.62 -4.60
CA GLY A 99 4.71 -20.09 -4.96
C GLY A 99 4.76 -20.59 -6.39
N HIS A 100 3.69 -21.27 -6.78
CA HIS A 100 3.61 -21.82 -8.13
C HIS A 100 3.29 -20.70 -9.10
N ILE A 101 2.50 -19.74 -8.63
CA ILE A 101 2.21 -18.51 -9.38
C ILE A 101 3.51 -17.79 -9.75
N MET A 102 4.27 -17.43 -8.73
CA MET A 102 5.45 -16.57 -8.88
C MET A 102 6.48 -17.18 -9.83
N LYS A 103 6.54 -18.49 -9.86
CA LYS A 103 7.56 -19.18 -10.63
C LYS A 103 7.07 -19.52 -12.04
N ASN A 104 5.76 -19.68 -12.19
CA ASN A 104 5.19 -20.10 -13.46
C ASN A 104 4.76 -18.93 -14.33
N ILE A 105 4.49 -17.79 -13.72
CA ILE A 105 3.96 -16.67 -14.47
C ILE A 105 5.07 -15.80 -15.03
N THR A 106 4.75 -15.11 -16.11
CA THR A 106 5.66 -14.27 -16.83
C THR A 106 6.31 -13.20 -15.95
N ALA A 107 5.62 -12.77 -14.91
CA ALA A 107 6.14 -11.72 -14.04
C ALA A 107 6.46 -12.24 -12.65
N LYS A 108 7.66 -11.99 -12.17
CA LYS A 108 8.02 -12.33 -10.80
C LYS A 108 7.37 -11.35 -9.85
N ARG A 109 6.27 -11.77 -9.24
CA ARG A 109 5.51 -10.91 -8.35
C ARG A 109 5.62 -11.39 -6.93
N SER A 110 5.79 -10.47 -6.01
CA SER A 110 6.01 -10.82 -4.61
C SER A 110 4.72 -11.27 -3.94
N ARG A 111 4.86 -12.00 -2.84
CA ARG A 111 3.71 -12.54 -2.11
C ARG A 111 2.75 -11.43 -1.68
N ALA A 112 3.30 -10.41 -1.02
CA ALA A 112 2.51 -9.29 -0.55
C ALA A 112 1.89 -8.52 -1.70
N ARG A 113 2.48 -8.64 -2.88
CA ARG A 113 1.97 -7.96 -4.06
C ARG A 113 0.80 -8.74 -4.64
N ILE A 114 0.99 -10.02 -4.80
CA ILE A 114 -0.04 -10.87 -5.39
C ILE A 114 -1.31 -10.84 -4.58
N VAL A 115 -1.18 -11.02 -3.27
CA VAL A 115 -2.34 -11.04 -2.40
C VAL A 115 -3.04 -9.68 -2.39
N ASP A 116 -2.25 -8.61 -2.43
CA ASP A 116 -2.77 -7.25 -2.48
C ASP A 116 -3.65 -7.05 -3.71
N LYS A 117 -3.24 -7.67 -4.81
CA LYS A 117 -3.99 -7.56 -6.05
C LYS A 117 -5.23 -8.46 -6.03
N LEU A 118 -5.08 -9.63 -5.43
CA LEU A 118 -6.21 -10.55 -5.26
C LEU A 118 -7.31 -9.87 -4.45
N LEU A 119 -6.88 -9.18 -3.41
CA LEU A 119 -7.78 -8.45 -2.53
C LEU A 119 -8.43 -7.28 -3.26
N ALA A 120 -7.74 -6.78 -4.27
CA ALA A 120 -8.20 -5.64 -5.04
C ALA A 120 -9.24 -6.07 -6.08
N LEU A 121 -9.04 -7.25 -6.64
CA LEU A 121 -10.04 -7.87 -7.50
C LEU A 121 -11.22 -8.32 -6.65
N GLY A 122 -10.96 -8.54 -5.38
CA GLY A 122 -11.95 -9.07 -4.49
C GLY A 122 -12.21 -10.53 -4.75
N LEU A 123 -11.16 -11.24 -5.13
CA LEU A 123 -11.23 -12.68 -5.33
C LEU A 123 -11.37 -13.36 -3.98
N VAL A 124 -10.82 -12.69 -2.99
CA VAL A 124 -10.87 -13.14 -1.61
C VAL A 124 -11.09 -11.93 -0.69
N ALA A 125 -11.29 -12.20 0.58
CA ALA A 125 -11.47 -11.13 1.56
C ALA A 125 -10.33 -11.13 2.56
N GLU A 126 -9.54 -12.18 2.52
CA GLU A 126 -8.41 -12.34 3.41
C GLU A 126 -7.32 -13.16 2.74
N ARG A 127 -6.15 -13.18 3.33
CA ARG A 127 -5.05 -13.97 2.77
C ARG A 127 -5.23 -15.45 3.13
N ARG A 128 -6.00 -15.69 4.17
CA ARG A 128 -6.19 -17.05 4.68
C ARG A 128 -6.88 -17.96 3.66
N GLU A 129 -7.62 -17.37 2.73
CA GLU A 129 -8.39 -18.15 1.77
C GLU A 129 -7.53 -18.70 0.65
N LEU A 130 -6.42 -18.03 0.36
CA LEU A 130 -5.55 -18.42 -0.74
C LEU A 130 -4.63 -19.54 -0.30
N TYR A 131 -4.94 -20.13 0.82
CA TYR A 131 -4.22 -21.25 1.36
C TYR A 131 -5.19 -22.40 1.55
N LYS A 132 -4.76 -23.57 1.06
CA LYS A 132 -5.56 -24.81 0.93
C LYS A 132 -6.57 -25.06 2.10
N LYS A 133 -6.53 -26.25 2.71
CA LYS A 133 -7.48 -26.64 3.77
C LYS A 133 -7.53 -25.58 4.87
N ARG A 134 -8.48 -25.73 5.80
CA ARG A 134 -8.66 -24.76 6.88
C ARG A 134 -7.45 -24.73 7.82
N GLN A 135 -6.43 -24.03 7.36
CA GLN A 135 -5.22 -23.83 8.13
C GLN A 135 -5.37 -22.76 9.20
N LYS A 136 -4.37 -22.68 10.07
CA LYS A 136 -4.27 -21.66 11.09
C LYS A 136 -2.89 -20.99 10.99
N LYS A 137 -2.32 -20.52 12.09
CA LYS A 137 -0.99 -19.92 12.03
C LYS A 137 0.10 -21.00 11.94
N LEU A 138 0.35 -21.45 10.71
CA LEU A 138 1.41 -22.38 10.42
C LEU A 138 2.04 -22.01 9.09
N ALA A 139 3.14 -22.67 8.73
CA ALA A 139 3.76 -22.44 7.43
C ALA A 139 2.80 -22.85 6.32
N SER A 140 3.08 -22.39 5.10
CA SER A 140 2.20 -22.66 3.96
C SER A 140 2.02 -24.17 3.77
N SER A 141 0.85 -24.66 4.13
CA SER A 141 0.56 -26.08 4.08
C SER A 141 -0.95 -26.27 4.06
N ASP A 1 2.13 20.36 7.86
CA ASP A 1 2.26 21.79 8.19
C ASP A 1 3.01 21.98 9.49
N PRO A 2 3.74 23.09 9.64
CA PRO A 2 4.35 23.48 10.89
C PRO A 2 3.49 24.49 11.65
N SER A 3 2.24 24.60 11.23
CA SER A 3 1.33 25.62 11.76
C SER A 3 0.84 25.26 13.16
N ARG A 4 0.25 24.08 13.30
CA ARG A 4 -0.26 23.64 14.60
C ARG A 4 -0.23 22.12 14.67
N ARG A 5 -0.82 21.56 15.72
CA ARG A 5 -0.98 20.12 15.80
C ARG A 5 -2.13 19.70 14.91
N ALA A 6 -2.23 18.42 14.65
CA ALA A 6 -3.29 17.89 13.81
C ALA A 6 -4.63 17.94 14.53
N PRO A 7 -5.61 18.61 13.92
CA PRO A 7 -6.98 18.67 14.44
C PRO A 7 -7.61 17.28 14.51
N THR A 8 -8.39 17.04 15.55
CA THR A 8 -9.07 15.77 15.72
C THR A 8 -10.25 15.67 14.76
N TRP A 9 -10.40 14.51 14.14
CA TRP A 9 -11.42 14.31 13.12
C TRP A 9 -12.78 14.02 13.75
N SER A 10 -13.75 14.84 13.41
CA SER A 10 -15.14 14.55 13.74
C SER A 10 -15.66 13.49 12.77
N PRO A 11 -16.61 12.64 13.20
CA PRO A 11 -17.21 11.63 12.31
C PRO A 11 -17.77 12.25 11.04
N GLU A 12 -18.20 13.51 11.16
CA GLU A 12 -18.72 14.27 10.03
C GLU A 12 -17.60 14.61 9.05
N GLU A 13 -16.40 14.77 9.59
CA GLU A 13 -15.26 15.19 8.78
C GLU A 13 -14.60 13.98 8.12
N GLU A 14 -14.54 12.87 8.84
CA GLU A 14 -13.97 11.64 8.27
C GLU A 14 -14.84 11.15 7.12
N ALA A 15 -16.14 11.37 7.22
CA ALA A 15 -17.06 11.05 6.14
C ALA A 15 -16.83 12.02 4.97
N HIS A 16 -16.47 13.24 5.29
CA HIS A 16 -16.12 14.26 4.31
C HIS A 16 -14.79 13.93 3.66
N LEU A 17 -13.93 13.24 4.40
CA LEU A 17 -12.65 12.81 3.89
C LEU A 17 -12.85 11.78 2.78
N ARG A 18 -13.71 10.81 3.04
CA ARG A 18 -14.05 9.83 2.03
C ARG A 18 -14.96 10.49 1.00
N GLU A 19 -15.73 11.47 1.45
CA GLU A 19 -16.65 12.20 0.58
C GLU A 19 -15.91 12.73 -0.65
N LEU A 20 -14.86 13.49 -0.38
CA LEU A 20 -14.05 14.10 -1.43
C LEU A 20 -13.29 13.04 -2.22
N TYR A 21 -12.99 11.92 -1.58
CA TYR A 21 -12.28 10.83 -2.22
C TYR A 21 -13.19 10.10 -3.19
N LEU A 22 -14.35 9.69 -2.70
CA LEU A 22 -15.32 8.95 -3.49
C LEU A 22 -15.79 9.78 -4.68
N ALA A 23 -15.70 11.10 -4.54
CA ALA A 23 -16.05 12.00 -5.62
C ALA A 23 -14.96 12.01 -6.69
N ASN A 24 -13.73 12.32 -6.30
CA ASN A 24 -12.65 12.55 -7.26
C ASN A 24 -11.77 11.31 -7.47
N LYS A 25 -12.29 10.13 -7.14
CA LYS A 25 -11.52 8.91 -7.33
C LYS A 25 -11.59 8.45 -8.79
N ASP A 26 -12.62 8.89 -9.48
CA ASP A 26 -12.88 8.44 -10.84
C ASP A 26 -12.43 9.48 -11.87
N VAL A 27 -11.65 10.45 -11.43
CA VAL A 27 -11.12 11.45 -12.31
C VAL A 27 -9.77 11.03 -12.84
N GLU A 28 -9.51 11.30 -14.10
CA GLU A 28 -8.26 10.93 -14.70
C GLU A 28 -7.55 12.17 -15.22
N GLY A 29 -6.25 12.23 -14.97
CA GLY A 29 -5.48 13.43 -15.27
C GLY A 29 -5.41 14.32 -14.04
N GLN A 30 -6.05 13.85 -12.98
CA GLN A 30 -6.08 14.56 -11.72
C GLN A 30 -5.87 13.56 -10.58
N ASP A 31 -5.25 14.02 -9.50
CA ASP A 31 -5.11 13.21 -8.30
C ASP A 31 -6.35 13.36 -7.43
N VAL A 32 -6.84 12.26 -6.90
CA VAL A 32 -7.91 12.30 -5.93
C VAL A 32 -7.38 12.95 -4.66
N VAL A 33 -6.12 12.64 -4.34
CA VAL A 33 -5.45 13.17 -3.18
C VAL A 33 -5.44 14.68 -3.23
N GLU A 34 -4.88 15.22 -4.31
CA GLU A 34 -4.74 16.67 -4.49
C GLU A 34 -6.08 17.37 -4.29
N ALA A 35 -7.14 16.72 -4.76
CA ALA A 35 -8.49 17.23 -4.60
C ALA A 35 -8.86 17.29 -3.12
N ILE A 36 -8.69 16.17 -2.44
CA ILE A 36 -9.05 16.08 -1.03
C ILE A 36 -8.23 17.04 -0.18
N LEU A 37 -6.90 16.87 -0.23
CA LEU A 37 -5.97 17.62 0.63
C LEU A 37 -6.26 19.12 0.59
N ALA A 38 -6.54 19.61 -0.61
CA ALA A 38 -6.64 21.04 -0.85
C ALA A 38 -8.05 21.58 -0.62
N HIS A 39 -9.07 20.80 -0.94
CA HIS A 39 -10.44 21.31 -0.90
C HIS A 39 -10.99 21.39 0.52
N LEU A 40 -10.54 20.52 1.41
CA LEU A 40 -11.01 20.57 2.78
C LEU A 40 -10.10 21.43 3.66
N ASN A 41 -10.28 22.74 3.58
CA ASN A 41 -9.53 23.68 4.40
C ASN A 41 -10.15 23.77 5.78
N THR A 42 -10.50 22.62 6.31
CA THR A 42 -11.13 22.50 7.61
C THR A 42 -10.12 21.96 8.63
N VAL A 43 -9.05 21.35 8.11
CA VAL A 43 -8.04 20.76 8.97
C VAL A 43 -6.63 21.14 8.52
N PRO A 44 -5.96 22.03 9.28
CA PRO A 44 -4.54 22.30 9.09
C PRO A 44 -3.68 21.08 9.41
N ARG A 45 -3.27 20.36 8.38
CA ARG A 45 -2.44 19.18 8.56
C ARG A 45 -1.64 18.88 7.31
N THR A 46 -0.70 17.95 7.44
CA THR A 46 0.08 17.50 6.31
C THR A 46 -0.77 16.59 5.43
N ARG A 47 -0.33 16.40 4.20
CA ARG A 47 -1.11 15.68 3.21
C ARG A 47 -1.07 14.19 3.49
N LYS A 48 -0.02 13.76 4.18
CA LYS A 48 0.14 12.38 4.62
C LYS A 48 -1.06 11.93 5.46
N GLN A 49 -1.61 12.86 6.24
CA GLN A 49 -2.72 12.55 7.14
C GLN A 49 -3.96 12.13 6.38
N ILE A 50 -4.26 12.86 5.31
CA ILE A 50 -5.43 12.56 4.49
C ILE A 50 -5.32 11.16 3.88
N ILE A 51 -4.19 10.91 3.24
CA ILE A 51 -3.93 9.61 2.61
C ILE A 51 -4.03 8.50 3.65
N HIS A 52 -3.48 8.75 4.82
CA HIS A 52 -3.40 7.76 5.86
C HIS A 52 -4.77 7.31 6.36
N HIS A 53 -5.68 8.25 6.62
CA HIS A 53 -7.01 7.87 7.12
C HIS A 53 -7.83 7.14 6.07
N LEU A 54 -7.54 7.42 4.82
CA LEU A 54 -8.31 6.85 3.71
C LEU A 54 -7.97 5.38 3.53
N VAL A 55 -6.69 5.08 3.56
CA VAL A 55 -6.23 3.70 3.41
C VAL A 55 -6.48 2.92 4.69
N GLN A 56 -6.56 3.64 5.80
CA GLN A 56 -6.84 3.05 7.09
C GLN A 56 -8.34 2.86 7.30
N MET A 57 -9.13 3.56 6.51
CA MET A 57 -10.59 3.46 6.61
C MET A 57 -11.11 2.37 5.69
N GLY A 58 -10.19 1.64 5.07
CA GLY A 58 -10.55 0.46 4.29
C GLY A 58 -11.12 0.80 2.92
N LEU A 59 -11.18 2.08 2.60
CA LEU A 59 -11.69 2.49 1.29
C LEU A 59 -10.55 2.58 0.29
N ALA A 60 -9.32 2.55 0.80
CA ALA A 60 -8.13 2.50 -0.04
C ALA A 60 -7.14 1.49 0.53
N ASP A 61 -6.13 1.13 -0.25
CA ASP A 61 -5.17 0.11 0.18
C ASP A 61 -4.06 0.70 1.04
N SER A 62 -3.21 1.54 0.44
CA SER A 62 -2.03 2.06 1.12
C SER A 62 -1.64 3.43 0.58
N VAL A 63 -0.68 4.07 1.23
CA VAL A 63 -0.12 5.32 0.76
C VAL A 63 0.45 5.12 -0.64
N LYS A 64 0.92 3.91 -0.87
CA LYS A 64 1.54 3.53 -2.13
C LYS A 64 0.52 3.57 -3.28
N ASP A 65 -0.76 3.49 -2.92
CA ASP A 65 -1.84 3.52 -3.91
C ASP A 65 -2.11 4.95 -4.34
N PHE A 66 -1.90 5.89 -3.42
CA PHE A 66 -2.00 7.31 -3.72
C PHE A 66 -0.70 7.81 -4.31
N GLN A 67 0.37 7.44 -3.63
CA GLN A 67 1.69 7.92 -3.91
C GLN A 67 2.68 6.76 -3.91
N ARG A 68 2.79 6.09 -5.06
CA ARG A 68 3.79 5.04 -5.22
C ARG A 68 5.20 5.62 -5.17
N LYS A 69 5.66 5.82 -3.94
CA LYS A 69 6.98 6.34 -3.66
C LYS A 69 7.81 5.25 -3.01
N GLY A 70 7.14 4.45 -2.20
CA GLY A 70 7.72 3.24 -1.65
C GLY A 70 6.73 2.11 -1.75
N THR A 71 6.69 1.45 -2.90
CA THR A 71 5.65 0.48 -3.20
C THR A 71 5.73 -0.78 -2.36
N HIS A 72 4.67 -1.57 -2.42
CA HIS A 72 4.62 -2.87 -1.76
C HIS A 72 5.39 -3.89 -2.60
N ILE A 73 6.03 -3.39 -3.63
CA ILE A 73 6.57 -4.23 -4.68
C ILE A 73 7.91 -4.81 -4.31
N VAL A 74 7.95 -6.13 -4.44
CA VAL A 74 9.18 -6.88 -4.44
C VAL A 74 10.12 -6.35 -5.51
N LEU A 75 11.40 -6.15 -5.15
CA LEU A 75 12.38 -5.61 -6.09
C LEU A 75 12.33 -6.34 -7.43
N TRP A 76 11.81 -5.66 -8.44
CA TRP A 76 11.66 -6.25 -9.76
C TRP A 76 12.76 -5.79 -10.71
N THR A 77 13.62 -6.71 -11.08
CA THR A 77 14.61 -6.47 -12.10
C THR A 77 14.09 -7.01 -13.42
N GLY A 78 14.55 -6.46 -14.54
CA GLY A 78 14.09 -6.90 -15.85
C GLY A 78 14.25 -8.39 -16.04
N ASP A 79 15.30 -8.94 -15.45
CA ASP A 79 15.56 -10.37 -15.47
C ASP A 79 14.51 -11.11 -14.64
N GLN A 80 14.28 -10.65 -13.41
CA GLN A 80 13.33 -11.30 -12.52
C GLN A 80 11.91 -11.17 -13.06
N GLU A 81 11.63 -10.06 -13.72
CA GLU A 81 10.33 -9.84 -14.35
C GLU A 81 10.07 -10.89 -15.42
N LEU A 82 11.12 -11.20 -16.18
CA LEU A 82 11.04 -12.23 -17.19
C LEU A 82 10.84 -13.60 -16.55
N GLU A 83 11.56 -13.83 -15.45
CA GLU A 83 11.43 -15.08 -14.71
C GLU A 83 9.99 -15.27 -14.24
N LEU A 84 9.34 -14.18 -13.87
CA LEU A 84 7.93 -14.21 -13.53
C LEU A 84 7.12 -14.59 -14.76
N GLN A 85 7.37 -13.89 -15.86
CA GLN A 85 6.63 -14.10 -17.10
C GLN A 85 6.71 -15.56 -17.53
N ARG A 86 7.92 -16.08 -17.63
CA ARG A 86 8.14 -17.43 -18.14
C ARG A 86 7.51 -18.48 -17.24
N LEU A 87 7.62 -18.30 -15.92
CA LEU A 87 7.02 -19.23 -14.98
C LEU A 87 5.50 -19.07 -14.95
N PHE A 88 5.05 -17.86 -15.21
CA PHE A 88 3.64 -17.55 -15.33
C PHE A 88 2.99 -18.36 -16.45
N GLU A 89 3.74 -18.57 -17.54
CA GLU A 89 3.24 -19.37 -18.65
C GLU A 89 3.39 -20.86 -18.34
N GLU A 90 4.44 -21.18 -17.60
CA GLU A 90 4.73 -22.55 -17.18
C GLU A 90 3.50 -23.24 -16.56
N PHE A 91 2.90 -22.58 -15.58
CA PHE A 91 1.79 -23.17 -14.84
C PHE A 91 0.47 -22.48 -15.18
N ARG A 92 0.47 -21.76 -16.29
CA ARG A 92 -0.70 -21.00 -16.73
C ARG A 92 -1.85 -21.93 -17.11
N ASP A 93 -1.51 -23.13 -17.55
CA ASP A 93 -2.51 -24.10 -17.97
C ASP A 93 -2.97 -24.96 -16.79
N SER A 94 -2.61 -24.54 -15.59
CA SER A 94 -3.04 -25.22 -14.38
C SER A 94 -4.16 -24.40 -13.73
N ASP A 95 -4.74 -24.90 -12.65
CA ASP A 95 -5.82 -24.18 -11.97
C ASP A 95 -5.26 -23.05 -11.12
N ASP A 96 -4.02 -23.20 -10.67
CA ASP A 96 -3.34 -22.16 -9.91
C ASP A 96 -1.91 -22.00 -10.40
N VAL A 97 -1.67 -20.92 -11.13
CA VAL A 97 -0.34 -20.64 -11.66
C VAL A 97 0.59 -20.08 -10.57
N LEU A 98 0.05 -19.22 -9.72
CA LEU A 98 0.87 -18.42 -8.81
C LEU A 98 1.54 -19.25 -7.73
N GLY A 99 0.79 -20.15 -7.12
CA GLY A 99 1.35 -20.96 -6.04
C GLY A 99 2.49 -21.82 -6.51
N HIS A 100 2.45 -22.20 -7.78
CA HIS A 100 3.47 -23.05 -8.35
C HIS A 100 4.65 -22.22 -8.79
N ILE A 101 4.38 -20.96 -9.13
CA ILE A 101 5.45 -20.00 -9.41
C ILE A 101 6.28 -19.79 -8.15
N MET A 102 5.60 -19.44 -7.07
CA MET A 102 6.26 -19.04 -5.82
C MET A 102 7.14 -20.16 -5.26
N LYS A 103 6.70 -21.40 -5.40
CA LYS A 103 7.45 -22.53 -4.88
C LYS A 103 8.54 -23.00 -5.85
N ASN A 104 8.43 -22.59 -7.11
CA ASN A 104 9.39 -23.03 -8.12
C ASN A 104 10.29 -21.89 -8.59
N ILE A 105 10.26 -20.76 -7.90
CA ILE A 105 11.09 -19.63 -8.28
C ILE A 105 12.14 -19.35 -7.20
N THR A 106 13.24 -18.75 -7.62
CA THR A 106 14.37 -18.47 -6.75
C THR A 106 14.00 -17.52 -5.60
N ALA A 107 13.07 -16.62 -5.85
CA ALA A 107 12.63 -15.69 -4.82
C ALA A 107 11.21 -15.98 -4.40
N LYS A 108 10.99 -16.16 -3.10
CA LYS A 108 9.66 -16.43 -2.61
C LYS A 108 8.90 -15.13 -2.43
N ARG A 109 8.04 -14.84 -3.39
CA ARG A 109 7.29 -13.60 -3.41
C ARG A 109 5.91 -13.79 -2.81
N SER A 110 5.16 -12.72 -2.68
CA SER A 110 3.80 -12.79 -2.18
C SER A 110 2.80 -12.72 -3.33
N ARG A 111 1.61 -13.25 -3.09
CA ARG A 111 0.56 -13.31 -4.09
C ARG A 111 0.17 -11.92 -4.60
N ALA A 112 -0.11 -11.01 -3.67
CA ALA A 112 -0.58 -9.67 -4.03
C ALA A 112 0.47 -8.88 -4.79
N ARG A 113 1.73 -9.30 -4.68
CA ARG A 113 2.80 -8.64 -5.42
C ARG A 113 2.89 -9.19 -6.82
N ILE A 114 2.63 -10.49 -6.94
CA ILE A 114 2.74 -11.16 -8.21
C ILE A 114 1.62 -10.74 -9.14
N VAL A 115 0.39 -10.78 -8.64
CA VAL A 115 -0.76 -10.39 -9.42
C VAL A 115 -0.70 -8.92 -9.80
N ASP A 116 -0.23 -8.10 -8.86
CA ASP A 116 -0.05 -6.67 -9.11
C ASP A 116 0.89 -6.44 -10.28
N LYS A 117 1.98 -7.20 -10.29
CA LYS A 117 2.97 -7.09 -11.35
C LYS A 117 2.40 -7.58 -12.68
N LEU A 118 1.63 -8.66 -12.64
CA LEU A 118 1.00 -9.22 -13.84
C LEU A 118 0.11 -8.19 -14.53
N LEU A 119 -0.72 -7.53 -13.73
CA LEU A 119 -1.66 -6.53 -14.24
C LEU A 119 -0.91 -5.31 -14.75
N ALA A 120 0.26 -5.10 -14.19
CA ALA A 120 1.10 -3.97 -14.57
C ALA A 120 1.86 -4.28 -15.85
N LEU A 121 2.32 -5.52 -15.96
CA LEU A 121 2.98 -5.99 -17.17
C LEU A 121 1.98 -6.11 -18.32
N GLY A 122 0.72 -6.28 -17.95
CA GLY A 122 -0.31 -6.49 -18.94
C GLY A 122 -0.31 -7.93 -19.43
N LEU A 123 0.01 -8.84 -18.52
CA LEU A 123 0.01 -10.25 -18.84
C LEU A 123 -1.42 -10.77 -18.81
N VAL A 124 -2.25 -10.07 -18.07
CA VAL A 124 -3.66 -10.39 -17.93
C VAL A 124 -4.47 -9.10 -17.81
N ALA A 125 -5.77 -9.24 -17.74
CA ALA A 125 -6.66 -8.10 -17.57
C ALA A 125 -7.38 -8.18 -16.23
N GLU A 126 -7.39 -9.38 -15.66
CA GLU A 126 -8.03 -9.63 -14.39
C GLU A 126 -7.28 -10.71 -13.61
N ARG A 127 -7.64 -10.90 -12.35
CA ARG A 127 -6.99 -11.91 -11.51
C ARG A 127 -7.50 -13.32 -11.82
N ARG A 128 -8.68 -13.40 -12.42
CA ARG A 128 -9.30 -14.69 -12.74
C ARG A 128 -8.45 -15.53 -13.67
N GLU A 129 -7.92 -14.88 -14.70
CA GLU A 129 -7.26 -15.56 -15.82
C GLU A 129 -6.07 -16.39 -15.39
N LEU A 130 -5.41 -15.97 -14.33
CA LEU A 130 -4.18 -16.61 -13.92
C LEU A 130 -4.45 -17.83 -13.07
N TYR A 131 -5.41 -17.75 -12.16
CA TYR A 131 -5.63 -18.86 -11.25
C TYR A 131 -7.03 -18.89 -10.64
N LYS A 132 -8.01 -18.58 -11.44
CA LYS A 132 -9.38 -18.85 -11.07
C LYS A 132 -10.09 -19.48 -12.26
N LYS A 133 -9.76 -20.73 -12.55
CA LYS A 133 -10.34 -21.39 -13.70
C LYS A 133 -11.77 -21.78 -13.43
N ARG A 134 -12.63 -20.79 -13.52
CA ARG A 134 -14.06 -20.99 -13.47
C ARG A 134 -14.67 -20.26 -14.65
N GLN A 135 -14.56 -20.89 -15.79
CA GLN A 135 -15.05 -20.32 -17.03
C GLN A 135 -16.15 -21.20 -17.60
N LYS A 136 -17.39 -20.77 -17.46
CA LYS A 136 -18.48 -21.49 -18.08
C LYS A 136 -18.73 -20.92 -19.46
N LYS A 137 -17.62 -20.81 -20.17
CA LYS A 137 -17.57 -20.38 -21.55
C LYS A 137 -16.32 -21.03 -22.15
N LEU A 138 -16.39 -21.47 -23.39
CA LEU A 138 -15.23 -22.08 -24.04
C LEU A 138 -14.18 -21.02 -24.34
N ALA A 139 -13.28 -20.80 -23.39
CA ALA A 139 -12.26 -19.77 -23.51
C ALA A 139 -10.86 -20.37 -23.33
N SER A 140 -9.85 -19.51 -23.36
CA SER A 140 -8.50 -19.94 -23.06
C SER A 140 -8.04 -19.28 -21.76
N SER A 141 -8.41 -19.89 -20.65
CA SER A 141 -8.01 -19.40 -19.34
C SER A 141 -7.29 -20.51 -18.57
N ASP A 1 0.84 28.14 12.38
CA ASP A 1 0.33 27.89 13.76
C ASP A 1 -0.50 26.60 13.84
N PRO A 2 -1.68 26.51 13.16
CA PRO A 2 -2.56 25.35 13.29
C PRO A 2 -2.04 24.12 12.53
N SER A 3 -0.92 24.28 11.83
CA SER A 3 -0.28 23.17 11.13
C SER A 3 0.62 22.39 12.09
N ARG A 4 0.25 22.44 13.35
CA ARG A 4 0.89 21.69 14.43
C ARG A 4 0.24 20.32 14.52
N ARG A 5 0.40 19.63 15.65
CA ARG A 5 -0.39 18.43 15.90
C ARG A 5 -1.85 18.78 15.63
N ALA A 6 -2.36 18.25 14.53
CA ALA A 6 -3.59 18.74 13.94
C ALA A 6 -4.82 18.21 14.67
N PRO A 7 -5.92 18.99 14.62
CA PRO A 7 -7.20 18.65 15.25
C PRO A 7 -7.61 17.20 15.02
N THR A 8 -8.05 16.57 16.08
CA THR A 8 -8.51 15.20 16.03
C THR A 8 -9.75 15.09 15.13
N TRP A 9 -9.75 14.15 14.21
CA TRP A 9 -10.83 14.01 13.23
C TRP A 9 -12.12 13.57 13.89
N SER A 10 -13.21 14.13 13.40
CA SER A 10 -14.53 13.64 13.75
C SER A 10 -15.00 12.70 12.64
N PRO A 11 -15.86 11.72 12.95
CA PRO A 11 -16.39 10.81 11.94
C PRO A 11 -17.09 11.57 10.81
N GLU A 12 -17.64 12.73 11.16
CA GLU A 12 -18.28 13.60 10.19
C GLU A 12 -17.25 14.12 9.18
N GLU A 13 -16.08 14.52 9.68
CA GLU A 13 -15.04 15.06 8.82
C GLU A 13 -14.35 13.94 8.04
N GLU A 14 -14.20 12.77 8.66
CA GLU A 14 -13.62 11.62 7.97
C GLU A 14 -14.57 11.14 6.86
N ALA A 15 -15.87 11.31 7.09
CA ALA A 15 -16.87 11.03 6.07
C ALA A 15 -16.71 12.00 4.90
N HIS A 16 -16.31 13.22 5.21
CA HIS A 16 -16.04 14.25 4.22
C HIS A 16 -14.69 13.99 3.56
N LEU A 17 -13.80 13.33 4.29
CA LEU A 17 -12.50 12.96 3.75
C LEU A 17 -12.70 11.96 2.62
N ARG A 18 -13.51 10.94 2.88
CA ARG A 18 -13.85 9.98 1.85
C ARG A 18 -14.83 10.58 0.86
N GLU A 19 -15.62 11.54 1.34
CA GLU A 19 -16.56 12.27 0.49
C GLU A 19 -15.84 12.79 -0.75
N LEU A 20 -14.75 13.49 -0.51
CA LEU A 20 -13.95 14.10 -1.57
C LEU A 20 -13.22 13.03 -2.40
N TYR A 21 -12.83 11.94 -1.75
CA TYR A 21 -12.10 10.87 -2.42
C TYR A 21 -13.02 10.12 -3.35
N LEU A 22 -14.16 9.68 -2.83
CA LEU A 22 -15.12 8.92 -3.61
C LEU A 22 -15.59 9.73 -4.81
N ALA A 23 -15.58 11.04 -4.67
CA ALA A 23 -15.98 11.93 -5.75
C ALA A 23 -14.93 12.02 -6.85
N ASN A 24 -13.67 12.19 -6.47
CA ASN A 24 -12.60 12.46 -7.43
C ASN A 24 -11.82 11.21 -7.82
N LYS A 25 -12.15 10.07 -7.22
CA LYS A 25 -11.44 8.82 -7.53
C LYS A 25 -11.80 8.31 -8.92
N ASP A 26 -12.84 8.89 -9.50
CA ASP A 26 -13.33 8.46 -10.80
C ASP A 26 -12.76 9.33 -11.92
N VAL A 27 -11.84 10.20 -11.55
CA VAL A 27 -11.25 11.14 -12.49
C VAL A 27 -9.78 10.81 -12.70
N GLU A 28 -9.46 10.29 -13.87
CA GLU A 28 -8.10 9.91 -14.19
C GLU A 28 -7.28 11.13 -14.60
N GLY A 29 -6.03 11.16 -14.17
CA GLY A 29 -5.15 12.25 -14.53
C GLY A 29 -5.15 13.37 -13.51
N GLN A 30 -6.19 13.39 -12.68
CA GLN A 30 -6.27 14.41 -11.64
C GLN A 30 -5.66 13.89 -10.34
N ASP A 31 -5.02 14.79 -9.62
CA ASP A 31 -4.51 14.47 -8.30
C ASP A 31 -5.67 14.30 -7.33
N VAL A 32 -6.09 13.05 -7.11
CA VAL A 32 -7.18 12.80 -6.20
C VAL A 32 -6.80 13.24 -4.79
N VAL A 33 -5.55 13.00 -4.42
CA VAL A 33 -5.05 13.37 -3.11
C VAL A 33 -5.06 14.88 -2.95
N GLU A 34 -4.51 15.61 -3.93
CA GLU A 34 -4.43 17.06 -3.86
C GLU A 34 -5.84 17.66 -3.90
N ALA A 35 -6.73 17.00 -4.62
CA ALA A 35 -8.13 17.37 -4.63
C ALA A 35 -8.67 17.37 -3.21
N ILE A 36 -8.41 16.29 -2.50
CA ILE A 36 -8.87 16.14 -1.13
C ILE A 36 -8.15 17.11 -0.21
N LEU A 37 -6.82 17.03 -0.19
CA LEU A 37 -5.98 17.84 0.72
C LEU A 37 -6.39 19.32 0.68
N ALA A 38 -6.69 19.80 -0.52
CA ALA A 38 -6.92 21.22 -0.75
C ALA A 38 -8.37 21.63 -0.56
N HIS A 39 -9.30 20.80 -1.02
CA HIS A 39 -10.71 21.21 -1.05
C HIS A 39 -11.34 21.19 0.34
N LEU A 40 -10.80 20.39 1.24
CA LEU A 40 -11.26 20.45 2.62
C LEU A 40 -10.29 21.29 3.45
N ASN A 41 -10.44 22.60 3.35
CA ASN A 41 -9.59 23.53 4.08
C ASN A 41 -10.16 23.74 5.47
N THR A 42 -10.65 22.64 6.03
CA THR A 42 -11.27 22.62 7.34
C THR A 42 -10.27 22.10 8.37
N VAL A 43 -9.23 21.46 7.88
CA VAL A 43 -8.22 20.87 8.74
C VAL A 43 -6.81 21.25 8.29
N PRO A 44 -6.16 22.16 9.02
CA PRO A 44 -4.75 22.49 8.80
C PRO A 44 -3.85 21.36 9.29
N ARG A 45 -3.37 20.54 8.37
CA ARG A 45 -2.59 19.37 8.73
C ARG A 45 -1.68 18.93 7.61
N THR A 46 -0.89 17.90 7.88
CA THR A 46 0.01 17.36 6.91
C THR A 46 -0.77 16.53 5.90
N ARG A 47 -0.30 16.52 4.68
CA ARG A 47 -1.02 15.88 3.59
C ARG A 47 -1.03 14.37 3.78
N LYS A 48 0.04 13.88 4.43
CA LYS A 48 0.17 12.47 4.79
C LYS A 48 -1.06 11.95 5.52
N GLN A 49 -1.66 12.81 6.34
CA GLN A 49 -2.79 12.41 7.16
C GLN A 49 -3.99 12.03 6.30
N ILE A 50 -4.28 12.85 5.29
CA ILE A 50 -5.42 12.61 4.41
C ILE A 50 -5.32 11.23 3.77
N ILE A 51 -4.16 10.94 3.16
CA ILE A 51 -3.94 9.65 2.53
C ILE A 51 -4.07 8.53 3.55
N HIS A 52 -3.48 8.73 4.73
CA HIS A 52 -3.45 7.71 5.77
C HIS A 52 -4.85 7.38 6.29
N HIS A 53 -5.67 8.39 6.56
CA HIS A 53 -6.99 8.13 7.14
C HIS A 53 -7.89 7.41 6.15
N LEU A 54 -7.62 7.60 4.87
CA LEU A 54 -8.41 6.99 3.82
C LEU A 54 -8.09 5.51 3.70
N VAL A 55 -6.81 5.19 3.70
CA VAL A 55 -6.38 3.79 3.62
C VAL A 55 -6.62 3.08 4.94
N GLN A 56 -6.77 3.88 6.00
CA GLN A 56 -7.09 3.36 7.32
C GLN A 56 -8.60 3.17 7.48
N MET A 57 -9.37 3.81 6.62
CA MET A 57 -10.83 3.77 6.72
C MET A 57 -11.41 2.66 5.85
N GLY A 58 -10.53 1.81 5.34
CA GLY A 58 -10.98 0.63 4.61
C GLY A 58 -11.63 0.94 3.28
N LEU A 59 -11.33 2.12 2.75
CA LEU A 59 -11.84 2.50 1.44
C LEU A 59 -10.70 2.52 0.42
N ALA A 60 -9.48 2.53 0.95
CA ALA A 60 -8.28 2.45 0.13
C ALA A 60 -7.32 1.45 0.74
N ASP A 61 -6.51 0.80 -0.08
CA ASP A 61 -5.62 -0.25 0.41
C ASP A 61 -4.37 0.32 1.10
N SER A 62 -3.62 1.16 0.39
CA SER A 62 -2.35 1.66 0.94
C SER A 62 -2.05 3.05 0.42
N VAL A 63 -1.00 3.65 0.98
CA VAL A 63 -0.56 5.00 0.60
C VAL A 63 -0.23 5.05 -0.88
N LYS A 64 0.16 3.91 -1.43
CA LYS A 64 0.58 3.81 -2.82
C LYS A 64 -0.56 4.19 -3.78
N ASP A 65 -1.79 4.10 -3.29
CA ASP A 65 -2.98 4.46 -4.06
C ASP A 65 -2.99 5.95 -4.36
N PHE A 66 -2.36 6.70 -3.45
CA PHE A 66 -2.32 8.15 -3.53
C PHE A 66 -0.91 8.62 -3.87
N GLN A 67 0.05 8.07 -3.16
CA GLN A 67 1.45 8.47 -3.30
C GLN A 67 2.32 7.24 -3.54
N ARG A 68 2.39 6.82 -4.79
CA ARG A 68 3.27 5.72 -5.17
C ARG A 68 4.73 6.14 -5.07
N LYS A 69 5.28 6.02 -3.87
CA LYS A 69 6.68 6.33 -3.65
C LYS A 69 7.48 5.05 -3.38
N GLY A 70 6.80 4.03 -2.91
CA GLY A 70 7.47 2.78 -2.59
C GLY A 70 6.59 1.58 -2.78
N THR A 71 6.99 0.69 -3.68
CA THR A 71 6.31 -0.57 -3.89
C THR A 71 7.26 -1.75 -3.73
N HIS A 72 7.19 -2.36 -2.55
CA HIS A 72 7.87 -3.63 -2.30
C HIS A 72 7.44 -4.63 -3.37
N ILE A 73 6.15 -4.56 -3.66
CA ILE A 73 5.44 -5.45 -4.55
C ILE A 73 4.11 -4.80 -4.86
N VAL A 74 3.60 -5.06 -6.02
CA VAL A 74 2.24 -4.71 -6.35
C VAL A 74 1.45 -5.99 -6.45
N LEU A 75 0.16 -5.96 -6.14
CA LEU A 75 -0.65 -7.18 -6.04
C LEU A 75 -0.46 -8.07 -7.28
N TRP A 76 0.44 -9.03 -7.13
CA TRP A 76 0.86 -9.84 -8.25
C TRP A 76 0.00 -11.09 -8.38
N THR A 77 -0.82 -11.10 -9.42
CA THR A 77 -1.67 -12.24 -9.73
C THR A 77 -1.21 -12.85 -11.03
N GLY A 78 -1.70 -14.04 -11.35
CA GLY A 78 -1.35 -14.69 -12.60
C GLY A 78 -1.66 -13.83 -13.81
N ASP A 79 -2.78 -13.12 -13.75
CA ASP A 79 -3.18 -12.22 -14.82
C ASP A 79 -2.17 -11.10 -14.99
N GLN A 80 -1.95 -10.36 -13.90
CA GLN A 80 -1.05 -9.21 -13.91
C GLN A 80 0.36 -9.64 -14.29
N GLU A 81 0.74 -10.83 -13.85
CA GLU A 81 2.05 -11.39 -14.15
C GLU A 81 2.17 -11.68 -15.64
N LEU A 82 1.12 -12.27 -16.19
CA LEU A 82 1.07 -12.57 -17.62
C LEU A 82 1.16 -11.30 -18.45
N GLU A 83 0.64 -10.20 -17.91
CA GLU A 83 0.73 -8.91 -18.57
C GLU A 83 2.19 -8.50 -18.75
N LEU A 84 2.91 -8.44 -17.63
CA LEU A 84 4.27 -7.93 -17.62
C LEU A 84 5.17 -8.71 -18.55
N GLN A 85 5.00 -10.04 -18.55
CA GLN A 85 5.79 -10.90 -19.42
C GLN A 85 5.66 -10.48 -20.87
N ARG A 86 4.43 -10.34 -21.33
CA ARG A 86 4.14 -10.04 -22.72
C ARG A 86 4.75 -8.72 -23.14
N LEU A 87 4.42 -7.66 -22.41
CA LEU A 87 4.87 -6.32 -22.76
C LEU A 87 6.38 -6.22 -22.72
N PHE A 88 6.99 -6.87 -21.75
CA PHE A 88 8.44 -6.88 -21.62
C PHE A 88 9.11 -7.35 -22.91
N GLU A 89 8.59 -8.41 -23.50
CA GLU A 89 9.20 -8.98 -24.69
C GLU A 89 8.97 -8.09 -25.91
N GLU A 90 7.82 -7.44 -25.97
CA GLU A 90 7.45 -6.70 -27.17
C GLU A 90 7.97 -5.26 -27.14
N PHE A 91 8.31 -4.76 -25.96
CA PHE A 91 8.94 -3.46 -25.84
C PHE A 91 10.42 -3.62 -25.54
N ARG A 92 10.90 -4.87 -25.61
CA ARG A 92 12.30 -5.18 -25.35
C ARG A 92 13.20 -4.59 -26.43
N ASP A 93 12.61 -4.35 -27.59
CA ASP A 93 13.36 -3.80 -28.72
C ASP A 93 13.20 -2.28 -28.78
N SER A 94 12.65 -1.70 -27.73
CA SER A 94 12.40 -0.26 -27.70
C SER A 94 13.45 0.43 -26.84
N ASP A 95 13.37 1.75 -26.76
CA ASP A 95 14.38 2.56 -26.06
C ASP A 95 14.36 2.32 -24.56
N ASP A 96 13.16 2.17 -24.00
CA ASP A 96 13.03 1.80 -22.60
C ASP A 96 11.83 0.89 -22.44
N VAL A 97 12.11 -0.37 -22.19
CA VAL A 97 11.07 -1.37 -22.10
C VAL A 97 10.11 -1.09 -20.94
N LEU A 98 10.65 -0.68 -19.79
CA LEU A 98 9.83 -0.48 -18.60
C LEU A 98 8.88 0.70 -18.77
N GLY A 99 9.39 1.79 -19.32
CA GLY A 99 8.58 2.97 -19.54
C GLY A 99 7.43 2.71 -20.50
N HIS A 100 7.72 1.98 -21.57
CA HIS A 100 6.70 1.68 -22.56
C HIS A 100 5.72 0.67 -21.99
N ILE A 101 6.21 -0.18 -21.09
CA ILE A 101 5.37 -1.06 -20.31
C ILE A 101 4.35 -0.25 -19.53
N MET A 102 4.85 0.68 -18.72
CA MET A 102 4.01 1.48 -17.83
C MET A 102 2.90 2.21 -18.58
N LYS A 103 3.24 2.75 -19.74
CA LYS A 103 2.27 3.50 -20.55
C LYS A 103 1.20 2.58 -21.14
N ASN A 104 1.59 1.37 -21.50
CA ASN A 104 0.67 0.46 -22.17
C ASN A 104 0.07 -0.58 -21.22
N ILE A 105 0.40 -0.49 -19.94
CA ILE A 105 -0.09 -1.47 -18.97
C ILE A 105 -1.20 -0.88 -18.13
N THR A 106 -2.12 -1.73 -17.72
CA THR A 106 -3.25 -1.32 -16.93
C THR A 106 -2.84 -1.01 -15.49
N ALA A 107 -1.90 -1.81 -14.96
CA ALA A 107 -1.43 -1.62 -13.60
C ALA A 107 -0.28 -0.62 -13.57
N LYS A 108 -0.39 0.37 -12.70
CA LYS A 108 0.67 1.33 -12.54
C LYS A 108 1.64 0.83 -11.48
N ARG A 109 2.76 0.28 -11.94
CA ARG A 109 3.74 -0.32 -11.06
C ARG A 109 5.00 0.52 -11.05
N SER A 110 5.87 0.27 -10.08
CA SER A 110 7.14 0.97 -10.02
C SER A 110 8.24 0.09 -10.61
N ARG A 111 9.31 0.72 -11.11
CA ARG A 111 10.37 0.00 -11.80
C ARG A 111 11.08 -0.99 -10.88
N ALA A 112 11.28 -0.60 -9.63
CA ALA A 112 11.93 -1.48 -8.66
C ALA A 112 11.20 -2.82 -8.54
N ARG A 113 9.89 -2.75 -8.62
CA ARG A 113 9.05 -3.94 -8.49
C ARG A 113 8.92 -4.64 -9.86
N ILE A 114 9.10 -3.89 -10.94
CA ILE A 114 9.09 -4.49 -12.27
C ILE A 114 10.38 -5.28 -12.53
N VAL A 115 11.52 -4.64 -12.25
CA VAL A 115 12.81 -5.26 -12.54
C VAL A 115 13.01 -6.54 -11.73
N ASP A 116 12.55 -6.52 -10.48
CA ASP A 116 12.66 -7.69 -9.61
C ASP A 116 11.78 -8.82 -10.13
N LYS A 117 10.63 -8.44 -10.69
CA LYS A 117 9.67 -9.42 -11.16
C LYS A 117 10.19 -10.16 -12.39
N LEU A 118 10.95 -9.46 -13.23
CA LEU A 118 11.54 -10.12 -14.41
C LEU A 118 12.47 -11.24 -13.97
N LEU A 119 13.28 -10.95 -12.96
CA LEU A 119 14.23 -11.93 -12.43
C LEU A 119 13.51 -13.14 -11.87
N ALA A 120 12.29 -12.93 -11.43
CA ALA A 120 11.49 -13.98 -10.82
C ALA A 120 10.91 -14.90 -11.89
N LEU A 121 10.49 -14.31 -13.01
CA LEU A 121 10.01 -15.09 -14.14
C LEU A 121 11.16 -15.73 -14.89
N GLY A 122 12.33 -15.13 -14.77
CA GLY A 122 13.47 -15.57 -15.55
C GLY A 122 13.42 -15.01 -16.95
N LEU A 123 12.87 -13.82 -17.09
CA LEU A 123 12.76 -13.16 -18.38
C LEU A 123 14.10 -12.56 -18.74
N VAL A 124 14.88 -12.29 -17.70
CA VAL A 124 16.23 -11.79 -17.83
C VAL A 124 17.14 -12.51 -16.86
N ALA A 125 18.43 -12.34 -17.04
CA ALA A 125 19.41 -12.92 -16.16
C ALA A 125 19.90 -11.88 -15.15
N GLU A 126 19.70 -10.63 -15.51
CA GLU A 126 20.17 -9.51 -14.70
C GLU A 126 19.41 -8.25 -15.06
N ARG A 127 19.70 -7.15 -14.37
CA ARG A 127 19.02 -5.89 -14.63
C ARG A 127 19.57 -5.19 -15.88
N ARG A 128 20.81 -5.50 -16.21
CA ARG A 128 21.49 -4.91 -17.37
C ARG A 128 20.72 -5.11 -18.68
N GLU A 129 20.06 -6.26 -18.82
CA GLU A 129 19.38 -6.58 -20.07
C GLU A 129 18.16 -5.70 -20.28
N LEU A 130 17.61 -5.19 -19.19
CA LEU A 130 16.42 -4.34 -19.26
C LEU A 130 16.80 -2.88 -19.17
N TYR A 131 18.07 -2.61 -19.34
CA TYR A 131 18.56 -1.25 -19.43
C TYR A 131 19.24 -1.10 -20.79
N LYS A 132 18.44 -0.66 -21.75
CA LYS A 132 18.80 -0.73 -23.16
C LYS A 132 20.15 -0.09 -23.49
N LYS A 133 21.12 -0.95 -23.73
CA LYS A 133 22.39 -0.54 -24.28
C LYS A 133 22.27 -0.53 -25.79
N ARG A 134 22.91 0.45 -26.44
CA ARG A 134 22.91 0.49 -27.90
C ARG A 134 23.75 -0.66 -28.47
N GLN A 135 23.14 -1.84 -28.46
CA GLN A 135 23.74 -3.02 -29.02
C GLN A 135 22.74 -3.75 -29.91
N LYS A 136 22.97 -3.77 -31.20
CA LYS A 136 22.13 -4.53 -32.10
C LYS A 136 22.74 -5.89 -32.38
N LYS A 137 22.69 -6.72 -31.37
CA LYS A 137 23.15 -8.09 -31.43
C LYS A 137 22.30 -8.91 -30.47
N LEU A 138 22.14 -10.20 -30.75
CA LEU A 138 21.28 -11.07 -29.93
C LEU A 138 21.50 -10.81 -28.44
N ALA A 139 20.55 -10.09 -27.85
CA ALA A 139 20.69 -9.62 -26.49
C ALA A 139 20.39 -10.70 -25.47
N SER A 140 21.38 -11.53 -25.21
CA SER A 140 21.32 -12.52 -24.17
C SER A 140 22.58 -12.44 -23.32
N SER A 141 22.42 -12.00 -22.08
CA SER A 141 23.55 -11.81 -21.19
C SER A 141 23.72 -13.03 -20.27
N ASP A 1 0.38 19.34 12.25
CA ASP A 1 1.79 18.95 12.05
C ASP A 1 2.60 20.10 11.44
N PRO A 2 2.25 20.61 10.23
CA PRO A 2 3.07 21.61 9.55
C PRO A 2 2.88 23.03 10.09
N SER A 3 1.63 23.42 10.34
CA SER A 3 1.36 24.77 10.82
C SER A 3 0.92 24.76 12.28
N ARG A 4 -0.12 23.99 12.57
CA ARG A 4 -0.63 23.91 13.93
C ARG A 4 -0.65 22.46 14.39
N ARG A 5 -1.04 22.25 15.64
CA ARG A 5 -1.24 20.91 16.17
C ARG A 5 -2.39 20.25 15.44
N ALA A 6 -2.16 19.03 14.95
CA ALA A 6 -3.14 18.31 14.15
C ALA A 6 -4.48 18.18 14.86
N PRO A 7 -5.54 18.74 14.26
CA PRO A 7 -6.91 18.62 14.78
C PRO A 7 -7.37 17.16 14.91
N THR A 8 -8.59 16.98 15.39
CA THR A 8 -9.16 15.65 15.52
C THR A 8 -10.21 15.42 14.45
N TRP A 9 -10.07 14.35 13.69
CA TRP A 9 -11.03 14.02 12.65
C TRP A 9 -12.29 13.42 13.26
N SER A 10 -13.32 14.24 13.36
CA SER A 10 -14.63 13.76 13.77
C SER A 10 -15.22 12.87 12.69
N PRO A 11 -16.07 11.90 13.07
CA PRO A 11 -16.71 10.98 12.10
C PRO A 11 -17.30 11.69 10.90
N GLU A 12 -17.95 12.83 11.14
CA GLU A 12 -18.53 13.64 10.06
C GLU A 12 -17.44 14.09 9.09
N GLU A 13 -16.32 14.51 9.65
CA GLU A 13 -15.22 15.04 8.86
C GLU A 13 -14.53 13.91 8.09
N GLU A 14 -14.51 12.72 8.68
CA GLU A 14 -13.97 11.54 8.00
C GLU A 14 -14.91 11.09 6.88
N ALA A 15 -16.21 11.26 7.10
CA ALA A 15 -17.21 11.00 6.08
C ALA A 15 -17.08 12.02 4.95
N HIS A 16 -16.61 13.20 5.31
CA HIS A 16 -16.33 14.27 4.37
C HIS A 16 -15.00 14.02 3.68
N LEU A 17 -14.08 13.39 4.39
CA LEU A 17 -12.81 12.96 3.82
C LEU A 17 -13.05 12.04 2.65
N ARG A 18 -13.83 10.99 2.89
CA ARG A 18 -14.20 10.05 1.85
C ARG A 18 -15.19 10.72 0.90
N GLU A 19 -15.96 11.68 1.41
CA GLU A 19 -16.90 12.44 0.60
C GLU A 19 -16.19 13.01 -0.62
N LEU A 20 -15.07 13.66 -0.36
CA LEU A 20 -14.28 14.32 -1.40
C LEU A 20 -13.55 13.28 -2.25
N TYR A 21 -13.18 12.17 -1.62
CA TYR A 21 -12.46 11.10 -2.29
C TYR A 21 -13.38 10.42 -3.30
N LEU A 22 -14.53 10.02 -2.81
CA LEU A 22 -15.51 9.29 -3.62
C LEU A 22 -16.04 10.16 -4.76
N ALA A 23 -15.94 11.47 -4.58
CA ALA A 23 -16.40 12.42 -5.58
C ALA A 23 -15.45 12.49 -6.78
N ASN A 24 -14.15 12.39 -6.53
CA ASN A 24 -13.17 12.57 -7.59
C ASN A 24 -12.31 11.32 -7.78
N LYS A 25 -12.74 10.19 -7.22
CA LYS A 25 -11.94 8.96 -7.27
C LYS A 25 -11.94 8.36 -8.67
N ASP A 26 -12.96 8.68 -9.44
CA ASP A 26 -13.13 8.11 -10.77
C ASP A 26 -12.53 9.00 -11.85
N VAL A 27 -11.89 10.07 -11.42
CA VAL A 27 -11.25 10.99 -12.36
C VAL A 27 -9.81 10.56 -12.59
N GLU A 28 -9.54 10.03 -13.77
CA GLU A 28 -8.21 9.52 -14.10
C GLU A 28 -7.35 10.62 -14.70
N GLY A 29 -6.11 10.70 -14.24
CA GLY A 29 -5.22 11.75 -14.67
C GLY A 29 -5.29 12.94 -13.74
N GLN A 30 -5.78 12.68 -12.54
CA GLN A 30 -5.96 13.71 -11.54
C GLN A 30 -5.41 13.25 -10.19
N ASP A 31 -4.86 14.20 -9.43
CA ASP A 31 -4.43 13.92 -8.07
C ASP A 31 -5.64 13.90 -7.16
N VAL A 32 -6.18 12.72 -6.90
CA VAL A 32 -7.31 12.58 -6.01
C VAL A 32 -6.90 13.03 -4.61
N VAL A 33 -5.61 12.88 -4.32
CA VAL A 33 -5.04 13.27 -3.06
C VAL A 33 -5.17 14.77 -2.88
N GLU A 34 -4.57 15.53 -3.79
CA GLU A 34 -4.57 17.00 -3.71
C GLU A 34 -5.99 17.53 -3.75
N ALA A 35 -6.85 16.84 -4.50
CA ALA A 35 -8.27 17.19 -4.56
C ALA A 35 -8.83 17.25 -3.15
N ILE A 36 -8.52 16.23 -2.38
CA ILE A 36 -8.97 16.15 -1.01
C ILE A 36 -8.20 17.12 -0.12
N LEU A 37 -6.87 16.95 -0.10
CA LEU A 37 -5.99 17.74 0.79
C LEU A 37 -6.33 19.22 0.74
N ALA A 38 -6.53 19.71 -0.47
CA ALA A 38 -6.63 21.14 -0.71
C ALA A 38 -8.05 21.67 -0.59
N HIS A 39 -9.04 20.82 -0.81
CA HIS A 39 -10.44 21.28 -0.82
C HIS A 39 -11.06 21.32 0.56
N LEU A 40 -10.57 20.50 1.47
CA LEU A 40 -11.09 20.54 2.83
C LEU A 40 -10.19 21.37 3.74
N ASN A 41 -10.38 22.68 3.72
CA ASN A 41 -9.61 23.57 4.57
C ASN A 41 -10.22 23.64 5.95
N THR A 42 -10.68 22.50 6.42
CA THR A 42 -11.22 22.33 7.75
C THR A 42 -10.15 21.74 8.67
N VAL A 43 -9.05 21.29 8.04
CA VAL A 43 -7.97 20.66 8.76
C VAL A 43 -6.61 21.08 8.20
N PRO A 44 -5.90 21.99 8.90
CA PRO A 44 -4.53 22.34 8.54
C PRO A 44 -3.53 21.27 8.99
N ARG A 45 -3.20 20.36 8.08
CA ARG A 45 -2.31 19.24 8.42
C ARG A 45 -1.55 18.75 7.19
N THR A 46 -0.56 17.90 7.44
CA THR A 46 0.28 17.36 6.39
C THR A 46 -0.52 16.48 5.45
N ARG A 47 0.02 16.26 4.25
CA ARG A 47 -0.71 15.59 3.19
C ARG A 47 -0.83 14.10 3.50
N LYS A 48 0.14 13.60 4.26
CA LYS A 48 0.17 12.23 4.73
C LYS A 48 -1.11 11.87 5.49
N GLN A 49 -1.61 12.83 6.26
CA GLN A 49 -2.76 12.63 7.12
C GLN A 49 -3.98 12.20 6.31
N ILE A 50 -4.31 12.97 5.29
CA ILE A 50 -5.47 12.68 4.46
C ILE A 50 -5.37 11.28 3.85
N ILE A 51 -4.21 10.99 3.25
CA ILE A 51 -3.96 9.69 2.65
C ILE A 51 -4.15 8.58 3.67
N HIS A 52 -3.57 8.78 4.84
CA HIS A 52 -3.64 7.82 5.92
C HIS A 52 -5.06 7.45 6.25
N HIS A 53 -5.91 8.43 6.45
CA HIS A 53 -7.25 8.18 6.96
C HIS A 53 -8.14 7.54 5.91
N LEU A 54 -7.79 7.73 4.65
CA LEU A 54 -8.49 7.04 3.57
C LEU A 54 -8.19 5.55 3.60
N VAL A 55 -6.91 5.19 3.67
CA VAL A 55 -6.53 3.78 3.68
C VAL A 55 -6.78 3.14 5.05
N GLN A 56 -6.67 3.93 6.11
CA GLN A 56 -7.02 3.48 7.45
C GLN A 56 -8.48 3.09 7.53
N MET A 57 -9.31 3.74 6.70
CA MET A 57 -10.74 3.51 6.74
C MET A 57 -11.13 2.32 5.87
N GLY A 58 -10.14 1.73 5.22
CA GLY A 58 -10.38 0.57 4.39
C GLY A 58 -11.15 0.91 3.14
N LEU A 59 -11.18 2.19 2.79
CA LEU A 59 -11.88 2.62 1.59
C LEU A 59 -10.88 2.82 0.45
N ALA A 60 -9.62 2.97 0.84
CA ALA A 60 -8.53 3.07 -0.12
C ALA A 60 -7.60 1.87 0.03
N ASP A 61 -6.70 1.69 -0.92
CA ASP A 61 -5.80 0.54 -0.92
C ASP A 61 -4.62 0.75 0.01
N SER A 62 -3.73 1.67 -0.38
CA SER A 62 -2.49 1.88 0.33
C SER A 62 -1.99 3.30 0.14
N VAL A 63 -1.04 3.70 0.97
CA VAL A 63 -0.42 5.02 0.86
C VAL A 63 0.42 5.11 -0.40
N LYS A 64 0.87 3.96 -0.87
CA LYS A 64 1.71 3.86 -2.08
C LYS A 64 0.97 4.40 -3.30
N ASP A 65 -0.33 4.19 -3.33
CA ASP A 65 -1.17 4.62 -4.44
C ASP A 65 -1.22 6.15 -4.52
N PHE A 66 -1.13 6.80 -3.37
CA PHE A 66 -1.26 8.25 -3.31
C PHE A 66 0.11 8.93 -3.42
N GLN A 67 1.06 8.49 -2.61
CA GLN A 67 2.32 9.18 -2.48
C GLN A 67 3.47 8.27 -2.10
N ARG A 68 3.66 8.13 -0.79
CA ARG A 68 4.78 7.40 -0.23
C ARG A 68 4.66 5.91 -0.49
N LYS A 69 5.45 5.41 -1.42
CA LYS A 69 5.40 4.01 -1.79
C LYS A 69 6.30 3.17 -0.89
N GLY A 70 6.77 3.76 0.18
CA GLY A 70 7.57 3.05 1.15
C GLY A 70 6.74 2.17 2.06
N THR A 71 5.69 1.59 1.52
CA THR A 71 4.83 0.70 2.28
C THR A 71 5.12 -0.74 1.91
N HIS A 72 5.01 -1.65 2.87
CA HIS A 72 5.30 -3.06 2.65
C HIS A 72 4.19 -3.72 1.84
N ILE A 73 3.23 -2.93 1.38
CA ILE A 73 2.09 -3.45 0.65
C ILE A 73 2.50 -4.07 -0.67
N VAL A 74 2.03 -5.29 -0.85
CA VAL A 74 2.28 -6.06 -2.04
C VAL A 74 1.36 -5.61 -3.16
N LEU A 75 1.80 -5.77 -4.40
CA LEU A 75 1.01 -5.37 -5.57
C LEU A 75 -0.41 -5.91 -5.51
N TRP A 76 -1.29 -5.13 -4.91
CA TRP A 76 -2.68 -5.53 -4.77
C TRP A 76 -3.43 -5.23 -6.05
N THR A 77 -3.78 -6.29 -6.75
CA THR A 77 -4.52 -6.18 -7.99
C THR A 77 -5.89 -6.79 -7.83
N GLY A 78 -6.81 -6.48 -8.74
CA GLY A 78 -8.14 -7.05 -8.67
C GLY A 78 -8.10 -8.56 -8.63
N ASP A 79 -7.14 -9.14 -9.35
CA ASP A 79 -6.98 -10.58 -9.38
C ASP A 79 -6.40 -11.09 -8.05
N GLN A 80 -5.44 -10.35 -7.50
CA GLN A 80 -4.81 -10.73 -6.24
C GLN A 80 -5.81 -10.60 -5.09
N GLU A 81 -6.66 -9.59 -5.15
CA GLU A 81 -7.68 -9.39 -4.13
C GLU A 81 -8.67 -10.54 -4.15
N LEU A 82 -8.94 -11.06 -5.34
CA LEU A 82 -9.79 -12.24 -5.49
C LEU A 82 -9.10 -13.47 -4.92
N GLU A 83 -7.81 -13.60 -5.20
CA GLU A 83 -7.03 -14.71 -4.68
C GLU A 83 -6.97 -14.66 -3.16
N LEU A 84 -7.08 -13.46 -2.60
CA LEU A 84 -7.21 -13.31 -1.15
C LEU A 84 -8.60 -13.75 -0.73
N GLN A 85 -9.61 -13.21 -1.41
CA GLN A 85 -11.01 -13.53 -1.16
C GLN A 85 -11.21 -15.05 -1.07
N ARG A 86 -10.91 -15.73 -2.17
CA ARG A 86 -11.17 -17.17 -2.27
C ARG A 86 -10.49 -17.95 -1.17
N LEU A 87 -9.18 -17.74 -1.00
CA LEU A 87 -8.42 -18.49 0.00
C LEU A 87 -8.84 -18.14 1.41
N PHE A 88 -9.23 -16.90 1.62
CA PHE A 88 -9.69 -16.46 2.93
C PHE A 88 -10.83 -17.33 3.44
N GLU A 89 -11.84 -17.53 2.62
CA GLU A 89 -12.97 -18.36 3.00
C GLU A 89 -12.59 -19.82 3.02
N GLU A 90 -11.77 -20.21 2.06
CA GLU A 90 -11.36 -21.59 1.90
C GLU A 90 -10.63 -22.10 3.14
N PHE A 91 -9.97 -21.19 3.85
CA PHE A 91 -9.23 -21.58 5.04
C PHE A 91 -9.73 -20.82 6.28
N ARG A 92 -10.88 -20.18 6.15
CA ARG A 92 -11.44 -19.39 7.27
C ARG A 92 -11.83 -20.30 8.44
N ASP A 93 -12.22 -21.53 8.12
CA ASP A 93 -12.69 -22.45 9.14
C ASP A 93 -11.55 -23.30 9.67
N SER A 94 -10.31 -22.86 9.44
CA SER A 94 -9.16 -23.55 9.97
C SER A 94 -8.61 -22.76 11.15
N ASP A 95 -7.52 -23.24 11.75
CA ASP A 95 -7.00 -22.62 12.97
C ASP A 95 -6.48 -21.22 12.68
N ASP A 96 -5.66 -21.11 11.64
CA ASP A 96 -5.14 -19.82 11.23
C ASP A 96 -5.25 -19.68 9.72
N VAL A 97 -6.18 -18.86 9.28
CA VAL A 97 -6.46 -18.70 7.87
C VAL A 97 -5.29 -18.08 7.11
N LEU A 98 -4.61 -17.11 7.70
CA LEU A 98 -3.54 -16.39 6.99
C LEU A 98 -2.34 -17.29 6.75
N GLY A 99 -2.05 -18.15 7.70
CA GLY A 99 -0.98 -19.11 7.52
C GLY A 99 -1.24 -20.02 6.34
N HIS A 100 -2.47 -20.49 6.23
CA HIS A 100 -2.85 -21.36 5.13
C HIS A 100 -2.86 -20.57 3.83
N ILE A 101 -3.13 -19.27 3.94
CA ILE A 101 -3.05 -18.38 2.79
C ILE A 101 -1.63 -18.37 2.24
N MET A 102 -0.66 -17.99 3.07
CA MET A 102 0.73 -17.89 2.65
C MET A 102 1.24 -19.20 2.07
N LYS A 103 0.82 -20.30 2.68
CA LYS A 103 1.27 -21.64 2.26
C LYS A 103 0.71 -22.01 0.90
N ASN A 104 -0.51 -21.58 0.61
CA ASN A 104 -1.18 -21.98 -0.62
C ASN A 104 -1.08 -20.95 -1.75
N ILE A 105 -0.92 -19.68 -1.40
CA ILE A 105 -0.89 -18.65 -2.44
C ILE A 105 0.54 -18.38 -2.90
N THR A 106 0.63 -17.99 -4.16
CA THR A 106 1.90 -17.75 -4.80
C THR A 106 2.59 -16.50 -4.24
N ALA A 107 1.80 -15.47 -3.93
CA ALA A 107 2.33 -14.24 -3.40
C ALA A 107 2.48 -14.35 -1.89
N LYS A 108 3.66 -14.03 -1.40
CA LYS A 108 3.87 -14.03 0.04
C LYS A 108 3.33 -12.72 0.59
N ARG A 109 2.15 -12.79 1.19
CA ARG A 109 1.51 -11.58 1.69
C ARG A 109 1.57 -11.55 3.21
N SER A 110 2.21 -10.53 3.73
CA SER A 110 2.34 -10.33 5.16
C SER A 110 0.97 -10.07 5.77
N ARG A 111 0.84 -10.30 7.06
CA ARG A 111 -0.45 -10.39 7.71
C ARG A 111 -1.12 -9.03 7.82
N ALA A 112 -0.34 -7.98 8.04
CA ALA A 112 -0.89 -6.63 8.09
C ALA A 112 -1.50 -6.26 6.75
N ARG A 113 -0.96 -6.83 5.67
CA ARG A 113 -1.46 -6.56 4.33
C ARG A 113 -2.81 -7.23 4.18
N ILE A 114 -2.89 -8.45 4.69
CA ILE A 114 -4.08 -9.27 4.57
C ILE A 114 -5.21 -8.73 5.41
N VAL A 115 -4.97 -8.63 6.70
CA VAL A 115 -6.02 -8.34 7.66
C VAL A 115 -6.63 -6.98 7.40
N ASP A 116 -5.83 -6.06 6.95
CA ASP A 116 -6.32 -4.74 6.64
C ASP A 116 -7.12 -4.76 5.35
N LYS A 117 -6.75 -5.65 4.43
CA LYS A 117 -7.42 -5.68 3.14
C LYS A 117 -8.74 -6.44 3.26
N LEU A 118 -8.84 -7.35 4.22
CA LEU A 118 -10.09 -8.04 4.50
C LEU A 118 -11.17 -7.06 4.91
N LEU A 119 -10.82 -6.19 5.85
CA LEU A 119 -11.73 -5.16 6.34
C LEU A 119 -12.16 -4.25 5.21
N ALA A 120 -11.27 -4.06 4.25
CA ALA A 120 -11.52 -3.21 3.10
C ALA A 120 -12.53 -3.85 2.15
N LEU A 121 -12.31 -5.13 1.84
CA LEU A 121 -13.23 -5.90 1.01
C LEU A 121 -14.58 -6.07 1.69
N GLY A 122 -14.56 -6.00 3.01
CA GLY A 122 -15.77 -6.28 3.78
C GLY A 122 -15.99 -7.77 3.93
N LEU A 123 -14.88 -8.52 3.99
CA LEU A 123 -14.94 -9.96 4.16
C LEU A 123 -15.15 -10.28 5.62
N VAL A 124 -14.75 -9.34 6.45
CA VAL A 124 -14.96 -9.43 7.88
C VAL A 124 -15.36 -8.08 8.44
N ALA A 125 -15.71 -8.07 9.70
CA ALA A 125 -16.07 -6.86 10.39
C ALA A 125 -15.03 -6.54 11.45
N GLU A 126 -14.24 -7.55 11.79
CA GLU A 126 -13.18 -7.42 12.75
C GLU A 126 -12.06 -8.38 12.41
N ARG A 127 -10.91 -8.21 13.05
CA ARG A 127 -9.78 -9.10 12.82
C ARG A 127 -9.96 -10.42 13.55
N ARG A 128 -10.80 -10.44 14.58
CA ARG A 128 -11.04 -11.65 15.36
C ARG A 128 -11.46 -12.82 14.49
N GLU A 129 -12.31 -12.54 13.51
CA GLU A 129 -12.88 -13.57 12.65
C GLU A 129 -11.81 -14.34 11.87
N LEU A 130 -10.69 -13.67 11.61
CA LEU A 130 -9.62 -14.26 10.82
C LEU A 130 -8.59 -14.94 11.72
N TYR A 131 -8.88 -14.95 13.01
CA TYR A 131 -8.10 -15.72 13.97
C TYR A 131 -9.05 -16.57 14.77
N LYS A 132 -9.29 -17.80 14.29
CA LYS A 132 -10.38 -18.63 14.78
C LYS A 132 -10.34 -18.81 16.30
N LYS A 133 -11.17 -18.01 16.97
CA LYS A 133 -11.30 -18.09 18.40
C LYS A 133 -12.27 -19.21 18.74
N ARG A 134 -12.15 -19.80 19.92
CA ARG A 134 -12.99 -20.91 20.28
C ARG A 134 -14.26 -20.38 20.90
N GLN A 135 -15.15 -19.95 20.02
CA GLN A 135 -16.38 -19.29 20.41
C GLN A 135 -17.52 -20.28 20.56
N LYS A 136 -17.79 -20.68 21.79
CA LYS A 136 -18.86 -21.64 22.06
C LYS A 136 -20.15 -20.87 22.33
N LYS A 137 -20.48 -19.99 21.39
CA LYS A 137 -21.64 -19.13 21.50
C LYS A 137 -22.16 -18.86 20.10
N LEU A 138 -23.47 -18.68 19.95
CA LEU A 138 -24.03 -18.34 18.65
C LEU A 138 -23.72 -16.88 18.32
N ALA A 139 -22.51 -16.65 17.87
CA ALA A 139 -22.08 -15.34 17.41
C ALA A 139 -21.52 -15.46 16.01
N SER A 140 -21.66 -14.42 15.21
CA SER A 140 -21.17 -14.43 13.84
C SER A 140 -19.83 -13.70 13.73
N SER A 141 -18.76 -14.42 14.03
CA SER A 141 -17.42 -13.91 13.91
C SER A 141 -16.49 -15.06 13.53
N ASP A 1 4.14 19.26 13.22
CA ASP A 1 3.07 19.66 12.29
C ASP A 1 3.39 21.02 11.66
N PRO A 2 2.92 21.26 10.43
CA PRO A 2 3.20 22.50 9.70
C PRO A 2 2.56 23.74 10.31
N SER A 3 1.24 23.82 10.25
CA SER A 3 0.53 25.00 10.69
C SER A 3 0.03 24.86 12.13
N ARG A 4 -0.74 23.81 12.36
CA ARG A 4 -1.31 23.54 13.68
C ARG A 4 -1.14 22.08 14.03
N ARG A 5 -1.18 21.77 15.32
CA ARG A 5 -1.24 20.40 15.76
C ARG A 5 -2.60 19.83 15.38
N ALA A 6 -2.60 18.73 14.64
CA ALA A 6 -3.83 18.18 14.12
C ALA A 6 -4.71 17.60 15.22
N PRO A 7 -5.98 17.93 15.18
CA PRO A 7 -6.97 17.33 16.06
C PRO A 7 -7.30 15.90 15.66
N THR A 8 -8.03 15.20 16.51
CA THR A 8 -8.53 13.89 16.17
C THR A 8 -9.79 14.03 15.33
N TRP A 9 -9.70 13.57 14.08
CA TRP A 9 -10.79 13.72 13.12
C TRP A 9 -12.11 13.19 13.67
N SER A 10 -13.12 14.05 13.64
CA SER A 10 -14.47 13.63 13.95
C SER A 10 -15.03 12.83 12.78
N PRO A 11 -15.93 11.87 13.04
CA PRO A 11 -16.50 11.02 11.99
C PRO A 11 -17.04 11.82 10.80
N GLU A 12 -17.70 12.95 11.11
CA GLU A 12 -18.25 13.83 10.08
C GLU A 12 -17.16 14.33 9.13
N GLU A 13 -15.99 14.65 9.68
CA GLU A 13 -14.91 15.20 8.88
C GLU A 13 -14.31 14.13 7.99
N GLU A 14 -14.21 12.90 8.50
CA GLU A 14 -13.70 11.79 7.70
C GLU A 14 -14.76 11.33 6.69
N ALA A 15 -16.02 11.55 7.04
CA ALA A 15 -17.11 11.30 6.10
C ALA A 15 -17.05 12.31 4.96
N HIS A 16 -16.40 13.43 5.23
CA HIS A 16 -16.18 14.48 4.25
C HIS A 16 -14.85 14.23 3.54
N LEU A 17 -13.94 13.57 4.24
CA LEU A 17 -12.67 13.17 3.67
C LEU A 17 -12.93 12.12 2.59
N ARG A 18 -13.77 11.14 2.92
CA ARG A 18 -14.16 10.14 1.97
C ARG A 18 -15.09 10.78 0.95
N GLU A 19 -15.84 11.78 1.40
CA GLU A 19 -16.79 12.49 0.56
C GLU A 19 -16.10 12.99 -0.71
N LEU A 20 -14.98 13.67 -0.50
CA LEU A 20 -14.21 14.25 -1.58
C LEU A 20 -13.46 13.18 -2.35
N TYR A 21 -13.15 12.07 -1.68
CA TYR A 21 -12.46 10.95 -2.33
C TYR A 21 -13.39 10.24 -3.28
N LEU A 22 -14.56 9.89 -2.78
CA LEU A 22 -15.55 9.16 -3.55
C LEU A 22 -16.04 9.99 -4.73
N ALA A 23 -15.82 11.30 -4.65
CA ALA A 23 -16.19 12.21 -5.72
C ALA A 23 -15.17 12.20 -6.87
N ASN A 24 -13.89 12.11 -6.55
CA ASN A 24 -12.85 12.22 -7.58
C ASN A 24 -12.07 10.92 -7.75
N LYS A 25 -12.57 9.83 -7.19
CA LYS A 25 -11.84 8.56 -7.19
C LYS A 25 -11.75 7.95 -8.60
N ASP A 26 -12.71 8.28 -9.44
CA ASP A 26 -12.79 7.69 -10.77
C ASP A 26 -12.36 8.70 -11.83
N VAL A 27 -11.78 9.81 -11.39
CA VAL A 27 -11.33 10.85 -12.30
C VAL A 27 -9.86 10.64 -12.65
N GLU A 28 -9.62 10.22 -13.87
CA GLU A 28 -8.26 9.97 -14.33
C GLU A 28 -7.66 11.26 -14.86
N GLY A 29 -6.35 11.39 -14.70
CA GLY A 29 -5.67 12.60 -15.13
C GLY A 29 -5.58 13.60 -14.01
N GLN A 30 -6.17 13.27 -12.88
CA GLN A 30 -6.17 14.14 -11.72
C GLN A 30 -5.76 13.36 -10.48
N ASP A 31 -5.09 14.03 -9.57
CA ASP A 31 -4.82 13.47 -8.27
C ASP A 31 -6.08 13.51 -7.42
N VAL A 32 -6.68 12.36 -7.16
CA VAL A 32 -7.76 12.31 -6.18
C VAL A 32 -7.21 12.80 -4.84
N VAL A 33 -5.95 12.46 -4.62
CA VAL A 33 -5.22 12.84 -3.43
C VAL A 33 -5.27 14.34 -3.23
N GLU A 34 -4.76 15.07 -4.22
CA GLU A 34 -4.67 16.51 -4.12
C GLU A 34 -6.05 17.14 -4.13
N ALA A 35 -6.98 16.55 -4.88
CA ALA A 35 -8.35 17.06 -4.90
C ALA A 35 -8.91 17.12 -3.49
N ILE A 36 -8.63 16.09 -2.74
CA ILE A 36 -9.08 15.98 -1.36
C ILE A 36 -8.31 16.91 -0.44
N LEU A 37 -7.00 16.70 -0.37
CA LEU A 37 -6.16 17.40 0.59
C LEU A 37 -6.12 18.92 0.34
N ALA A 38 -6.49 19.33 -0.86
CA ALA A 38 -6.51 20.75 -1.20
C ALA A 38 -7.78 21.42 -0.71
N HIS A 39 -8.93 20.81 -1.02
CA HIS A 39 -10.21 21.44 -0.72
C HIS A 39 -10.53 21.33 0.76
N LEU A 40 -10.02 20.29 1.40
CA LEU A 40 -10.27 20.09 2.81
C LEU A 40 -9.23 20.80 3.65
N ASN A 41 -9.39 22.10 3.82
CA ASN A 41 -8.54 22.84 4.75
C ASN A 41 -9.37 23.30 5.93
N THR A 42 -10.29 22.42 6.31
CA THR A 42 -11.11 22.59 7.50
C THR A 42 -10.30 22.11 8.71
N VAL A 43 -9.45 21.13 8.45
CA VAL A 43 -8.50 20.64 9.44
C VAL A 43 -7.10 21.04 9.04
N PRO A 44 -6.40 21.85 9.83
CA PRO A 44 -5.03 22.24 9.54
C PRO A 44 -4.04 21.14 9.93
N ARG A 45 -3.56 20.42 8.93
CA ARG A 45 -2.67 19.28 9.14
C ARG A 45 -1.76 19.11 7.93
N THR A 46 -0.88 18.14 7.98
CA THR A 46 -0.07 17.79 6.82
C THR A 46 -0.91 16.96 5.85
N ARG A 47 -0.47 16.87 4.61
CA ARG A 47 -1.21 16.12 3.58
C ARG A 47 -1.23 14.63 3.90
N LYS A 48 -0.16 14.18 4.56
CA LYS A 48 -0.02 12.80 5.03
C LYS A 48 -1.27 12.33 5.78
N GLN A 49 -1.94 13.25 6.46
CA GLN A 49 -3.16 12.95 7.19
C GLN A 49 -4.25 12.39 6.27
N ILE A 50 -4.52 13.12 5.18
CA ILE A 50 -5.57 12.74 4.24
C ILE A 50 -5.36 11.32 3.75
N ILE A 51 -4.16 11.05 3.26
CA ILE A 51 -3.87 9.75 2.66
C ILE A 51 -4.00 8.65 3.69
N HIS A 52 -3.48 8.91 4.88
CA HIS A 52 -3.49 7.93 5.95
C HIS A 52 -4.90 7.54 6.34
N HIS A 53 -5.79 8.51 6.52
CA HIS A 53 -7.16 8.21 6.96
C HIS A 53 -7.92 7.42 5.91
N LEU A 54 -7.67 7.74 4.65
CA LEU A 54 -8.39 7.11 3.54
C LEU A 54 -8.09 5.63 3.46
N VAL A 55 -6.81 5.28 3.57
CA VAL A 55 -6.41 3.88 3.49
C VAL A 55 -6.68 3.17 4.81
N GLN A 56 -6.75 3.95 5.88
CA GLN A 56 -7.02 3.42 7.20
C GLN A 56 -8.51 3.14 7.38
N MET A 57 -9.34 3.83 6.62
CA MET A 57 -10.78 3.60 6.65
C MET A 57 -11.16 2.44 5.74
N GLY A 58 -10.16 1.89 5.05
CA GLY A 58 -10.39 0.74 4.20
C GLY A 58 -11.09 1.09 2.91
N LEU A 59 -11.33 2.37 2.70
CA LEU A 59 -12.00 2.83 1.48
C LEU A 59 -10.97 3.03 0.38
N ALA A 60 -9.72 3.16 0.78
CA ALA A 60 -8.61 3.22 -0.16
C ALA A 60 -7.70 2.03 0.06
N ASP A 61 -6.75 1.82 -0.84
CA ASP A 61 -5.87 0.66 -0.74
C ASP A 61 -4.71 0.90 0.22
N SER A 62 -3.81 1.79 -0.16
CA SER A 62 -2.58 2.02 0.60
C SER A 62 -2.01 3.40 0.29
N VAL A 63 -1.08 3.84 1.14
CA VAL A 63 -0.36 5.09 0.93
C VAL A 63 0.43 5.02 -0.38
N LYS A 64 0.79 3.80 -0.74
CA LYS A 64 1.58 3.54 -1.93
C LYS A 64 0.91 4.07 -3.20
N ASP A 65 -0.42 4.07 -3.21
CA ASP A 65 -1.17 4.49 -4.38
C ASP A 65 -1.30 6.01 -4.43
N PHE A 66 -1.24 6.63 -3.26
CA PHE A 66 -1.42 8.08 -3.14
C PHE A 66 -0.10 8.83 -3.22
N GLN A 67 0.91 8.33 -2.51
CA GLN A 67 2.15 9.07 -2.34
C GLN A 67 3.33 8.36 -2.96
N ARG A 68 3.84 7.38 -2.26
CA ARG A 68 5.08 6.72 -2.63
C ARG A 68 4.92 5.21 -2.47
N LYS A 69 5.66 4.44 -3.27
CA LYS A 69 5.57 2.98 -3.22
C LYS A 69 6.24 2.43 -1.95
N GLY A 70 6.84 3.33 -1.17
CA GLY A 70 7.46 2.95 0.08
C GLY A 70 6.47 2.37 1.05
N THR A 71 6.82 1.23 1.65
CA THR A 71 5.95 0.57 2.59
C THR A 71 6.10 1.12 3.98
N HIS A 72 4.97 1.40 4.61
CA HIS A 72 4.93 1.68 6.02
C HIS A 72 5.52 0.48 6.75
N ILE A 73 6.66 0.66 7.36
CA ILE A 73 7.31 -0.44 8.04
C ILE A 73 7.65 -0.08 9.47
N VAL A 74 6.93 -0.73 10.35
CA VAL A 74 7.27 -0.79 11.73
C VAL A 74 8.68 -1.35 11.85
N LEU A 75 9.48 -0.70 12.68
CA LEU A 75 10.92 -0.95 12.72
C LEU A 75 11.29 -2.42 12.87
N TRP A 76 11.45 -3.12 11.76
CA TRP A 76 11.83 -4.52 11.78
C TRP A 76 13.34 -4.67 11.77
N THR A 77 13.90 -5.07 12.89
CA THR A 77 15.30 -5.39 12.98
C THR A 77 15.45 -6.89 13.19
N GLY A 78 16.66 -7.41 13.05
CA GLY A 78 16.90 -8.82 13.30
C GLY A 78 16.42 -9.22 14.68
N ASP A 79 16.53 -8.28 15.61
CA ASP A 79 16.05 -8.48 16.98
C ASP A 79 14.53 -8.63 17.01
N GLN A 80 13.83 -7.64 16.44
CA GLN A 80 12.36 -7.64 16.46
C GLN A 80 11.79 -8.78 15.63
N GLU A 81 12.46 -9.10 14.52
CA GLU A 81 12.05 -10.22 13.68
C GLU A 81 12.12 -11.51 14.47
N LEU A 82 13.15 -11.64 15.29
CA LEU A 82 13.29 -12.81 16.16
C LEU A 82 12.20 -12.82 17.22
N GLU A 83 11.94 -11.65 17.81
CA GLU A 83 10.91 -11.54 18.83
C GLU A 83 9.55 -11.94 18.27
N LEU A 84 9.27 -11.51 17.05
CA LEU A 84 8.06 -11.93 16.37
C LEU A 84 8.09 -13.43 16.15
N GLN A 85 9.22 -13.91 15.64
CA GLN A 85 9.42 -15.32 15.35
C GLN A 85 9.13 -16.18 16.59
N ARG A 86 9.78 -15.85 17.70
CA ARG A 86 9.60 -16.60 18.94
C ARG A 86 8.15 -16.56 19.42
N LEU A 87 7.60 -15.36 19.49
CA LEU A 87 6.26 -15.15 20.05
C LEU A 87 5.19 -15.82 19.18
N PHE A 88 5.38 -15.71 17.87
CA PHE A 88 4.46 -16.28 16.90
C PHE A 88 4.28 -17.78 17.10
N GLU A 89 5.37 -18.49 17.39
CA GLU A 89 5.28 -19.93 17.64
C GLU A 89 4.56 -20.20 18.94
N GLU A 90 4.88 -19.39 19.95
CA GLU A 90 4.41 -19.62 21.30
C GLU A 90 2.90 -19.47 21.42
N PHE A 91 2.33 -18.58 20.64
CA PHE A 91 0.90 -18.36 20.68
C PHE A 91 0.24 -18.80 19.38
N ARG A 92 0.95 -19.60 18.60
CA ARG A 92 0.41 -20.15 17.37
C ARG A 92 -0.60 -21.24 17.67
N ASP A 93 -0.55 -21.71 18.91
CA ASP A 93 -1.52 -22.66 19.44
C ASP A 93 -2.88 -21.98 19.66
N SER A 94 -2.94 -20.69 19.38
CA SER A 94 -4.17 -19.93 19.52
C SER A 94 -4.79 -19.68 18.15
N ASP A 95 -6.09 -19.44 18.13
CA ASP A 95 -6.82 -19.23 16.88
C ASP A 95 -6.61 -17.83 16.34
N ASP A 96 -5.93 -17.00 17.12
CA ASP A 96 -5.54 -15.68 16.65
C ASP A 96 -4.22 -15.28 17.29
N VAL A 97 -3.12 -15.80 16.75
CA VAL A 97 -1.80 -15.56 17.34
C VAL A 97 -1.43 -14.08 17.28
N LEU A 98 -1.83 -13.39 16.23
CA LEU A 98 -1.52 -11.97 16.10
C LEU A 98 -2.16 -11.15 17.21
N GLY A 99 -3.34 -11.57 17.67
CA GLY A 99 -3.98 -10.90 18.78
C GLY A 99 -3.24 -11.11 20.08
N HIS A 100 -2.59 -12.26 20.18
CA HIS A 100 -1.79 -12.58 21.36
C HIS A 100 -0.45 -11.87 21.26
N ILE A 101 0.01 -11.68 20.02
CA ILE A 101 1.22 -10.92 19.77
C ILE A 101 1.06 -9.48 20.24
N MET A 102 0.09 -8.77 19.66
CA MET A 102 -0.12 -7.35 19.96
C MET A 102 -0.25 -7.08 21.45
N LYS A 103 -0.99 -7.93 22.14
CA LYS A 103 -1.25 -7.73 23.56
C LYS A 103 -0.03 -8.08 24.41
N ASN A 104 0.84 -8.94 23.92
CA ASN A 104 1.97 -9.41 24.73
C ASN A 104 3.29 -8.76 24.32
N ILE A 105 3.36 -8.21 23.11
CA ILE A 105 4.62 -7.64 22.61
C ILE A 105 4.72 -6.16 22.94
N THR A 106 5.96 -5.67 22.95
CA THR A 106 6.26 -4.32 23.34
C THR A 106 5.93 -3.32 22.22
N ALA A 107 5.75 -3.81 21.00
CA ALA A 107 5.48 -2.94 19.87
C ALA A 107 4.06 -3.13 19.35
N LYS A 108 3.33 -2.03 19.21
CA LYS A 108 1.99 -2.08 18.65
C LYS A 108 2.09 -1.99 17.14
N ARG A 109 1.93 -3.14 16.48
CA ARG A 109 2.09 -3.21 15.05
C ARG A 109 0.75 -3.43 14.39
N SER A 110 0.74 -3.50 13.07
CA SER A 110 -0.49 -3.71 12.32
C SER A 110 -0.63 -5.17 11.93
N ARG A 111 -1.86 -5.64 11.78
CA ARG A 111 -2.13 -7.02 11.40
C ARG A 111 -1.47 -7.36 10.07
N ALA A 112 -1.71 -6.51 9.07
CA ALA A 112 -1.15 -6.73 7.74
C ALA A 112 0.37 -6.72 7.78
N ARG A 113 0.93 -5.97 8.71
CA ARG A 113 2.39 -5.87 8.84
C ARG A 113 2.98 -7.13 9.44
N ILE A 114 2.24 -7.76 10.33
CA ILE A 114 2.69 -8.97 10.97
C ILE A 114 2.50 -10.17 10.04
N VAL A 115 1.33 -10.22 9.40
CA VAL A 115 1.04 -11.26 8.41
C VAL A 115 2.08 -11.28 7.32
N ASP A 116 2.31 -10.13 6.70
CA ASP A 116 3.27 -10.01 5.60
C ASP A 116 4.65 -10.44 6.05
N LYS A 117 4.98 -10.12 7.29
CA LYS A 117 6.29 -10.39 7.83
C LYS A 117 6.51 -11.90 7.99
N LEU A 118 5.47 -12.61 8.44
CA LEU A 118 5.56 -14.07 8.58
C LEU A 118 5.83 -14.71 7.23
N LEU A 119 5.02 -14.33 6.24
CA LEU A 119 5.15 -14.84 4.89
C LEU A 119 6.53 -14.57 4.33
N ALA A 120 7.07 -13.41 4.69
CA ALA A 120 8.36 -12.99 4.18
C ALA A 120 9.51 -13.78 4.82
N LEU A 121 9.40 -13.99 6.13
CA LEU A 121 10.39 -14.79 6.86
C LEU A 121 10.26 -16.26 6.51
N GLY A 122 9.06 -16.65 6.10
CA GLY A 122 8.79 -18.05 5.88
C GLY A 122 8.43 -18.75 7.17
N LEU A 123 7.77 -18.01 8.06
CA LEU A 123 7.33 -18.56 9.33
C LEU A 123 6.06 -19.34 9.08
N VAL A 124 5.36 -18.90 8.06
CA VAL A 124 4.20 -19.58 7.53
C VAL A 124 4.29 -19.57 6.01
N ALA A 125 3.48 -20.38 5.39
CA ALA A 125 3.41 -20.43 3.95
C ALA A 125 2.12 -19.76 3.49
N GLU A 126 1.22 -19.57 4.45
CA GLU A 126 -0.08 -19.02 4.15
C GLU A 126 -0.68 -18.38 5.40
N ARG A 127 -1.81 -17.70 5.21
CA ARG A 127 -2.45 -16.98 6.30
C ARG A 127 -3.28 -17.87 7.22
N ARG A 128 -3.67 -19.05 6.76
CA ARG A 128 -4.46 -19.97 7.59
C ARG A 128 -3.85 -20.12 8.98
N GLU A 129 -2.55 -20.39 8.99
CA GLU A 129 -1.84 -20.75 10.22
C GLU A 129 -1.75 -19.61 11.21
N LEU A 130 -2.06 -18.40 10.78
CA LEU A 130 -1.94 -17.25 11.66
C LEU A 130 -3.24 -17.03 12.43
N TYR A 131 -4.26 -17.80 12.09
CA TYR A 131 -5.51 -17.79 12.84
C TYR A 131 -6.19 -19.16 12.78
N LYS A 132 -5.38 -20.19 12.93
CA LYS A 132 -5.87 -21.56 12.99
C LYS A 132 -5.21 -22.30 14.15
N LYS A 133 -5.99 -22.80 15.11
CA LYS A 133 -5.40 -23.63 16.12
C LYS A 133 -5.80 -25.09 15.95
N ARG A 134 -5.20 -25.70 14.95
CA ARG A 134 -5.18 -27.14 14.82
C ARG A 134 -3.78 -27.52 14.42
N GLN A 135 -2.90 -27.50 15.41
CA GLN A 135 -1.49 -27.67 15.16
C GLN A 135 -1.02 -29.08 15.50
N LYS A 136 -0.73 -29.82 14.44
CA LYS A 136 -0.23 -31.17 14.57
C LYS A 136 0.99 -31.32 13.66
N LYS A 137 1.48 -32.54 13.48
CA LYS A 137 2.64 -32.75 12.62
C LYS A 137 2.30 -32.53 11.16
N LEU A 138 2.72 -31.39 10.65
CA LEU A 138 2.76 -31.14 9.21
C LEU A 138 4.07 -30.46 8.89
N ALA A 139 4.41 -30.38 7.62
CA ALA A 139 5.58 -29.63 7.19
C ALA A 139 5.37 -28.14 7.48
N SER A 140 6.43 -27.36 7.36
CA SER A 140 6.35 -25.93 7.63
C SER A 140 5.35 -25.24 6.71
N SER A 141 4.29 -24.71 7.30
CA SER A 141 3.25 -24.01 6.58
C SER A 141 2.70 -22.91 7.46
#